data_8TBY
#
_entry.id   8TBY
#
_cell.length_a   1.00
_cell.length_b   1.00
_cell.length_c   1.00
_cell.angle_alpha   90.00
_cell.angle_beta   90.00
_cell.angle_gamma   90.00
#
_symmetry.space_group_name_H-M   'P 1'
#
_entity_poly.entity_id   1
_entity_poly.type   'polypeptide(L)'
_entity_poly.pdbx_seq_one_letter_code
;MPFSDFVLALKDNPYFGAGFGLVGVGTALAMARKGAQLGLVAFRRHYMITLEVPARDRSYAWLLSWLTRHSTRTQHLSVE
TSYLQHESGRISTKFEFIPSPGNHFIWYQGKWIRVERNRDMQMVDLQTGTPWESVTFTALGTDRKVFFNILEEARALALQ
QEEGKTVMYTAVGSEWRTFGYPRRRRPLDSVVLQQGLADRIVKDIREFIDNPKWYIDRGIPYRRGYLLYGPPGCGKSSFI
TALAGELEHSICLLSLTDSSLSDDRLNHLLSVAPQQSLVLLEDVDAAFLSRDLAVENPIKYQGLGRLTFSGLLNALDGVA
STEARIVFMTTNYIDRLDPALIRPGRVDLKEYVGYCSHWQLTQMFQRFYPGQAPSLAENFAEHVLKATSEISPAQVQGYF
MLYKNDPMGAVHNIESLRHHHHHH
;
_entity_poly.pdbx_strand_id   A,B,C,D,E,F,G
#
# COMPACT_ATOMS: atom_id res chain seq x y z
N ALA A 30 -39.08 27.39 -40.24
CA ALA A 30 -37.65 27.14 -40.21
C ALA A 30 -36.87 28.44 -40.39
N MET A 31 -37.41 29.33 -41.22
CA MET A 31 -36.75 30.62 -41.44
C MET A 31 -36.73 31.46 -40.17
N ALA A 32 -37.82 31.42 -39.40
CA ALA A 32 -37.87 32.19 -38.16
C ALA A 32 -36.83 31.70 -37.16
N ARG A 33 -36.67 30.37 -37.05
CA ARG A 33 -35.68 29.83 -36.12
C ARG A 33 -34.27 30.22 -36.53
N LYS A 34 -33.96 30.14 -37.83
CA LYS A 34 -32.63 30.53 -38.31
C LYS A 34 -32.38 32.02 -38.07
N GLY A 35 -33.37 32.86 -38.35
CA GLY A 35 -33.20 34.28 -38.10
C GLY A 35 -32.99 34.59 -36.63
N ALA A 36 -33.76 33.94 -35.76
CA ALA A 36 -33.60 34.14 -34.32
C ALA A 36 -32.23 33.68 -33.85
N GLN A 37 -31.75 32.55 -34.36
CA GLN A 37 -30.44 32.05 -33.98
C GLN A 37 -29.34 33.01 -34.41
N LEU A 38 -29.41 33.50 -35.65
CA LEU A 38 -28.41 34.45 -36.13
C LEU A 38 -28.45 35.74 -35.32
N GLY A 39 -29.65 36.26 -35.05
CA GLY A 39 -29.75 37.46 -34.24
C GLY A 39 -29.20 37.28 -32.85
N LEU A 40 -29.49 36.14 -32.21
CA LEU A 40 -29.00 35.88 -30.87
C LEU A 40 -27.48 35.76 -30.85
N VAL A 41 -26.90 35.04 -31.81
CA VAL A 41 -25.45 34.86 -31.80
C VAL A 41 -24.75 36.18 -32.09
N ALA A 42 -25.31 36.99 -32.99
CA ALA A 42 -24.74 38.31 -33.25
C ALA A 42 -24.83 39.20 -32.02
N PHE A 43 -25.98 39.16 -31.33
CA PHE A 43 -26.15 39.95 -30.11
C PHE A 43 -25.12 39.56 -29.06
N ARG A 44 -24.96 38.26 -28.81
CA ARG A 44 -23.99 37.80 -27.82
C ARG A 44 -22.56 38.18 -28.22
N ARG A 45 -22.23 38.03 -29.51
CA ARG A 45 -20.85 38.26 -29.94
C ARG A 45 -20.49 39.75 -29.95
N HIS A 46 -21.46 40.64 -30.21
CA HIS A 46 -21.13 42.03 -30.43
C HIS A 46 -21.52 42.97 -29.28
N TYR A 47 -22.56 42.66 -28.51
CA TYR A 47 -23.08 43.60 -27.53
C TYR A 47 -23.07 43.11 -26.09
N MET A 48 -22.58 41.90 -25.82
CA MET A 48 -22.87 41.24 -24.56
C MET A 48 -21.56 40.72 -23.97
N ILE A 49 -21.42 40.78 -22.64
CA ILE A 49 -20.21 40.28 -22.00
C ILE A 49 -20.58 39.31 -20.89
N THR A 50 -19.70 38.35 -20.64
CA THR A 50 -19.95 37.33 -19.64
C THR A 50 -18.63 36.80 -19.11
N LEU A 51 -18.72 36.17 -17.93
CA LEU A 51 -17.58 35.53 -17.29
C LEU A 51 -18.07 34.29 -16.55
N GLU A 52 -17.25 33.25 -16.53
CA GLU A 52 -17.61 31.97 -15.93
C GLU A 52 -16.54 31.54 -14.94
N VAL A 53 -16.98 31.01 -13.80
CA VAL A 53 -16.07 30.45 -12.80
C VAL A 53 -16.57 29.05 -12.44
N PRO A 54 -15.78 28.01 -12.65
CA PRO A 54 -16.19 26.66 -12.24
C PRO A 54 -16.05 26.47 -10.74
N ALA A 55 -16.76 25.44 -10.25
CA ALA A 55 -16.73 25.14 -8.82
C ALA A 55 -15.36 24.64 -8.37
N ARG A 56 -14.62 23.98 -9.27
CA ARG A 56 -13.30 23.48 -8.92
C ARG A 56 -12.33 24.61 -8.59
N ASP A 57 -12.43 25.72 -9.31
CA ASP A 57 -11.52 26.84 -9.10
C ASP A 57 -11.76 27.47 -7.73
N ARG A 58 -10.68 27.88 -7.07
CA ARG A 58 -10.79 28.49 -5.75
C ARG A 58 -11.47 29.86 -5.79
N SER A 59 -11.50 30.50 -6.96
CA SER A 59 -12.18 31.78 -7.09
C SER A 59 -13.69 31.68 -6.93
N TYR A 60 -14.24 30.47 -7.00
CA TYR A 60 -15.68 30.30 -6.83
C TYR A 60 -16.14 30.76 -5.45
N ALA A 61 -15.48 30.26 -4.40
CA ALA A 61 -15.84 30.65 -3.04
C ALA A 61 -15.57 32.13 -2.80
N TRP A 62 -14.46 32.65 -3.33
CA TRP A 62 -14.15 34.06 -3.16
C TRP A 62 -15.23 34.94 -3.77
N LEU A 63 -15.65 34.63 -5.00
CA LEU A 63 -16.67 35.42 -5.66
C LEU A 63 -18.01 35.28 -4.95
N LEU A 64 -18.34 34.09 -4.47
CA LEU A 64 -19.60 33.91 -3.74
C LEU A 64 -19.60 34.75 -2.46
N SER A 65 -18.50 34.73 -1.71
CA SER A 65 -18.42 35.53 -0.50
C SER A 65 -18.48 37.01 -0.80
N TRP A 66 -17.79 37.44 -1.86
CA TRP A 66 -17.82 38.86 -2.24
C TRP A 66 -19.22 39.31 -2.61
N LEU A 67 -19.94 38.49 -3.38
CA LEU A 67 -21.29 38.87 -3.78
C LEU A 67 -22.24 38.84 -2.58
N THR A 68 -22.01 37.93 -1.62
CA THR A 68 -22.80 37.93 -0.39
C THR A 68 -22.55 39.22 0.39
N ARG A 69 -21.29 39.63 0.50
CA ARG A 69 -20.97 40.83 1.27
C ARG A 69 -21.49 42.09 0.60
N HIS A 70 -21.35 42.18 -0.73
CA HIS A 70 -21.75 43.39 -1.45
C HIS A 70 -23.25 43.63 -1.38
N SER A 71 -24.05 42.57 -1.54
CA SER A 71 -25.50 42.67 -1.50
C SER A 71 -25.98 42.18 -0.14
N THR A 72 -26.44 43.11 0.70
CA THR A 72 -26.92 42.73 2.03
C THR A 72 -28.29 42.06 1.94
N ARG A 73 -29.14 42.50 1.02
CA ARG A 73 -30.50 42.01 0.92
C ARG A 73 -30.59 40.91 -0.15
N THR A 74 -29.96 39.78 0.16
CA THR A 74 -30.04 38.59 -0.67
C THR A 74 -31.15 37.70 -0.11
N GLN A 75 -32.34 37.82 -0.68
CA GLN A 75 -33.50 37.11 -0.14
C GLN A 75 -33.35 35.59 -0.30
N HIS A 76 -32.85 35.13 -1.44
CA HIS A 76 -32.62 33.72 -1.66
C HIS A 76 -31.17 33.38 -1.34
N LEU A 77 -30.99 32.42 -0.45
CA LEU A 77 -29.65 32.08 0.01
C LEU A 77 -29.65 30.69 0.63
N SER A 78 -28.46 30.12 0.74
CA SER A 78 -28.21 28.85 1.41
C SER A 78 -27.12 29.07 2.46
N VAL A 79 -26.97 28.10 3.36
CA VAL A 79 -26.05 28.22 4.48
C VAL A 79 -25.02 27.10 4.43
N GLU A 80 -23.81 27.42 4.84
CA GLU A 80 -22.73 26.44 4.99
C GLU A 80 -22.03 26.72 6.31
N THR A 81 -21.77 25.67 7.08
CA THR A 81 -21.10 25.81 8.36
C THR A 81 -19.71 25.20 8.30
N SER A 82 -18.76 25.87 8.94
CA SER A 82 -17.42 25.35 9.14
C SER A 82 -17.36 24.82 10.57
N TYR A 83 -17.23 23.50 10.70
CA TYR A 83 -17.21 22.82 11.99
C TYR A 83 -15.80 22.33 12.27
N LEU A 84 -15.25 22.71 13.42
CA LEU A 84 -13.93 22.27 13.82
C LEU A 84 -14.00 21.64 15.20
N GLN A 85 -13.40 20.45 15.32
CA GLN A 85 -13.31 19.70 16.56
C GLN A 85 -11.94 19.95 17.15
N HIS A 86 -11.83 21.00 17.95
CA HIS A 86 -10.58 21.29 18.64
C HIS A 86 -10.45 20.39 19.85
N GLU A 87 -9.21 20.23 20.33
CA GLU A 87 -8.88 19.25 21.34
C GLU A 87 -9.71 19.47 22.60
N SER A 88 -9.91 18.39 23.36
CA SER A 88 -10.71 18.38 24.59
C SER A 88 -12.18 18.67 24.32
N GLY A 89 -12.68 18.25 23.16
CA GLY A 89 -14.09 18.42 22.83
C GLY A 89 -14.53 19.86 22.64
N ARG A 90 -13.76 20.67 21.93
CA ARG A 90 -14.16 22.03 21.60
C ARG A 90 -14.91 22.02 20.27
N ILE A 91 -16.18 22.41 20.29
CA ILE A 91 -16.98 22.55 19.08
C ILE A 91 -16.90 24.00 18.64
N SER A 92 -16.30 24.25 17.48
CA SER A 92 -16.25 25.60 16.92
C SER A 92 -16.95 25.59 15.57
N THR A 93 -18.17 26.12 15.53
CA THR A 93 -18.98 26.14 14.32
C THR A 93 -19.20 27.59 13.91
N LYS A 94 -18.87 27.89 12.66
CA LYS A 94 -19.05 29.23 12.09
C LYS A 94 -20.03 29.13 10.93
N PHE A 95 -21.03 30.01 10.93
CA PHE A 95 -22.06 30.01 9.91
C PHE A 95 -21.71 31.02 8.82
N GLU A 96 -21.86 30.62 7.56
CA GLU A 96 -21.67 31.51 6.43
C GLU A 96 -22.81 31.32 5.45
N PHE A 97 -23.09 32.35 4.68
CA PHE A 97 -24.24 32.36 3.79
C PHE A 97 -23.80 32.63 2.35
N ILE A 98 -24.40 31.88 1.43
CA ILE A 98 -24.03 31.92 0.01
C ILE A 98 -25.32 32.18 -0.76
N PRO A 99 -25.28 32.87 -1.91
CA PRO A 99 -26.49 33.00 -2.72
C PRO A 99 -27.02 31.64 -3.14
N SER A 100 -28.35 31.50 -3.11
CA SER A 100 -28.97 30.25 -3.49
C SER A 100 -28.80 30.01 -4.98
N PRO A 101 -28.74 28.75 -5.42
CA PRO A 101 -28.65 28.47 -6.85
C PRO A 101 -29.84 29.04 -7.61
N GLY A 102 -29.56 29.59 -8.79
CA GLY A 102 -30.60 30.22 -9.57
C GLY A 102 -30.16 31.53 -10.18
N ASN A 103 -31.08 32.48 -10.30
CA ASN A 103 -30.82 33.77 -10.94
C ASN A 103 -30.91 34.89 -9.92
N HIS A 104 -29.96 35.82 -9.99
CA HIS A 104 -29.93 37.00 -9.14
C HIS A 104 -29.58 38.21 -9.98
N PHE A 105 -29.98 39.39 -9.51
CA PHE A 105 -29.67 40.65 -10.17
C PHE A 105 -28.93 41.55 -9.20
N ILE A 106 -27.80 42.10 -9.63
CA ILE A 106 -26.97 42.97 -8.80
C ILE A 106 -26.78 44.29 -9.51
N TRP A 107 -26.88 45.38 -8.75
CA TRP A 107 -26.67 46.73 -9.28
C TRP A 107 -25.26 47.17 -8.91
N TYR A 108 -24.35 47.16 -9.88
CA TYR A 108 -22.97 47.56 -9.63
C TYR A 108 -22.54 48.54 -10.69
N GLN A 109 -21.81 49.58 -10.27
CA GLN A 109 -21.39 50.67 -11.15
C GLN A 109 -22.66 51.26 -11.76
N GLY A 110 -22.73 51.47 -13.07
CA GLY A 110 -23.96 51.91 -13.69
C GLY A 110 -24.70 50.78 -14.38
N LYS A 111 -24.35 49.54 -14.03
CA LYS A 111 -24.83 48.36 -14.72
C LYS A 111 -25.67 47.47 -13.80
N TRP A 112 -26.58 46.73 -14.42
CA TRP A 112 -27.34 45.68 -13.78
C TRP A 112 -26.82 44.35 -14.33
N ILE A 113 -26.23 43.54 -13.45
CA ILE A 113 -25.56 42.31 -13.85
C ILE A 113 -26.38 41.11 -13.37
N ARG A 114 -26.63 40.17 -14.27
CA ARG A 114 -27.28 38.91 -13.93
C ARG A 114 -26.23 37.91 -13.43
N VAL A 115 -26.54 37.23 -12.33
CA VAL A 115 -25.67 36.21 -11.77
C VAL A 115 -26.44 34.90 -11.79
N GLU A 116 -25.88 33.89 -12.45
CA GLU A 116 -26.51 32.59 -12.58
C GLU A 116 -25.64 31.54 -11.89
N ARG A 117 -26.17 30.97 -10.82
CA ARG A 117 -25.49 29.90 -10.08
C ARG A 117 -26.21 28.59 -10.42
N ASN A 118 -25.70 27.89 -11.42
CA ASN A 118 -26.30 26.65 -11.90
C ASN A 118 -25.58 25.47 -11.28
N ARG A 119 -26.31 24.67 -10.51
CA ARG A 119 -25.79 23.43 -9.92
C ARG A 119 -26.33 22.29 -10.77
N ASP A 120 -25.49 21.76 -11.66
CA ASP A 120 -25.95 20.82 -12.67
C ASP A 120 -26.30 19.47 -12.05
N MET A 121 -27.53 19.02 -12.30
CA MET A 121 -28.01 17.73 -11.81
C MET A 121 -27.80 16.63 -12.84
N GLN A 122 -26.55 16.50 -13.29
CA GLN A 122 -26.20 15.42 -14.22
C GLN A 122 -25.10 14.52 -13.69
N MET A 123 -24.01 15.07 -13.17
CA MET A 123 -22.87 14.26 -12.75
C MET A 123 -22.22 14.88 -11.52
N VAL A 124 -21.37 14.06 -10.88
CA VAL A 124 -20.69 14.42 -9.64
C VAL A 124 -19.19 14.51 -9.92
N ASP A 125 -18.55 15.53 -9.36
CA ASP A 125 -17.12 15.69 -9.48
C ASP A 125 -16.40 14.52 -8.81
N LEU A 126 -15.43 13.93 -9.53
CA LEU A 126 -14.69 12.80 -8.98
C LEU A 126 -13.74 13.24 -7.88
N GLN A 127 -13.05 14.37 -8.07
CA GLN A 127 -12.02 14.80 -7.12
C GLN A 127 -12.63 15.14 -5.76
N THR A 128 -13.76 15.85 -5.75
CA THR A 128 -14.35 16.33 -4.52
C THR A 128 -15.51 15.46 -4.04
N GLY A 129 -16.38 15.04 -4.94
CA GLY A 129 -17.56 14.28 -4.56
C GLY A 129 -18.79 15.16 -4.46
N THR A 130 -18.87 16.17 -5.32
CA THR A 130 -19.99 17.09 -5.36
C THR A 130 -20.51 17.18 -6.79
N PRO A 131 -21.81 17.43 -6.96
CA PRO A 131 -22.36 17.62 -8.32
C PRO A 131 -21.71 18.80 -9.00
N TRP A 132 -21.64 18.73 -10.33
CA TRP A 132 -20.99 19.78 -11.10
C TRP A 132 -21.69 21.12 -10.89
N GLU A 133 -20.90 22.16 -10.60
CA GLU A 133 -21.41 23.49 -10.35
C GLU A 133 -20.56 24.52 -11.08
N SER A 134 -21.16 25.67 -11.34
CA SER A 134 -20.45 26.81 -11.93
C SER A 134 -21.26 28.06 -11.65
N VAL A 135 -20.59 29.21 -11.79
CA VAL A 135 -21.24 30.50 -11.62
C VAL A 135 -20.92 31.37 -12.82
N THR A 136 -21.87 32.22 -13.20
CA THR A 136 -21.73 33.06 -14.38
C THR A 136 -22.17 34.49 -14.07
N PHE A 137 -21.34 35.44 -14.48
CA PHE A 137 -21.66 36.87 -14.42
C PHE A 137 -21.96 37.35 -15.84
N THR A 138 -23.10 38.01 -16.00
CA THR A 138 -23.65 38.31 -17.32
C THR A 138 -24.02 39.78 -17.35
N ALA A 139 -23.40 40.55 -18.25
CA ALA A 139 -23.52 42.00 -18.24
C ALA A 139 -23.63 42.55 -19.65
N LEU A 140 -24.25 43.72 -19.75
CA LEU A 140 -24.46 44.39 -21.02
C LEU A 140 -23.36 45.42 -21.25
N GLY A 141 -22.76 45.40 -22.44
CA GLY A 141 -21.72 46.35 -22.77
C GLY A 141 -20.48 45.71 -23.33
N THR A 142 -19.44 46.49 -23.60
CA THR A 142 -18.17 46.00 -24.09
C THR A 142 -17.02 46.44 -23.19
N ASP A 143 -17.30 46.52 -21.88
CA ASP A 143 -16.33 46.97 -20.88
C ASP A 143 -15.97 45.80 -19.97
N ARG A 144 -14.94 45.04 -20.38
CA ARG A 144 -14.49 43.90 -19.58
C ARG A 144 -13.81 44.32 -18.28
N LYS A 145 -13.47 45.60 -18.13
CA LYS A 145 -12.76 46.05 -16.94
C LYS A 145 -13.60 45.88 -15.67
N VAL A 146 -14.92 45.89 -15.79
CA VAL A 146 -15.77 45.70 -14.61
C VAL A 146 -15.53 44.33 -13.99
N PHE A 147 -15.47 43.30 -14.84
CA PHE A 147 -15.19 41.95 -14.34
C PHE A 147 -13.81 41.86 -13.71
N PHE A 148 -12.82 42.52 -14.31
CA PHE A 148 -11.47 42.51 -13.75
C PHE A 148 -11.44 43.17 -12.37
N ASN A 149 -12.13 44.31 -12.23
CA ASN A 149 -12.18 44.98 -10.94
C ASN A 149 -12.90 44.14 -9.90
N ILE A 150 -14.01 43.50 -10.28
CA ILE A 150 -14.74 42.66 -9.34
C ILE A 150 -13.87 41.49 -8.90
N LEU A 151 -13.16 40.87 -9.84
CA LEU A 151 -12.30 39.74 -9.51
C LEU A 151 -11.15 40.15 -8.60
N GLU A 152 -10.54 41.31 -8.87
CA GLU A 152 -9.47 41.81 -8.02
C GLU A 152 -9.97 42.11 -6.61
N GLU A 153 -11.15 42.72 -6.51
CA GLU A 153 -11.73 42.99 -5.20
C GLU A 153 -12.02 41.69 -4.45
N ALA A 154 -12.54 40.69 -5.16
CA ALA A 154 -12.79 39.39 -4.53
C ALA A 154 -11.50 38.76 -4.03
N ARG A 155 -10.43 38.84 -4.84
CA ARG A 155 -9.15 38.32 -4.40
C ARG A 155 -8.65 39.03 -3.14
N ALA A 156 -8.75 40.37 -3.13
CA ALA A 156 -8.30 41.12 -1.97
C ALA A 156 -9.11 40.76 -0.73
N LEU A 157 -10.44 40.64 -0.88
CA LEU A 157 -11.28 40.28 0.26
C LEU A 157 -10.95 38.89 0.76
N ALA A 158 -10.71 37.94 -0.15
CA ALA A 158 -10.35 36.59 0.27
C ALA A 158 -9.00 36.56 0.97
N LEU A 159 -8.05 37.37 0.50
CA LEU A 159 -6.71 37.35 1.07
C LEU A 159 -6.63 38.08 2.41
N GLN A 160 -7.47 39.09 2.63
CA GLN A 160 -7.33 39.92 3.82
C GLN A 160 -7.61 39.17 5.12
N GLN A 161 -8.36 38.06 5.07
CA GLN A 161 -8.67 37.34 6.31
C GLN A 161 -7.45 36.64 6.89
N GLU A 162 -6.57 36.11 6.03
CA GLU A 162 -5.43 35.33 6.51
C GLU A 162 -4.43 36.22 7.23
N GLU A 163 -3.80 35.67 8.26
CA GLU A 163 -2.77 36.35 9.04
C GLU A 163 -1.44 35.64 8.82
N GLY A 164 -0.41 36.41 8.50
CA GLY A 164 0.89 35.83 8.25
C GLY A 164 1.49 35.19 9.49
N LYS A 165 2.20 34.09 9.29
CA LYS A 165 2.83 33.35 10.37
C LYS A 165 4.26 33.00 9.99
N THR A 166 5.09 32.81 11.01
CA THR A 166 6.49 32.42 10.83
C THR A 166 6.67 30.99 11.33
N VAL A 167 7.29 30.15 10.51
CA VAL A 167 7.47 28.74 10.81
C VAL A 167 8.89 28.50 11.31
N MET A 168 9.01 27.91 12.49
CA MET A 168 10.31 27.63 13.10
C MET A 168 10.86 26.33 12.53
N TYR A 169 12.18 26.30 12.34
CA TYR A 169 12.87 25.13 11.79
C TYR A 169 14.06 24.77 12.66
N THR A 170 14.22 23.47 12.92
CA THR A 170 15.35 22.94 13.67
C THR A 170 16.18 22.04 12.77
N ALA A 171 17.34 21.63 13.27
CA ALA A 171 18.25 20.75 12.54
C ALA A 171 18.54 19.53 13.39
N VAL A 172 18.26 18.35 12.84
CA VAL A 172 18.60 17.09 13.49
C VAL A 172 19.40 16.24 12.51
N GLY A 173 20.52 15.69 12.97
CA GLY A 173 21.41 14.97 12.08
C GLY A 173 21.91 15.87 10.96
N SER A 174 21.42 15.63 9.75
CA SER A 174 21.72 16.47 8.59
C SER A 174 20.42 16.84 7.88
N GLU A 175 19.36 17.11 8.64
CA GLU A 175 18.05 17.37 8.08
C GLU A 175 17.38 18.53 8.82
N TRP A 176 16.76 19.42 8.04
CA TRP A 176 15.95 20.49 8.60
C TRP A 176 14.52 20.01 8.78
N ARG A 177 13.95 20.29 9.95
CA ARG A 177 12.61 19.83 10.30
C ARG A 177 11.76 20.99 10.77
N THR A 178 10.48 20.94 10.45
CA THR A 178 9.50 21.92 10.93
C THR A 178 9.25 21.63 12.40
N PHE A 179 9.91 22.39 13.28
CA PHE A 179 9.85 22.16 14.71
C PHE A 179 8.84 23.12 15.34
N GLY A 180 7.91 22.57 16.10
CA GLY A 180 6.91 23.38 16.77
C GLY A 180 5.73 23.71 15.89
N TYR A 181 5.21 24.93 16.04
CA TYR A 181 4.05 25.41 15.32
C TYR A 181 4.35 26.79 14.76
N PRO A 182 3.61 27.24 13.74
CA PRO A 182 3.85 28.59 13.20
C PRO A 182 3.71 29.65 14.28
N ARG A 183 4.62 30.61 14.25
CA ARG A 183 4.71 31.64 15.27
C ARG A 183 4.18 32.96 14.74
N ARG A 184 3.43 33.67 15.57
CA ARG A 184 2.95 35.00 15.21
C ARG A 184 4.13 35.93 14.95
N ARG A 185 4.03 36.71 13.88
CA ARG A 185 5.11 37.59 13.48
C ARG A 185 5.25 38.72 14.51
N ARG A 186 6.45 38.87 15.05
CA ARG A 186 6.69 39.90 16.06
C ARG A 186 6.87 41.25 15.37
N PRO A 187 6.12 42.28 15.77
CA PRO A 187 6.27 43.60 15.12
C PRO A 187 7.67 44.16 15.31
N LEU A 188 8.13 44.90 14.30
CA LEU A 188 9.47 45.46 14.32
C LEU A 188 9.64 46.46 15.44
N ASP A 189 8.64 47.32 15.66
CA ASP A 189 8.74 48.36 16.68
C ASP A 189 8.75 47.78 18.09
N SER A 190 8.36 46.51 18.26
CA SER A 190 8.41 45.89 19.59
C SER A 190 9.84 45.78 20.10
N VAL A 191 10.81 45.66 19.20
CA VAL A 191 12.22 45.55 19.55
C VAL A 191 12.92 46.81 19.07
N VAL A 192 13.63 47.47 19.99
CA VAL A 192 14.39 48.68 19.69
C VAL A 192 15.86 48.42 20.04
N LEU A 193 16.74 48.77 19.11
CA LEU A 193 18.18 48.57 19.29
C LEU A 193 18.97 49.88 19.30
N GLN A 194 18.77 50.72 18.29
CA GLN A 194 19.48 51.99 18.19
C GLN A 194 18.62 52.94 17.36
N GLN A 195 19.17 54.14 17.11
CA GLN A 195 18.44 55.14 16.34
C GLN A 195 18.15 54.67 14.92
N GLY A 196 19.16 54.11 14.25
CA GLY A 196 18.98 53.69 12.88
C GLY A 196 19.71 52.42 12.49
N LEU A 197 20.31 51.73 13.48
CA LEU A 197 21.05 50.51 13.18
C LEU A 197 20.13 49.45 12.59
N ALA A 198 18.96 49.25 13.20
CA ALA A 198 17.99 48.32 12.66
C ALA A 198 17.51 48.76 11.29
N ASP A 199 17.32 50.07 11.10
CA ASP A 199 16.92 50.58 9.80
C ASP A 199 17.99 50.29 8.74
N ARG A 200 19.26 50.50 9.09
CA ARG A 200 20.33 50.19 8.15
C ARG A 200 20.38 48.72 7.82
N ILE A 201 20.21 47.86 8.82
CA ILE A 201 20.23 46.41 8.57
C ILE A 201 19.09 46.01 7.66
N VAL A 202 17.88 46.54 7.92
CA VAL A 202 16.73 46.23 7.09
C VAL A 202 16.94 46.71 5.66
N LYS A 203 17.46 47.93 5.50
CA LYS A 203 17.70 48.46 4.16
C LYS A 203 18.72 47.62 3.41
N ASP A 204 19.81 47.22 4.06
CA ASP A 204 20.81 46.40 3.40
C ASP A 204 20.25 45.03 3.03
N ILE A 205 19.46 44.43 3.92
CA ILE A 205 18.86 43.13 3.62
C ILE A 205 17.92 43.24 2.43
N ARG A 206 17.08 44.27 2.40
CA ARG A 206 16.17 44.46 1.28
C ARG A 206 16.95 44.69 -0.02
N GLU A 207 18.00 45.49 0.03
CA GLU A 207 18.80 45.76 -1.16
C GLU A 207 19.45 44.49 -1.69
N PHE A 208 19.94 43.63 -0.80
CA PHE A 208 20.50 42.36 -1.24
C PHE A 208 19.41 41.45 -1.81
N ILE A 209 18.24 41.44 -1.19
CA ILE A 209 17.19 40.50 -1.60
C ILE A 209 16.62 40.87 -2.95
N ASP A 210 16.34 42.14 -3.19
CA ASP A 210 15.61 42.54 -4.38
C ASP A 210 16.50 42.72 -5.60
N ASN A 211 17.80 42.44 -5.50
CA ASN A 211 18.75 42.60 -6.61
C ASN A 211 19.54 41.31 -6.80
N PRO A 212 18.92 40.27 -7.36
CA PRO A 212 19.68 39.06 -7.69
C PRO A 212 20.36 39.16 -9.03
N LYS A 213 19.81 40.01 -9.91
CA LYS A 213 20.39 40.21 -11.23
C LYS A 213 21.79 40.80 -11.14
N TRP A 214 21.98 41.76 -10.23
CA TRP A 214 23.30 42.36 -10.05
C TRP A 214 24.33 41.31 -9.65
N TYR A 215 23.95 40.38 -8.78
CA TYR A 215 24.88 39.35 -8.33
C TYR A 215 25.15 38.33 -9.43
N ILE A 216 24.10 37.88 -10.13
CA ILE A 216 24.30 36.83 -11.13
C ILE A 216 25.04 37.37 -12.35
N ASP A 217 24.87 38.65 -12.69
CA ASP A 217 25.57 39.21 -13.84
C ASP A 217 27.08 39.22 -13.63
N ARG A 218 27.52 39.52 -12.42
CA ARG A 218 28.94 39.57 -12.11
C ARG A 218 29.53 38.21 -11.73
N GLY A 219 28.70 37.16 -11.71
CA GLY A 219 29.19 35.83 -11.37
C GLY A 219 29.68 35.68 -9.96
N ILE A 220 28.95 36.23 -8.99
CA ILE A 220 29.31 36.14 -7.58
C ILE A 220 28.23 35.32 -6.87
N PRO A 221 28.59 34.46 -5.93
CA PRO A 221 27.58 33.69 -5.19
C PRO A 221 26.60 34.62 -4.47
N TYR A 222 25.33 34.20 -4.44
CA TYR A 222 24.25 34.98 -3.84
C TYR A 222 24.08 34.58 -2.38
N ARG A 223 25.09 34.94 -1.58
CA ARG A 223 25.09 34.64 -0.16
C ARG A 223 25.50 35.87 0.63
N ARG A 224 25.01 35.96 1.86
CA ARG A 224 25.35 37.06 2.75
C ARG A 224 25.48 36.55 4.18
N GLY A 225 26.32 37.23 4.95
CA GLY A 225 26.49 36.93 6.35
C GLY A 225 26.52 38.18 7.19
N TYR A 226 25.95 38.07 8.39
CA TYR A 226 25.87 39.18 9.31
C TYR A 226 26.31 38.72 10.70
N LEU A 227 26.91 39.63 11.46
CA LEU A 227 27.43 39.33 12.79
C LEU A 227 26.86 40.32 13.79
N LEU A 228 26.33 39.78 14.90
CA LEU A 228 25.80 40.58 16.00
C LEU A 228 26.45 40.07 17.29
N TYR A 229 27.45 40.80 17.77
CA TYR A 229 28.11 40.49 19.03
C TYR A 229 27.73 41.56 20.05
N GLY A 230 27.38 41.12 21.26
CA GLY A 230 26.97 42.03 22.29
C GLY A 230 26.69 41.38 23.63
N PRO A 231 26.48 42.20 24.66
CA PRO A 231 26.24 41.65 25.98
C PRO A 231 24.97 40.83 26.01
N PRO A 232 24.92 39.80 26.84
CA PRO A 232 23.71 38.98 26.93
C PRO A 232 22.54 39.77 27.49
N GLY A 233 21.33 39.37 27.10
CA GLY A 233 20.13 40.08 27.48
C GLY A 233 19.77 41.24 26.59
N CYS A 234 20.43 41.40 25.44
CA CYS A 234 20.12 42.45 24.50
C CYS A 234 18.99 42.08 23.55
N GLY A 235 18.46 40.87 23.65
CA GLY A 235 17.38 40.43 22.78
C GLY A 235 17.79 40.31 21.32
N LYS A 236 19.00 39.81 21.06
CA LYS A 236 19.44 39.64 19.69
C LYS A 236 18.59 38.61 18.95
N SER A 237 18.29 37.48 19.60
CA SER A 237 17.46 36.46 18.97
C SER A 237 16.04 36.98 18.72
N SER A 238 15.49 37.74 19.67
CA SER A 238 14.17 38.32 19.46
C SER A 238 14.17 39.29 18.30
N PHE A 239 15.23 40.10 18.17
CA PHE A 239 15.33 41.02 17.04
C PHE A 239 15.47 40.26 15.72
N ILE A 240 16.20 39.15 15.74
CA ILE A 240 16.33 38.33 14.53
C ILE A 240 14.97 37.78 14.12
N THR A 241 14.21 37.25 15.08
CA THR A 241 12.88 36.74 14.78
C THR A 241 11.97 37.86 14.28
N ALA A 242 12.06 39.04 14.88
CA ALA A 242 11.22 40.16 14.46
C ALA A 242 11.54 40.58 13.03
N LEU A 243 12.83 40.67 12.69
CA LEU A 243 13.19 41.06 11.32
C LEU A 243 12.83 39.97 10.32
N ALA A 244 12.92 38.70 10.73
CA ALA A 244 12.46 37.62 9.87
C ALA A 244 10.97 37.71 9.62
N GLY A 245 10.19 38.04 10.66
CA GLY A 245 8.76 38.22 10.46
C GLY A 245 8.43 39.41 9.57
N GLU A 246 9.12 40.53 9.77
CA GLU A 246 8.88 41.70 8.93
C GLU A 246 9.24 41.42 7.48
N LEU A 247 10.38 40.77 7.25
CA LEU A 247 10.75 40.32 5.91
C LEU A 247 9.91 39.13 5.46
N GLU A 248 9.12 38.55 6.37
CA GLU A 248 8.26 37.39 6.12
C GLU A 248 9.07 36.13 5.79
N HIS A 249 10.39 36.22 5.85
CA HIS A 249 11.25 35.08 5.58
C HIS A 249 11.22 34.09 6.74
N SER A 250 11.52 32.83 6.44
CA SER A 250 11.61 31.80 7.46
C SER A 250 12.96 31.86 8.17
N ILE A 251 13.00 31.35 9.39
CA ILE A 251 14.19 31.33 10.22
C ILE A 251 14.50 29.89 10.60
N CYS A 252 15.78 29.53 10.59
CA CYS A 252 16.23 28.22 11.02
C CYS A 252 17.37 28.41 12.01
N LEU A 253 17.12 28.10 13.28
CA LEU A 253 18.12 28.27 14.31
C LEU A 253 18.96 27.01 14.48
N LEU A 254 20.22 27.21 14.86
CA LEU A 254 21.10 26.10 15.18
C LEU A 254 22.09 26.53 16.26
N SER A 255 22.38 25.60 17.17
CA SER A 255 23.36 25.82 18.24
C SER A 255 24.63 25.06 17.85
N LEU A 256 25.58 25.78 17.25
CA LEU A 256 26.85 25.16 16.86
C LEU A 256 27.73 24.84 18.05
N THR A 257 27.48 25.42 19.22
CA THR A 257 28.29 25.14 20.40
C THR A 257 28.13 23.71 20.88
N ASP A 258 27.06 23.02 20.47
CA ASP A 258 26.90 21.62 20.81
C ASP A 258 27.84 20.76 19.98
N SER A 259 28.26 19.64 20.56
CA SER A 259 29.17 18.71 19.88
C SER A 259 28.43 17.61 19.13
N SER A 260 27.10 17.64 19.10
CA SER A 260 26.34 16.62 18.40
C SER A 260 26.62 16.65 16.90
N LEU A 261 26.67 17.85 16.32
CA LEU A 261 26.93 18.00 14.89
C LEU A 261 28.43 18.13 14.63
N SER A 262 28.82 17.74 13.42
CA SER A 262 30.22 17.81 13.00
C SER A 262 30.38 18.90 11.94
N ASP A 263 31.62 19.06 11.47
CA ASP A 263 31.90 20.03 10.42
C ASP A 263 31.17 19.66 9.12
N ASP A 264 31.25 18.39 8.74
CA ASP A 264 30.58 17.93 7.52
C ASP A 264 29.06 17.99 7.67
N ARG A 265 28.54 17.64 8.85
CA ARG A 265 27.11 17.79 9.10
C ARG A 265 26.68 19.24 8.99
N LEU A 266 27.49 20.15 9.53
CA LEU A 266 27.21 21.57 9.41
C LEU A 266 27.20 22.00 7.95
N ASN A 267 28.15 21.50 7.16
CA ASN A 267 28.19 21.83 5.74
C ASN A 267 26.93 21.35 5.03
N HIS A 268 26.52 20.10 5.29
CA HIS A 268 25.31 19.59 4.66
C HIS A 268 24.10 20.42 5.03
N LEU A 269 23.90 20.69 6.33
CA LEU A 269 22.71 21.40 6.76
C LEU A 269 22.71 22.85 6.26
N LEU A 270 23.88 23.47 6.18
CA LEU A 270 23.97 24.80 5.58
C LEU A 270 23.59 24.75 4.10
N SER A 271 24.05 23.71 3.39
CA SER A 271 23.77 23.59 1.97
C SER A 271 22.34 23.14 1.68
N VAL A 272 21.73 22.37 2.57
CA VAL A 272 20.37 21.86 2.35
C VAL A 272 19.32 22.77 2.96
N ALA A 273 19.70 23.98 3.36
CA ALA A 273 18.74 24.90 3.95
C ALA A 273 17.67 25.26 2.93
N PRO A 274 16.41 25.38 3.34
CA PRO A 274 15.33 25.65 2.39
C PRO A 274 15.45 27.05 1.79
N GLN A 275 14.58 27.30 0.80
CA GLN A 275 14.57 28.60 0.14
C GLN A 275 14.14 29.69 1.12
N GLN A 276 14.62 30.91 0.86
CA GLN A 276 14.34 32.12 1.63
C GLN A 276 14.36 31.85 3.13
N SER A 277 15.28 31.00 3.58
CA SER A 277 15.38 30.59 4.98
C SER A 277 16.67 31.15 5.55
N LEU A 278 16.55 32.24 6.32
CA LEU A 278 17.70 32.78 7.03
C LEU A 278 18.14 31.81 8.11
N VAL A 279 19.43 31.50 8.16
CA VAL A 279 19.97 30.53 9.11
C VAL A 279 20.71 31.29 10.19
N LEU A 280 20.35 31.01 11.45
CA LEU A 280 20.90 31.70 12.61
C LEU A 280 21.76 30.74 13.42
N LEU A 281 22.93 31.23 13.85
CA LEU A 281 23.85 30.45 14.66
C LEU A 281 24.28 31.28 15.85
N GLU A 282 24.63 30.60 16.94
CA GLU A 282 24.96 31.27 18.21
C GLU A 282 26.20 30.64 18.83
N ASP A 283 26.86 31.43 19.68
CA ASP A 283 27.99 30.98 20.49
C ASP A 283 29.15 30.52 19.62
N VAL A 284 29.67 31.46 18.83
CA VAL A 284 30.87 31.18 18.03
C VAL A 284 32.10 31.08 18.93
N ASP A 285 32.07 31.72 20.10
CA ASP A 285 33.25 31.75 20.96
C ASP A 285 33.65 30.36 21.42
N ALA A 286 32.67 29.55 21.84
CA ALA A 286 32.98 28.22 22.38
C ALA A 286 33.59 27.32 21.32
N ALA A 287 32.99 27.26 20.13
CA ALA A 287 33.49 26.38 19.08
C ALA A 287 34.81 26.90 18.51
N PHE A 288 34.93 28.21 18.31
CA PHE A 288 36.16 28.76 17.77
C PHE A 288 37.33 28.63 18.75
N LEU A 289 37.04 28.67 20.05
CA LEU A 289 38.09 28.44 21.04
C LEU A 289 38.62 27.01 20.95
N SER A 290 37.73 26.05 20.72
CA SER A 290 38.12 24.64 20.58
C SER A 290 38.67 24.36 19.18
N ARG A 306 33.80 17.15 15.20
CA ARG A 306 32.71 17.94 15.76
C ARG A 306 33.12 19.40 15.94
N LEU A 307 33.79 19.68 17.05
CA LEU A 307 34.23 21.04 17.33
C LEU A 307 35.31 21.47 16.35
N THR A 308 35.18 22.69 15.83
CA THR A 308 36.14 23.23 14.89
C THR A 308 36.07 24.75 14.92
N PHE A 309 37.13 25.38 14.43
CA PHE A 309 37.20 26.83 14.33
C PHE A 309 37.33 27.32 12.90
N SER A 310 38.12 26.64 12.07
CA SER A 310 38.21 26.95 10.65
C SER A 310 37.27 26.10 9.81
N GLY A 311 36.77 24.99 10.35
CA GLY A 311 35.83 24.17 9.61
C GLY A 311 34.53 24.89 9.32
N LEU A 312 34.05 25.69 10.28
CA LEU A 312 32.81 26.43 10.08
C LEU A 312 32.96 27.45 8.95
N LEU A 313 34.09 28.17 8.91
CA LEU A 313 34.30 29.13 7.84
C LEU A 313 34.54 28.44 6.50
N ASN A 314 35.20 27.28 6.51
CA ASN A 314 35.35 26.52 5.26
C ASN A 314 34.00 26.08 4.73
N ALA A 315 33.11 25.61 5.61
CA ALA A 315 31.77 25.22 5.19
C ALA A 315 30.98 26.43 4.70
N LEU A 316 31.13 27.57 5.35
CA LEU A 316 30.46 28.79 4.91
C LEU A 316 30.95 29.21 3.53
N ASP A 317 32.24 29.05 3.25
CA ASP A 317 32.80 29.42 1.95
C ASP A 317 32.53 28.37 0.87
N GLY A 318 31.88 27.26 1.21
CA GLY A 318 31.61 26.24 0.22
C GLY A 318 30.71 26.76 -0.89
N VAL A 319 30.95 26.26 -2.10
CA VAL A 319 30.18 26.70 -3.27
C VAL A 319 28.72 26.26 -3.14
N ALA A 320 28.49 25.05 -2.62
CA ALA A 320 27.14 24.53 -2.45
C ALA A 320 26.31 25.44 -1.55
N SER A 321 25.28 26.06 -2.11
CA SER A 321 24.46 27.02 -1.38
C SER A 321 23.03 26.90 -1.87
N THR A 322 22.20 27.87 -1.51
CA THR A 322 20.81 27.93 -1.92
C THR A 322 20.49 29.36 -2.35
N GLU A 323 19.30 29.53 -2.94
CA GLU A 323 18.85 30.85 -3.35
C GLU A 323 18.61 31.72 -2.11
N ALA A 324 19.23 32.90 -2.10
CA ALA A 324 19.15 33.84 -0.98
C ALA A 324 19.60 33.17 0.32
N ARG A 325 20.88 32.80 0.35
CA ARG A 325 21.49 32.19 1.53
C ARG A 325 22.00 33.28 2.45
N ILE A 326 21.21 33.61 3.47
CA ILE A 326 21.58 34.61 4.46
C ILE A 326 21.83 33.91 5.79
N VAL A 327 23.00 34.15 6.36
CA VAL A 327 23.39 33.58 7.65
C VAL A 327 23.63 34.72 8.64
N PHE A 328 23.11 34.56 9.85
CA PHE A 328 23.33 35.51 10.94
C PHE A 328 24.02 34.78 12.08
N MET A 329 24.97 35.47 12.71
CA MET A 329 25.76 34.88 13.78
C MET A 329 25.68 35.80 15.00
N THR A 330 25.05 35.32 16.07
CA THR A 330 24.88 36.09 17.30
C THR A 330 25.80 35.53 18.37
N THR A 331 26.47 36.43 19.10
CA THR A 331 27.44 35.99 20.09
C THR A 331 27.62 37.08 21.14
N ASN A 332 28.26 36.69 22.24
CA ASN A 332 28.47 37.63 23.35
C ASN A 332 29.60 38.62 23.06
N TYR A 333 30.67 38.17 22.41
CA TYR A 333 31.84 39.02 22.20
C TYR A 333 32.57 38.58 20.94
N ILE A 334 33.47 39.46 20.48
CA ILE A 334 34.25 39.25 19.26
C ILE A 334 35.71 38.99 19.56
N ASP A 335 36.12 38.97 20.83
CA ASP A 335 37.53 38.86 21.16
C ASP A 335 38.13 37.55 20.68
N ARG A 336 37.40 36.43 20.86
CA ARG A 336 37.94 35.13 20.49
C ARG A 336 38.02 34.93 18.98
N LEU A 337 37.41 35.81 18.19
CA LEU A 337 37.32 35.60 16.75
C LEU A 337 38.51 36.23 16.03
N ASP A 338 38.51 36.12 14.71
CA ASP A 338 39.59 36.59 13.86
C ASP A 338 39.04 37.46 12.74
N PRO A 339 39.85 38.39 12.23
CA PRO A 339 39.39 39.21 11.09
C PRO A 339 39.11 38.40 9.83
N ALA A 340 39.66 37.19 9.71
CA ALA A 340 39.41 36.39 8.52
C ALA A 340 37.94 36.03 8.38
N LEU A 341 37.24 35.86 9.50
CA LEU A 341 35.82 35.56 9.44
C LEU A 341 35.01 36.72 8.89
N ILE A 342 35.42 37.96 9.19
CA ILE A 342 34.75 39.15 8.67
C ILE A 342 35.45 39.50 7.36
N ARG A 343 34.89 39.02 6.25
CA ARG A 343 35.52 39.15 4.94
C ARG A 343 34.44 39.03 3.88
N PRO A 344 34.70 39.51 2.66
CA PRO A 344 33.77 39.24 1.56
C PRO A 344 33.64 37.74 1.31
N GLY A 345 32.44 37.33 0.92
CA GLY A 345 32.08 35.92 0.91
C GLY A 345 31.74 35.38 2.27
N ARG A 346 31.66 36.25 3.27
CA ARG A 346 31.41 35.91 4.67
C ARG A 346 30.62 37.06 5.27
N VAL A 347 30.66 37.19 6.60
CA VAL A 347 30.05 38.34 7.27
C VAL A 347 30.53 39.62 6.60
N ASP A 348 29.58 40.40 6.09
CA ASP A 348 29.92 41.56 5.26
C ASP A 348 30.23 42.79 6.10
N LEU A 349 29.30 43.24 6.94
CA LEU A 349 29.55 44.35 7.85
C LEU A 349 29.23 43.92 9.27
N LYS A 350 30.02 44.42 10.21
CA LYS A 350 29.85 44.08 11.62
C LYS A 350 29.02 45.14 12.33
N GLU A 351 28.03 44.68 13.10
CA GLU A 351 27.19 45.56 13.89
C GLU A 351 27.21 45.11 15.35
N TYR A 352 27.33 46.07 16.25
CA TYR A 352 27.40 45.82 17.68
C TYR A 352 26.15 46.35 18.36
N VAL A 353 25.51 45.51 19.16
CA VAL A 353 24.35 45.93 19.94
C VAL A 353 24.83 46.46 21.29
N GLY A 354 24.36 47.66 21.66
CA GLY A 354 24.77 48.30 22.88
C GLY A 354 23.72 48.20 23.98
N TYR A 355 24.01 48.89 25.07
CA TYR A 355 23.10 48.93 26.21
C TYR A 355 21.99 49.96 25.96
N CYS A 356 21.12 50.13 26.94
CA CYS A 356 20.00 51.05 26.80
C CYS A 356 20.50 52.49 26.79
N SER A 357 20.00 53.28 25.84
CA SER A 357 20.29 54.70 25.76
C SER A 357 19.06 55.49 26.20
N HIS A 358 19.25 56.81 26.36
CA HIS A 358 18.15 57.67 26.76
C HIS A 358 17.01 57.61 25.75
N TRP A 359 17.36 57.68 24.45
CA TRP A 359 16.35 57.52 23.41
C TRP A 359 15.74 56.12 23.46
N GLN A 360 16.58 55.10 23.64
CA GLN A 360 16.07 53.73 23.75
C GLN A 360 15.17 53.58 24.97
N LEU A 361 15.59 54.15 26.11
CA LEU A 361 14.79 54.03 27.32
C LEU A 361 13.44 54.72 27.17
N THR A 362 13.42 55.93 26.61
CA THR A 362 12.13 56.61 26.45
C THR A 362 11.26 55.91 25.40
N GLN A 363 11.86 55.36 24.35
CA GLN A 363 11.07 54.62 23.36
C GLN A 363 10.43 53.38 23.97
N MET A 364 11.19 52.62 24.76
CA MET A 364 10.62 51.42 25.37
C MET A 364 9.61 51.78 26.46
N PHE A 365 9.82 52.89 27.16
CA PHE A 365 8.82 53.35 28.13
C PHE A 365 7.52 53.73 27.43
N GLN A 366 7.62 54.43 26.29
CA GLN A 366 6.43 54.78 25.52
C GLN A 366 5.74 53.54 24.97
N ARG A 367 6.53 52.56 24.51
CA ARG A 367 5.93 51.32 23.99
C ARG A 367 5.20 50.57 25.09
N PHE A 368 5.79 50.49 26.29
CA PHE A 368 5.13 49.80 27.39
C PHE A 368 3.89 50.54 27.85
N TYR A 369 4.01 51.86 28.04
CA TYR A 369 2.93 52.66 28.60
C TYR A 369 2.27 53.48 27.49
N PRO A 370 1.04 53.16 27.08
CA PRO A 370 0.41 53.82 25.92
C PRO A 370 -0.13 55.22 26.19
N GLY A 371 0.77 56.19 26.25
CA GLY A 371 0.39 57.59 26.31
C GLY A 371 0.45 58.22 27.68
N GLN A 372 1.52 58.95 27.96
CA GLN A 372 1.71 59.66 29.22
C GLN A 372 2.48 60.94 28.92
N ALA A 373 3.00 61.56 29.97
CA ALA A 373 3.81 62.75 29.82
C ALA A 373 5.19 62.40 29.29
N PRO A 374 5.63 62.96 28.16
CA PRO A 374 6.99 62.68 27.68
C PRO A 374 8.07 63.11 28.66
N SER A 375 7.82 64.17 29.44
CA SER A 375 8.78 64.58 30.46
C SER A 375 8.96 63.50 31.51
N LEU A 376 7.90 62.78 31.85
CA LEU A 376 8.02 61.66 32.79
C LEU A 376 8.94 60.59 32.23
N ALA A 377 8.79 60.26 30.95
CA ALA A 377 9.67 59.28 30.32
C ALA A 377 11.12 59.77 30.29
N GLU A 378 11.32 61.06 30.00
CA GLU A 378 12.67 61.62 30.00
C GLU A 378 13.31 61.53 31.39
N ASN A 379 12.53 61.85 32.43
CA ASN A 379 13.04 61.74 33.79
C ASN A 379 13.34 60.29 34.16
N PHE A 380 12.48 59.37 33.72
CA PHE A 380 12.73 57.95 33.94
C PHE A 380 14.04 57.52 33.31
N ALA A 381 14.27 57.91 32.06
CA ALA A 381 15.50 57.55 31.37
C ALA A 381 16.71 58.17 32.05
N GLU A 382 16.60 59.44 32.47
CA GLU A 382 17.72 60.09 33.15
C GLU A 382 18.04 59.40 34.46
N HIS A 383 17.01 59.03 35.23
CA HIS A 383 17.23 58.34 36.50
C HIS A 383 17.86 56.97 36.27
N VAL A 384 17.41 56.25 35.24
CA VAL A 384 17.98 54.94 34.94
C VAL A 384 19.45 55.08 34.56
N LEU A 385 19.78 56.08 33.71
CA LEU A 385 21.17 56.29 33.33
C LEU A 385 22.03 56.67 34.54
N LYS A 386 21.49 57.52 35.42
CA LYS A 386 22.24 57.90 36.62
C LYS A 386 22.49 56.69 37.52
N ALA A 387 21.47 55.84 37.71
CA ALA A 387 21.63 54.69 38.58
C ALA A 387 22.58 53.66 37.98
N THR A 388 22.39 53.31 36.72
CA THR A 388 23.20 52.30 36.05
C THR A 388 23.59 52.78 34.67
N SER A 389 24.78 52.36 34.22
CA SER A 389 25.27 52.69 32.89
C SER A 389 25.29 51.49 31.95
N GLU A 390 25.48 50.28 32.47
CA GLU A 390 25.48 49.06 31.67
C GLU A 390 24.13 48.34 31.72
N ILE A 391 23.05 49.09 31.86
CA ILE A 391 21.73 48.49 31.98
C ILE A 391 21.33 47.84 30.66
N SER A 392 20.80 46.61 30.73
CA SER A 392 20.39 45.86 29.56
C SER A 392 18.88 45.92 29.37
N PRO A 393 18.41 45.80 28.13
CA PRO A 393 16.95 45.85 27.90
C PRO A 393 16.18 44.74 28.61
N ALA A 394 16.80 43.57 28.82
CA ALA A 394 16.12 42.50 29.54
C ALA A 394 15.83 42.90 30.97
N GLN A 395 16.78 43.55 31.64
CA GLN A 395 16.56 44.00 33.01
C GLN A 395 15.44 45.04 33.07
N VAL A 396 15.42 45.97 32.11
CA VAL A 396 14.36 46.97 32.07
C VAL A 396 13.00 46.31 31.84
N GLN A 397 12.96 45.32 30.95
CA GLN A 397 11.71 44.62 30.68
C GLN A 397 11.22 43.88 31.92
N GLY A 398 12.14 43.23 32.65
CA GLY A 398 11.75 42.58 33.89
C GLY A 398 11.27 43.56 34.94
N TYR A 399 11.93 44.72 35.03
CA TYR A 399 11.51 45.75 35.97
C TYR A 399 10.11 46.26 35.64
N PHE A 400 9.82 46.43 34.35
CA PHE A 400 8.49 46.87 33.94
C PHE A 400 7.45 45.79 34.20
N MET A 401 7.84 44.52 34.05
CA MET A 401 6.97 43.42 34.47
C MET A 401 6.67 43.48 35.97
N LEU A 402 7.67 43.81 36.78
CA LEU A 402 7.46 43.91 38.22
C LEU A 402 6.45 44.99 38.58
N TYR A 403 6.39 46.05 37.77
CA TYR A 403 5.50 47.18 38.00
C TYR A 403 4.48 47.32 36.87
N LYS A 404 3.86 46.21 36.48
CA LYS A 404 2.86 46.22 35.42
C LYS A 404 1.70 47.15 35.78
N ASN A 405 1.34 48.01 34.83
CA ASN A 405 0.27 49.00 35.00
C ASN A 405 0.54 49.92 36.19
N ASP A 406 1.81 50.12 36.53
CA ASP A 406 2.21 50.97 37.65
C ASP A 406 3.32 51.90 37.18
N PRO A 407 2.96 52.95 36.41
CA PRO A 407 3.98 53.87 35.91
C PRO A 407 4.63 54.70 37.00
N MET A 408 3.80 55.33 37.86
CA MET A 408 4.33 56.17 38.92
C MET A 408 5.18 55.36 39.91
N GLY A 409 4.70 54.16 40.26
CA GLY A 409 5.47 53.33 41.17
C GLY A 409 6.80 52.91 40.58
N ALA A 410 6.82 52.58 39.28
CA ALA A 410 8.09 52.24 38.63
C ALA A 410 9.01 53.45 38.59
N VAL A 411 8.46 54.64 38.35
CA VAL A 411 9.29 55.86 38.32
C VAL A 411 9.91 56.11 39.69
N HIS A 412 9.12 55.98 40.75
CA HIS A 412 9.63 56.24 42.09
C HIS A 412 10.53 55.14 42.61
N ASN A 413 10.54 53.96 41.98
CA ASN A 413 11.33 52.84 42.43
C ASN A 413 12.62 52.65 41.64
N ILE A 414 13.00 53.64 40.83
CA ILE A 414 14.28 53.55 40.11
C ILE A 414 15.44 53.55 41.10
N GLU A 415 15.37 54.39 42.13
CA GLU A 415 16.40 54.39 43.16
C GLU A 415 16.45 53.05 43.89
N SER A 416 15.31 52.36 44.00
CA SER A 416 15.31 51.02 44.58
C SER A 416 16.12 50.06 43.72
N LEU A 417 16.00 50.16 42.40
CA LEU A 417 16.81 49.34 41.51
C LEU A 417 18.29 49.66 41.67
N ARG A 418 18.64 50.94 41.77
CA ARG A 418 20.01 51.39 41.94
C ARG A 418 20.93 50.86 40.84
N ALA B 30 -47.59 30.76 -26.49
CA ALA B 30 -46.23 31.14 -26.12
C ALA B 30 -46.23 32.37 -25.23
N MET B 31 -47.15 33.29 -25.49
CA MET B 31 -47.25 34.50 -24.68
C MET B 31 -47.66 34.18 -23.25
N ALA B 32 -48.56 33.22 -23.07
CA ALA B 32 -48.99 32.84 -21.73
C ALA B 32 -47.84 32.25 -20.93
N ARG B 33 -47.02 31.40 -21.56
CA ARG B 33 -45.88 30.80 -20.86
C ARG B 33 -44.88 31.87 -20.45
N LYS B 34 -44.58 32.82 -21.35
CA LYS B 34 -43.65 33.89 -21.02
C LYS B 34 -44.18 34.75 -19.89
N GLY B 35 -45.47 35.10 -19.94
CA GLY B 35 -46.05 35.90 -18.87
C GLY B 35 -46.02 35.17 -17.54
N ALA B 36 -46.34 33.88 -17.54
CA ALA B 36 -46.29 33.09 -16.31
C ALA B 36 -44.87 33.01 -15.77
N GLN B 37 -43.89 32.82 -16.64
CA GLN B 37 -42.50 32.74 -16.20
C GLN B 37 -42.06 34.06 -15.58
N LEU B 38 -42.38 35.18 -16.23
CA LEU B 38 -42.00 36.48 -15.68
C LEU B 38 -42.69 36.75 -14.35
N GLY B 39 -43.98 36.42 -14.26
CA GLY B 39 -44.68 36.60 -13.00
C GLY B 39 -44.10 35.75 -11.88
N LEU B 40 -43.76 34.49 -12.19
CA LEU B 40 -43.20 33.61 -11.18
C LEU B 40 -41.84 34.10 -10.72
N VAL B 41 -40.97 34.51 -11.65
CA VAL B 41 -39.63 34.94 -11.26
C VAL B 41 -39.71 36.24 -10.46
N ALA B 42 -40.61 37.14 -10.84
CA ALA B 42 -40.80 38.37 -10.06
C ALA B 42 -41.32 38.05 -8.67
N PHE B 43 -42.28 37.13 -8.57
CA PHE B 43 -42.82 36.74 -7.27
C PHE B 43 -41.72 36.18 -6.37
N ARG B 44 -40.92 35.25 -6.90
CA ARG B 44 -39.85 34.66 -6.10
C ARG B 44 -38.82 35.71 -5.69
N ARG B 45 -38.47 36.61 -6.61
CA ARG B 45 -37.40 37.57 -6.32
C ARG B 45 -37.85 38.66 -5.34
N HIS B 46 -39.14 39.02 -5.34
CA HIS B 46 -39.57 40.18 -4.58
C HIS B 46 -40.37 39.84 -3.31
N TYR B 47 -41.11 38.73 -3.29
CA TYR B 47 -42.03 38.46 -2.20
C TYR B 47 -41.76 37.18 -1.42
N MET B 48 -40.72 36.42 -1.75
CA MET B 48 -40.62 35.04 -1.31
C MET B 48 -39.23 34.81 -0.74
N ILE B 49 -39.13 34.01 0.33
CA ILE B 49 -37.82 33.72 0.92
C ILE B 49 -37.65 32.21 1.05
N THR B 50 -36.39 31.77 0.96
CA THR B 50 -36.08 30.36 1.02
C THR B 50 -34.67 30.16 1.55
N LEU B 51 -34.41 28.94 2.02
CA LEU B 51 -33.11 28.53 2.52
C LEU B 51 -32.90 27.06 2.16
N GLU B 52 -31.65 26.71 1.83
CA GLU B 52 -31.31 25.35 1.42
C GLU B 52 -30.15 24.82 2.25
N VAL B 53 -30.25 23.55 2.63
CA VAL B 53 -29.19 22.87 3.35
C VAL B 53 -28.89 21.55 2.64
N PRO B 54 -27.68 21.33 2.13
CA PRO B 54 -27.35 20.05 1.51
C PRO B 54 -27.12 18.96 2.55
N ALA B 55 -27.20 17.72 2.07
CA ALA B 55 -27.01 16.57 2.96
C ALA B 55 -25.57 16.47 3.45
N ARG B 56 -24.60 16.96 2.67
CA ARG B 56 -23.21 16.90 3.09
C ARG B 56 -22.96 17.75 4.32
N ASP B 57 -23.60 18.90 4.40
CA ASP B 57 -23.40 19.81 5.52
C ASP B 57 -23.92 19.19 6.81
N ARG B 58 -23.19 19.41 7.91
CA ARG B 58 -23.60 18.86 9.20
C ARG B 58 -24.87 19.50 9.73
N SER B 59 -25.24 20.68 9.24
CA SER B 59 -26.48 21.32 9.67
C SER B 59 -27.72 20.57 9.20
N TYR B 60 -27.58 19.65 8.26
CA TYR B 60 -28.73 18.87 7.79
C TYR B 60 -29.35 18.06 8.93
N ALA B 61 -28.52 17.28 9.63
CA ALA B 61 -29.03 16.47 10.74
C ALA B 61 -29.54 17.34 11.87
N TRP B 62 -28.85 18.45 12.16
CA TRP B 62 -29.30 19.35 13.22
C TRP B 62 -30.69 19.91 12.91
N LEU B 63 -30.89 20.37 11.69
CA LEU B 63 -32.19 20.94 11.32
C LEU B 63 -33.27 19.86 11.30
N LEU B 64 -32.94 18.65 10.83
CA LEU B 64 -33.92 17.57 10.84
C LEU B 64 -34.34 17.23 12.27
N SER B 65 -33.38 17.13 13.19
CA SER B 65 -33.71 16.84 14.58
C SER B 65 -34.52 17.97 15.20
N TRP B 66 -34.16 19.21 14.91
CA TRP B 66 -34.90 20.35 15.45
C TRP B 66 -36.34 20.36 14.95
N LEU B 67 -36.55 20.08 13.66
CA LEU B 67 -37.91 20.08 13.13
C LEU B 67 -38.70 18.89 13.69
N THR B 68 -38.04 17.76 13.92
CA THR B 68 -38.70 16.63 14.57
C THR B 68 -39.15 17.00 15.98
N ARG B 69 -38.28 17.67 16.74
CA ARG B 69 -38.60 18.02 18.12
C ARG B 69 -39.69 19.08 18.17
N HIS B 70 -39.63 20.08 17.28
CA HIS B 70 -40.59 21.19 17.33
C HIS B 70 -42.00 20.70 17.02
N SER B 71 -42.15 19.85 16.01
CA SER B 71 -43.46 19.34 15.60
C SER B 71 -43.62 17.92 16.15
N THR B 72 -44.46 17.76 17.15
CA THR B 72 -44.67 16.45 17.74
C THR B 72 -45.51 15.56 16.83
N ARG B 73 -46.48 16.14 16.12
CA ARG B 73 -47.40 15.38 15.28
C ARG B 73 -46.92 15.38 13.83
N THR B 74 -45.80 14.69 13.61
CA THR B 74 -45.26 14.47 12.27
C THR B 74 -45.76 13.11 11.80
N GLN B 75 -46.85 13.12 11.03
CA GLN B 75 -47.47 11.86 10.62
C GLN B 75 -46.58 11.07 9.68
N HIS B 76 -45.93 11.75 8.73
CA HIS B 76 -45.00 11.09 7.81
C HIS B 76 -43.59 11.21 8.34
N LEU B 77 -42.92 10.08 8.51
CA LEU B 77 -41.59 10.05 9.11
C LEU B 77 -40.89 8.76 8.74
N SER B 78 -39.57 8.78 8.91
CA SER B 78 -38.71 7.63 8.75
C SER B 78 -37.88 7.47 10.02
N VAL B 79 -37.24 6.30 10.15
CA VAL B 79 -36.50 5.97 11.36
C VAL B 79 -35.05 5.68 11.02
N GLU B 80 -34.16 6.07 11.93
CA GLU B 80 -32.74 5.76 11.84
C GLU B 80 -32.27 5.31 13.20
N THR B 81 -31.50 4.23 13.25
CA THR B 81 -30.99 3.71 14.50
C THR B 81 -29.47 3.89 14.57
N SER B 82 -29.00 4.25 15.76
CA SER B 82 -27.58 4.28 16.07
C SER B 82 -27.26 3.00 16.83
N TYR B 83 -26.46 2.14 16.20
CA TYR B 83 -26.09 0.84 16.75
C TYR B 83 -24.63 0.88 17.14
N LEU B 84 -24.34 0.56 18.41
CA LEU B 84 -22.97 0.51 18.90
C LEU B 84 -22.71 -0.86 19.51
N GLN B 85 -21.59 -1.46 19.12
CA GLN B 85 -21.11 -2.75 19.62
C GLN B 85 -20.05 -2.45 20.68
N HIS B 86 -20.50 -2.30 21.92
CA HIS B 86 -19.57 -2.10 23.02
C HIS B 86 -18.98 -3.45 23.42
N GLU B 87 -17.83 -3.38 24.10
CA GLU B 87 -17.04 -4.58 24.39
C GLU B 87 -17.86 -5.61 25.16
N SER B 88 -17.47 -6.88 25.01
CA SER B 88 -18.14 -8.01 25.65
C SER B 88 -19.56 -8.21 25.11
N GLY B 89 -19.79 -7.87 23.85
CA GLY B 89 -21.08 -8.08 23.22
C GLY B 89 -22.20 -7.22 23.77
N ARG B 90 -21.96 -5.93 23.98
CA ARG B 90 -23.00 -5.00 24.40
C ARG B 90 -23.64 -4.39 23.16
N ILE B 91 -24.93 -4.64 22.98
CA ILE B 91 -25.70 -4.04 21.90
C ILE B 91 -26.38 -2.80 22.45
N SER B 92 -25.99 -1.62 21.94
CA SER B 92 -26.65 -0.38 22.34
C SER B 92 -27.25 0.26 21.10
N THR B 93 -28.57 0.15 20.97
CA THR B 93 -29.30 0.68 19.81
C THR B 93 -30.23 1.80 20.28
N LYS B 94 -30.11 2.96 19.64
CA LYS B 94 -30.94 4.11 19.94
C LYS B 94 -31.75 4.47 18.70
N PHE B 95 -33.05 4.63 18.88
CA PHE B 95 -33.95 4.94 17.76
C PHE B 95 -34.18 6.44 17.68
N GLU B 96 -34.10 6.99 16.47
CA GLU B 96 -34.40 8.38 16.22
C GLU B 96 -35.29 8.49 15.00
N PHE B 97 -36.07 9.57 14.94
CA PHE B 97 -37.08 9.74 13.89
C PHE B 97 -36.83 11.04 13.15
N ILE B 98 -36.97 10.98 11.83
CA ILE B 98 -36.69 12.09 10.92
C ILE B 98 -37.94 12.29 10.07
N PRO B 99 -38.26 13.52 9.64
CA PRO B 99 -39.37 13.69 8.71
C PRO B 99 -39.14 12.92 7.42
N SER B 100 -40.20 12.30 6.92
CA SER B 100 -40.09 11.53 5.69
C SER B 100 -39.85 12.47 4.50
N PRO B 101 -39.16 11.98 3.47
CA PRO B 101 -38.94 12.81 2.28
C PRO B 101 -40.26 13.22 1.66
N GLY B 102 -40.32 14.47 1.20
CA GLY B 102 -41.53 15.02 0.64
C GLY B 102 -41.82 16.43 1.11
N ASN B 103 -43.11 16.76 1.26
CA ASN B 103 -43.55 18.10 1.63
C ASN B 103 -44.18 18.08 3.02
N HIS B 104 -43.84 19.07 3.83
CA HIS B 104 -44.42 19.25 5.15
C HIS B 104 -44.74 20.72 5.36
N PHE B 105 -45.68 20.98 6.26
CA PHE B 105 -46.07 22.34 6.61
C PHE B 105 -45.88 22.53 8.11
N ILE B 106 -45.19 23.60 8.49
CA ILE B 106 -44.92 23.90 9.89
C ILE B 106 -45.45 25.30 10.22
N TRP B 107 -46.08 25.43 11.38
CA TRP B 107 -46.59 26.71 11.85
C TRP B 107 -45.59 27.28 12.86
N TYR B 108 -44.82 28.27 12.45
CA TYR B 108 -43.82 28.88 13.33
C TYR B 108 -43.96 30.38 13.27
N GLN B 109 -43.87 31.02 14.43
CA GLN B 109 -44.07 32.48 14.57
C GLN B 109 -45.47 32.77 14.04
N GLY B 110 -45.65 33.76 13.17
CA GLY B 110 -46.94 34.00 12.55
C GLY B 110 -46.99 33.47 11.13
N LYS B 111 -46.06 32.59 10.79
CA LYS B 111 -45.87 32.13 9.42
C LYS B 111 -46.13 30.63 9.30
N TRP B 112 -46.55 30.23 8.10
CA TRP B 112 -46.66 28.83 7.69
C TRP B 112 -45.53 28.58 6.69
N ILE B 113 -44.62 27.70 7.06
CA ILE B 113 -43.40 27.44 6.27
C ILE B 113 -43.50 26.05 5.65
N ARG B 114 -43.23 25.98 4.35
CA ARG B 114 -43.15 24.70 3.65
C ARG B 114 -41.73 24.14 3.79
N VAL B 115 -41.64 22.85 4.09
CA VAL B 115 -40.37 22.14 4.21
C VAL B 115 -40.36 21.04 3.16
N GLU B 116 -39.37 21.06 2.28
CA GLU B 116 -39.25 20.11 1.20
C GLU B 116 -37.96 19.30 1.40
N ARG B 117 -38.12 18.01 1.67
CA ARG B 117 -36.98 17.10 1.81
C ARG B 117 -36.93 16.23 0.56
N ASN B 118 -36.14 16.66 -0.41
CA ASN B 118 -36.04 15.97 -1.69
C ASN B 118 -34.80 15.08 -1.69
N ARG B 119 -35.01 13.78 -1.83
CA ARG B 119 -33.94 12.80 -1.95
C ARG B 119 -33.82 12.45 -3.43
N ASP B 120 -32.84 13.03 -4.10
CA ASP B 120 -32.76 12.95 -5.56
C ASP B 120 -32.36 11.55 -6.00
N MET B 121 -33.19 10.97 -6.87
CA MET B 121 -32.95 9.63 -7.42
C MET B 121 -32.21 9.72 -8.75
N GLN B 122 -31.07 10.42 -8.74
CA GLN B 122 -30.23 10.50 -9.92
C GLN B 122 -28.82 9.99 -9.69
N MET B 123 -28.16 10.40 -8.61
CA MET B 123 -26.76 10.04 -8.40
C MET B 123 -26.50 9.84 -6.91
N VAL B 124 -25.36 9.22 -6.62
CA VAL B 124 -24.95 8.87 -5.26
C VAL B 124 -23.71 9.68 -4.90
N ASP B 125 -23.68 10.19 -3.68
CA ASP B 125 -22.52 10.91 -3.19
C ASP B 125 -21.30 10.00 -3.14
N LEU B 126 -20.17 10.48 -3.67
CA LEU B 126 -18.95 9.67 -3.68
C LEU B 126 -18.35 9.57 -2.29
N GLN B 127 -18.34 10.68 -1.54
CA GLN B 127 -17.67 10.69 -0.24
C GLN B 127 -18.35 9.76 0.76
N THR B 128 -19.68 9.77 0.80
CA THR B 128 -20.43 9.01 1.79
C THR B 128 -20.99 7.69 1.24
N GLY B 129 -21.53 7.71 0.02
CA GLY B 129 -22.15 6.52 -0.53
C GLY B 129 -23.66 6.54 -0.36
N THR B 130 -24.24 7.73 -0.44
CA THR B 130 -25.68 7.92 -0.32
C THR B 130 -26.19 8.74 -1.50
N PRO B 131 -27.43 8.52 -1.91
CA PRO B 131 -28.00 9.35 -2.99
C PRO B 131 -28.07 10.81 -2.58
N TRP B 132 -27.97 11.69 -3.58
CA TRP B 132 -27.95 13.12 -3.31
C TRP B 132 -29.24 13.56 -2.61
N GLU B 133 -29.08 14.31 -1.52
CA GLU B 133 -30.21 14.78 -0.74
C GLU B 133 -30.00 16.25 -0.37
N SER B 134 -31.11 16.93 -0.10
CA SER B 134 -31.09 18.31 0.36
C SER B 134 -32.42 18.61 1.03
N VAL B 135 -32.43 19.68 1.83
CA VAL B 135 -33.65 20.13 2.50
C VAL B 135 -33.82 21.62 2.22
N THR B 136 -35.07 22.05 2.11
CA THR B 136 -35.39 23.44 1.79
C THR B 136 -36.49 23.95 2.71
N PHE B 137 -36.27 25.15 3.25
CA PHE B 137 -37.27 25.88 4.01
C PHE B 137 -37.79 27.03 3.15
N THR B 138 -39.11 27.12 3.02
CA THR B 138 -39.74 28.00 2.04
C THR B 138 -40.82 28.81 2.75
N ALA B 139 -40.67 30.14 2.75
CA ALA B 139 -41.53 30.99 3.56
C ALA B 139 -41.91 32.25 2.81
N LEU B 140 -43.04 32.83 3.21
CA LEU B 140 -43.58 34.03 2.59
C LEU B 140 -43.16 35.25 3.40
N GLY B 141 -42.64 36.27 2.73
CA GLY B 141 -42.23 37.49 3.39
C GLY B 141 -40.84 37.93 3.01
N THR B 142 -40.36 39.01 3.64
CA THR B 142 -38.99 39.52 3.42
C THR B 142 -38.24 39.61 4.74
N ASP B 143 -38.51 38.67 5.65
CA ASP B 143 -37.90 38.64 6.98
C ASP B 143 -36.98 37.43 7.09
N ARG B 144 -35.72 37.61 6.68
CA ARG B 144 -34.74 36.53 6.76
C ARG B 144 -34.36 36.18 8.20
N LYS B 145 -34.71 37.02 9.18
CA LYS B 145 -34.33 36.76 10.57
C LYS B 145 -34.95 35.48 11.12
N VAL B 146 -36.10 35.05 10.58
CA VAL B 146 -36.73 33.81 11.04
C VAL B 146 -35.81 32.62 10.78
N PHE B 147 -35.24 32.57 9.57
CA PHE B 147 -34.31 31.48 9.24
C PHE B 147 -33.08 31.53 10.13
N PHE B 148 -32.56 32.74 10.41
CA PHE B 148 -31.40 32.86 11.28
C PHE B 148 -31.71 32.35 12.68
N ASN B 149 -32.86 32.71 13.22
CA ASN B 149 -33.24 32.24 14.55
C ASN B 149 -33.43 30.73 14.58
N ILE B 150 -34.07 30.18 13.54
CA ILE B 150 -34.25 28.72 13.49
C ILE B 150 -32.91 28.02 13.44
N LEU B 151 -31.98 28.53 12.62
CA LEU B 151 -30.67 27.92 12.49
C LEU B 151 -29.88 28.01 13.80
N GLU B 152 -29.95 29.16 14.48
CA GLU B 152 -29.26 29.29 15.77
C GLU B 152 -29.85 28.34 16.81
N GLU B 153 -31.18 28.21 16.84
CA GLU B 153 -31.80 27.28 17.76
C GLU B 153 -31.39 25.84 17.46
N ALA B 154 -31.32 25.49 16.17
CA ALA B 154 -30.87 24.16 15.79
C ALA B 154 -29.43 23.91 16.23
N ARG B 155 -28.56 24.91 16.05
CA ARG B 155 -27.18 24.77 16.51
C ARG B 155 -27.12 24.56 18.01
N ALA B 156 -27.89 25.35 18.77
CA ALA B 156 -27.88 25.21 20.21
C ALA B 156 -28.38 23.84 20.65
N LEU B 157 -29.45 23.36 20.01
CA LEU B 157 -29.99 22.04 20.35
C LEU B 157 -29.00 20.94 20.02
N ALA B 158 -28.31 21.06 18.88
CA ALA B 158 -27.31 20.06 18.52
C ALA B 158 -26.13 20.08 19.47
N LEU B 159 -25.72 21.27 19.93
CA LEU B 159 -24.56 21.38 20.80
C LEU B 159 -24.86 20.96 22.24
N GLN B 160 -26.10 21.14 22.70
CA GLN B 160 -26.38 20.91 24.11
C GLN B 160 -26.25 19.45 24.53
N GLN B 161 -26.31 18.50 23.60
CA GLN B 161 -26.21 17.09 23.98
C GLN B 161 -24.79 16.72 24.41
N GLU B 162 -23.77 17.29 23.77
CA GLU B 162 -22.40 16.92 24.05
C GLU B 162 -21.98 17.37 25.45
N GLU B 163 -21.15 16.55 26.10
CA GLU B 163 -20.61 16.85 27.41
C GLU B 163 -19.10 17.06 27.30
N GLY B 164 -18.61 18.16 27.86
CA GLY B 164 -17.20 18.45 27.78
C GLY B 164 -16.35 17.43 28.52
N LYS B 165 -15.18 17.16 27.98
CA LYS B 165 -14.25 16.19 28.54
C LYS B 165 -12.84 16.77 28.55
N THR B 166 -12.02 16.28 29.48
CA THR B 166 -10.62 16.69 29.60
C THR B 166 -9.74 15.52 29.20
N VAL B 167 -8.78 15.78 28.31
CA VAL B 167 -7.91 14.75 27.77
C VAL B 167 -6.56 14.81 28.48
N MET B 168 -6.14 13.68 29.05
CA MET B 168 -4.88 13.58 29.76
C MET B 168 -3.74 13.36 28.78
N TYR B 169 -2.59 13.96 29.07
CA TYR B 169 -1.41 13.86 28.23
C TYR B 169 -0.19 13.50 29.06
N THR B 170 0.60 12.57 28.54
CA THR B 170 1.85 12.15 29.17
C THR B 170 3.02 12.51 28.26
N ALA B 171 4.24 12.35 28.79
CA ALA B 171 5.45 12.64 28.05
C ALA B 171 6.34 11.41 28.07
N VAL B 172 6.70 10.92 26.87
CA VAL B 172 7.64 9.81 26.73
C VAL B 172 8.74 10.26 25.78
N GLY B 173 9.99 10.02 26.17
CA GLY B 173 11.12 10.51 25.41
C GLY B 173 11.09 12.02 25.27
N SER B 174 10.78 12.50 24.08
CA SER B 174 10.59 13.93 23.83
C SER B 174 9.29 14.16 23.07
N GLU B 175 8.25 13.40 23.43
CA GLU B 175 6.98 13.46 22.72
C GLU B 175 5.82 13.44 23.72
N TRP B 176 4.83 14.28 23.46
CA TRP B 176 3.59 14.27 24.21
C TRP B 176 2.61 13.30 23.57
N ARG B 177 1.97 12.46 24.40
CA ARG B 177 1.07 11.43 23.94
C ARG B 177 -0.26 11.53 24.68
N THR B 178 -1.34 11.21 23.97
CA THR B 178 -2.67 11.14 24.57
C THR B 178 -2.74 9.86 25.40
N PHE B 179 -2.55 10.00 26.70
CA PHE B 179 -2.47 8.87 27.61
C PHE B 179 -3.82 8.66 28.28
N GLY B 180 -4.34 7.45 28.21
CA GLY B 180 -5.61 7.11 28.82
C GLY B 180 -6.80 7.47 27.97
N TYR B 181 -7.86 7.95 28.61
CA TYR B 181 -9.11 8.30 27.97
C TYR B 181 -9.57 9.66 28.48
N PRO B 182 -10.43 10.35 27.73
CA PRO B 182 -10.93 11.66 28.20
C PRO B 182 -11.58 11.54 29.57
N ARG B 183 -11.28 12.52 30.42
CA ARG B 183 -11.73 12.51 31.81
C ARG B 183 -12.87 13.50 31.99
N ARG B 184 -13.87 13.10 32.78
CA ARG B 184 -14.97 13.99 33.12
C ARG B 184 -14.42 15.21 33.87
N ARG B 185 -14.91 16.39 33.51
CA ARG B 185 -14.44 17.62 34.11
C ARG B 185 -14.89 17.70 35.56
N ARG B 186 -13.92 17.88 36.46
CA ARG B 186 -14.24 17.94 37.88
C ARG B 186 -14.78 19.33 38.23
N PRO B 187 -15.94 19.42 38.87
CA PRO B 187 -16.50 20.74 39.22
C PRO B 187 -15.58 21.50 40.16
N LEU B 188 -15.57 22.83 40.00
CA LEU B 188 -14.69 23.67 40.81
C LEU B 188 -15.05 23.61 42.28
N ASP B 189 -16.35 23.63 42.60
CA ASP B 189 -16.79 23.62 43.99
C ASP B 189 -16.48 22.31 44.70
N SER B 190 -16.16 21.25 43.95
CA SER B 190 -15.80 19.98 44.58
C SER B 190 -14.50 20.10 45.38
N VAL B 191 -13.61 21.00 44.96
CA VAL B 191 -12.35 21.24 45.65
C VAL B 191 -12.39 22.62 46.29
N VAL B 192 -12.11 22.69 47.59
CA VAL B 192 -12.08 23.95 48.32
C VAL B 192 -10.68 24.10 48.92
N LEU B 193 -10.10 25.28 48.76
CA LEU B 193 -8.77 25.58 49.26
C LEU B 193 -8.76 26.69 50.29
N GLN B 194 -9.37 27.83 49.98
CA GLN B 194 -9.40 28.97 50.89
C GLN B 194 -10.62 29.81 50.54
N GLN B 195 -10.77 30.95 51.24
CA GLN B 195 -11.93 31.81 51.01
C GLN B 195 -11.93 32.37 49.60
N GLY B 196 -10.79 32.86 49.12
CA GLY B 196 -10.74 33.45 47.80
C GLY B 196 -9.46 33.19 47.03
N LEU B 197 -8.60 32.32 47.55
CA LEU B 197 -7.34 32.03 46.87
C LEU B 197 -7.59 31.41 45.50
N ALA B 198 -8.49 30.43 45.45
CA ALA B 198 -8.85 29.83 44.16
C ALA B 198 -9.50 30.86 43.25
N ASP B 199 -10.33 31.74 43.81
CA ASP B 199 -10.95 32.79 43.01
C ASP B 199 -9.89 33.73 42.44
N ARG B 200 -8.89 34.11 43.25
CA ARG B 200 -7.83 34.97 42.74
C ARG B 200 -7.03 34.27 41.64
N ILE B 201 -6.73 32.99 41.82
CA ILE B 201 -5.98 32.26 40.80
C ILE B 201 -6.76 32.18 39.51
N VAL B 202 -8.06 31.89 39.60
CA VAL B 202 -8.91 31.81 38.41
C VAL B 202 -8.97 33.17 37.72
N LYS B 203 -9.14 34.24 38.49
CA LYS B 203 -9.23 35.57 37.90
C LYS B 203 -7.92 35.94 37.19
N ASP B 204 -6.79 35.65 37.82
CA ASP B 204 -5.50 35.96 37.19
C ASP B 204 -5.29 35.15 35.93
N ILE B 205 -5.66 33.86 35.96
CA ILE B 205 -5.52 33.02 34.78
C ILE B 205 -6.38 33.53 33.64
N ARG B 206 -7.63 33.88 33.93
CA ARG B 206 -8.51 34.42 32.91
C ARG B 206 -7.98 35.74 32.35
N GLU B 207 -7.47 36.62 33.23
CA GLU B 207 -6.94 37.89 32.77
C GLU B 207 -5.74 37.69 31.86
N PHE B 208 -4.87 36.73 32.19
CA PHE B 208 -3.74 36.44 31.31
C PHE B 208 -4.21 35.84 29.99
N ILE B 209 -5.22 34.97 30.04
CA ILE B 209 -5.63 34.25 28.83
C ILE B 209 -6.33 35.18 27.84
N ASP B 210 -7.23 36.04 28.33
CA ASP B 210 -8.06 36.83 27.43
C ASP B 210 -7.39 38.11 26.95
N ASN B 211 -6.14 38.35 27.30
CA ASN B 211 -5.41 39.56 26.90
C ASN B 211 -4.07 39.18 26.28
N PRO B 212 -4.07 38.66 25.05
CA PRO B 212 -2.81 38.41 24.35
C PRO B 212 -2.29 39.66 23.66
N LYS B 213 -3.20 40.57 23.32
CA LYS B 213 -2.81 41.81 22.65
C LYS B 213 -1.91 42.65 23.55
N TRP B 214 -2.22 42.71 24.84
CA TRP B 214 -1.40 43.47 25.79
C TRP B 214 0.03 42.93 25.81
N TYR B 215 0.18 41.61 25.78
CA TYR B 215 1.52 41.02 25.83
C TYR B 215 2.25 41.21 24.51
N ILE B 216 1.58 41.00 23.38
CA ILE B 216 2.28 41.10 22.09
C ILE B 216 2.64 42.55 21.76
N ASP B 217 1.83 43.51 22.20
CA ASP B 217 2.14 44.92 21.92
C ASP B 217 3.43 45.35 22.59
N ARG B 218 3.67 44.89 23.81
CA ARG B 218 4.87 45.25 24.56
C ARG B 218 6.06 44.36 24.23
N GLY B 219 5.89 43.37 23.36
CA GLY B 219 6.99 42.49 23.00
C GLY B 219 7.50 41.62 24.12
N ILE B 220 6.60 41.04 24.90
CA ILE B 220 6.97 40.17 26.01
C ILE B 220 6.46 38.76 25.68
N PRO B 221 7.22 37.71 26.00
CA PRO B 221 6.74 36.35 25.75
C PRO B 221 5.43 36.07 26.48
N TYR B 222 4.56 35.30 25.83
CA TYR B 222 3.23 34.98 26.36
C TYR B 222 3.29 33.67 27.15
N ARG B 223 3.98 33.74 28.28
CA ARG B 223 4.16 32.59 29.16
C ARG B 223 3.88 32.99 30.60
N ARG B 224 3.43 32.02 31.39
CA ARG B 224 3.17 32.24 32.81
C ARG B 224 3.53 31.00 33.60
N GLY B 225 3.92 31.24 34.85
CA GLY B 225 4.24 30.16 35.76
C GLY B 225 3.63 30.39 37.11
N TYR B 226 3.19 29.30 37.74
CA TYR B 226 2.57 29.33 39.05
C TYR B 226 3.21 28.28 39.95
N LEU B 227 3.24 28.56 41.25
CA LEU B 227 3.86 27.67 42.23
C LEU B 227 2.88 27.39 43.35
N LEU B 228 2.70 26.11 43.67
CA LEU B 228 1.84 25.67 44.77
C LEU B 228 2.67 24.73 45.64
N TYR B 229 3.16 25.24 46.77
CA TYR B 229 3.90 24.43 47.73
C TYR B 229 3.04 24.27 48.98
N GLY B 230 2.97 23.05 49.49
CA GLY B 230 2.15 22.77 50.65
C GLY B 230 2.26 21.35 51.15
N PRO B 231 1.65 21.09 52.31
CA PRO B 231 1.75 19.75 52.89
C PRO B 231 1.08 18.73 51.99
N PRO B 232 1.57 17.50 51.98
CA PRO B 232 0.93 16.46 51.16
C PRO B 232 -0.46 16.14 51.64
N GLY B 233 -1.30 15.70 50.70
CA GLY B 233 -2.69 15.43 51.00
C GLY B 233 -3.61 16.62 50.89
N CYS B 234 -3.12 17.75 50.37
CA CYS B 234 -3.93 18.94 50.18
C CYS B 234 -4.72 18.92 48.88
N GLY B 235 -4.56 17.88 48.06
CA GLY B 235 -5.27 17.80 46.80
C GLY B 235 -4.86 18.85 45.79
N LYS B 236 -3.57 19.18 45.72
CA LYS B 236 -3.12 20.17 44.76
C LYS B 236 -3.33 19.69 43.32
N SER B 237 -3.00 18.42 43.05
CA SER B 237 -3.20 17.89 41.70
C SER B 237 -4.68 17.85 41.33
N SER B 238 -5.54 17.48 42.28
CA SER B 238 -6.97 17.48 42.02
C SER B 238 -7.48 18.88 41.73
N PHE B 239 -6.98 19.88 42.47
CA PHE B 239 -7.38 21.25 42.22
C PHE B 239 -6.88 21.72 40.86
N ILE B 240 -5.68 21.29 40.46
CA ILE B 240 -5.16 21.64 39.13
C ILE B 240 -6.05 21.06 38.04
N THR B 241 -6.43 19.78 38.19
CA THR B 241 -7.31 19.17 37.22
C THR B 241 -8.67 19.85 37.18
N ALA B 242 -9.20 20.23 38.35
CA ALA B 242 -10.49 20.90 38.40
C ALA B 242 -10.44 22.26 37.72
N LEU B 243 -9.38 23.04 37.95
CA LEU B 243 -9.28 24.35 37.29
C LEU B 243 -9.04 24.19 35.80
N ALA B 244 -8.31 23.16 35.40
CA ALA B 244 -8.15 22.88 33.97
C ALA B 244 -9.49 22.54 33.32
N GLY B 245 -10.32 21.76 34.02
CA GLY B 245 -11.64 21.45 33.50
C GLY B 245 -12.54 22.67 33.42
N GLU B 246 -12.51 23.51 34.46
CA GLU B 246 -13.33 24.73 34.44
C GLU B 246 -12.88 25.67 33.33
N LEU B 247 -11.57 25.85 33.18
CA LEU B 247 -11.04 26.61 32.05
C LEU B 247 -11.16 25.84 30.74
N GLU B 248 -11.53 24.57 30.79
CA GLU B 248 -11.67 23.69 29.64
C GLU B 248 -10.34 23.41 28.95
N HIS B 249 -9.24 23.93 29.48
CA HIS B 249 -7.93 23.72 28.91
C HIS B 249 -7.44 22.30 29.19
N SER B 250 -6.54 21.83 28.33
CA SER B 250 -5.94 20.52 28.51
C SER B 250 -4.79 20.60 29.52
N ILE B 251 -4.50 19.46 30.13
CA ILE B 251 -3.45 19.34 31.13
C ILE B 251 -2.46 18.28 30.68
N CYS B 252 -1.17 18.55 30.90
CA CYS B 252 -0.10 17.60 30.60
C CYS B 252 0.78 17.50 31.84
N LEU B 253 0.74 16.34 32.50
CA LEU B 253 1.51 16.13 33.71
C LEU B 253 2.88 15.54 33.38
N LEU B 254 3.87 15.89 34.21
CA LEU B 254 5.20 15.31 34.09
C LEU B 254 5.83 15.22 35.47
N SER B 255 6.56 14.14 35.70
CA SER B 255 7.31 13.92 36.95
C SER B 255 8.77 14.19 36.65
N LEU B 256 9.23 15.41 36.95
CA LEU B 256 10.63 15.75 36.74
C LEU B 256 11.56 15.09 37.73
N THR B 257 11.05 14.57 38.84
CA THR B 257 11.90 13.91 39.83
C THR B 257 12.50 12.61 39.28
N ASP B 258 11.93 12.06 38.22
CA ASP B 258 12.51 10.87 37.59
C ASP B 258 13.76 11.26 36.80
N SER B 259 14.68 10.32 36.71
CA SER B 259 15.93 10.53 35.98
C SER B 259 15.86 10.07 34.54
N SER B 260 14.69 9.60 34.08
CA SER B 260 14.57 9.14 32.70
C SER B 260 14.78 10.29 31.72
N LEU B 261 14.21 11.45 32.01
CA LEU B 261 14.34 12.61 31.14
C LEU B 261 15.56 13.43 31.53
N SER B 262 16.10 14.17 30.55
CA SER B 262 17.25 15.03 30.75
C SER B 262 16.83 16.49 30.65
N ASP B 263 17.80 17.38 30.83
CA ASP B 263 17.53 18.81 30.72
C ASP B 263 17.10 19.17 29.31
N ASP B 264 17.81 18.66 28.30
CA ASP B 264 17.46 18.94 26.91
C ASP B 264 16.13 18.31 26.53
N ARG B 265 15.86 17.09 27.02
CA ARG B 265 14.56 16.47 26.80
C ARG B 265 13.45 17.29 27.43
N LEU B 266 13.69 17.81 28.64
CA LEU B 266 12.72 18.68 29.28
C LEU B 266 12.47 19.93 28.46
N ASN B 267 13.55 20.52 27.90
CA ASN B 267 13.41 21.70 27.07
C ASN B 267 12.57 21.40 25.83
N HIS B 268 12.84 20.28 25.16
CA HIS B 268 12.07 19.92 23.98
C HIS B 268 10.59 19.74 24.33
N LEU B 269 10.31 18.95 25.38
CA LEU B 269 8.91 18.65 25.70
C LEU B 269 8.18 19.91 26.18
N LEU B 270 8.86 20.80 26.88
CA LEU B 270 8.26 22.08 27.24
C LEU B 270 7.95 22.90 25.99
N SER B 271 8.87 22.90 25.03
CA SER B 271 8.68 23.68 23.81
C SER B 271 7.67 23.06 22.85
N VAL B 272 7.54 21.72 22.85
CA VAL B 272 6.65 21.05 21.92
C VAL B 272 5.27 20.80 22.55
N ALA B 273 4.99 21.44 23.67
CA ALA B 273 3.70 21.25 24.33
C ALA B 273 2.58 21.77 23.42
N PRO B 274 1.44 21.08 23.36
CA PRO B 274 0.37 21.49 22.45
C PRO B 274 -0.25 22.82 22.86
N GLN B 275 -1.12 23.32 21.99
CA GLN B 275 -1.81 24.58 22.25
C GLN B 275 -2.73 24.45 23.46
N GLN B 276 -2.94 25.58 24.15
CA GLN B 276 -3.79 25.70 25.33
C GLN B 276 -3.62 24.52 26.29
N SER B 277 -2.39 24.03 26.43
CA SER B 277 -2.09 22.86 27.25
C SER B 277 -1.26 23.33 28.46
N LEU B 278 -1.92 23.44 29.61
CA LEU B 278 -1.20 23.74 30.84
C LEU B 278 -0.31 22.56 31.22
N VAL B 279 0.95 22.83 31.51
CA VAL B 279 1.91 21.78 31.83
C VAL B 279 2.18 21.81 33.33
N LEU B 280 2.01 20.65 33.96
CA LEU B 280 2.14 20.50 35.41
C LEU B 280 3.37 19.67 35.74
N LEU B 281 4.13 20.13 36.73
CA LEU B 281 5.33 19.44 37.19
C LEU B 281 5.29 19.33 38.70
N GLU B 282 5.94 18.29 39.23
CA GLU B 282 5.89 17.99 40.66
C GLU B 282 7.28 17.64 41.17
N ASP B 283 7.45 17.80 42.49
CA ASP B 283 8.66 17.41 43.21
C ASP B 283 9.90 18.15 42.69
N VAL B 284 9.85 19.48 42.83
CA VAL B 284 11.02 20.30 42.50
C VAL B 284 12.14 20.09 43.51
N ASP B 285 11.80 19.69 44.74
CA ASP B 285 12.80 19.58 45.79
C ASP B 285 13.85 18.53 45.45
N ALA B 286 13.43 17.37 44.95
CA ALA B 286 14.37 16.29 44.68
C ALA B 286 15.36 16.67 43.59
N ALA B 287 14.85 17.21 42.47
CA ALA B 287 15.73 17.56 41.36
C ALA B 287 16.60 18.76 41.69
N PHE B 288 16.04 19.77 42.36
CA PHE B 288 16.80 20.96 42.70
C PHE B 288 17.87 20.65 43.73
N LEU B 289 17.63 19.70 44.63
CA LEU B 289 18.65 19.27 45.57
C LEU B 289 19.83 18.64 44.85
N SER B 290 19.56 17.84 43.81
CA SER B 290 20.61 17.20 43.03
C SER B 290 21.21 18.17 42.02
N ARG B 306 20.68 14.48 33.21
CA ARG B 306 19.34 14.18 33.71
C ARG B 306 18.95 15.13 34.83
N LEU B 307 19.40 14.82 36.05
CA LEU B 307 19.09 15.65 37.20
C LEU B 307 19.78 17.00 37.09
N THR B 308 19.04 18.06 37.39
CA THR B 308 19.59 19.41 37.34
C THR B 308 18.76 20.32 38.22
N PHE B 309 19.34 21.45 38.60
CA PHE B 309 18.65 22.47 39.39
C PHE B 309 18.51 23.79 38.66
N SER B 310 19.53 24.21 37.93
CA SER B 310 19.43 25.41 37.09
C SER B 310 19.06 25.08 35.65
N GLY B 311 19.20 23.83 35.23
CA GLY B 311 18.80 23.46 33.88
C GLY B 311 17.31 23.61 33.66
N LEU B 312 16.50 23.28 34.66
CA LEU B 312 15.06 23.42 34.53
C LEU B 312 14.65 24.89 34.34
N LEU B 313 15.26 25.78 35.11
CA LEU B 313 14.94 27.20 34.97
C LEU B 313 15.49 27.77 33.67
N ASN B 314 16.65 27.29 33.21
CA ASN B 314 17.16 27.71 31.91
C ASN B 314 16.21 27.27 30.79
N ALA B 315 15.71 26.04 30.86
CA ALA B 315 14.74 25.56 29.87
C ALA B 315 13.45 26.36 29.93
N LEU B 316 13.01 26.70 31.15
CA LEU B 316 11.80 27.51 31.29
C LEU B 316 11.98 28.90 30.69
N ASP B 317 13.18 29.48 30.84
CA ASP B 317 13.47 30.80 30.28
C ASP B 317 13.75 30.77 28.79
N GLY B 318 13.76 29.59 28.17
CA GLY B 318 14.05 29.52 26.75
C GLY B 318 13.00 30.26 25.93
N VAL B 319 13.46 30.86 24.82
CA VAL B 319 12.56 31.62 23.97
C VAL B 319 11.54 30.71 23.31
N ALA B 320 11.96 29.51 22.89
CA ALA B 320 11.07 28.55 22.26
C ALA B 320 9.89 28.20 23.17
N SER B 321 8.68 28.57 22.77
CA SER B 321 7.50 28.38 23.58
C SER B 321 6.32 28.08 22.66
N THR B 322 5.12 28.13 23.22
CA THR B 322 3.89 27.92 22.48
C THR B 322 2.88 28.99 22.89
N GLU B 323 1.77 29.05 22.14
CA GLU B 323 0.70 29.99 22.46
C GLU B 323 0.06 29.61 23.79
N ALA B 324 -0.01 30.58 24.70
CA ALA B 324 -0.55 30.38 26.06
C ALA B 324 0.19 29.25 26.78
N ARG B 325 1.47 29.49 27.02
CA ARG B 325 2.33 28.53 27.73
C ARG B 325 2.21 28.79 29.22
N ILE B 326 1.37 28.01 29.90
CA ILE B 326 1.18 28.11 31.34
C ILE B 326 1.78 26.87 31.99
N VAL B 327 2.66 27.08 32.96
CA VAL B 327 3.29 26.00 33.71
C VAL B 327 2.92 26.13 35.18
N PHE B 328 2.56 25.02 35.80
CA PHE B 328 2.28 24.95 37.22
C PHE B 328 3.25 23.99 37.88
N MET B 329 3.72 24.35 39.07
CA MET B 329 4.71 23.57 39.79
C MET B 329 4.17 23.29 41.19
N THR B 330 3.89 22.02 41.48
CA THR B 330 3.36 21.61 42.78
C THR B 330 4.44 20.88 43.56
N THR B 331 4.56 21.21 44.84
CA THR B 331 5.62 20.62 45.65
C THR B 331 5.23 20.67 47.12
N ASN B 332 5.99 19.93 47.93
CA ASN B 332 5.71 19.85 49.36
C ASN B 332 6.16 21.10 50.10
N TYR B 333 7.32 21.66 49.73
CA TYR B 333 7.87 22.79 50.48
C TYR B 333 8.72 23.64 49.54
N ILE B 334 9.04 24.84 50.02
CA ILE B 334 9.80 25.83 49.27
C ILE B 334 11.21 26.02 49.84
N ASP B 335 11.57 25.31 50.90
CA ASP B 335 12.85 25.55 51.56
C ASP B 335 14.03 25.27 50.64
N ARG B 336 13.97 24.18 49.87
CA ARG B 336 15.09 23.81 49.02
C ARG B 336 15.25 24.73 47.82
N LEU B 337 14.28 25.59 47.54
CA LEU B 337 14.30 26.40 46.34
C LEU B 337 14.99 27.74 46.59
N ASP B 338 15.04 28.56 45.55
CA ASP B 338 15.72 29.85 45.57
C ASP B 338 14.79 30.94 45.06
N PRO B 339 15.01 32.18 45.50
CA PRO B 339 14.19 33.29 44.98
C PRO B 339 14.36 33.53 43.50
N ALA B 340 15.45 33.06 42.89
CA ALA B 340 15.64 33.26 41.45
C ALA B 340 14.55 32.58 40.63
N LEU B 341 14.04 31.44 41.13
CA LEU B 341 12.98 30.74 40.43
C LEU B 341 11.68 31.55 40.42
N ILE B 342 11.40 32.28 41.50
CA ILE B 342 10.21 33.13 41.58
C ILE B 342 10.63 34.50 41.07
N ARG B 343 10.39 34.74 39.78
CA ARG B 343 10.85 35.94 39.10
C ARG B 343 9.98 36.18 37.89
N PRO B 344 9.95 37.40 37.37
CA PRO B 344 9.29 37.63 36.07
C PRO B 344 9.94 36.79 34.97
N GLY B 345 9.11 36.35 34.03
CA GLY B 345 9.52 35.34 33.09
C GLY B 345 9.51 33.94 33.64
N ARG B 346 9.00 33.78 34.86
CA ARG B 346 8.98 32.52 35.61
C ARG B 346 7.71 32.54 36.45
N VAL B 347 7.69 31.74 37.52
CA VAL B 347 6.58 31.77 38.48
C VAL B 347 6.34 33.22 38.90
N ASP B 348 5.12 33.70 38.66
CA ASP B 348 4.80 35.11 38.84
C ASP B 348 4.46 35.46 40.29
N LEU B 349 3.43 34.81 40.84
CA LEU B 349 3.08 34.99 42.25
C LEU B 349 3.03 33.63 42.93
N LYS B 350 3.46 33.61 44.20
CA LYS B 350 3.51 32.37 44.97
C LYS B 350 2.26 32.25 45.82
N GLU B 351 1.65 31.07 45.79
CA GLU B 351 0.48 30.76 46.59
C GLU B 351 0.74 29.50 47.41
N TYR B 352 0.35 29.54 48.68
CA TYR B 352 0.56 28.43 49.61
C TYR B 352 -0.78 27.84 50.00
N VAL B 353 -0.91 26.53 49.88
CA VAL B 353 -2.11 25.81 50.31
C VAL B 353 -1.96 25.43 51.77
N GLY B 354 -2.97 25.76 52.57
CA GLY B 354 -2.93 25.48 53.99
C GLY B 354 -3.78 24.28 54.38
N TYR B 355 -3.88 24.08 55.70
CA TYR B 355 -4.68 23.00 56.24
C TYR B 355 -6.14 23.40 56.28
N CYS B 356 -6.98 22.50 56.80
CA CYS B 356 -8.41 22.76 56.86
C CYS B 356 -8.73 23.86 57.87
N SER B 357 -9.56 24.81 57.45
CA SER B 357 -10.04 25.87 58.33
C SER B 357 -11.49 25.61 58.69
N HIS B 358 -12.00 26.40 59.64
CA HIS B 358 -13.38 26.24 60.07
C HIS B 358 -14.33 26.46 58.90
N TRP B 359 -14.09 27.51 58.11
CA TRP B 359 -14.87 27.74 56.89
C TRP B 359 -14.68 26.59 55.91
N GLN B 360 -13.43 26.15 55.72
CA GLN B 360 -13.18 25.02 54.84
C GLN B 360 -13.87 23.75 55.34
N LEU B 361 -13.80 23.49 56.65
CA LEU B 361 -14.41 22.30 57.21
C LEU B 361 -15.93 22.32 57.04
N THR B 362 -16.57 23.46 57.32
CA THR B 362 -18.01 23.51 57.16
C THR B 362 -18.42 23.45 55.70
N GLN B 363 -17.63 24.03 54.79
CA GLN B 363 -17.94 23.94 53.37
C GLN B 363 -17.84 22.51 52.87
N MET B 364 -16.79 21.77 53.27
CA MET B 364 -16.68 20.40 52.82
C MET B 364 -17.71 19.50 53.48
N PHE B 365 -18.10 19.80 54.73
CA PHE B 365 -19.19 19.06 55.36
C PHE B 365 -20.51 19.28 54.62
N GLN B 366 -20.79 20.53 54.23
CA GLN B 366 -22.00 20.81 53.46
C GLN B 366 -21.96 20.14 52.09
N ARG B 367 -20.79 20.14 51.45
CA ARG B 367 -20.67 19.48 50.15
C ARG B 367 -20.90 17.99 50.26
N PHE B 368 -20.34 17.35 51.30
CA PHE B 368 -20.54 15.92 51.48
C PHE B 368 -22.00 15.60 51.84
N TYR B 369 -22.56 16.35 52.78
CA TYR B 369 -23.90 16.07 53.29
C TYR B 369 -24.89 17.08 52.73
N PRO B 370 -25.78 16.69 51.83
CA PRO B 370 -26.67 17.66 51.14
C PRO B 370 -27.86 18.15 51.97
N GLY B 371 -27.56 19.06 52.90
CA GLY B 371 -28.61 19.76 53.62
C GLY B 371 -28.88 19.24 55.03
N GLN B 372 -28.32 19.92 56.02
CA GLN B 372 -28.51 19.59 57.43
C GLN B 372 -28.52 20.89 58.23
N ALA B 373 -28.37 20.76 59.54
CA ALA B 373 -28.29 21.94 60.40
C ALA B 373 -26.92 22.59 60.27
N PRO B 374 -26.84 23.88 59.91
CA PRO B 374 -25.53 24.54 59.86
C PRO B 374 -24.81 24.56 61.21
N SER B 375 -25.57 24.61 62.31
CA SER B 375 -24.94 24.54 63.63
C SER B 375 -24.23 23.22 63.84
N LEU B 376 -24.78 22.13 63.31
CA LEU B 376 -24.10 20.84 63.38
C LEU B 376 -22.75 20.88 62.66
N ALA B 377 -22.72 21.50 61.47
CA ALA B 377 -21.47 21.64 60.74
C ALA B 377 -20.48 22.52 61.49
N GLU B 378 -20.97 23.59 62.11
CA GLU B 378 -20.09 24.47 62.88
C GLU B 378 -19.49 23.71 64.07
N ASN B 379 -20.31 22.92 64.77
CA ASN B 379 -19.81 22.12 65.89
C ASN B 379 -18.82 21.07 65.40
N PHE B 380 -19.07 20.46 64.25
CA PHE B 380 -18.14 19.50 63.66
C PHE B 380 -16.79 20.15 63.39
N ALA B 381 -16.81 21.35 62.78
CA ALA B 381 -15.57 22.05 62.48
C ALA B 381 -14.83 22.44 63.76
N GLU B 382 -15.58 22.91 64.77
CA GLU B 382 -14.94 23.29 66.03
C GLU B 382 -14.30 22.08 66.71
N HIS B 383 -15.00 20.95 66.71
CA HIS B 383 -14.44 19.73 67.31
C HIS B 383 -13.21 19.27 66.55
N VAL B 384 -13.24 19.33 65.22
CA VAL B 384 -12.07 18.93 64.43
C VAL B 384 -10.89 19.84 64.74
N LEU B 385 -11.12 21.16 64.81
CA LEU B 385 -10.04 22.08 65.13
C LEU B 385 -9.49 21.84 66.53
N LYS B 386 -10.37 21.56 67.49
CA LYS B 386 -9.92 21.28 68.85
C LYS B 386 -9.08 20.00 68.89
N ALA B 387 -9.51 18.96 68.18
CA ALA B 387 -8.78 17.69 68.21
C ALA B 387 -7.45 17.81 67.50
N THR B 388 -7.44 18.37 66.29
CA THR B 388 -6.23 18.49 65.49
C THR B 388 -6.16 19.88 64.88
N SER B 389 -4.93 20.38 64.71
CA SER B 389 -4.68 21.67 64.08
C SER B 389 -4.06 21.56 62.70
N GLU B 390 -3.27 20.51 62.45
CA GLU B 390 -2.64 20.28 61.15
C GLU B 390 -3.44 19.29 60.30
N ILE B 391 -4.76 19.25 60.48
CA ILE B 391 -5.59 18.29 59.76
C ILE B 391 -5.60 18.62 58.28
N SER B 392 -5.43 17.59 57.43
CA SER B 392 -5.40 17.76 55.98
C SER B 392 -6.74 17.36 55.37
N PRO B 393 -7.09 17.94 54.22
CA PRO B 393 -8.38 17.57 53.58
C PRO B 393 -8.46 16.11 53.20
N ALA B 394 -7.34 15.46 52.88
CA ALA B 394 -7.36 14.04 52.55
C ALA B 394 -7.81 13.20 53.74
N GLN B 395 -7.32 13.53 54.94
CA GLN B 395 -7.73 12.80 56.13
C GLN B 395 -9.22 12.99 56.40
N VAL B 396 -9.72 14.21 56.23
CA VAL B 396 -11.15 14.47 56.42
C VAL B 396 -11.98 13.69 55.40
N GLN B 397 -11.51 13.66 54.15
CA GLN B 397 -12.23 12.92 53.12
C GLN B 397 -12.27 11.43 53.44
N GLY B 398 -11.14 10.87 53.91
CA GLY B 398 -11.13 9.47 54.30
C GLY B 398 -12.03 9.20 55.49
N TYR B 399 -12.06 10.12 56.46
CA TYR B 399 -12.95 9.98 57.62
C TYR B 399 -14.41 10.00 57.18
N PHE B 400 -14.76 10.87 56.24
CA PHE B 400 -16.13 10.92 55.74
C PHE B 400 -16.47 9.66 54.94
N MET B 401 -15.48 9.10 54.22
CA MET B 401 -15.66 7.80 53.60
C MET B 401 -15.95 6.72 54.64
N LEU B 402 -15.24 6.75 55.77
CA LEU B 402 -15.47 5.75 56.81
C LEU B 402 -16.88 5.82 57.36
N TYR B 403 -17.49 7.01 57.37
CA TYR B 403 -18.82 7.22 57.89
C TYR B 403 -19.79 7.69 56.80
N LYS B 404 -19.74 7.03 55.65
CA LYS B 404 -20.62 7.36 54.53
C LYS B 404 -22.08 7.27 54.94
N ASN B 405 -22.84 8.32 54.61
CA ASN B 405 -24.27 8.42 54.96
C ASN B 405 -24.50 8.29 56.47
N ASP B 406 -23.51 8.68 57.26
CA ASP B 406 -23.59 8.60 58.72
C ASP B 406 -23.13 9.92 59.30
N PRO B 407 -23.96 10.96 59.22
CA PRO B 407 -23.56 12.27 59.75
C PRO B 407 -23.42 12.31 61.26
N MET B 408 -24.44 11.81 61.97
CA MET B 408 -24.41 11.82 63.42
C MET B 408 -23.27 10.97 63.96
N GLY B 409 -23.06 9.78 63.37
CA GLY B 409 -21.96 8.94 63.81
C GLY B 409 -20.61 9.59 63.59
N ALA B 410 -20.43 10.26 62.45
CA ALA B 410 -19.19 10.97 62.20
C ALA B 410 -19.00 12.12 63.19
N VAL B 411 -20.08 12.82 63.52
CA VAL B 411 -20.00 13.91 64.48
C VAL B 411 -19.58 13.39 65.86
N HIS B 412 -20.19 12.28 66.29
CA HIS B 412 -19.88 11.73 67.61
C HIS B 412 -18.53 11.03 67.65
N ASN B 413 -17.93 10.73 66.51
CA ASN B 413 -16.67 10.01 66.45
C ASN B 413 -15.47 10.92 66.20
N ILE B 414 -15.65 12.23 66.31
CA ILE B 414 -14.52 13.15 66.17
C ILE B 414 -13.51 12.91 67.28
N GLU B 415 -13.99 12.72 68.51
CA GLU B 415 -13.10 12.41 69.62
C GLU B 415 -12.37 11.10 69.40
N SER B 416 -12.99 10.16 68.69
CA SER B 416 -12.30 8.92 68.32
C SER B 416 -11.12 9.21 67.41
N LEU B 417 -11.29 10.12 66.46
CA LEU B 417 -10.17 10.51 65.60
C LEU B 417 -9.06 11.16 66.41
N ARG B 418 -9.42 12.03 67.35
CA ARG B 418 -8.47 12.73 68.20
C ARG B 418 -7.42 13.48 67.39
N ALA C 30 -57.13 20.22 -16.60
CA ALA C 30 -56.14 20.73 -15.68
C ALA C 30 -56.73 20.89 -14.28
N MET C 31 -58.01 21.30 -14.23
CA MET C 31 -58.67 21.47 -12.95
C MET C 31 -58.82 20.14 -12.22
N ALA C 32 -59.12 19.07 -12.96
CA ALA C 32 -59.27 17.76 -12.34
C ALA C 32 -57.95 17.29 -11.73
N ARG C 33 -56.83 17.50 -12.43
CA ARG C 33 -55.54 17.09 -11.91
C ARG C 33 -55.20 17.86 -10.64
N LYS C 34 -55.44 19.17 -10.64
CA LYS C 34 -55.16 19.98 -9.45
C LYS C 34 -56.04 19.55 -8.27
N GLY C 35 -57.32 19.30 -8.53
CA GLY C 35 -58.19 18.85 -7.46
C GLY C 35 -57.77 17.50 -6.90
N ALA C 36 -57.39 16.57 -7.78
CA ALA C 36 -56.93 15.27 -7.33
C ALA C 36 -55.64 15.39 -6.52
N GLN C 37 -54.72 16.24 -6.96
CA GLN C 37 -53.47 16.43 -6.22
C GLN C 37 -53.73 17.01 -4.84
N LEU C 38 -54.59 18.03 -4.75
CA LEU C 38 -54.91 18.61 -3.45
C LEU C 38 -55.61 17.60 -2.55
N GLY C 39 -56.56 16.84 -3.09
CA GLY C 39 -57.22 15.82 -2.30
C GLY C 39 -56.26 14.76 -1.79
N LEU C 40 -55.34 14.30 -2.65
CA LEU C 40 -54.39 13.29 -2.25
C LEU C 40 -53.44 13.80 -1.18
N VAL C 41 -52.93 15.03 -1.34
CA VAL C 41 -51.98 15.54 -0.35
C VAL C 41 -52.68 15.78 0.98
N ALA C 42 -53.93 16.26 0.95
CA ALA C 42 -54.69 16.42 2.18
C ALA C 42 -54.95 15.08 2.86
N PHE C 43 -55.31 14.06 2.06
CA PHE C 43 -55.53 12.73 2.60
C PHE C 43 -54.29 12.19 3.28
N ARG C 44 -53.14 12.28 2.60
CA ARG C 44 -51.90 11.79 3.19
C ARG C 44 -51.53 12.56 4.45
N ARG C 45 -51.71 13.89 4.44
CA ARG C 45 -51.26 14.68 5.57
C ARG C 45 -52.17 14.52 6.78
N HIS C 46 -53.46 14.26 6.58
CA HIS C 46 -54.41 14.29 7.69
C HIS C 46 -54.89 12.92 8.16
N TYR C 47 -54.97 11.92 7.26
CA TYR C 47 -55.60 10.66 7.61
C TYR C 47 -54.70 9.44 7.50
N MET C 48 -53.43 9.59 7.14
CA MET C 48 -52.64 8.47 6.66
C MET C 48 -51.29 8.47 7.41
N ILE C 49 -50.78 7.28 7.76
CA ILE C 49 -49.50 7.19 8.44
C ILE C 49 -48.57 6.25 7.69
N THR C 50 -47.28 6.51 7.77
CA THR C 50 -46.29 5.70 7.08
C THR C 50 -44.96 5.77 7.81
N LEU C 51 -44.11 4.79 7.51
CA LEU C 51 -42.77 4.70 8.05
C LEU C 51 -41.85 4.10 6.99
N GLU C 52 -40.61 4.58 6.95
CA GLU C 52 -39.64 4.16 5.94
C GLU C 52 -38.36 3.70 6.61
N VAL C 53 -37.79 2.60 6.10
CA VAL C 53 -36.50 2.10 6.57
C VAL C 53 -35.60 1.88 5.36
N PRO C 54 -34.47 2.55 5.26
CA PRO C 54 -33.54 2.31 4.15
C PRO C 54 -32.77 1.01 4.33
N ALA C 55 -32.22 0.52 3.21
CA ALA C 55 -31.46 -0.72 3.24
C ALA C 55 -30.15 -0.56 4.02
N ARG C 56 -29.59 0.64 4.05
CA ARG C 56 -28.33 0.85 4.77
C ARG C 56 -28.52 0.65 6.27
N ASP C 57 -29.66 1.07 6.81
CA ASP C 57 -29.91 0.94 8.23
C ASP C 57 -30.01 -0.52 8.64
N ARG C 58 -29.47 -0.85 9.81
CA ARG C 58 -29.50 -2.22 10.30
C ARG C 58 -30.91 -2.67 10.66
N SER C 59 -31.84 -1.75 10.88
CA SER C 59 -33.22 -2.12 11.16
C SER C 59 -33.92 -2.75 9.98
N TYR C 60 -33.37 -2.63 8.77
CA TYR C 60 -33.98 -3.23 7.58
C TYR C 60 -34.07 -4.75 7.74
N ALA C 61 -32.95 -5.40 8.06
CA ALA C 61 -32.94 -6.84 8.22
C ALA C 61 -33.80 -7.27 9.40
N TRP C 62 -33.76 -6.52 10.50
CA TRP C 62 -34.57 -6.84 11.66
C TRP C 62 -36.05 -6.83 11.32
N LEU C 63 -36.50 -5.77 10.64
CA LEU C 63 -37.92 -5.67 10.27
C LEU C 63 -38.31 -6.75 9.27
N LEU C 64 -37.42 -7.06 8.31
CA LEU C 64 -37.71 -8.12 7.36
C LEU C 64 -37.89 -9.45 8.06
N SER C 65 -36.97 -9.78 8.99
CA SER C 65 -37.07 -11.04 9.73
C SER C 65 -38.33 -11.07 10.59
N TRP C 66 -38.65 -9.95 11.24
CA TRP C 66 -39.86 -9.90 12.07
C TRP C 66 -41.11 -10.10 11.24
N LEU C 67 -41.18 -9.48 10.07
CA LEU C 67 -42.37 -9.65 9.23
C LEU C 67 -42.44 -11.07 8.67
N THR C 68 -41.29 -11.68 8.38
CA THR C 68 -41.28 -13.08 7.96
C THR C 68 -41.81 -13.99 9.06
N ARG C 69 -41.37 -13.74 10.31
CA ARG C 69 -41.80 -14.58 11.42
C ARG C 69 -43.28 -14.38 11.74
N HIS C 70 -43.74 -13.13 11.71
CA HIS C 70 -45.13 -12.85 12.08
C HIS C 70 -46.12 -13.47 11.11
N SER C 71 -45.84 -13.38 9.81
CA SER C 71 -46.72 -13.92 8.78
C SER C 71 -46.13 -15.24 8.28
N THR C 72 -46.75 -16.35 8.65
CA THR C 72 -46.26 -17.66 8.21
C THR C 72 -46.55 -17.91 6.75
N ARG C 73 -47.70 -17.44 6.26
CA ARG C 73 -48.13 -17.69 4.89
C ARG C 73 -47.75 -16.52 3.99
N THR C 74 -46.45 -16.38 3.78
CA THR C 74 -45.91 -15.40 2.84
C THR C 74 -45.66 -16.10 1.52
N GLN C 75 -46.63 -16.01 0.60
CA GLN C 75 -46.54 -16.75 -0.65
C GLN C 75 -45.39 -16.26 -1.52
N HIS C 76 -45.20 -14.94 -1.60
CA HIS C 76 -44.10 -14.36 -2.36
C HIS C 76 -42.91 -14.11 -1.43
N LEU C 77 -41.77 -14.68 -1.77
CA LEU C 77 -40.60 -14.59 -0.91
C LEU C 77 -39.34 -14.87 -1.72
N SER C 78 -38.20 -14.46 -1.16
CA SER C 78 -36.89 -14.74 -1.68
C SER C 78 -36.05 -15.39 -0.57
N VAL C 79 -34.92 -15.96 -0.96
CA VAL C 79 -34.08 -16.71 -0.02
C VAL C 79 -32.69 -16.09 0.02
N GLU C 80 -32.10 -16.13 1.22
CA GLU C 80 -30.72 -15.71 1.43
C GLU C 80 -30.04 -16.74 2.32
N THR C 81 -28.83 -17.15 1.95
CA THR C 81 -28.10 -18.13 2.72
C THR C 81 -26.88 -17.48 3.38
N SER C 82 -26.63 -17.89 4.62
CA SER C 82 -25.41 -17.52 5.34
C SER C 82 -24.46 -18.71 5.23
N TYR C 83 -23.36 -18.52 4.51
CA TYR C 83 -22.38 -19.57 4.28
C TYR C 83 -21.12 -19.24 5.06
N LEU C 84 -20.67 -20.19 5.88
CA LEU C 84 -19.46 -20.03 6.67
C LEU C 84 -18.52 -21.20 6.39
N GLN C 85 -17.27 -20.86 6.11
CA GLN C 85 -16.19 -21.83 5.86
C GLN C 85 -15.40 -21.96 7.15
N HIS C 86 -15.83 -22.88 8.01
CA HIS C 86 -15.09 -23.15 9.24
C HIS C 86 -13.90 -24.04 8.93
N GLU C 87 -12.92 -24.01 9.84
CA GLU C 87 -11.63 -24.65 9.59
C GLU C 87 -11.80 -26.14 9.28
N SER C 88 -10.83 -26.68 8.54
CA SER C 88 -10.82 -28.08 8.11
C SER C 88 -11.96 -28.38 7.14
N GLY C 89 -12.36 -27.40 6.34
CA GLY C 89 -13.38 -27.61 5.34
C GLY C 89 -14.77 -27.88 5.87
N ARG C 90 -15.20 -27.11 6.88
CA ARG C 90 -16.56 -27.22 7.39
C ARG C 90 -17.45 -26.24 6.64
N ILE C 91 -18.45 -26.77 5.94
CA ILE C 91 -19.44 -25.95 5.26
C ILE C 91 -20.64 -25.81 6.18
N SER C 92 -20.92 -24.59 6.63
CA SER C 92 -22.09 -24.34 7.46
C SER C 92 -22.97 -23.33 6.73
N THR C 93 -24.06 -23.80 6.13
CA THR C 93 -24.98 -22.98 5.37
C THR C 93 -26.33 -22.95 6.06
N LYS C 94 -26.83 -21.75 6.33
CA LYS C 94 -28.13 -21.56 6.97
C LYS C 94 -29.03 -20.80 6.02
N PHE C 95 -30.24 -21.31 5.81
CA PHE C 95 -31.20 -20.72 4.88
C PHE C 95 -32.15 -19.81 5.63
N GLU C 96 -32.40 -18.62 5.10
CA GLU C 96 -33.36 -17.69 5.66
C GLU C 96 -34.21 -17.13 4.53
N PHE C 97 -35.43 -16.72 4.87
CA PHE C 97 -36.40 -16.29 3.89
C PHE C 97 -36.88 -14.88 4.19
N ILE C 98 -37.01 -14.08 3.14
CA ILE C 98 -37.34 -12.66 3.24
C ILE C 98 -38.55 -12.44 2.32
N PRO C 99 -39.44 -11.50 2.64
CA PRO C 99 -40.52 -11.20 1.69
C PRO C 99 -39.96 -10.71 0.37
N SER C 100 -40.58 -11.16 -0.72
CA SER C 100 -40.14 -10.77 -2.05
C SER C 100 -40.42 -9.28 -2.29
N PRO C 101 -39.61 -8.62 -3.10
CA PRO C 101 -39.87 -7.21 -3.40
C PRO C 101 -41.24 -7.03 -4.04
N GLY C 102 -41.92 -5.96 -3.65
CA GLY C 102 -43.27 -5.71 -4.14
C GLY C 102 -44.22 -5.26 -3.05
N ASN C 103 -45.48 -5.65 -3.17
CA ASN C 103 -46.52 -5.24 -2.23
C ASN C 103 -47.03 -6.43 -1.44
N HIS C 104 -47.21 -6.24 -0.14
CA HIS C 104 -47.77 -7.24 0.75
C HIS C 104 -48.79 -6.60 1.67
N PHE C 105 -49.71 -7.40 2.19
CA PHE C 105 -50.71 -6.94 3.13
C PHE C 105 -50.62 -7.77 4.40
N ILE C 106 -50.55 -7.09 5.54
CA ILE C 106 -50.44 -7.76 6.84
C ILE C 106 -51.58 -7.31 7.73
N TRP C 107 -52.17 -8.25 8.46
CA TRP C 107 -53.24 -7.98 9.40
C TRP C 107 -52.64 -7.94 10.81
N TYR C 108 -52.49 -6.73 11.35
CA TYR C 108 -51.92 -6.58 12.68
C TYR C 108 -52.80 -5.65 13.49
N GLN C 109 -53.01 -6.00 14.76
CA GLN C 109 -53.91 -5.27 15.66
C GLN C 109 -55.28 -5.25 14.99
N GLY C 110 -55.96 -4.11 14.88
CA GLY C 110 -57.20 -4.04 14.14
C GLY C 110 -57.02 -3.42 12.78
N LYS C 111 -55.78 -3.38 12.30
CA LYS C 111 -55.42 -2.67 11.09
C LYS C 111 -54.89 -3.62 10.02
N TRP C 112 -55.08 -3.22 8.76
CA TRP C 112 -54.48 -3.85 7.60
C TRP C 112 -53.40 -2.90 7.07
N ILE C 113 -52.15 -3.34 7.12
CA ILE C 113 -51.01 -2.50 6.78
C ILE C 113 -50.41 -2.99 5.47
N ARG C 114 -50.17 -2.05 4.57
CA ARG C 114 -49.46 -2.33 3.32
C ARG C 114 -47.96 -2.23 3.55
N VAL C 115 -47.22 -3.21 3.03
CA VAL C 115 -45.77 -3.23 3.11
C VAL C 115 -45.23 -3.22 1.69
N GLU C 116 -44.41 -2.21 1.38
CA GLU C 116 -43.84 -2.03 0.05
C GLU C 116 -42.33 -2.18 0.14
N ARG C 117 -41.80 -3.23 -0.48
CA ARG C 117 -40.35 -3.46 -0.54
C ARG C 117 -39.91 -3.13 -1.96
N ASN C 118 -39.46 -1.89 -2.16
CA ASN C 118 -39.06 -1.41 -3.48
C ASN C 118 -37.54 -1.50 -3.60
N ARG C 119 -37.08 -2.29 -4.56
CA ARG C 119 -35.65 -2.41 -4.88
C ARG C 119 -35.42 -1.58 -6.12
N ASP C 120 -34.88 -0.38 -5.95
CA ASP C 120 -34.80 0.60 -7.03
C ASP C 120 -33.77 0.17 -8.07
N MET C 121 -34.22 0.08 -9.32
CA MET C 121 -33.35 -0.28 -10.44
C MET C 121 -32.78 0.96 -11.12
N GLN C 122 -32.15 1.82 -10.33
CA GLN C 122 -31.50 3.02 -10.87
C GLN C 122 -30.02 3.08 -10.54
N MET C 123 -29.63 2.85 -9.29
CA MET C 123 -28.24 3.02 -8.90
C MET C 123 -27.87 1.98 -7.84
N VAL C 124 -26.57 1.84 -7.62
CA VAL C 124 -26.00 0.86 -6.71
C VAL C 124 -25.33 1.60 -5.55
N ASP C 125 -25.52 1.09 -4.34
CA ASP C 125 -24.88 1.66 -3.16
C ASP C 125 -23.36 1.52 -3.28
N LEU C 126 -22.65 2.62 -3.01
CA LEU C 126 -21.20 2.59 -3.09
C LEU C 126 -20.58 1.81 -1.95
N GLN C 127 -21.12 1.99 -0.73
CA GLN C 127 -20.51 1.38 0.45
C GLN C 127 -20.61 -0.14 0.40
N THR C 128 -21.76 -0.67 0.00
CA THR C 128 -21.99 -2.12 0.02
C THR C 128 -21.83 -2.77 -1.35
N GLY C 129 -22.32 -2.14 -2.40
CA GLY C 129 -22.29 -2.74 -3.72
C GLY C 129 -23.59 -3.43 -4.08
N THR C 130 -24.70 -2.86 -3.62
CA THR C 130 -26.02 -3.38 -3.89
C THR C 130 -26.90 -2.26 -4.42
N PRO C 131 -27.89 -2.59 -5.27
CA PRO C 131 -28.81 -1.56 -5.75
C PRO C 131 -29.59 -0.95 -4.60
N TRP C 132 -29.99 0.30 -4.78
CA TRP C 132 -30.68 1.02 -3.72
C TRP C 132 -32.00 0.33 -3.37
N GLU C 133 -32.22 0.12 -2.06
CA GLU C 133 -33.41 -0.56 -1.58
C GLU C 133 -33.96 0.19 -0.37
N SER C 134 -35.26 0.00 -0.13
CA SER C 134 -35.92 0.56 1.04
C SER C 134 -37.21 -0.22 1.27
N VAL C 135 -37.73 -0.10 2.49
CA VAL C 135 -38.99 -0.75 2.85
C VAL C 135 -39.90 0.30 3.49
N THR C 136 -41.20 0.17 3.26
CA THR C 136 -42.18 1.13 3.74
C THR C 136 -43.37 0.41 4.36
N PHE C 137 -43.78 0.87 5.54
CA PHE C 137 -44.99 0.42 6.21
C PHE C 137 -46.03 1.53 6.10
N THR C 138 -47.22 1.16 5.62
CA THR C 138 -48.23 2.13 5.21
C THR C 138 -49.55 1.74 5.87
N ALA C 139 -50.10 2.62 6.70
CA ALA C 139 -51.25 2.27 7.53
C ALA C 139 -52.24 3.43 7.61
N LEU C 140 -53.50 3.08 7.87
CA LEU C 140 -54.58 4.05 7.96
C LEU C 140 -54.81 4.41 9.42
N GLY C 141 -54.89 5.71 9.71
CA GLY C 141 -55.14 6.18 11.05
C GLY C 141 -54.17 7.25 11.50
N THR C 142 -54.28 7.68 12.76
CA THR C 142 -53.37 8.67 13.35
C THR C 142 -52.73 8.12 14.62
N ASP C 143 -52.47 6.81 14.63
CA ASP C 143 -51.89 6.13 15.79
C ASP C 143 -50.48 5.65 15.44
N ARG C 144 -49.49 6.52 15.68
CA ARG C 144 -48.11 6.18 15.41
C ARG C 144 -47.56 5.12 16.37
N LYS C 145 -48.26 4.84 17.47
CA LYS C 145 -47.77 3.89 18.46
C LYS C 145 -47.65 2.48 17.90
N VAL C 146 -48.43 2.13 16.87
CA VAL C 146 -48.34 0.80 16.28
C VAL C 146 -46.95 0.59 15.67
N PHE C 147 -46.46 1.60 14.94
CA PHE C 147 -45.13 1.50 14.36
C PHE C 147 -44.07 1.40 15.44
N PHE C 148 -44.22 2.16 16.53
CA PHE C 148 -43.25 2.10 17.62
C PHE C 148 -43.22 0.71 18.25
N ASN C 149 -44.39 0.12 18.47
CA ASN C 149 -44.45 -1.23 19.05
C ASN C 149 -43.84 -2.25 18.10
N ILE C 150 -44.14 -2.14 16.80
CA ILE C 150 -43.57 -3.09 15.84
C ILE C 150 -42.06 -2.97 15.82
N LEU C 151 -41.54 -1.74 15.84
CA LEU C 151 -40.10 -1.53 15.80
C LEU C 151 -39.43 -2.06 17.07
N GLU C 152 -40.05 -1.84 18.23
CA GLU C 152 -39.50 -2.36 19.48
C GLU C 152 -39.49 -3.89 19.48
N GLU C 153 -40.57 -4.50 18.99
CA GLU C 153 -40.61 -5.96 18.91
C GLU C 153 -39.54 -6.48 17.96
N ALA C 154 -39.34 -5.80 16.83
CA ALA C 154 -38.30 -6.20 15.91
C ALA C 154 -36.91 -6.10 16.55
N ARG C 155 -36.67 -5.02 17.30
CA ARG C 155 -35.39 -4.89 18.00
C ARG C 155 -35.20 -6.01 19.00
N ALA C 156 -36.23 -6.33 19.77
CA ALA C 156 -36.13 -7.40 20.77
C ALA C 156 -35.85 -8.74 20.09
N LEU C 157 -36.56 -9.02 18.99
CA LEU C 157 -36.35 -10.28 18.28
C LEU C 157 -34.94 -10.36 17.70
N ALA C 158 -34.43 -9.24 17.16
CA ALA C 158 -33.08 -9.23 16.62
C ALA C 158 -32.05 -9.43 17.73
N LEU C 159 -32.29 -8.84 18.90
CA LEU C 159 -31.31 -8.90 19.99
C LEU C 159 -31.32 -10.25 20.69
N GLN C 160 -32.46 -10.94 20.73
CA GLN C 160 -32.57 -12.15 21.53
C GLN C 160 -31.70 -13.30 21.02
N GLN C 161 -31.30 -13.28 19.75
CA GLN C 161 -30.49 -14.38 19.22
C GLN C 161 -29.07 -14.35 19.78
N GLU C 162 -28.50 -13.18 19.98
CA GLU C 162 -27.11 -13.07 20.42
C GLU C 162 -26.95 -13.57 21.84
N GLU C 163 -25.80 -14.20 22.11
CA GLU C 163 -25.44 -14.70 23.43
C GLU C 163 -24.25 -13.92 23.95
N GLY C 164 -24.38 -13.43 25.18
CA GLY C 164 -23.31 -12.64 25.76
C GLY C 164 -22.04 -13.46 25.98
N LYS C 165 -20.90 -12.81 25.80
CA LYS C 165 -19.60 -13.44 25.94
C LYS C 165 -18.68 -12.55 26.75
N THR C 166 -17.70 -13.16 27.41
CA THR C 166 -16.70 -12.45 28.20
C THR C 166 -15.35 -12.56 27.50
N VAL C 167 -14.68 -11.43 27.32
CA VAL C 167 -13.41 -11.37 26.59
C VAL C 167 -12.27 -11.31 27.59
N MET C 168 -11.32 -12.23 27.46
CA MET C 168 -10.16 -12.30 28.35
C MET C 168 -9.10 -11.31 27.87
N TYR C 169 -8.40 -10.70 28.81
CA TYR C 169 -7.35 -9.73 28.52
C TYR C 169 -6.10 -10.06 29.32
N THR C 170 -4.96 -9.99 28.63
CA THR C 170 -3.66 -10.18 29.26
C THR C 170 -2.85 -8.89 29.19
N ALA C 171 -1.71 -8.89 29.88
CA ALA C 171 -0.82 -7.73 29.91
C ALA C 171 0.57 -8.17 29.47
N VAL C 172 1.09 -7.52 28.43
CA VAL C 172 2.45 -7.75 27.97
C VAL C 172 3.17 -6.41 27.90
N GLY C 173 4.37 -6.34 28.45
CA GLY C 173 5.07 -5.08 28.56
C GLY C 173 4.29 -4.06 29.36
N SER C 174 3.74 -3.06 28.67
CA SER C 174 2.85 -2.08 29.26
C SER C 174 1.59 -1.92 28.42
N GLU C 175 1.09 -3.04 27.90
CA GLU C 175 -0.05 -3.01 27.00
C GLU C 175 -1.02 -4.15 27.32
N TRP C 176 -2.31 -3.83 27.32
CA TRP C 176 -3.36 -4.83 27.46
C TRP C 176 -3.72 -5.38 26.09
N ARG C 177 -3.83 -6.70 26.00
CA ARG C 177 -4.09 -7.38 24.74
C ARG C 177 -5.27 -8.33 24.91
N THR C 178 -6.07 -8.46 23.84
CA THR C 178 -7.17 -9.43 23.80
C THR C 178 -6.56 -10.81 23.62
N PHE C 179 -6.43 -11.54 24.73
CA PHE C 179 -5.77 -12.84 24.74
C PHE C 179 -6.80 -13.94 24.68
N GLY C 180 -6.64 -14.85 23.72
CA GLY C 180 -7.55 -15.97 23.57
C GLY C 180 -8.79 -15.62 22.76
N TYR C 181 -9.92 -16.17 23.17
CA TYR C 181 -11.20 -16.00 22.50
C TYR C 181 -12.26 -15.66 23.53
N PRO C 182 -13.38 -15.06 23.12
CA PRO C 182 -14.45 -14.75 24.07
C PRO C 182 -14.92 -16.01 24.79
N ARG C 183 -15.14 -15.87 26.09
CA ARG C 183 -15.48 -16.98 26.96
C ARG C 183 -16.96 -16.94 27.32
N ARG C 184 -17.61 -18.10 27.32
CA ARG C 184 -18.99 -18.19 27.76
C ARG C 184 -19.11 -17.75 29.20
N ARG C 185 -20.14 -16.94 29.48
CA ARG C 185 -20.34 -16.40 30.82
C ARG C 185 -20.73 -17.52 31.78
N ARG C 186 -19.98 -17.65 32.86
CA ARG C 186 -20.24 -18.69 33.84
C ARG C 186 -21.39 -18.27 34.74
N PRO C 187 -22.43 -19.10 34.89
CA PRO C 187 -23.56 -18.72 35.74
C PRO C 187 -23.13 -18.54 37.19
N LEU C 188 -23.80 -17.59 37.87
CA LEU C 188 -23.45 -17.27 39.24
C LEU C 188 -23.69 -18.46 40.17
N ASP C 189 -24.81 -19.16 39.98
CA ASP C 189 -25.14 -20.28 40.86
C ASP C 189 -24.20 -21.45 40.70
N SER C 190 -23.41 -21.50 39.62
CA SER C 190 -22.44 -22.57 39.45
C SER C 190 -21.37 -22.54 40.53
N VAL C 191 -21.06 -21.36 41.05
CA VAL C 191 -20.06 -21.19 42.11
C VAL C 191 -20.79 -20.77 43.38
N VAL C 192 -20.56 -21.51 44.47
CA VAL C 192 -21.13 -21.21 45.77
C VAL C 192 -20.00 -20.99 46.77
N LEU C 193 -20.10 -19.91 47.54
CA LEU C 193 -19.08 -19.55 48.52
C LEU C 193 -19.61 -19.56 49.94
N GLN C 194 -20.72 -18.87 50.19
CA GLN C 194 -21.30 -18.79 51.53
C GLN C 194 -22.79 -18.49 51.38
N GLN C 195 -23.47 -18.33 52.52
CA GLN C 195 -24.91 -18.07 52.49
C GLN C 195 -25.24 -16.76 51.78
N GLY C 196 -24.50 -15.70 52.09
CA GLY C 196 -24.79 -14.41 51.49
C GLY C 196 -23.58 -13.55 51.20
N LEU C 197 -22.37 -14.12 51.35
CA LEU C 197 -21.16 -13.35 51.08
C LEU C 197 -21.10 -12.91 49.64
N ALA C 198 -21.39 -13.82 48.70
CA ALA C 198 -21.44 -13.46 47.30
C ALA C 198 -22.53 -12.45 47.02
N ASP C 199 -23.68 -12.60 47.68
CA ASP C 199 -24.76 -11.64 47.53
C ASP C 199 -24.33 -10.26 48.01
N ARG C 200 -23.65 -10.19 49.15
CA ARG C 200 -23.17 -8.90 49.65
C ARG C 200 -22.17 -8.28 48.70
N ILE C 201 -21.24 -9.09 48.16
CA ILE C 201 -20.25 -8.57 47.22
C ILE C 201 -20.94 -8.02 45.97
N VAL C 202 -21.90 -8.78 45.43
CA VAL C 202 -22.62 -8.33 44.24
C VAL C 202 -23.38 -7.05 44.52
N LYS C 203 -24.05 -6.97 45.66
CA LYS C 203 -24.81 -5.77 46.00
C LYS C 203 -23.90 -4.55 46.13
N ASP C 204 -22.74 -4.73 46.79
CA ASP C 204 -21.81 -3.61 46.94
C ASP C 204 -21.25 -3.18 45.59
N ILE C 205 -20.92 -4.15 44.73
CA ILE C 205 -20.39 -3.81 43.40
C ILE C 205 -21.43 -3.05 42.60
N ARG C 206 -22.69 -3.52 42.62
CA ARG C 206 -23.75 -2.83 41.89
C ARG C 206 -23.96 -1.42 42.44
N GLU C 207 -23.94 -1.27 43.77
CA GLU C 207 -24.14 0.04 44.38
C GLU C 207 -23.02 1.00 43.98
N PHE C 208 -21.78 0.52 43.94
CA PHE C 208 -20.69 1.37 43.49
C PHE C 208 -20.83 1.71 42.01
N ILE C 209 -21.25 0.75 41.19
CA ILE C 209 -21.28 0.95 39.74
C ILE C 209 -22.37 1.94 39.35
N ASP C 210 -23.56 1.80 39.92
CA ASP C 210 -24.71 2.58 39.46
C ASP C 210 -24.79 3.97 40.09
N ASN C 211 -23.82 4.37 40.90
CA ASN C 211 -23.81 5.66 41.57
C ASN C 211 -22.48 6.37 41.33
N PRO C 212 -22.25 6.88 40.10
CA PRO C 212 -21.05 7.69 39.86
C PRO C 212 -21.25 9.14 40.27
N LYS C 213 -22.50 9.59 40.27
CA LYS C 213 -22.81 10.96 40.66
C LYS C 213 -22.43 11.22 42.11
N TRP C 214 -22.71 10.25 42.98
CA TRP C 214 -22.35 10.42 44.39
C TRP C 214 -20.86 10.61 44.56
N TYR C 215 -20.05 9.85 43.80
CA TYR C 215 -18.60 9.98 43.92
C TYR C 215 -18.09 11.28 43.32
N ILE C 216 -18.60 11.66 42.14
CA ILE C 216 -18.08 12.86 41.48
C ILE C 216 -18.50 14.12 42.22
N ASP C 217 -19.68 14.11 42.86
CA ASP C 217 -20.13 15.30 43.58
C ASP C 217 -19.21 15.62 44.76
N ARG C 218 -18.75 14.59 45.46
CA ARG C 218 -17.87 14.78 46.61
C ARG C 218 -16.40 14.89 46.24
N GLY C 219 -16.08 14.80 44.95
CA GLY C 219 -14.69 14.93 44.51
C GLY C 219 -13.79 13.81 44.99
N ILE C 220 -14.25 12.56 44.92
CA ILE C 220 -13.46 11.41 45.33
C ILE C 220 -13.19 10.57 44.09
N PRO C 221 -12.00 9.98 43.94
CA PRO C 221 -11.74 9.12 42.78
C PRO C 221 -12.71 7.95 42.73
N TYR C 222 -13.09 7.58 41.50
CA TYR C 222 -14.06 6.51 41.27
C TYR C 222 -13.33 5.18 41.09
N ARG C 223 -12.73 4.72 42.18
CA ARG C 223 -11.98 3.47 42.19
C ARG C 223 -12.38 2.63 43.40
N ARG C 224 -12.27 1.32 43.25
CA ARG C 224 -12.57 0.39 44.34
C ARG C 224 -11.60 -0.79 44.30
N GLY C 225 -11.35 -1.35 45.48
CA GLY C 225 -10.51 -2.51 45.61
C GLY C 225 -11.12 -3.53 46.55
N TYR C 226 -10.93 -4.80 46.21
CA TYR C 226 -11.45 -5.91 46.99
C TYR C 226 -10.35 -6.93 47.22
N LEU C 227 -10.42 -7.62 48.36
CA LEU C 227 -9.42 -8.60 48.75
C LEU C 227 -10.10 -9.92 49.08
N LEU C 228 -9.60 -11.00 48.49
CA LEU C 228 -10.08 -12.36 48.74
C LEU C 228 -8.88 -13.21 49.10
N TYR C 229 -8.68 -13.48 50.39
CA TYR C 229 -7.61 -14.35 50.85
C TYR C 229 -8.24 -15.63 51.39
N GLY C 230 -7.67 -16.77 51.02
CA GLY C 230 -8.21 -18.04 51.44
C GLY C 230 -7.39 -19.24 50.99
N PRO C 231 -7.74 -20.42 51.49
CA PRO C 231 -6.98 -21.61 51.14
C PRO C 231 -7.07 -21.89 49.65
N PRO C 232 -6.01 -22.47 49.07
CA PRO C 232 -6.05 -22.80 47.65
C PRO C 232 -7.10 -23.86 47.35
N GLY C 233 -7.62 -23.83 46.13
CA GLY C 233 -8.68 -24.73 45.73
C GLY C 233 -10.07 -24.26 46.06
N CYS C 234 -10.23 -23.01 46.51
CA CYS C 234 -11.54 -22.46 46.82
C CYS C 234 -12.24 -21.89 45.59
N GLY C 235 -11.60 -21.92 44.42
CA GLY C 235 -12.19 -21.39 43.21
C GLY C 235 -12.40 -19.90 43.23
N LYS C 236 -11.46 -19.15 43.81
CA LYS C 236 -11.59 -17.69 43.84
C LYS C 236 -11.56 -17.10 42.44
N SER C 237 -10.66 -17.58 41.58
CA SER C 237 -10.59 -17.07 40.21
C SER C 237 -11.86 -17.41 39.43
N SER C 238 -12.39 -18.62 39.63
CA SER C 238 -13.64 -19.00 38.97
C SER C 238 -14.78 -18.12 39.42
N PHE C 239 -14.84 -17.81 40.73
CA PHE C 239 -15.88 -16.93 41.24
C PHE C 239 -15.73 -15.51 40.67
N ILE C 240 -14.48 -15.05 40.52
CA ILE C 240 -14.24 -13.74 39.93
C ILE C 240 -14.74 -13.71 38.49
N THR C 241 -14.43 -14.75 37.72
CA THR C 241 -14.90 -14.81 36.33
C THR C 241 -16.41 -14.87 36.28
N ALA C 242 -17.02 -15.64 37.20
CA ALA C 242 -18.48 -15.75 37.22
C ALA C 242 -19.15 -14.42 37.53
N LEU C 243 -18.61 -13.68 38.51
CA LEU C 243 -19.21 -12.39 38.84
C LEU C 243 -18.96 -11.38 37.74
N ALA C 244 -17.81 -11.47 37.06
CA ALA C 244 -17.57 -10.60 35.90
C ALA C 244 -18.57 -10.90 34.79
N GLY C 245 -18.88 -12.17 34.56
CA GLY C 245 -19.88 -12.52 33.56
C GLY C 245 -21.27 -12.04 33.94
N GLU C 246 -21.65 -12.23 35.21
CA GLU C 246 -22.96 -11.77 35.67
C GLU C 246 -23.08 -10.26 35.56
N LEU C 247 -22.05 -9.53 35.98
CA LEU C 247 -22.00 -8.09 35.77
C LEU C 247 -21.75 -7.72 34.32
N GLU C 248 -21.42 -8.70 33.48
CA GLU C 248 -21.14 -8.52 32.06
C GLU C 248 -19.87 -7.70 31.82
N HIS C 249 -19.17 -7.32 32.88
CA HIS C 249 -17.94 -6.56 32.77
C HIS C 249 -16.79 -7.44 32.29
N SER C 250 -15.80 -6.80 31.67
CA SER C 250 -14.61 -7.50 31.22
C SER C 250 -13.64 -7.71 32.38
N ILE C 251 -12.79 -8.72 32.24
CA ILE C 251 -11.81 -9.08 33.25
C ILE C 251 -10.43 -9.05 32.62
N CYS C 252 -9.44 -8.53 33.35
CA CYS C 252 -8.05 -8.50 32.92
C CYS C 252 -7.20 -9.08 34.05
N LEU C 253 -6.65 -10.26 33.84
CA LEU C 253 -5.84 -10.92 34.86
C LEU C 253 -4.37 -10.53 34.71
N LEU C 254 -3.67 -10.50 35.84
CA LEU C 254 -2.23 -10.28 35.85
C LEU C 254 -1.61 -11.03 37.02
N SER C 255 -0.42 -11.57 36.78
CA SER C 255 0.36 -12.27 37.80
C SER C 255 1.49 -11.33 38.22
N LEU C 256 1.27 -10.61 39.32
CA LEU C 256 2.29 -9.70 39.83
C LEU C 256 3.46 -10.44 40.46
N THR C 257 3.31 -11.72 40.81
CA THR C 257 4.40 -12.47 41.41
C THR C 257 5.56 -12.67 40.43
N ASP C 258 5.32 -12.52 39.14
CA ASP C 258 6.40 -12.60 38.16
C ASP C 258 7.26 -11.35 38.22
N SER C 259 8.54 -11.52 37.89
CA SER C 259 9.49 -10.41 37.90
C SER C 259 9.62 -9.74 36.54
N SER C 260 8.84 -10.17 35.54
CA SER C 260 8.93 -9.57 34.22
C SER C 260 8.50 -8.10 34.24
N LEU C 261 7.43 -7.79 34.96
CA LEU C 261 6.94 -6.43 35.06
C LEU C 261 7.59 -5.71 36.24
N SER C 262 7.66 -4.38 36.14
CA SER C 262 8.22 -3.53 37.17
C SER C 262 7.12 -2.72 37.84
N ASP C 263 7.52 -1.91 38.82
CA ASP C 263 6.56 -1.04 39.50
C ASP C 263 5.97 -0.02 38.54
N ASP C 264 6.81 0.61 37.74
CA ASP C 264 6.33 1.59 36.77
C ASP C 264 5.49 0.95 35.68
N ARG C 265 5.89 -0.24 35.22
CA ARG C 265 5.08 -0.99 34.27
C ARG C 265 3.72 -1.33 34.85
N LEU C 266 3.69 -1.73 36.12
CA LEU C 266 2.43 -2.01 36.79
C LEU C 266 1.57 -0.75 36.86
N ASN C 267 2.19 0.40 37.15
CA ASN C 267 1.44 1.65 37.20
C ASN C 267 0.84 1.98 35.83
N HIS C 268 1.63 1.85 34.77
CA HIS C 268 1.10 2.13 33.44
C HIS C 268 -0.06 1.20 33.10
N LEU C 269 0.11 -0.11 33.30
CA LEU C 269 -0.93 -1.05 32.91
C LEU C 269 -2.19 -0.88 33.76
N LEU C 270 -2.03 -0.53 35.04
CA LEU C 270 -3.18 -0.21 35.86
C LEU C 270 -3.89 1.03 35.35
N SER C 271 -3.13 2.04 34.93
CA SER C 271 -3.71 3.28 34.44
C SER C 271 -4.29 3.16 33.03
N VAL C 272 -3.74 2.28 32.20
CA VAL C 272 -4.18 2.15 30.82
C VAL C 272 -5.24 1.04 30.68
N ALA C 273 -5.77 0.55 31.80
CA ALA C 273 -6.78 -0.49 31.74
C ALA C 273 -8.03 0.02 31.01
N PRO C 274 -8.66 -0.82 30.20
CA PRO C 274 -9.82 -0.36 29.43
C PRO C 274 -11.00 -0.04 30.31
N GLN C 275 -12.04 0.53 29.69
CA GLN C 275 -13.26 0.87 30.41
C GLN C 275 -13.95 -0.40 30.91
N GLN C 276 -14.68 -0.23 32.02
CA GLN C 276 -15.45 -1.29 32.68
C GLN C 276 -14.70 -2.61 32.74
N SER C 277 -13.38 -2.54 32.95
CA SER C 277 -12.51 -3.71 32.96
C SER C 277 -12.00 -3.92 34.38
N LEU C 278 -12.59 -4.89 35.08
CA LEU C 278 -12.09 -5.26 36.40
C LEU C 278 -10.72 -5.91 36.25
N VAL C 279 -9.76 -5.45 37.05
CA VAL C 279 -8.40 -5.95 36.98
C VAL C 279 -8.14 -6.86 38.17
N LEU C 280 -7.68 -8.08 37.90
CA LEU C 280 -7.46 -9.09 38.91
C LEU C 280 -5.97 -9.37 39.06
N LEU C 281 -5.52 -9.46 40.31
CA LEU C 281 -4.13 -9.74 40.62
C LEU C 281 -4.07 -10.86 41.66
N GLU C 282 -2.97 -11.62 41.63
CA GLU C 282 -2.82 -12.80 42.48
C GLU C 282 -1.44 -12.83 43.10
N ASP C 283 -1.34 -13.55 44.22
CA ASP C 283 -0.07 -13.82 44.91
C ASP C 283 0.60 -12.54 45.38
N VAL C 284 -0.10 -11.81 46.26
CA VAL C 284 0.49 -10.64 46.88
C VAL C 284 1.58 -11.02 47.87
N ASP C 285 1.52 -12.25 48.42
CA ASP C 285 2.47 -12.65 49.45
C ASP C 285 3.90 -12.66 48.93
N ALA C 286 4.11 -13.20 47.73
CA ALA C 286 5.46 -13.33 47.19
C ALA C 286 6.09 -11.96 46.94
N ALA C 287 5.36 -11.07 46.28
CA ALA C 287 5.91 -9.75 45.96
C ALA C 287 6.06 -8.89 47.20
N PHE C 288 5.08 -8.93 48.11
CA PHE C 288 5.15 -8.13 49.32
C PHE C 288 6.25 -8.61 50.25
N LEU C 289 6.54 -9.91 50.24
CA LEU C 289 7.67 -10.42 51.03
C LEU C 289 8.99 -9.88 50.50
N SER C 290 9.12 -9.77 49.18
CA SER C 290 10.34 -9.23 48.57
C SER C 290 10.34 -7.70 48.60
N ARG C 306 11.52 -4.23 39.77
CA ARG C 306 10.53 -5.27 39.52
C ARG C 306 9.74 -5.59 40.79
N LEU C 307 10.32 -6.44 41.63
CA LEU C 307 9.66 -6.82 42.87
C LEU C 307 9.57 -5.64 43.83
N THR C 308 8.40 -5.46 44.44
CA THR C 308 8.20 -4.38 45.39
C THR C 308 7.04 -4.73 46.30
N PHE C 309 6.98 -4.05 47.44
CA PHE C 309 5.90 -4.22 48.40
C PHE C 309 5.08 -2.96 48.61
N SER C 310 5.74 -1.80 48.66
CA SER C 310 5.03 -0.53 48.73
C SER C 310 4.83 0.10 47.36
N GLY C 311 5.57 -0.34 46.34
CA GLY C 311 5.38 0.19 45.01
C GLY C 311 4.01 -0.12 44.44
N LEU C 312 3.51 -1.33 44.72
CA LEU C 312 2.19 -1.70 44.22
C LEU C 312 1.10 -0.83 44.84
N LEU C 313 1.19 -0.55 46.14
CA LEU C 313 0.18 0.31 46.77
C LEU C 313 0.35 1.76 46.33
N ASN C 314 1.59 2.21 46.09
CA ASN C 314 1.77 3.55 45.55
C ASN C 314 1.16 3.68 44.17
N ALA C 315 1.33 2.67 43.31
CA ALA C 315 0.72 2.68 41.99
C ALA C 315 -0.80 2.63 42.10
N LEU C 316 -1.32 1.85 43.04
CA LEU C 316 -2.76 1.79 43.23
C LEU C 316 -3.32 3.14 43.68
N ASP C 317 -2.58 3.85 44.53
CA ASP C 317 -3.01 5.16 44.99
C ASP C 317 -2.79 6.27 43.98
N GLY C 318 -2.20 5.97 42.83
CA GLY C 318 -1.96 7.00 41.84
C GLY C 318 -3.25 7.62 41.33
N VAL C 319 -3.19 8.91 41.02
CA VAL C 319 -4.37 9.63 40.57
C VAL C 319 -4.81 9.12 39.20
N ALA C 320 -3.86 8.80 38.32
CA ALA C 320 -4.15 8.30 36.99
C ALA C 320 -4.96 7.01 37.07
N SER C 321 -6.21 7.05 36.61
CA SER C 321 -7.11 5.91 36.69
C SER C 321 -8.00 5.90 35.45
N THR C 322 -9.05 5.10 35.50
CA THR C 322 -10.04 5.00 34.44
C THR C 322 -11.43 4.99 35.03
N GLU C 323 -12.43 5.10 34.16
CA GLU C 323 -13.82 5.07 34.61
C GLU C 323 -14.14 3.68 35.16
N ALA C 324 -14.68 3.63 36.37
CA ALA C 324 -15.00 2.38 37.06
C ALA C 324 -13.78 1.47 37.16
N ARG C 325 -12.79 1.95 37.90
CA ARG C 325 -11.55 1.20 38.13
C ARG C 325 -11.74 0.29 39.35
N ILE C 326 -12.05 -0.97 39.10
CA ILE C 326 -12.23 -1.97 40.15
C ILE C 326 -11.08 -2.95 40.07
N VAL C 327 -10.40 -3.14 41.21
CA VAL C 327 -9.28 -4.08 41.31
C VAL C 327 -9.64 -5.13 42.35
N PHE C 328 -9.36 -6.39 42.02
CA PHE C 328 -9.54 -7.50 42.93
C PHE C 328 -8.20 -8.18 43.16
N MET C 329 -7.95 -8.58 44.41
CA MET C 329 -6.68 -9.19 44.78
C MET C 329 -6.96 -10.52 45.47
N THR C 330 -6.56 -11.61 44.83
CA THR C 330 -6.78 -12.96 45.37
C THR C 330 -5.46 -13.53 45.86
N THR C 331 -5.48 -14.14 47.04
CA THR C 331 -4.25 -14.66 47.62
C THR C 331 -4.58 -15.78 48.60
N ASN C 332 -3.53 -16.49 49.00
CA ASN C 332 -3.69 -17.63 49.91
C ASN C 332 -3.91 -17.18 51.35
N TYR C 333 -3.22 -16.13 51.79
CA TYR C 333 -3.28 -15.71 53.18
C TYR C 333 -3.01 -14.22 53.29
N ILE C 334 -3.33 -13.67 54.46
CA ILE C 334 -3.19 -12.25 54.76
C ILE C 334 -2.06 -11.97 55.74
N ASP C 335 -1.35 -13.01 56.22
CA ASP C 335 -0.35 -12.82 57.26
C ASP C 335 0.78 -11.91 56.81
N ARG C 336 1.25 -12.09 55.57
CA ARG C 336 2.40 -11.31 55.09
C ARG C 336 2.04 -9.86 54.82
N LEU C 337 0.75 -9.50 54.81
CA LEU C 337 0.34 -8.17 54.41
C LEU C 337 0.26 -7.24 55.62
N ASP C 338 -0.14 -6.00 55.37
CA ASP C 338 -0.20 -4.95 56.37
C ASP C 338 -1.56 -4.27 56.35
N PRO C 339 -2.00 -3.72 57.48
CA PRO C 339 -3.28 -3.00 57.50
C PRO C 339 -3.29 -1.76 56.60
N ALA C 340 -2.13 -1.23 56.23
CA ALA C 340 -2.09 -0.05 55.37
C ALA C 340 -2.71 -0.34 54.01
N LEU C 341 -2.57 -1.58 53.52
CA LEU C 341 -3.15 -1.94 52.24
C LEU C 341 -4.68 -1.94 52.29
N ILE C 342 -5.26 -2.33 53.43
CA ILE C 342 -6.71 -2.31 53.60
C ILE C 342 -7.05 -0.94 54.18
N ARG C 343 -7.42 -0.02 53.30
CA ARG C 343 -7.64 1.37 53.68
C ARG C 343 -8.54 2.01 52.64
N PRO C 344 -9.21 3.12 52.98
CA PRO C 344 -9.92 3.89 51.95
C PRO C 344 -8.97 4.36 50.86
N GLY C 345 -9.48 4.41 49.63
CA GLY C 345 -8.64 4.58 48.47
C GLY C 345 -7.93 3.32 48.04
N ARG C 346 -8.25 2.19 48.67
CA ARG C 346 -7.62 0.89 48.46
C ARG C 346 -8.70 -0.15 48.68
N VAL C 347 -8.29 -1.39 48.98
CA VAL C 347 -9.24 -2.45 49.33
C VAL C 347 -10.16 -1.92 50.42
N ASP C 348 -11.47 -1.93 50.13
CA ASP C 348 -12.45 -1.29 51.00
C ASP C 348 -12.88 -2.21 52.16
N LEU C 349 -13.43 -3.37 51.85
CA LEU C 349 -13.79 -4.35 52.87
C LEU C 349 -13.12 -5.68 52.55
N LYS C 350 -12.71 -6.39 53.59
CA LYS C 350 -12.03 -7.66 53.45
C LYS C 350 -13.02 -8.81 53.59
N GLU C 351 -12.95 -9.75 52.65
CA GLU C 351 -13.79 -10.95 52.68
C GLU C 351 -12.90 -12.18 52.61
N TYR C 352 -13.22 -13.18 53.44
CA TYR C 352 -12.46 -14.42 53.53
C TYR C 352 -13.32 -15.56 53.02
N VAL C 353 -12.77 -16.35 52.11
CA VAL C 353 -13.43 -17.55 51.60
C VAL C 353 -13.06 -18.73 52.49
N GLY C 354 -14.08 -19.46 52.95
CA GLY C 354 -13.88 -20.59 53.84
C GLY C 354 -13.99 -21.92 53.14
N TYR C 355 -13.94 -22.98 53.94
CA TYR C 355 -14.07 -24.33 53.44
C TYR C 355 -15.54 -24.68 53.22
N CYS C 356 -15.80 -25.92 52.79
CA CYS C 356 -17.16 -26.35 52.52
C CYS C 356 -17.96 -26.46 53.82
N SER C 357 -19.16 -25.91 53.81
CA SER C 357 -20.10 -26.03 54.92
C SER C 357 -21.21 -27.00 54.56
N HIS C 358 -22.02 -27.35 55.55
CA HIS C 358 -23.13 -28.27 55.32
C HIS C 358 -24.09 -27.70 54.28
N TRP C 359 -24.43 -26.42 54.42
CA TRP C 359 -25.25 -25.75 53.40
C TRP C 359 -24.53 -25.72 52.06
N GLN C 360 -23.23 -25.40 52.06
CA GLN C 360 -22.46 -25.40 50.83
C GLN C 360 -22.41 -26.80 50.21
N LEU C 361 -22.18 -27.82 51.04
CA LEU C 361 -22.09 -29.18 50.54
C LEU C 361 -23.41 -29.63 49.92
N THR C 362 -24.53 -29.36 50.61
CA THR C 362 -25.81 -29.78 50.05
C THR C 362 -26.17 -28.97 48.80
N GLN C 363 -25.81 -27.69 48.75
CA GLN C 363 -26.06 -26.90 47.55
C GLN C 363 -25.27 -27.43 46.36
N MET C 364 -23.99 -27.74 46.55
CA MET C 364 -23.19 -28.25 45.44
C MET C 364 -23.63 -29.67 45.05
N PHE C 365 -24.08 -30.48 46.02
CA PHE C 365 -24.63 -31.78 45.70
C PHE C 365 -25.89 -31.65 44.85
N GLN C 366 -26.77 -30.72 45.22
CA GLN C 366 -27.98 -30.48 44.43
C GLN C 366 -27.65 -29.95 43.03
N ARG C 367 -26.65 -29.07 42.94
CA ARG C 367 -26.25 -28.54 41.64
C ARG C 367 -25.69 -29.65 40.75
N PHE C 368 -24.86 -30.54 41.31
CA PHE C 368 -24.31 -31.63 40.52
C PHE C 368 -25.40 -32.63 40.13
N TYR C 369 -26.23 -33.03 41.08
CA TYR C 369 -27.23 -34.06 40.84
C TYR C 369 -28.61 -33.43 40.72
N PRO C 370 -29.21 -33.40 39.53
CA PRO C 370 -30.48 -32.67 39.31
C PRO C 370 -31.73 -33.39 39.82
N GLY C 371 -31.92 -33.34 41.14
CA GLY C 371 -33.16 -33.79 41.75
C GLY C 371 -33.09 -35.17 42.38
N GLN C 372 -32.92 -35.20 43.70
CA GLN C 372 -32.89 -36.45 44.47
C GLN C 372 -33.52 -36.18 45.84
N ALA C 373 -33.30 -37.09 46.77
CA ALA C 373 -33.81 -36.92 48.12
C ALA C 373 -32.95 -35.89 48.87
N PRO C 374 -33.55 -34.82 49.40
CA PRO C 374 -32.75 -33.86 50.18
C PRO C 374 -32.11 -34.49 51.42
N SER C 375 -32.76 -35.51 52.01
CA SER C 375 -32.16 -36.20 53.14
C SER C 375 -30.86 -36.89 52.74
N LEU C 376 -30.79 -37.42 51.51
CA LEU C 376 -29.55 -38.01 51.03
C LEU C 376 -28.44 -36.98 50.95
N ALA C 377 -28.75 -35.78 50.46
CA ALA C 377 -27.76 -34.71 50.42
C ALA C 377 -27.33 -34.29 51.83
N GLU C 378 -28.27 -34.22 52.76
CA GLU C 378 -27.94 -33.88 54.14
C GLU C 378 -27.01 -34.92 54.75
N ASN C 379 -27.30 -36.20 54.51
CA ASN C 379 -26.44 -37.26 55.02
C ASN C 379 -25.07 -37.21 54.37
N PHE C 380 -25.02 -36.91 53.07
CA PHE C 380 -23.74 -36.75 52.39
C PHE C 380 -22.91 -35.64 53.01
N ALA C 381 -23.54 -34.49 53.27
CA ALA C 381 -22.83 -33.37 53.87
C ALA C 381 -22.36 -33.72 55.29
N GLU C 382 -23.21 -34.38 56.06
CA GLU C 382 -22.82 -34.77 57.42
C GLU C 382 -21.66 -35.73 57.41
N HIS C 383 -21.68 -36.72 56.50
CA HIS C 383 -20.57 -37.66 56.40
C HIS C 383 -19.29 -36.97 55.97
N VAL C 384 -19.38 -36.02 55.03
CA VAL C 384 -18.19 -35.29 54.59
C VAL C 384 -17.62 -34.47 55.75
N LEU C 385 -18.48 -33.80 56.50
CA LEU C 385 -18.01 -33.02 57.65
C LEU C 385 -17.37 -33.91 58.70
N LYS C 386 -17.97 -35.08 58.96
CA LYS C 386 -17.40 -36.01 59.93
C LYS C 386 -16.04 -36.51 59.49
N ALA C 387 -15.90 -36.85 58.19
CA ALA C 387 -14.63 -37.37 57.70
C ALA C 387 -13.56 -36.29 57.69
N THR C 388 -13.87 -35.12 57.13
CA THR C 388 -12.90 -34.03 57.02
C THR C 388 -13.55 -32.72 57.42
N SER C 389 -12.75 -31.83 57.99
CA SER C 389 -13.20 -30.50 58.39
C SER C 389 -12.64 -29.39 57.51
N GLU C 390 -11.45 -29.56 56.96
CA GLU C 390 -10.82 -28.59 56.08
C GLU C 390 -11.03 -28.93 54.61
N ILE C 391 -12.14 -29.59 54.27
CA ILE C 391 -12.39 -30.02 52.91
C ILE C 391 -12.62 -28.80 52.02
N SER C 392 -11.97 -28.81 50.83
CA SER C 392 -12.06 -27.71 49.88
C SER C 392 -13.02 -28.06 48.75
N PRO C 393 -13.66 -27.05 48.14
CA PRO C 393 -14.59 -27.34 47.04
C PRO C 393 -13.93 -28.02 45.86
N ALA C 394 -12.65 -27.78 45.61
CA ALA C 394 -11.97 -28.45 44.50
C ALA C 394 -11.89 -29.95 44.73
N GLN C 395 -11.61 -30.37 45.96
CA GLN C 395 -11.56 -31.80 46.27
C GLN C 395 -12.93 -32.45 46.10
N VAL C 396 -14.00 -31.76 46.53
CA VAL C 396 -15.35 -32.28 46.36
C VAL C 396 -15.69 -32.38 44.89
N GLN C 397 -15.31 -31.38 44.09
CA GLN C 397 -15.57 -31.41 42.66
C GLN C 397 -14.85 -32.58 42.00
N GLY C 398 -13.59 -32.80 42.38
CA GLY C 398 -12.86 -33.94 41.84
C GLY C 398 -13.47 -35.27 42.25
N TYR C 399 -13.93 -35.36 43.50
CA TYR C 399 -14.60 -36.58 43.97
C TYR C 399 -15.88 -36.84 43.19
N PHE C 400 -16.64 -35.78 42.90
CA PHE C 400 -17.86 -35.94 42.11
C PHE C 400 -17.54 -36.32 40.66
N MET C 401 -16.43 -35.80 40.13
CA MET C 401 -15.95 -36.25 38.83
C MET C 401 -15.62 -37.74 38.85
N LEU C 402 -15.00 -38.22 39.94
CA LEU C 402 -14.66 -39.63 40.03
C LEU C 402 -15.90 -40.52 40.01
N TYR C 403 -17.02 -40.01 40.53
CA TYR C 403 -18.28 -40.75 40.60
C TYR C 403 -19.36 -40.09 39.76
N LYS C 404 -19.02 -39.70 38.54
CA LYS C 404 -19.98 -39.08 37.63
C LYS C 404 -21.19 -39.98 37.41
N ASN C 405 -22.39 -39.39 37.54
CA ASN C 405 -23.65 -40.11 37.39
C ASN C 405 -23.75 -41.30 38.34
N ASP C 406 -23.06 -41.22 39.47
CA ASP C 406 -23.06 -42.30 40.47
C ASP C 406 -23.31 -41.68 41.85
N PRO C 407 -24.56 -41.30 42.14
CA PRO C 407 -24.86 -40.68 43.43
C PRO C 407 -24.72 -41.63 44.60
N MET C 408 -25.34 -42.82 44.49
CA MET C 408 -25.28 -43.79 45.57
C MET C 408 -23.85 -44.26 45.83
N GLY C 409 -23.09 -44.51 44.76
CA GLY C 409 -21.70 -44.90 44.93
C GLY C 409 -20.86 -43.83 45.60
N ALA C 410 -21.08 -42.57 45.23
CA ALA C 410 -20.37 -41.47 45.88
C ALA C 410 -20.76 -41.37 47.35
N VAL C 411 -22.04 -41.58 47.66
CA VAL C 411 -22.50 -41.51 49.05
C VAL C 411 -21.84 -42.61 49.87
N HIS C 412 -21.79 -43.83 49.33
CA HIS C 412 -21.22 -44.95 50.07
C HIS C 412 -19.69 -44.89 50.12
N ASN C 413 -19.05 -44.07 49.30
CA ASN C 413 -17.60 -44.01 49.24
C ASN C 413 -17.04 -42.80 49.98
N ILE C 414 -17.85 -42.11 50.79
CA ILE C 414 -17.34 -41.02 51.61
C ILE C 414 -16.32 -41.54 52.62
N GLU C 415 -16.61 -42.68 53.25
CA GLU C 415 -15.66 -43.29 54.17
C GLU C 415 -14.36 -43.67 53.46
N SER C 416 -14.45 -44.01 52.17
CA SER C 416 -13.24 -44.28 51.40
C SER C 416 -12.38 -43.02 51.28
N LEU C 417 -13.02 -41.87 51.07
CA LEU C 417 -12.27 -40.61 51.04
C LEU C 417 -11.62 -40.33 52.39
N ARG C 418 -12.35 -40.56 53.48
CA ARG C 418 -11.85 -40.34 54.84
C ARG C 418 -11.34 -38.92 55.03
N ALA D 30 -59.94 3.93 -18.39
CA ALA D 30 -59.28 3.99 -17.10
C ALA D 30 -59.84 2.94 -16.14
N MET D 31 -61.16 2.71 -16.25
CA MET D 31 -61.79 1.72 -15.39
C MET D 31 -61.28 0.31 -15.71
N ALA D 32 -61.06 0.01 -16.99
CA ALA D 32 -60.55 -1.30 -17.37
C ALA D 32 -59.17 -1.55 -16.80
N ARG D 33 -58.30 -0.53 -16.86
CA ARG D 33 -56.94 -0.68 -16.32
C ARG D 33 -56.97 -0.91 -14.81
N LYS D 34 -57.81 -0.15 -14.10
CA LYS D 34 -57.92 -0.33 -12.65
C LYS D 34 -58.46 -1.72 -12.30
N GLY D 35 -59.48 -2.17 -13.03
CA GLY D 35 -60.02 -3.49 -12.79
C GLY D 35 -59.00 -4.59 -13.05
N ALA D 36 -58.25 -4.46 -14.15
CA ALA D 36 -57.21 -5.44 -14.46
C ALA D 36 -56.12 -5.44 -13.40
N GLN D 37 -55.71 -4.26 -12.92
CA GLN D 37 -54.68 -4.18 -11.89
C GLN D 37 -55.16 -4.84 -10.60
N LEU D 38 -56.39 -4.55 -10.18
CA LEU D 38 -56.92 -5.16 -8.97
C LEU D 38 -57.04 -6.68 -9.12
N GLY D 39 -57.53 -7.15 -10.27
CA GLY D 39 -57.61 -8.58 -10.49
C GLY D 39 -56.26 -9.26 -10.46
N LEU D 40 -55.26 -8.63 -11.10
CA LEU D 40 -53.92 -9.22 -11.13
C LEU D 40 -53.30 -9.26 -9.73
N VAL D 41 -53.43 -8.18 -8.97
CA VAL D 41 -52.82 -8.17 -7.64
C VAL D 41 -53.52 -9.17 -6.72
N ALA D 42 -54.85 -9.29 -6.84
CA ALA D 42 -55.56 -10.29 -6.06
C ALA D 42 -55.14 -11.70 -6.45
N PHE D 43 -55.00 -11.96 -7.75
CA PHE D 43 -54.56 -13.26 -8.23
C PHE D 43 -53.19 -13.61 -7.67
N ARG D 44 -52.24 -12.69 -7.77
CA ARG D 44 -50.90 -12.95 -7.26
C ARG D 44 -50.91 -13.18 -5.75
N ARG D 45 -51.69 -12.37 -5.02
CA ARG D 45 -51.65 -12.45 -3.57
C ARG D 45 -52.34 -13.70 -3.04
N HIS D 46 -53.37 -14.20 -3.73
CA HIS D 46 -54.18 -15.27 -3.19
C HIS D 46 -53.96 -16.64 -3.81
N TYR D 47 -53.58 -16.72 -5.09
CA TYR D 47 -53.53 -17.99 -5.80
C TYR D 47 -52.17 -18.38 -6.33
N MET D 48 -51.13 -17.58 -6.12
CA MET D 48 -49.91 -17.70 -6.91
C MET D 48 -48.71 -17.71 -5.95
N ILE D 49 -47.69 -18.52 -6.26
CA ILE D 49 -46.50 -18.57 -5.42
C ILE D 49 -45.26 -18.36 -6.27
N THR D 50 -44.23 -17.77 -5.65
CA THR D 50 -43.01 -17.46 -6.36
C THR D 50 -41.84 -17.43 -5.38
N LEU D 51 -40.64 -17.56 -5.92
CA LEU D 51 -39.39 -17.50 -5.17
C LEU D 51 -38.33 -16.83 -6.03
N GLU D 52 -37.46 -16.05 -5.41
CA GLU D 52 -36.43 -15.31 -6.11
C GLU D 52 -35.07 -15.57 -5.50
N VAL D 53 -34.06 -15.73 -6.36
CA VAL D 53 -32.68 -15.91 -5.94
C VAL D 53 -31.81 -14.91 -6.70
N PRO D 54 -31.12 -14.01 -6.01
CA PRO D 54 -30.22 -13.08 -6.71
C PRO D 54 -28.93 -13.77 -7.12
N ALA D 55 -28.24 -13.12 -8.08
CA ALA D 55 -26.98 -13.67 -8.57
C ALA D 55 -25.88 -13.62 -7.51
N ARG D 56 -25.95 -12.66 -6.60
CA ARG D 56 -24.94 -12.55 -5.55
C ARG D 56 -24.97 -13.76 -4.63
N ASP D 57 -26.16 -14.26 -4.32
CA ASP D 57 -26.29 -15.40 -3.41
C ASP D 57 -25.69 -16.65 -4.03
N ARG D 58 -25.02 -17.46 -3.19
CA ARG D 58 -24.40 -18.69 -3.67
C ARG D 58 -25.41 -19.73 -4.11
N SER D 59 -26.67 -19.61 -3.66
CA SER D 59 -27.70 -20.54 -4.09
C SER D 59 -28.05 -20.40 -5.56
N TYR D 60 -27.64 -19.31 -6.21
CA TYR D 60 -27.92 -19.13 -7.63
C TYR D 60 -27.28 -20.24 -8.47
N ALA D 61 -25.99 -20.47 -8.28
CA ALA D 61 -25.30 -21.51 -9.02
C ALA D 61 -25.82 -22.89 -8.67
N TRP D 62 -26.12 -23.12 -7.39
CA TRP D 62 -26.66 -24.42 -6.98
C TRP D 62 -27.98 -24.71 -7.67
N LEU D 63 -28.89 -23.73 -7.67
CA LEU D 63 -30.19 -23.93 -8.30
C LEU D 63 -30.04 -24.08 -9.82
N LEU D 64 -29.14 -23.32 -10.44
CA LEU D 64 -28.93 -23.48 -11.88
C LEU D 64 -28.43 -24.87 -12.22
N SER D 65 -27.46 -25.37 -11.46
CA SER D 65 -26.94 -26.72 -11.69
C SER D 65 -28.01 -27.77 -11.45
N TRP D 66 -28.81 -27.61 -10.39
CA TRP D 66 -29.87 -28.57 -10.11
C TRP D 66 -30.90 -28.59 -11.23
N LEU D 67 -31.29 -27.43 -11.75
CA LEU D 67 -32.27 -27.40 -12.82
C LEU D 67 -31.68 -27.96 -14.12
N THR D 68 -30.38 -27.75 -14.35
CA THR D 68 -29.72 -28.36 -15.50
C THR D 68 -29.75 -29.89 -15.39
N ARG D 69 -29.44 -30.40 -14.19
CA ARG D 69 -29.40 -31.85 -14.00
C ARG D 69 -30.79 -32.47 -14.10
N HIS D 70 -31.79 -31.82 -13.50
CA HIS D 70 -33.13 -32.37 -13.47
C HIS D 70 -33.73 -32.49 -14.87
N SER D 71 -33.57 -31.45 -15.69
CA SER D 71 -34.11 -31.42 -17.04
C SER D 71 -32.98 -31.72 -18.03
N THR D 72 -33.00 -32.92 -18.61
CA THR D 72 -31.96 -33.29 -19.56
C THR D 72 -32.13 -32.57 -20.89
N ARG D 73 -33.38 -32.35 -21.32
CA ARG D 73 -33.67 -31.75 -22.62
C ARG D 73 -33.90 -30.25 -22.47
N THR D 74 -32.83 -29.54 -22.13
CA THR D 74 -32.83 -28.08 -22.07
C THR D 74 -32.31 -27.57 -23.40
N GLN D 75 -33.24 -27.23 -24.31
CA GLN D 75 -32.83 -26.84 -25.66
C GLN D 75 -32.07 -25.51 -25.66
N HIS D 76 -32.52 -24.55 -24.86
CA HIS D 76 -31.84 -23.26 -24.74
C HIS D 76 -30.89 -23.30 -23.55
N LEU D 77 -29.62 -23.01 -23.81
CA LEU D 77 -28.61 -23.12 -22.75
C LEU D 77 -27.39 -22.30 -23.14
N SER D 78 -26.57 -22.00 -22.14
CA SER D 78 -25.28 -21.36 -22.29
C SER D 78 -24.23 -22.22 -21.61
N VAL D 79 -22.96 -21.91 -21.90
CA VAL D 79 -21.85 -22.73 -21.41
C VAL D 79 -20.91 -21.86 -20.58
N GLU D 80 -20.35 -22.47 -19.54
CA GLU D 80 -19.32 -21.84 -18.72
C GLU D 80 -18.22 -22.86 -18.48
N THR D 81 -16.96 -22.45 -18.63
CA THR D 81 -15.84 -23.34 -18.42
C THR D 81 -15.06 -22.92 -17.18
N SER D 82 -14.61 -23.92 -16.42
CA SER D 82 -13.70 -23.72 -15.31
C SER D 82 -12.31 -24.08 -15.82
N TYR D 83 -11.43 -23.08 -15.91
CA TYR D 83 -10.08 -23.24 -16.41
C TYR D 83 -9.11 -23.10 -15.25
N LEU D 84 -8.24 -24.11 -15.09
CA LEU D 84 -7.23 -24.09 -14.05
C LEU D 84 -5.87 -24.32 -14.67
N GLN D 85 -4.92 -23.47 -14.30
CA GLN D 85 -3.53 -23.54 -14.74
C GLN D 85 -2.73 -24.20 -13.61
N HIS D 86 -2.67 -25.53 -13.66
CA HIS D 86 -1.86 -26.26 -12.69
C HIS D 86 -0.39 -26.20 -13.10
N GLU D 87 0.48 -26.44 -12.12
CA GLU D 87 1.91 -26.21 -12.30
C GLU D 87 2.45 -27.03 -13.47
N SER D 88 3.55 -26.53 -14.05
CA SER D 88 4.21 -27.13 -15.21
C SER D 88 3.33 -27.09 -16.46
N GLY D 89 2.49 -26.06 -16.57
CA GLY D 89 1.66 -25.89 -17.75
C GLY D 89 0.57 -26.92 -17.93
N ARG D 90 -0.14 -27.26 -16.86
CA ARG D 90 -1.28 -28.18 -16.95
C ARG D 90 -2.54 -27.36 -17.19
N ILE D 91 -3.18 -27.58 -18.33
CA ILE D 91 -4.47 -26.96 -18.64
C ILE D 91 -5.56 -27.92 -18.24
N SER D 92 -6.38 -27.54 -17.25
CA SER D 92 -7.52 -28.35 -16.85
C SER D 92 -8.78 -27.53 -17.04
N THR D 93 -9.53 -27.83 -18.10
CA THR D 93 -10.74 -27.11 -18.45
C THR D 93 -11.94 -28.06 -18.32
N LYS D 94 -12.93 -27.65 -17.54
CA LYS D 94 -14.15 -28.42 -17.36
C LYS D 94 -15.33 -27.60 -17.88
N PHE D 95 -16.16 -28.24 -18.71
CA PHE D 95 -17.30 -27.58 -19.33
C PHE D 95 -18.56 -27.85 -18.51
N GLU D 96 -19.35 -26.80 -18.26
CA GLU D 96 -20.63 -26.93 -17.58
C GLU D 96 -21.67 -26.12 -18.33
N PHE D 97 -22.92 -26.52 -18.20
CA PHE D 97 -24.01 -25.94 -18.97
C PHE D 97 -25.08 -25.41 -18.03
N ILE D 98 -25.59 -24.22 -18.37
CA ILE D 98 -26.55 -23.49 -17.54
C ILE D 98 -27.74 -23.18 -18.44
N PRO D 99 -28.97 -23.10 -17.93
CA PRO D 99 -30.09 -22.65 -18.76
C PRO D 99 -29.85 -21.24 -19.28
N SER D 100 -30.21 -21.02 -20.55
CA SER D 100 -30.03 -19.72 -21.15
C SER D 100 -30.99 -18.71 -20.51
N PRO D 101 -30.60 -17.44 -20.47
CA PRO D 101 -31.51 -16.41 -19.92
C PRO D 101 -32.81 -16.36 -20.71
N GLY D 102 -33.90 -16.18 -19.99
CA GLY D 102 -35.22 -16.18 -20.60
C GLY D 102 -36.24 -16.97 -19.81
N ASN D 103 -37.18 -17.61 -20.51
CA ASN D 103 -38.27 -18.33 -19.90
C ASN D 103 -38.14 -19.82 -20.18
N HIS D 104 -38.36 -20.64 -19.15
CA HIS D 104 -38.35 -22.09 -19.27
C HIS D 104 -39.54 -22.65 -18.51
N PHE D 105 -39.97 -23.86 -18.89
CA PHE D 105 -41.05 -24.57 -18.23
C PHE D 105 -40.54 -25.91 -17.76
N ILE D 106 -40.78 -26.22 -16.48
CA ILE D 106 -40.33 -27.48 -15.90
C ILE D 106 -41.53 -28.21 -15.31
N TRP D 107 -41.58 -29.52 -15.52
CA TRP D 107 -42.64 -30.37 -14.97
C TRP D 107 -42.10 -31.07 -13.73
N TYR D 108 -42.52 -30.60 -12.56
CA TYR D 108 -42.05 -31.18 -11.30
C TYR D 108 -43.25 -31.45 -10.41
N GLN D 109 -43.25 -32.62 -9.76
CA GLN D 109 -44.37 -33.08 -8.92
C GLN D 109 -45.60 -33.11 -9.82
N GLY D 110 -46.73 -32.54 -9.42
CA GLY D 110 -47.88 -32.45 -10.30
C GLY D 110 -48.04 -31.07 -10.88
N LYS D 111 -46.98 -30.28 -10.84
CA LYS D 111 -47.02 -28.86 -11.19
C LYS D 111 -46.14 -28.57 -12.39
N TRP D 112 -46.52 -27.53 -13.13
CA TRP D 112 -45.72 -26.94 -14.20
C TRP D 112 -45.23 -25.59 -13.69
N ILE D 113 -43.91 -25.44 -13.54
CA ILE D 113 -43.31 -24.27 -12.93
C ILE D 113 -42.58 -23.47 -14.02
N ARG D 114 -42.83 -22.18 -14.05
CA ARG D 114 -42.10 -21.26 -14.93
C ARG D 114 -40.83 -20.81 -14.24
N VAL D 115 -39.72 -20.82 -14.99
CA VAL D 115 -38.42 -20.37 -14.51
C VAL D 115 -37.99 -19.20 -15.38
N GLU D 116 -37.75 -18.06 -14.76
CA GLU D 116 -37.36 -16.84 -15.47
C GLU D 116 -35.96 -16.45 -15.03
N ARG D 117 -35.00 -16.51 -15.96
CA ARG D 117 -33.63 -16.10 -15.71
C ARG D 117 -33.42 -14.76 -16.42
N ASN D 118 -33.62 -13.68 -15.69
CA ASN D 118 -33.52 -12.34 -16.26
C ASN D 118 -32.14 -11.76 -15.94
N ARG D 119 -31.37 -11.46 -16.97
CA ARG D 119 -30.07 -10.80 -16.85
C ARG D 119 -30.29 -9.34 -17.20
N ASP D 120 -30.37 -8.49 -16.19
CA ASP D 120 -30.78 -7.11 -16.38
C ASP D 120 -29.70 -6.31 -17.09
N MET D 121 -30.07 -5.68 -18.20
CA MET D 121 -29.16 -4.85 -18.99
C MET D 121 -29.26 -3.38 -18.57
N GLN D 122 -29.10 -3.13 -17.28
CA GLN D 122 -29.10 -1.77 -16.76
C GLN D 122 -27.81 -1.41 -16.04
N MET D 123 -27.34 -2.26 -15.13
CA MET D 123 -26.17 -1.92 -14.32
C MET D 123 -25.34 -3.17 -14.05
N VAL D 124 -24.12 -2.94 -13.58
CA VAL D 124 -23.13 -3.97 -13.31
C VAL D 124 -22.86 -4.04 -11.82
N ASP D 125 -22.77 -5.25 -11.29
CA ASP D 125 -22.45 -5.44 -9.89
C ASP D 125 -21.05 -4.91 -9.60
N LEU D 126 -20.93 -4.12 -8.53
CA LEU D 126 -19.63 -3.55 -8.16
C LEU D 126 -18.70 -4.62 -7.59
N GLN D 127 -19.23 -5.50 -6.75
CA GLN D 127 -18.38 -6.47 -6.06
C GLN D 127 -17.74 -7.46 -7.05
N THR D 128 -18.52 -7.95 -8.01
CA THR D 128 -18.04 -8.98 -8.93
C THR D 128 -17.62 -8.42 -10.28
N GLY D 129 -18.38 -7.48 -10.83
CA GLY D 129 -18.10 -6.97 -12.16
C GLY D 129 -18.92 -7.64 -13.23
N THR D 130 -20.16 -7.98 -12.88
CA THR D 130 -21.10 -8.61 -13.80
C THR D 130 -22.41 -7.86 -13.78
N PRO D 131 -23.14 -7.85 -14.91
CA PRO D 131 -24.46 -7.20 -14.93
C PRO D 131 -25.40 -7.87 -13.95
N TRP D 132 -26.34 -7.07 -13.44
CA TRP D 132 -27.27 -7.57 -12.43
C TRP D 132 -28.11 -8.73 -12.98
N GLU D 133 -28.17 -9.83 -12.22
CA GLU D 133 -28.88 -11.03 -12.62
C GLU D 133 -29.70 -11.55 -11.45
N SER D 134 -30.75 -12.31 -11.77
CA SER D 134 -31.57 -12.97 -10.78
C SER D 134 -32.33 -14.10 -11.46
N VAL D 135 -32.82 -15.03 -10.65
CA VAL D 135 -33.63 -16.14 -11.14
C VAL D 135 -34.90 -16.22 -10.33
N THR D 136 -36.00 -16.62 -10.96
CA THR D 136 -37.30 -16.68 -10.33
C THR D 136 -38.00 -17.99 -10.66
N PHE D 137 -38.54 -18.64 -9.64
CA PHE D 137 -39.39 -19.81 -9.78
C PHE D 137 -40.83 -19.41 -9.52
N THR D 138 -41.71 -19.75 -10.44
CA THR D 138 -43.07 -19.22 -10.46
C THR D 138 -44.05 -20.39 -10.62
N ALA D 139 -44.92 -20.58 -9.63
CA ALA D 139 -45.75 -21.77 -9.57
C ALA D 139 -47.16 -21.43 -9.12
N LEU D 140 -48.10 -22.30 -9.52
CA LEU D 140 -49.51 -22.12 -9.21
C LEU D 140 -49.86 -22.96 -7.97
N GLY D 141 -50.53 -22.34 -7.00
CA GLY D 141 -50.95 -23.03 -5.81
C GLY D 141 -50.58 -22.29 -4.54
N THR D 142 -50.85 -22.90 -3.37
CA THR D 142 -50.49 -22.33 -2.08
C THR D 142 -49.65 -23.31 -1.28
N ASP D 143 -48.81 -24.06 -1.97
CA ASP D 143 -47.95 -25.08 -1.35
C ASP D 143 -46.48 -24.65 -1.47
N ARG D 144 -46.02 -23.89 -0.48
CA ARG D 144 -44.63 -23.43 -0.46
C ARG D 144 -43.64 -24.56 -0.22
N LYS D 145 -44.10 -25.73 0.21
CA LYS D 145 -43.20 -26.84 0.52
C LYS D 145 -42.44 -27.32 -0.71
N VAL D 146 -42.99 -27.14 -1.91
CA VAL D 146 -42.30 -27.55 -3.13
C VAL D 146 -41.00 -26.79 -3.29
N PHE D 147 -41.04 -25.47 -3.07
CA PHE D 147 -39.84 -24.65 -3.15
C PHE D 147 -38.82 -25.06 -2.09
N PHE D 148 -39.29 -25.36 -0.88
CA PHE D 148 -38.38 -25.79 0.19
C PHE D 148 -37.69 -27.10 -0.19
N ASN D 149 -38.45 -28.05 -0.72
CA ASN D 149 -37.85 -29.32 -1.12
C ASN D 149 -36.84 -29.14 -2.26
N ILE D 150 -37.19 -28.30 -3.24
CA ILE D 150 -36.26 -28.05 -4.35
C ILE D 150 -34.99 -27.41 -3.84
N LEU D 151 -35.11 -26.44 -2.92
CA LEU D 151 -33.94 -25.77 -2.39
C LEU D 151 -33.08 -26.73 -1.57
N GLU D 152 -33.70 -27.59 -0.77
CA GLU D 152 -32.93 -28.57 0.00
C GLU D 152 -32.21 -29.55 -0.90
N GLU D 153 -32.89 -30.00 -1.97
CA GLU D 153 -32.24 -30.90 -2.92
C GLU D 153 -31.08 -30.22 -3.61
N ALA D 154 -31.23 -28.94 -3.97
CA ALA D 154 -30.14 -28.20 -4.58
C ALA D 154 -28.96 -28.07 -3.63
N ARG D 155 -29.24 -27.79 -2.35
CA ARG D 155 -28.16 -27.71 -1.37
C ARG D 155 -27.44 -29.04 -1.24
N ALA D 156 -28.19 -30.14 -1.17
CA ALA D 156 -27.56 -31.46 -1.06
C ALA D 156 -26.71 -31.78 -2.28
N LEU D 157 -27.21 -31.47 -3.47
CA LEU D 157 -26.46 -31.72 -4.70
C LEU D 157 -25.19 -30.87 -4.74
N ALA D 158 -25.29 -29.61 -4.31
CA ALA D 158 -24.11 -28.76 -4.30
C ALA D 158 -23.08 -29.25 -3.28
N LEU D 159 -23.54 -29.75 -2.14
CA LEU D 159 -22.63 -30.17 -1.08
C LEU D 159 -21.98 -31.52 -1.37
N GLN D 160 -22.66 -32.40 -2.11
CA GLN D 160 -22.17 -33.77 -2.27
C GLN D 160 -20.88 -33.84 -3.08
N GLN D 161 -20.57 -32.82 -3.90
CA GLN D 161 -19.34 -32.89 -4.70
C GLN D 161 -18.08 -32.74 -3.85
N GLU D 162 -18.14 -31.90 -2.81
CA GLU D 162 -16.95 -31.63 -2.00
C GLU D 162 -16.54 -32.86 -1.21
N GLU D 163 -15.23 -33.02 -1.04
CA GLU D 163 -14.64 -34.11 -0.26
C GLU D 163 -13.95 -33.52 0.96
N GLY D 164 -14.27 -34.08 2.13
CA GLY D 164 -13.67 -33.57 3.36
C GLY D 164 -12.17 -33.80 3.40
N LYS D 165 -11.47 -32.84 4.02
CA LYS D 165 -10.02 -32.87 4.13
C LYS D 165 -9.62 -32.51 5.55
N THR D 166 -8.45 -32.99 5.96
CA THR D 166 -7.88 -32.71 7.27
C THR D 166 -6.65 -31.82 7.09
N VAL D 167 -6.60 -30.73 7.84
CA VAL D 167 -5.53 -29.74 7.72
C VAL D 167 -4.53 -29.96 8.85
N MET D 168 -3.26 -30.12 8.48
CA MET D 168 -2.19 -30.35 9.44
C MET D 168 -1.71 -29.01 10.00
N TYR D 169 -1.38 -29.00 11.29
CA TYR D 169 -0.91 -27.80 11.96
C TYR D 169 0.37 -28.08 12.74
N THR D 170 1.33 -27.17 12.63
CA THR D 170 2.58 -27.25 13.36
C THR D 170 2.68 -26.08 14.33
N ALA D 171 3.70 -26.13 15.19
CA ALA D 171 3.94 -25.08 16.18
C ALA D 171 5.37 -24.56 16.01
N VAL D 172 5.50 -23.25 15.79
CA VAL D 172 6.80 -22.61 15.72
C VAL D 172 6.79 -21.43 16.69
N GLY D 173 7.84 -21.32 17.51
CA GLY D 173 7.87 -20.32 18.55
C GLY D 173 6.71 -20.49 19.51
N SER D 174 5.74 -19.59 19.44
CA SER D 174 4.51 -19.66 20.21
C SER D 174 3.30 -19.46 19.30
N GLU D 175 3.37 -20.00 18.10
CA GLU D 175 2.34 -19.79 17.09
C GLU D 175 2.03 -21.09 16.36
N TRP D 176 0.74 -21.35 16.16
CA TRP D 176 0.29 -22.47 15.35
C TRP D 176 0.19 -22.03 13.89
N ARG D 177 0.71 -22.86 12.99
CA ARG D 177 0.77 -22.55 11.57
C ARG D 177 0.19 -23.71 10.76
N THR D 178 -0.48 -23.36 9.66
CA THR D 178 -1.00 -24.35 8.72
C THR D 178 0.19 -24.91 7.94
N PHE D 179 0.67 -26.08 8.36
CA PHE D 179 1.87 -26.68 7.79
C PHE D 179 1.46 -27.72 6.76
N GLY D 180 2.02 -27.60 5.55
CA GLY D 180 1.73 -28.54 4.49
C GLY D 180 0.46 -28.23 3.73
N TYR D 181 -0.27 -29.27 3.35
CA TYR D 181 -1.49 -29.16 2.58
C TYR D 181 -2.56 -30.03 3.22
N PRO D 182 -3.84 -29.76 2.94
CA PRO D 182 -4.91 -30.60 3.51
C PRO D 182 -4.72 -32.06 3.15
N ARG D 183 -4.95 -32.93 4.13
CA ARG D 183 -4.71 -34.36 4.00
C ARG D 183 -6.03 -35.10 3.85
N ARG D 184 -6.04 -36.08 2.94
CA ARG D 184 -7.21 -36.94 2.79
C ARG D 184 -7.50 -37.67 4.09
N ARG D 185 -8.78 -37.71 4.46
CA ARG D 185 -9.19 -38.33 5.72
C ARG D 185 -8.97 -39.84 5.64
N ARG D 186 -8.22 -40.37 6.59
CA ARG D 186 -7.94 -41.81 6.61
C ARG D 186 -9.13 -42.56 7.18
N PRO D 187 -9.66 -43.58 6.47
CA PRO D 187 -10.81 -44.31 7.00
C PRO D 187 -10.50 -45.02 8.30
N LEU D 188 -11.50 -45.10 9.17
CA LEU D 188 -11.32 -45.69 10.48
C LEU D 188 -10.95 -47.17 10.38
N ASP D 189 -11.62 -47.91 9.49
CA ASP D 189 -11.36 -49.34 9.36
C ASP D 189 -9.98 -49.64 8.82
N SER D 190 -9.29 -48.65 8.23
CA SER D 190 -7.93 -48.88 7.75
C SER D 190 -6.97 -49.20 8.89
N VAL D 191 -7.25 -48.69 10.08
CA VAL D 191 -6.43 -48.93 11.27
C VAL D 191 -7.23 -49.77 12.24
N VAL D 192 -6.65 -50.89 12.67
CA VAL D 192 -7.27 -51.79 13.63
C VAL D 192 -6.35 -51.91 14.85
N LEU D 193 -6.93 -51.76 16.04
CA LEU D 193 -6.18 -51.83 17.29
C LEU D 193 -6.61 -52.99 18.18
N GLN D 194 -7.91 -53.11 18.44
CA GLN D 194 -8.43 -54.17 19.30
C GLN D 194 -9.88 -54.42 18.91
N GLN D 195 -10.54 -55.32 19.65
CA GLN D 195 -11.92 -55.66 19.35
C GLN D 195 -12.85 -54.45 19.51
N GLY D 196 -12.69 -53.71 20.61
CA GLY D 196 -13.57 -52.58 20.86
C GLY D 196 -12.92 -51.38 21.52
N LEU D 197 -11.59 -51.42 21.65
CA LEU D 197 -10.87 -50.31 22.29
C LEU D 197 -11.07 -49.02 21.50
N ALA D 198 -10.90 -49.09 20.18
CA ALA D 198 -11.15 -47.92 19.34
C ALA D 198 -12.60 -47.48 19.41
N ASP D 199 -13.53 -48.45 19.46
CA ASP D 199 -14.94 -48.11 19.60
C ASP D 199 -15.20 -47.39 20.92
N ARG D 200 -14.60 -47.87 22.01
CA ARG D 200 -14.78 -47.20 23.30
C ARG D 200 -14.20 -45.79 23.28
N ILE D 201 -13.02 -45.62 22.67
CA ILE D 201 -12.41 -44.29 22.59
C ILE D 201 -13.30 -43.35 21.78
N VAL D 202 -13.81 -43.82 20.64
CA VAL D 202 -14.67 -43.00 19.81
C VAL D 202 -15.95 -42.62 20.56
N LYS D 203 -16.55 -43.59 21.25
CA LYS D 203 -17.77 -43.32 21.99
C LYS D 203 -17.53 -42.29 23.09
N ASP D 204 -16.43 -42.42 23.83
CA ASP D 204 -16.13 -41.47 24.90
C ASP D 204 -15.87 -40.08 24.33
N ILE D 205 -15.14 -40.00 23.20
CA ILE D 205 -14.86 -38.71 22.59
C ILE D 205 -16.15 -38.05 22.13
N ARG D 206 -17.04 -38.81 21.50
CA ARG D 206 -18.32 -38.26 21.06
C ARG D 206 -19.16 -37.81 22.24
N GLU D 207 -19.18 -38.60 23.31
CA GLU D 207 -19.96 -38.23 24.50
C GLU D 207 -19.44 -36.95 25.12
N PHE D 208 -18.11 -36.78 25.17
CA PHE D 208 -17.55 -35.52 25.68
C PHE D 208 -17.87 -34.36 24.75
N ILE D 209 -17.81 -34.59 23.44
CA ILE D 209 -17.96 -33.49 22.49
C ILE D 209 -19.40 -32.98 22.46
N ASP D 210 -20.38 -33.89 22.44
CA ASP D 210 -21.76 -33.48 22.22
C ASP D 210 -22.48 -33.05 23.49
N ASN D 211 -21.78 -32.99 24.64
CA ASN D 211 -22.37 -32.60 25.91
C ASN D 211 -21.54 -31.49 26.55
N PRO D 212 -21.61 -30.27 26.03
CA PRO D 212 -20.93 -29.15 26.70
C PRO D 212 -21.78 -28.55 27.82
N LYS D 213 -23.10 -28.72 27.70
CA LYS D 213 -24.00 -28.20 28.71
C LYS D 213 -23.77 -28.87 30.07
N TRP D 214 -23.53 -30.18 30.05
CA TRP D 214 -23.25 -30.91 31.29
C TRP D 214 -22.03 -30.35 31.99
N TYR D 215 -20.98 -30.03 31.22
CA TYR D 215 -19.75 -29.51 31.81
C TYR D 215 -19.94 -28.08 32.30
N ILE D 216 -20.58 -27.22 31.51
CA ILE D 216 -20.70 -25.82 31.91
C ILE D 216 -21.66 -25.66 33.08
N ASP D 217 -22.68 -26.52 33.20
CA ASP D 217 -23.62 -26.40 34.30
C ASP D 217 -22.93 -26.66 35.64
N ARG D 218 -22.02 -27.63 35.69
CA ARG D 218 -21.31 -27.97 36.91
C ARG D 218 -20.07 -27.11 37.15
N GLY D 219 -19.78 -26.18 36.25
CA GLY D 219 -18.63 -25.31 36.41
C GLY D 219 -17.29 -26.02 36.37
N ILE D 220 -17.12 -26.94 35.43
CA ILE D 220 -15.87 -27.68 35.27
C ILE D 220 -15.26 -27.30 33.93
N PRO D 221 -13.94 -27.13 33.83
CA PRO D 221 -13.32 -26.83 32.53
C PRO D 221 -13.63 -27.89 31.49
N TYR D 222 -13.82 -27.44 30.26
CA TYR D 222 -14.18 -28.32 29.14
C TYR D 222 -12.91 -28.79 28.43
N ARG D 223 -12.15 -29.61 29.14
CA ARG D 223 -10.89 -30.15 28.62
C ARG D 223 -10.83 -31.65 28.89
N ARG D 224 -10.11 -32.36 28.02
CA ARG D 224 -9.92 -33.80 28.17
C ARG D 224 -8.51 -34.18 27.74
N GLY D 225 -8.00 -35.24 28.34
CA GLY D 225 -6.70 -35.78 27.99
C GLY D 225 -6.75 -37.29 27.88
N TYR D 226 -5.99 -37.81 26.93
CA TYR D 226 -5.91 -39.25 26.68
C TYR D 226 -4.45 -39.66 26.57
N LEU D 227 -4.16 -40.90 26.97
CA LEU D 227 -2.81 -41.43 26.97
C LEU D 227 -2.78 -42.75 26.22
N LEU D 228 -1.84 -42.87 25.29
CA LEU D 228 -1.62 -44.09 24.51
C LEU D 228 -0.14 -44.44 24.62
N TYR D 229 0.18 -45.42 25.47
CA TYR D 229 1.54 -45.91 25.62
C TYR D 229 1.59 -47.32 25.05
N GLY D 230 2.63 -47.60 24.26
CA GLY D 230 2.77 -48.89 23.64
C GLY D 230 4.04 -49.06 22.84
N PRO D 231 4.29 -50.29 22.39
CA PRO D 231 5.52 -50.55 21.64
C PRO D 231 5.55 -49.77 20.35
N PRO D 232 6.72 -49.37 19.89
CA PRO D 232 6.82 -48.63 18.62
C PRO D 232 6.39 -49.49 17.45
N GLY D 233 5.89 -48.83 16.41
CA GLY D 233 5.37 -49.52 15.26
C GLY D 233 3.93 -49.95 15.36
N CYS D 234 3.21 -49.51 16.39
CA CYS D 234 1.80 -49.83 16.56
C CYS D 234 0.89 -48.90 15.79
N GLY D 235 1.44 -47.90 15.10
CA GLY D 235 0.63 -46.96 14.34
C GLY D 235 -0.25 -46.08 15.19
N LYS D 236 0.25 -45.64 16.36
CA LYS D 236 -0.56 -44.77 17.21
C LYS D 236 -0.84 -43.43 16.55
N SER D 237 0.16 -42.84 15.90
CA SER D 237 -0.06 -41.56 15.21
C SER D 237 -1.02 -41.72 14.05
N SER D 238 -0.91 -42.83 13.30
CA SER D 238 -1.85 -43.08 12.21
C SER D 238 -3.27 -43.23 12.73
N PHE D 239 -3.43 -43.93 13.85
CA PHE D 239 -4.76 -44.07 14.45
C PHE D 239 -5.30 -42.73 14.93
N ILE D 240 -4.42 -41.88 15.48
CA ILE D 240 -4.84 -40.55 15.91
C ILE D 240 -5.33 -39.74 14.71
N THR D 241 -4.58 -39.77 13.61
CA THR D 241 -5.00 -39.06 12.41
C THR D 241 -6.31 -39.61 11.87
N ALA D 242 -6.47 -40.94 11.90
CA ALA D 242 -7.69 -41.55 11.41
C ALA D 242 -8.90 -41.15 12.24
N LEU D 243 -8.75 -41.14 13.56
CA LEU D 243 -9.88 -40.74 14.41
C LEU D 243 -10.17 -39.25 14.29
N ALA D 244 -9.12 -38.44 14.07
CA ALA D 244 -9.34 -37.02 13.80
C ALA D 244 -10.12 -36.82 12.51
N GLY D 245 -9.79 -37.60 11.48
CA GLY D 245 -10.54 -37.50 10.23
C GLY D 245 -11.97 -37.97 10.38
N GLU D 246 -12.20 -39.08 11.09
CA GLU D 246 -13.56 -39.55 11.30
C GLU D 246 -14.38 -38.55 12.09
N LEU D 247 -13.80 -37.99 13.16
CA LEU D 247 -14.44 -36.91 13.89
C LEU D 247 -14.43 -35.61 13.12
N GLU D 248 -13.69 -35.55 12.00
CA GLU D 248 -13.55 -34.37 11.15
C GLU D 248 -12.83 -33.22 11.85
N HIS D 249 -12.37 -33.44 13.07
CA HIS D 249 -11.64 -32.43 13.83
C HIS D 249 -10.23 -32.26 13.28
N SER D 250 -9.67 -31.08 13.51
CA SER D 250 -8.29 -30.79 13.11
C SER D 250 -7.32 -31.36 14.14
N ILE D 251 -6.10 -31.61 13.68
CA ILE D 251 -5.04 -32.17 14.51
C ILE D 251 -3.85 -31.22 14.47
N CYS D 252 -3.22 -31.03 15.63
CA CYS D 252 -2.01 -30.22 15.75
C CYS D 252 -0.96 -31.05 16.50
N LEU D 253 0.08 -31.46 15.79
CA LEU D 253 1.13 -32.27 16.39
C LEU D 253 2.24 -31.40 16.96
N LEU D 254 2.87 -31.88 18.03
CA LEU D 254 4.03 -31.23 18.61
C LEU D 254 4.96 -32.27 19.20
N SER D 255 6.26 -32.04 19.05
CA SER D 255 7.30 -32.89 19.63
C SER D 255 7.86 -32.16 20.84
N LEU D 256 7.35 -32.52 22.03
CA LEU D 256 7.84 -31.90 23.26
C LEU D 256 9.23 -32.38 23.64
N THR D 257 9.70 -33.50 23.07
CA THR D 257 11.04 -33.99 23.40
C THR D 257 12.14 -33.05 22.91
N ASP D 258 11.83 -32.16 21.97
CA ASP D 258 12.79 -31.17 21.52
C ASP D 258 12.96 -30.09 22.58
N SER D 259 14.16 -29.52 22.63
CA SER D 259 14.48 -28.46 23.58
C SER D 259 14.25 -27.07 23.01
N SER D 260 13.75 -26.95 21.78
CA SER D 260 13.51 -25.64 21.20
C SER D 260 12.44 -24.87 21.98
N LEU D 261 11.37 -25.54 22.37
CA LEU D 261 10.30 -24.91 23.12
C LEU D 261 10.55 -24.99 24.61
N SER D 262 9.99 -24.04 25.35
CA SER D 262 10.11 -23.99 26.79
C SER D 262 8.76 -24.31 27.45
N ASP D 263 8.76 -24.32 28.78
CA ASP D 263 7.52 -24.56 29.53
C ASP D 263 6.49 -23.47 29.25
N ASP D 264 6.92 -22.21 29.29
CA ASP D 264 6.02 -21.09 29.02
C ASP D 264 5.56 -21.08 27.57
N ARG D 265 6.46 -21.40 26.64
CA ARG D 265 6.08 -21.53 25.24
C ARG D 265 5.05 -22.63 25.05
N LEU D 266 5.24 -23.76 25.74
CA LEU D 266 4.27 -24.84 25.69
C LEU D 266 2.92 -24.39 26.23
N ASN D 267 2.94 -23.62 27.33
CA ASN D 267 1.69 -23.11 27.89
C ASN D 267 0.97 -22.20 26.91
N HIS D 268 1.71 -21.29 26.27
CA HIS D 268 1.08 -20.40 25.29
C HIS D 268 0.48 -21.18 24.14
N LEU D 269 1.25 -22.11 23.56
CA LEU D 269 0.77 -22.83 22.38
C LEU D 269 -0.40 -23.74 22.73
N LEU D 270 -0.39 -24.32 23.94
CA LEU D 270 -1.55 -25.09 24.39
C LEU D 270 -2.77 -24.19 24.54
N SER D 271 -2.59 -22.99 25.07
CA SER D 271 -3.69 -22.08 25.27
C SER D 271 -4.17 -21.42 23.99
N VAL D 272 -3.29 -21.21 23.01
CA VAL D 272 -3.65 -20.54 21.78
C VAL D 272 -4.06 -21.54 20.69
N ALA D 273 -4.28 -22.80 21.06
CA ALA D 273 -4.68 -23.80 20.08
C ALA D 273 -6.03 -23.43 19.48
N PRO D 274 -6.22 -23.64 18.18
CA PRO D 274 -7.47 -23.24 17.53
C PRO D 274 -8.65 -24.07 18.03
N GLN D 275 -9.84 -23.66 17.59
CA GLN D 275 -11.06 -24.37 17.96
C GLN D 275 -11.06 -25.77 17.36
N GLN D 276 -11.77 -26.67 18.06
CA GLN D 276 -11.93 -28.08 17.68
C GLN D 276 -10.64 -28.69 17.15
N SER D 277 -9.51 -28.32 17.74
CA SER D 277 -8.19 -28.77 17.32
C SER D 277 -7.60 -29.67 18.39
N LEU D 278 -7.66 -30.98 18.15
CA LEU D 278 -7.02 -31.93 19.05
C LEU D 278 -5.50 -31.75 18.96
N VAL D 279 -4.85 -31.64 20.12
CA VAL D 279 -3.41 -31.42 20.17
C VAL D 279 -2.74 -32.72 20.60
N LEU D 280 -1.76 -33.16 19.79
CA LEU D 280 -1.07 -34.41 19.99
C LEU D 280 0.38 -34.16 20.39
N LEU D 281 0.85 -34.89 21.40
CA LEU D 281 2.22 -34.79 21.88
C LEU D 281 2.81 -36.18 21.98
N GLU D 282 4.14 -36.26 21.85
CA GLU D 282 4.85 -37.54 21.81
C GLU D 282 6.10 -37.47 22.67
N ASP D 283 6.54 -38.66 23.09
CA ASP D 283 7.81 -38.83 23.82
C ASP D 283 7.81 -38.08 25.14
N VAL D 284 6.87 -38.46 26.01
CA VAL D 284 6.85 -37.91 27.37
C VAL D 284 8.02 -38.43 28.19
N ASP D 285 8.54 -39.61 27.85
CA ASP D 285 9.59 -40.21 28.65
C ASP D 285 10.85 -39.36 28.69
N ALA D 286 11.27 -38.82 27.54
CA ALA D 286 12.50 -38.06 27.48
C ALA D 286 12.41 -36.77 28.30
N ALA D 287 11.33 -36.03 28.13
CA ALA D 287 11.19 -34.76 28.85
C ALA D 287 10.95 -35.00 30.34
N PHE D 288 10.12 -35.98 30.68
CA PHE D 288 9.83 -36.25 32.08
C PHE D 288 11.05 -36.79 32.81
N LEU D 289 11.93 -37.52 32.11
CA LEU D 289 13.17 -37.96 32.72
C LEU D 289 14.07 -36.78 33.06
N SER D 290 14.10 -35.78 32.19
CA SER D 290 14.91 -34.58 32.44
C SER D 290 14.20 -33.62 33.38
N ARG D 306 13.41 -24.99 29.30
CA ARG D 306 13.02 -25.86 28.19
C ARG D 306 12.50 -27.20 28.69
N LEU D 307 13.42 -28.12 28.98
CA LEU D 307 13.06 -29.44 29.47
C LEU D 307 12.44 -29.34 30.85
N THR D 308 11.34 -30.06 31.07
CA THR D 308 10.67 -30.07 32.35
C THR D 308 9.83 -31.34 32.46
N PHE D 309 9.49 -31.69 33.70
CA PHE D 309 8.64 -32.84 33.98
C PHE D 309 7.33 -32.47 34.66
N SER D 310 7.36 -31.51 35.58
CA SER D 310 6.14 -30.99 36.19
C SER D 310 5.64 -29.73 35.49
N GLY D 311 6.48 -29.07 34.70
CA GLY D 311 6.04 -27.89 33.98
C GLY D 311 4.96 -28.21 32.96
N LEU D 312 5.09 -29.35 32.28
CA LEU D 312 4.08 -29.74 31.29
C LEU D 312 2.73 -29.98 31.94
N LEU D 313 2.70 -30.66 33.10
CA LEU D 313 1.43 -30.88 33.77
C LEU D 313 0.87 -29.60 34.38
N ASN D 314 1.74 -28.69 34.85
CA ASN D 314 1.27 -27.39 35.31
C ASN D 314 0.63 -26.60 34.17
N ALA D 315 1.26 -26.63 32.99
CA ALA D 315 0.67 -25.95 31.84
C ALA D 315 -0.64 -26.59 31.43
N LEU D 316 -0.71 -27.92 31.48
CA LEU D 316 -1.96 -28.62 31.17
C LEU D 316 -3.07 -28.24 32.13
N ASP D 317 -2.73 -28.08 33.41
CA ASP D 317 -3.71 -27.72 34.43
C ASP D 317 -4.06 -26.23 34.41
N GLY D 318 -3.43 -25.44 33.54
CA GLY D 318 -3.72 -24.01 33.51
C GLY D 318 -5.16 -23.75 33.12
N VAL D 319 -5.73 -22.69 33.70
CA VAL D 319 -7.12 -22.34 33.42
C VAL D 319 -7.30 -21.90 31.97
N ALA D 320 -6.32 -21.18 31.43
CA ALA D 320 -6.38 -20.71 30.05
C ALA D 320 -6.48 -21.89 29.08
N SER D 321 -7.61 -21.99 28.40
CA SER D 321 -7.88 -23.12 27.50
C SER D 321 -8.69 -22.61 26.31
N THR D 322 -9.23 -23.55 25.53
CA THR D 322 -10.07 -23.25 24.40
C THR D 322 -11.29 -24.15 24.42
N GLU D 323 -12.25 -23.85 23.54
CA GLU D 323 -13.43 -24.69 23.42
C GLU D 323 -13.06 -26.06 22.89
N ALA D 324 -13.48 -27.11 23.61
CA ALA D 324 -13.17 -28.50 23.26
C ALA D 324 -11.65 -28.71 23.16
N ARG D 325 -10.98 -28.54 24.29
CA ARG D 325 -9.54 -28.73 24.39
C ARG D 325 -9.25 -30.19 24.68
N ILE D 326 -8.94 -30.97 23.64
CA ILE D 326 -8.60 -32.38 23.77
C ILE D 326 -7.13 -32.55 23.47
N VAL D 327 -6.41 -33.18 24.39
CA VAL D 327 -4.98 -33.45 24.25
C VAL D 327 -4.78 -34.97 24.27
N PHE D 328 -3.95 -35.45 23.36
CA PHE D 328 -3.56 -36.86 23.29
C PHE D 328 -2.06 -36.95 23.47
N MET D 329 -1.62 -37.96 24.22
CA MET D 329 -0.21 -38.15 24.52
C MET D 329 0.19 -39.57 24.14
N THR D 330 1.04 -39.71 23.12
CA THR D 330 1.49 -41.01 22.66
C THR D 330 2.94 -41.23 23.07
N THR D 331 3.23 -42.43 23.56
CA THR D 331 4.57 -42.72 24.06
C THR D 331 4.83 -44.21 24.02
N ASN D 332 6.10 -44.56 24.19
CA ASN D 332 6.51 -45.97 24.13
C ASN D 332 6.15 -46.73 25.39
N TYR D 333 6.28 -46.10 26.56
CA TYR D 333 6.06 -46.78 27.82
C TYR D 333 5.60 -45.80 28.89
N ILE D 334 5.08 -46.35 29.99
CA ILE D 334 4.55 -45.58 31.10
C ILE D 334 5.44 -45.65 32.33
N ASP D 335 6.54 -46.38 32.28
CA ASP D 335 7.36 -46.61 33.46
C ASP D 335 7.93 -45.31 34.02
N ARG D 336 8.41 -44.42 33.15
CA ARG D 336 9.03 -43.19 33.60
C ARG D 336 8.03 -42.19 34.17
N LEU D 337 6.73 -42.42 33.98
CA LEU D 337 5.72 -41.45 34.37
C LEU D 337 5.24 -41.69 35.79
N ASP D 338 4.30 -40.85 36.24
CA ASP D 338 3.79 -40.88 37.59
C ASP D 338 2.26 -40.92 37.57
N PRO D 339 1.65 -41.48 38.61
CA PRO D 339 0.18 -41.49 38.67
C PRO D 339 -0.44 -40.09 38.75
N ALA D 340 0.33 -39.07 39.15
CA ALA D 340 -0.22 -37.73 39.23
C ALA D 340 -0.66 -37.22 37.85
N LEU D 341 0.04 -37.65 36.80
CA LEU D 341 -0.33 -37.23 35.45
C LEU D 341 -1.68 -37.81 35.04
N ILE D 342 -1.98 -39.03 35.46
CA ILE D 342 -3.27 -39.67 35.17
C ILE D 342 -4.21 -39.30 36.31
N ARG D 343 -4.97 -38.24 36.11
CA ARG D 343 -5.82 -37.67 37.16
C ARG D 343 -6.94 -36.88 36.50
N PRO D 344 -8.04 -36.64 37.22
CA PRO D 344 -9.06 -35.71 36.71
C PRO D 344 -8.46 -34.34 36.47
N GLY D 345 -8.97 -33.66 35.44
CA GLY D 345 -8.33 -32.46 34.94
C GLY D 345 -7.12 -32.73 34.08
N ARG D 346 -6.86 -33.99 33.76
CA ARG D 346 -5.70 -34.47 33.02
C ARG D 346 -6.15 -35.68 32.22
N VAL D 347 -5.21 -36.53 31.82
CA VAL D 347 -5.53 -37.79 31.17
C VAL D 347 -6.58 -38.52 32.00
N ASP D 348 -7.72 -38.80 31.39
CA ASP D 348 -8.86 -39.33 32.13
C ASP D 348 -8.79 -40.85 32.30
N LEU D 349 -8.74 -41.60 31.20
CA LEU D 349 -8.56 -43.04 31.26
C LEU D 349 -7.36 -43.44 30.42
N LYS D 350 -6.64 -44.46 30.89
CA LYS D 350 -5.44 -44.94 30.22
C LYS D 350 -5.78 -46.13 29.33
N GLU D 351 -5.29 -46.09 28.09
CA GLU D 351 -5.46 -47.17 27.14
C GLU D 351 -4.11 -47.60 26.61
N TYR D 352 -3.91 -48.91 26.54
CA TYR D 352 -2.65 -49.50 26.08
C TYR D 352 -2.87 -50.21 24.75
N VAL D 353 -2.03 -49.90 23.78
CA VAL D 353 -2.07 -50.58 22.48
C VAL D 353 -1.17 -51.80 22.54
N GLY D 354 -1.71 -52.95 22.13
CA GLY D 354 -0.99 -54.20 22.17
C GLY D 354 -0.48 -54.63 20.81
N TYR D 355 0.09 -55.84 20.78
CA TYR D 355 0.60 -56.41 19.55
C TYR D 355 -0.54 -57.02 18.74
N CYS D 356 -0.19 -57.62 17.61
CA CYS D 356 -1.21 -58.21 16.74
C CYS D 356 -1.82 -59.45 17.38
N SER D 357 -3.14 -59.52 17.35
CA SER D 357 -3.88 -60.68 17.81
C SER D 357 -4.42 -61.47 16.62
N HIS D 358 -4.95 -62.65 16.91
CA HIS D 358 -5.50 -63.49 15.84
C HIS D 358 -6.63 -62.78 15.13
N TRP D 359 -7.54 -62.16 15.90
CA TRP D 359 -8.60 -61.34 15.30
C TRP D 359 -8.01 -60.17 14.54
N GLN D 360 -7.02 -59.48 15.14
CA GLN D 360 -6.36 -58.38 14.45
C GLN D 360 -5.67 -58.85 13.17
N LEU D 361 -4.97 -59.98 13.24
CA LEU D 361 -4.26 -60.49 12.08
C LEU D 361 -5.22 -60.84 10.95
N THR D 362 -6.33 -61.53 11.28
CA THR D 362 -7.27 -61.89 10.22
C THR D 362 -8.00 -60.66 9.68
N GLN D 363 -8.28 -59.67 10.53
CA GLN D 363 -8.90 -58.45 10.04
C GLN D 363 -7.99 -57.69 9.08
N MET D 364 -6.70 -57.57 9.42
CA MET D 364 -5.79 -56.86 8.53
C MET D 364 -5.52 -57.67 7.26
N PHE D 365 -5.50 -59.00 7.36
CA PHE D 365 -5.39 -59.82 6.15
C PHE D 365 -6.58 -59.63 5.24
N GLN D 366 -7.79 -59.59 5.80
CA GLN D 366 -8.98 -59.34 4.99
C GLN D 366 -8.96 -57.95 4.39
N ARG D 367 -8.50 -56.95 5.15
CA ARG D 367 -8.43 -55.59 4.62
C ARG D 367 -7.44 -55.50 3.47
N PHE D 368 -6.27 -56.15 3.60
CA PHE D 368 -5.29 -56.13 2.53
C PHE D 368 -5.79 -56.90 1.30
N TYR D 369 -6.32 -58.10 1.51
CA TYR D 369 -6.71 -58.97 0.41
C TYR D 369 -8.23 -58.98 0.29
N PRO D 370 -8.81 -58.37 -0.76
CA PRO D 370 -10.28 -58.21 -0.86
C PRO D 370 -11.03 -59.47 -1.29
N GLY D 371 -11.19 -60.39 -0.35
CA GLY D 371 -12.05 -61.55 -0.55
C GLY D 371 -11.32 -62.83 -0.89
N GLN D 372 -11.14 -63.68 0.12
CA GLN D 372 -10.51 -64.99 -0.06
C GLN D 372 -11.16 -65.96 0.93
N ALA D 373 -10.52 -67.10 1.13
CA ALA D 373 -11.01 -68.08 2.09
C ALA D 373 -10.73 -67.62 3.51
N PRO D 374 -11.74 -67.49 4.37
CA PRO D 374 -11.46 -67.12 5.77
C PRO D 374 -10.58 -68.12 6.50
N SER D 375 -10.66 -69.41 6.12
CA SER D 375 -9.78 -70.40 6.72
C SER D 375 -8.32 -70.11 6.41
N LEU D 376 -8.04 -69.60 5.21
CA LEU D 376 -6.68 -69.22 4.86
C LEU D 376 -6.18 -68.09 5.77
N ALA D 377 -7.04 -67.10 6.03
CA ALA D 377 -6.67 -66.02 6.94
C ALA D 377 -6.45 -66.54 8.36
N GLU D 378 -7.30 -67.47 8.80
CA GLU D 378 -7.13 -68.05 10.14
C GLU D 378 -5.81 -68.81 10.24
N ASN D 379 -5.46 -69.58 9.21
CA ASN D 379 -4.19 -70.30 9.20
C ASN D 379 -3.02 -69.33 9.17
N PHE D 380 -3.14 -68.23 8.41
CA PHE D 380 -2.11 -67.20 8.38
C PHE D 380 -1.89 -66.62 9.77
N ALA D 381 -2.98 -66.27 10.46
CA ALA D 381 -2.87 -65.70 11.79
C ALA D 381 -2.26 -66.70 12.77
N GLU D 382 -2.68 -67.97 12.69
CA GLU D 382 -2.13 -69.00 13.57
C GLU D 382 -0.64 -69.18 13.34
N HIS D 383 -0.22 -69.21 12.07
CA HIS D 383 1.21 -69.35 11.76
C HIS D 383 2.01 -68.15 12.25
N VAL D 384 1.45 -66.95 12.09
CA VAL D 384 2.14 -65.74 12.57
C VAL D 384 2.29 -65.79 14.09
N LEU D 385 1.23 -66.18 14.79
CA LEU D 385 1.31 -66.28 16.25
C LEU D 385 2.30 -67.34 16.68
N LYS D 386 2.33 -68.47 15.99
CA LYS D 386 3.30 -69.52 16.32
C LYS D 386 4.72 -69.05 16.10
N ALA D 387 4.98 -68.35 14.98
CA ALA D 387 6.33 -67.89 14.69
C ALA D 387 6.78 -66.80 15.65
N THR D 388 5.93 -65.78 15.85
CA THR D 388 6.28 -64.66 16.71
C THR D 388 5.09 -64.33 17.61
N SER D 389 5.39 -63.84 18.82
CA SER D 389 4.39 -63.41 19.76
C SER D 389 4.33 -61.91 19.96
N GLU D 390 5.47 -61.21 19.80
CA GLU D 390 5.53 -59.77 19.93
C GLU D 390 5.47 -59.07 18.57
N ILE D 391 4.79 -59.67 17.60
CA ILE D 391 4.74 -59.11 16.25
C ILE D 391 3.95 -57.81 16.26
N SER D 392 4.50 -56.79 15.58
CA SER D 392 3.88 -55.47 15.51
C SER D 392 3.17 -55.28 14.17
N PRO D 393 2.12 -54.45 14.14
CA PRO D 393 1.41 -54.23 12.87
C PRO D 393 2.29 -53.65 11.77
N ALA D 394 3.30 -52.85 12.13
CA ALA D 394 4.19 -52.29 11.11
C ALA D 394 4.96 -53.39 10.40
N GLN D 395 5.45 -54.39 11.14
CA GLN D 395 6.16 -55.50 10.52
C GLN D 395 5.24 -56.29 9.60
N VAL D 396 4.01 -56.52 10.01
CA VAL D 396 3.05 -57.24 9.16
C VAL D 396 2.76 -56.43 7.90
N GLN D 397 2.61 -55.12 8.04
CA GLN D 397 2.36 -54.27 6.88
C GLN D 397 3.53 -54.31 5.91
N GLY D 398 4.76 -54.26 6.43
CA GLY D 398 5.93 -54.37 5.57
C GLY D 398 6.02 -55.72 4.88
N TYR D 399 5.69 -56.78 5.62
CA TYR D 399 5.68 -58.13 5.03
C TYR D 399 4.66 -58.23 3.90
N PHE D 400 3.48 -57.63 4.10
CA PHE D 400 2.46 -57.65 3.06
C PHE D 400 2.88 -56.80 1.86
N MET D 401 3.61 -55.70 2.11
CA MET D 401 4.22 -54.95 1.02
C MET D 401 5.22 -55.81 0.24
N LEU D 402 6.00 -56.62 0.94
CA LEU D 402 6.98 -57.48 0.26
C LEU D 402 6.29 -58.48 -0.66
N TYR D 403 5.08 -58.90 -0.32
CA TYR D 403 4.32 -59.88 -1.09
C TYR D 403 3.03 -59.28 -1.63
N LYS D 404 3.12 -58.08 -2.20
CA LYS D 404 1.97 -57.41 -2.79
C LYS D 404 1.32 -58.28 -3.86
N ASN D 405 -0.01 -58.43 -3.76
CA ASN D 405 -0.80 -59.24 -4.70
C ASN D 405 -0.30 -60.69 -4.74
N ASP D 406 0.30 -61.16 -3.65
CA ASP D 406 0.84 -62.51 -3.55
C ASP D 406 0.34 -63.14 -2.25
N PRO D 407 -0.93 -63.53 -2.18
CA PRO D 407 -1.46 -64.12 -0.94
C PRO D 407 -0.86 -65.47 -0.62
N MET D 408 -0.84 -66.38 -1.59
CA MET D 408 -0.30 -67.73 -1.36
C MET D 408 1.18 -67.67 -1.02
N GLY D 409 1.94 -66.85 -1.73
CA GLY D 409 3.36 -66.72 -1.43
C GLY D 409 3.60 -66.17 -0.03
N ALA D 410 2.82 -65.19 0.39
CA ALA D 410 2.94 -64.66 1.75
C ALA D 410 2.57 -65.72 2.78
N VAL D 411 1.55 -66.53 2.50
CA VAL D 411 1.14 -67.58 3.42
C VAL D 411 2.27 -68.61 3.57
N HIS D 412 2.87 -69.02 2.45
CA HIS D 412 3.92 -70.03 2.50
C HIS D 412 5.24 -69.48 3.03
N ASN D 413 5.40 -68.16 3.10
CA ASN D 413 6.65 -67.55 3.55
C ASN D 413 6.60 -67.08 4.99
N ILE D 414 5.57 -67.47 5.76
CA ILE D 414 5.52 -67.13 7.17
C ILE D 414 6.69 -67.78 7.92
N GLU D 415 6.98 -69.04 7.60
CA GLU D 415 8.13 -69.70 8.21
C GLU D 415 9.43 -69.00 7.84
N SER D 416 9.50 -68.40 6.66
CA SER D 416 10.66 -67.61 6.29
C SER D 416 10.83 -66.40 7.22
N LEU D 417 9.72 -65.75 7.58
CA LEU D 417 9.79 -64.65 8.53
C LEU D 417 10.26 -65.14 9.90
N ARG D 418 9.75 -66.28 10.34
CA ARG D 418 10.12 -66.88 11.62
C ARG D 418 9.90 -65.91 12.78
N ALA E 30 -54.14 -5.13 -30.23
CA ALA E 30 -53.57 -5.76 -29.03
C ALA E 30 -53.60 -7.28 -29.15
N MET E 31 -54.67 -7.80 -29.78
CA MET E 31 -54.78 -9.25 -29.96
C MET E 31 -53.68 -9.78 -30.88
N ALA E 32 -53.35 -9.02 -31.93
CA ALA E 32 -52.30 -9.45 -32.85
C ALA E 32 -50.95 -9.52 -32.15
N ARG E 33 -50.64 -8.53 -31.31
CA ARG E 33 -49.38 -8.55 -30.59
C ARG E 33 -49.29 -9.74 -29.64
N LYS E 34 -50.37 -10.01 -28.91
CA LYS E 34 -50.39 -11.15 -28.00
C LYS E 34 -50.24 -12.47 -28.75
N GLY E 35 -50.95 -12.61 -29.87
CA GLY E 35 -50.82 -13.82 -30.66
C GLY E 35 -49.41 -14.01 -31.20
N ALA E 36 -48.80 -12.92 -31.70
CA ALA E 36 -47.43 -13.00 -32.20
C ALA E 36 -46.46 -13.37 -31.09
N GLN E 37 -46.64 -12.78 -29.90
CA GLN E 37 -45.75 -13.09 -28.78
C GLN E 37 -45.87 -14.56 -28.38
N LEU E 38 -47.10 -15.07 -28.28
CA LEU E 38 -47.30 -16.47 -27.93
C LEU E 38 -46.70 -17.38 -28.99
N GLY E 39 -46.93 -17.07 -30.27
CA GLY E 39 -46.35 -17.88 -31.33
C GLY E 39 -44.84 -17.89 -31.30
N LEU E 40 -44.23 -16.72 -31.08
CA LEU E 40 -42.78 -16.62 -31.04
C LEU E 40 -42.20 -17.40 -29.86
N VAL E 41 -42.81 -17.27 -28.68
CA VAL E 41 -42.27 -17.96 -27.51
C VAL E 41 -42.43 -19.46 -27.66
N ALA E 42 -43.56 -19.91 -28.22
CA ALA E 42 -43.74 -21.34 -28.49
C ALA E 42 -42.72 -21.85 -29.50
N PHE E 43 -42.48 -21.07 -30.56
CA PHE E 43 -41.50 -21.45 -31.57
C PHE E 43 -40.11 -21.61 -30.96
N ARG E 44 -39.70 -20.61 -30.17
CA ARG E 44 -38.37 -20.68 -29.54
C ARG E 44 -38.28 -21.86 -28.58
N ARG E 45 -39.34 -22.10 -27.80
CA ARG E 45 -39.26 -23.13 -26.77
C ARG E 45 -39.31 -24.53 -27.36
N HIS E 46 -39.99 -24.72 -28.49
CA HIS E 46 -40.24 -26.07 -28.99
C HIS E 46 -39.41 -26.46 -30.21
N TYR E 47 -39.04 -25.51 -31.07
CA TYR E 47 -38.42 -25.84 -32.35
C TYR E 47 -37.03 -25.27 -32.56
N MET E 48 -36.47 -24.55 -31.59
CA MET E 48 -35.33 -23.68 -31.86
C MET E 48 -34.26 -23.94 -30.81
N ILE E 49 -32.98 -23.92 -31.20
CA ILE E 49 -31.90 -24.13 -30.24
C ILE E 49 -30.90 -22.99 -30.35
N THR E 50 -30.25 -22.69 -29.23
CA THR E 50 -29.29 -21.59 -29.18
C THR E 50 -28.26 -21.85 -28.08
N LEU E 51 -27.14 -21.16 -28.19
CA LEU E 51 -26.07 -21.21 -27.22
C LEU E 51 -25.42 -19.83 -27.12
N GLU E 52 -25.00 -19.46 -25.92
CA GLU E 52 -24.43 -18.15 -25.65
C GLU E 52 -23.08 -18.29 -24.96
N VAL E 53 -22.11 -17.46 -25.37
CA VAL E 53 -20.81 -17.41 -24.74
C VAL E 53 -20.49 -15.95 -24.41
N PRO E 54 -20.30 -15.59 -23.16
CA PRO E 54 -19.91 -14.22 -22.82
C PRO E 54 -18.45 -13.95 -23.14
N ALA E 55 -18.13 -12.66 -23.23
CA ALA E 55 -16.76 -12.25 -23.54
C ALA E 55 -15.80 -12.57 -22.40
N ARG E 56 -16.31 -12.59 -21.16
CA ARG E 56 -15.45 -12.90 -20.02
C ARG E 56 -14.92 -14.33 -20.09
N ASP E 57 -15.75 -15.27 -20.54
CA ASP E 57 -15.34 -16.66 -20.59
C ASP E 57 -14.24 -16.86 -21.63
N ARG E 58 -13.28 -17.72 -21.30
CA ARG E 58 -12.17 -17.98 -22.20
C ARG E 58 -12.60 -18.71 -23.47
N SER E 59 -13.76 -19.35 -23.47
CA SER E 59 -14.27 -20.02 -24.66
C SER E 59 -14.64 -19.03 -25.77
N TYR E 60 -14.78 -17.75 -25.44
CA TYR E 60 -15.11 -16.76 -26.46
C TYR E 60 -14.05 -16.70 -27.54
N ALA E 61 -12.78 -16.54 -27.15
CA ALA E 61 -11.69 -16.47 -28.11
C ALA E 61 -11.54 -17.79 -28.86
N TRP E 62 -11.69 -18.92 -28.16
CA TRP E 62 -11.57 -20.22 -28.80
C TRP E 62 -12.62 -20.38 -29.90
N LEU E 63 -13.88 -20.05 -29.59
CA LEU E 63 -14.94 -20.17 -30.58
C LEU E 63 -14.75 -19.20 -31.74
N LEU E 64 -14.30 -17.98 -31.45
CA LEU E 64 -14.03 -17.02 -32.52
C LEU E 64 -12.96 -17.53 -33.46
N SER E 65 -11.86 -18.06 -32.90
CA SER E 65 -10.78 -18.60 -33.74
C SER E 65 -11.26 -19.81 -34.53
N TRP E 66 -12.04 -20.69 -33.91
CA TRP E 66 -12.55 -21.85 -34.61
C TRP E 66 -13.46 -21.45 -35.77
N LEU E 67 -14.34 -20.47 -35.55
CA LEU E 67 -15.22 -20.05 -36.63
C LEU E 67 -14.44 -19.34 -37.74
N THR E 68 -13.38 -18.60 -37.37
CA THR E 68 -12.52 -18.00 -38.38
C THR E 68 -11.85 -19.07 -39.23
N ARG E 69 -11.34 -20.13 -38.58
CA ARG E 69 -10.65 -21.18 -39.31
C ARG E 69 -11.60 -21.99 -40.18
N HIS E 70 -12.79 -22.30 -39.67
CA HIS E 70 -13.73 -23.14 -40.40
C HIS E 70 -14.21 -22.45 -41.67
N SER E 71 -14.54 -21.17 -41.60
CA SER E 71 -15.03 -20.41 -42.73
C SER E 71 -13.90 -19.55 -43.27
N THR E 72 -13.37 -19.94 -44.44
CA THR E 72 -12.27 -19.18 -45.04
C THR E 72 -12.77 -17.87 -45.63
N ARG E 73 -13.97 -17.86 -46.19
CA ARG E 73 -14.51 -16.67 -46.87
C ARG E 73 -15.40 -15.88 -45.92
N THR E 74 -14.77 -15.29 -44.91
CA THR E 74 -15.43 -14.38 -43.98
C THR E 74 -15.20 -12.96 -44.48
N GLN E 75 -16.18 -12.43 -45.23
CA GLN E 75 -16.01 -11.12 -45.85
C GLN E 75 -15.94 -10.01 -44.81
N HIS E 76 -16.78 -10.08 -43.78
CA HIS E 76 -16.75 -9.09 -42.70
C HIS E 76 -15.89 -9.61 -41.56
N LEU E 77 -14.89 -8.83 -41.18
CA LEU E 77 -13.94 -9.27 -40.16
C LEU E 77 -13.22 -8.07 -39.57
N SER E 78 -12.63 -8.29 -38.40
CA SER E 78 -11.78 -7.32 -37.72
C SER E 78 -10.44 -7.99 -37.42
N VAL E 79 -9.45 -7.18 -37.06
CA VAL E 79 -8.10 -7.67 -36.85
C VAL E 79 -7.66 -7.36 -35.43
N GLU E 80 -6.88 -8.27 -34.86
CA GLU E 80 -6.24 -8.08 -33.56
C GLU E 80 -4.80 -8.55 -33.66
N THR E 81 -3.88 -7.75 -33.14
CA THR E 81 -2.46 -8.09 -33.18
C THR E 81 -1.96 -8.41 -31.77
N SER E 82 -1.10 -9.42 -31.69
CA SER E 82 -0.37 -9.74 -30.48
C SER E 82 1.03 -9.17 -30.63
N TYR E 83 1.34 -8.17 -29.81
CA TYR E 83 2.62 -7.47 -29.86
C TYR E 83 3.43 -7.85 -28.64
N LEU E 84 4.65 -8.33 -28.85
CA LEU E 84 5.55 -8.68 -27.77
C LEU E 84 6.86 -7.95 -27.94
N GLN E 85 7.33 -7.33 -26.85
CA GLN E 85 8.59 -6.62 -26.79
C GLN E 85 9.61 -7.55 -26.14
N HIS E 86 10.27 -8.35 -26.95
CA HIS E 86 11.33 -9.22 -26.44
C HIS E 86 12.60 -8.41 -26.24
N GLU E 87 13.49 -8.95 -25.40
CA GLU E 87 14.66 -8.20 -24.95
C GLU E 87 15.51 -7.75 -26.13
N SER E 88 16.26 -6.66 -25.92
CA SER E 88 17.12 -6.04 -26.93
C SER E 88 16.31 -5.46 -28.10
N GLY E 89 15.10 -4.98 -27.81
CA GLY E 89 14.28 -4.35 -28.81
C GLY E 89 13.78 -5.27 -29.91
N ARG E 90 13.31 -6.46 -29.57
CA ARG E 90 12.71 -7.37 -30.54
C ARG E 90 11.21 -7.09 -30.61
N ILE E 91 10.74 -6.68 -31.77
CA ILE E 91 9.32 -6.49 -32.02
C ILE E 91 8.77 -7.76 -32.65
N SER E 92 7.88 -8.45 -31.94
CA SER E 92 7.23 -9.64 -32.50
C SER E 92 5.74 -9.39 -32.53
N THR E 93 5.20 -9.12 -33.72
CA THR E 93 3.79 -8.83 -33.92
C THR E 93 3.17 -9.92 -34.77
N LYS E 94 2.09 -10.52 -34.25
CA LYS E 94 1.36 -11.56 -34.97
C LYS E 94 -0.06 -11.06 -35.22
N PHE E 95 -0.51 -11.20 -36.46
CA PHE E 95 -1.84 -10.72 -36.86
C PHE E 95 -2.82 -11.88 -36.82
N GLU E 96 -4.01 -11.63 -36.25
CA GLU E 96 -5.08 -12.61 -36.22
C GLU E 96 -6.38 -11.91 -36.61
N PHE E 97 -7.32 -12.69 -37.14
CA PHE E 97 -8.55 -12.14 -37.68
C PHE E 97 -9.75 -12.79 -37.01
N ILE E 98 -10.74 -11.97 -36.69
CA ILE E 98 -11.93 -12.38 -35.94
C ILE E 98 -13.14 -11.95 -36.77
N PRO E 99 -14.25 -12.68 -36.73
CA PRO E 99 -15.46 -12.18 -37.41
C PRO E 99 -15.89 -10.83 -36.86
N SER E 100 -16.31 -9.96 -37.77
CA SER E 100 -16.75 -8.63 -37.37
C SER E 100 -18.05 -8.73 -36.58
N PRO E 101 -18.30 -7.79 -35.66
CA PRO E 101 -19.56 -7.81 -34.91
C PRO E 101 -20.75 -7.68 -35.86
N GLY E 102 -21.80 -8.42 -35.56
CA GLY E 102 -22.97 -8.45 -36.41
C GLY E 102 -23.53 -9.84 -36.63
N ASN E 103 -24.07 -10.08 -37.82
CA ASN E 103 -24.71 -11.34 -38.16
C ASN E 103 -23.92 -12.07 -39.23
N HIS E 104 -23.75 -13.38 -39.04
CA HIS E 104 -23.08 -14.24 -40.01
C HIS E 104 -23.87 -15.52 -40.16
N PHE E 105 -23.70 -16.19 -41.30
CA PHE E 105 -24.34 -17.46 -41.57
C PHE E 105 -23.27 -18.50 -41.90
N ILE E 106 -23.34 -19.65 -41.22
CA ILE E 106 -22.36 -20.71 -41.42
C ILE E 106 -23.10 -21.99 -41.80
N TRP E 107 -22.55 -22.71 -42.77
CA TRP E 107 -23.11 -23.99 -43.21
C TRP E 107 -22.31 -25.11 -42.56
N TYR E 108 -22.89 -25.75 -41.55
CA TYR E 108 -22.21 -26.83 -40.84
C TYR E 108 -23.15 -28.01 -40.72
N GLN E 109 -22.62 -29.21 -40.95
CA GLN E 109 -23.40 -30.45 -40.96
C GLN E 109 -24.47 -30.27 -42.02
N GLY E 110 -25.74 -30.55 -41.73
CA GLY E 110 -26.81 -30.29 -42.68
C GLY E 110 -27.59 -29.04 -42.32
N LYS E 111 -26.99 -28.20 -41.47
CA LYS E 111 -27.68 -27.06 -40.89
C LYS E 111 -27.03 -25.74 -41.31
N TRP E 112 -27.85 -24.70 -41.34
CA TRP E 112 -27.41 -23.32 -41.52
C TRP E 112 -27.59 -22.62 -40.17
N ILE E 113 -26.48 -22.19 -39.57
CA ILE E 113 -26.48 -21.62 -38.23
C ILE E 113 -26.19 -20.14 -38.30
N ARG E 114 -27.01 -19.35 -37.61
CA ARG E 114 -26.78 -17.92 -37.48
C ARG E 114 -25.84 -17.66 -36.31
N VAL E 115 -24.86 -16.79 -36.52
CA VAL E 115 -23.91 -16.39 -35.50
C VAL E 115 -24.06 -14.89 -35.29
N GLU E 116 -24.36 -14.49 -34.07
CA GLU E 116 -24.57 -13.09 -33.72
C GLU E 116 -23.50 -12.66 -32.73
N ARG E 117 -22.63 -11.75 -33.16
CA ARG E 117 -21.59 -11.19 -32.30
C ARG E 117 -22.02 -9.77 -31.94
N ASN E 118 -22.68 -9.62 -30.80
CA ASN E 118 -23.21 -8.33 -30.37
C ASN E 118 -22.25 -7.71 -29.36
N ARG E 119 -21.70 -6.55 -29.71
CA ARG E 119 -20.84 -5.78 -28.82
C ARG E 119 -21.70 -4.65 -28.25
N ASP E 120 -22.15 -4.82 -27.02
CA ASP E 120 -23.15 -3.93 -26.45
C ASP E 120 -22.56 -2.55 -26.15
N MET E 121 -23.18 -1.52 -26.70
CA MET E 121 -22.75 -0.13 -26.48
C MET E 121 -23.51 0.50 -25.32
N GLN E 122 -23.47 -0.16 -24.17
CA GLN E 122 -24.09 0.37 -22.96
C GLN E 122 -23.11 0.54 -21.81
N MET E 123 -22.29 -0.47 -21.52
CA MET E 123 -21.42 -0.42 -20.35
C MET E 123 -20.10 -1.13 -20.66
N VAL E 124 -19.12 -0.89 -19.80
CA VAL E 124 -17.76 -1.42 -19.93
C VAL E 124 -17.50 -2.39 -18.79
N ASP E 125 -16.87 -3.51 -19.11
CA ASP E 125 -16.48 -4.49 -18.10
C ASP E 125 -15.48 -3.87 -17.13
N LEU E 126 -15.73 -4.04 -15.83
CA LEU E 126 -14.83 -3.49 -14.82
C LEU E 126 -13.51 -4.25 -14.77
N GLN E 127 -13.58 -5.59 -14.85
CA GLN E 127 -12.38 -6.40 -14.68
C GLN E 127 -11.37 -6.15 -15.79
N THR E 128 -11.84 -6.08 -17.04
CA THR E 128 -10.95 -5.96 -18.19
C THR E 128 -10.84 -4.54 -18.71
N GLY E 129 -11.94 -3.80 -18.77
CA GLY E 129 -11.92 -2.47 -19.35
C GLY E 129 -12.35 -2.45 -20.79
N THR E 130 -13.30 -3.32 -21.13
CA THR E 130 -13.84 -3.43 -22.48
C THR E 130 -15.36 -3.38 -22.41
N PRO E 131 -16.01 -2.86 -23.46
CA PRO E 131 -17.48 -2.86 -23.48
C PRO E 131 -18.02 -4.28 -23.46
N TRP E 132 -19.21 -4.43 -22.90
CA TRP E 132 -19.82 -5.75 -22.76
C TRP E 132 -20.02 -6.40 -24.12
N GLU E 133 -19.58 -7.66 -24.24
CA GLU E 133 -19.68 -8.41 -25.49
C GLU E 133 -20.16 -9.82 -25.20
N SER E 134 -20.74 -10.43 -26.22
CA SER E 134 -21.17 -11.83 -26.15
C SER E 134 -21.34 -12.35 -27.57
N VAL E 135 -21.35 -13.68 -27.70
CA VAL E 135 -21.56 -14.33 -28.98
C VAL E 135 -22.67 -15.37 -28.83
N THR E 136 -23.45 -15.56 -29.88
CA THR E 136 -24.59 -16.46 -29.85
C THR E 136 -24.60 -17.32 -31.11
N PHE E 137 -24.79 -18.62 -30.92
CA PHE E 137 -25.01 -19.57 -32.00
C PHE E 137 -26.48 -19.98 -32.01
N THR E 138 -27.12 -19.86 -33.16
CA THR E 138 -28.56 -19.96 -33.27
C THR E 138 -28.90 -20.94 -34.40
N ALA E 139 -29.59 -22.03 -34.07
CA ALA E 139 -29.77 -23.12 -35.00
C ALA E 139 -31.19 -23.68 -34.91
N LEU E 140 -31.63 -24.28 -36.01
CA LEU E 140 -32.97 -24.86 -36.10
C LEU E 140 -32.90 -26.36 -35.82
N GLY E 141 -33.77 -26.84 -34.95
CA GLY E 141 -33.82 -28.25 -34.62
C GLY E 141 -33.84 -28.51 -33.12
N THR E 142 -33.79 -29.78 -32.74
CA THR E 142 -33.73 -30.18 -31.33
C THR E 142 -32.53 -31.08 -31.07
N ASP E 143 -31.44 -30.82 -31.78
CA ASP E 143 -30.21 -31.61 -31.67
C ASP E 143 -29.11 -30.76 -31.05
N ARG E 144 -29.03 -30.79 -29.71
CA ARG E 144 -28.01 -30.04 -29.00
C ARG E 144 -26.61 -30.61 -29.19
N LYS E 145 -26.49 -31.81 -29.74
CA LYS E 145 -25.17 -32.44 -29.91
C LYS E 145 -24.28 -31.67 -30.87
N VAL E 146 -24.86 -30.91 -31.80
CA VAL E 146 -24.05 -30.12 -32.73
C VAL E 146 -23.24 -29.07 -31.97
N PHE E 147 -23.89 -28.38 -31.04
CA PHE E 147 -23.18 -27.40 -30.23
C PHE E 147 -22.10 -28.04 -29.39
N PHE E 148 -22.38 -29.23 -28.82
CA PHE E 148 -21.37 -29.92 -28.03
C PHE E 148 -20.16 -30.29 -28.88
N ASN E 149 -20.40 -30.80 -30.08
CA ASN E 149 -19.29 -31.15 -30.97
C ASN E 149 -18.48 -29.92 -31.37
N ILE E 150 -19.17 -28.82 -31.69
CA ILE E 150 -18.47 -27.60 -32.06
C ILE E 150 -17.61 -27.10 -30.91
N LEU E 151 -18.17 -27.13 -29.69
CA LEU E 151 -17.42 -26.66 -28.52
C LEU E 151 -16.23 -27.56 -28.23
N GLU E 152 -16.39 -28.87 -28.36
CA GLU E 152 -15.25 -29.78 -28.15
C GLU E 152 -14.17 -29.56 -29.20
N GLU E 153 -14.56 -29.36 -30.46
CA GLU E 153 -13.58 -29.08 -31.50
C GLU E 153 -12.85 -27.77 -31.23
N ALA E 154 -13.58 -26.75 -30.77
CA ALA E 154 -12.95 -25.48 -30.43
C ALA E 154 -11.96 -25.65 -29.28
N ARG E 155 -12.33 -26.42 -28.27
CA ARG E 155 -11.40 -26.69 -27.16
C ARG E 155 -10.15 -27.40 -27.65
N ALA E 156 -10.31 -28.41 -28.52
CA ALA E 156 -9.16 -29.14 -29.04
C ALA E 156 -8.26 -28.23 -29.86
N LEU E 157 -8.85 -27.38 -30.71
CA LEU E 157 -8.06 -26.46 -31.51
C LEU E 157 -7.32 -25.45 -30.63
N ALA E 158 -7.97 -24.96 -29.59
CA ALA E 158 -7.31 -24.01 -28.69
C ALA E 158 -6.18 -24.68 -27.93
N LEU E 159 -6.36 -25.95 -27.53
CA LEU E 159 -5.36 -26.63 -26.74
C LEU E 159 -4.16 -27.10 -27.57
N GLN E 160 -4.37 -27.40 -28.86
CA GLN E 160 -3.32 -28.00 -29.65
C GLN E 160 -2.12 -27.06 -29.89
N GLN E 161 -2.31 -25.75 -29.77
CA GLN E 161 -1.20 -24.83 -30.02
C GLN E 161 -0.15 -24.90 -28.92
N GLU E 162 -0.57 -25.07 -27.67
CA GLU E 162 0.37 -25.05 -26.54
C GLU E 162 1.30 -26.26 -26.57
N GLU E 163 2.54 -26.04 -26.15
CA GLU E 163 3.55 -27.08 -26.06
C GLU E 163 3.90 -27.31 -24.60
N GLY E 164 3.88 -28.56 -24.18
CA GLY E 164 4.18 -28.88 -22.79
C GLY E 164 5.62 -28.55 -22.43
N LYS E 165 5.80 -28.11 -21.18
CA LYS E 165 7.11 -27.72 -20.67
C LYS E 165 7.31 -28.32 -19.28
N THR E 166 8.57 -28.52 -18.92
CA THR E 166 8.95 -29.04 -17.61
C THR E 166 9.63 -27.92 -16.84
N VAL E 167 9.19 -27.71 -15.59
CA VAL E 167 9.69 -26.63 -14.75
C VAL E 167 10.69 -27.20 -13.74
N MET E 168 11.89 -26.64 -13.73
CA MET E 168 12.94 -27.08 -12.83
C MET E 168 12.75 -26.43 -11.46
N TYR E 169 13.06 -27.19 -10.40
CA TYR E 169 12.92 -26.71 -9.03
C TYR E 169 14.20 -27.00 -8.25
N THR E 170 14.64 -26.00 -7.48
CA THR E 170 15.78 -26.14 -6.60
C THR E 170 15.35 -26.00 -5.15
N ALA E 171 16.28 -26.28 -4.24
CA ALA E 171 16.02 -26.19 -2.80
C ALA E 171 17.04 -25.27 -2.17
N VAL E 172 16.57 -24.22 -1.50
CA VAL E 172 17.43 -23.31 -0.75
C VAL E 172 16.89 -23.21 0.67
N GLY E 173 17.77 -23.35 1.65
CA GLY E 173 17.35 -23.40 3.03
C GLY E 173 16.40 -24.56 3.28
N SER E 174 15.12 -24.24 3.48
CA SER E 174 14.07 -25.23 3.61
C SER E 174 12.89 -24.87 2.70
N GLU E 175 13.20 -24.38 1.51
CA GLU E 175 12.18 -23.92 0.58
C GLU E 175 12.49 -24.37 -0.84
N TRP E 176 11.46 -24.83 -1.54
CA TRP E 176 11.56 -25.15 -2.96
C TRP E 176 11.28 -23.91 -3.79
N ARG E 177 12.12 -23.66 -4.78
CA ARG E 177 12.03 -22.47 -5.61
C ARG E 177 12.04 -22.87 -7.09
N THR E 178 11.28 -22.11 -7.88
CA THR E 178 11.27 -22.28 -9.34
C THR E 178 12.58 -21.72 -9.88
N PHE E 179 13.54 -22.60 -10.14
CA PHE E 179 14.88 -22.21 -10.56
C PHE E 179 14.99 -22.32 -12.06
N GLY E 180 15.43 -21.23 -12.71
CA GLY E 180 15.61 -21.22 -14.14
C GLY E 180 14.33 -20.92 -14.90
N TYR E 181 14.15 -21.59 -16.03
CA TYR E 181 13.01 -21.40 -16.91
C TYR E 181 12.45 -22.76 -17.31
N PRO E 182 11.19 -22.82 -17.74
CA PRO E 182 10.63 -24.11 -18.16
C PRO E 182 11.47 -24.75 -19.26
N ARG E 183 11.66 -26.05 -19.14
CA ARG E 183 12.52 -26.82 -20.03
C ARG E 183 11.69 -27.64 -21.00
N ARG E 184 12.12 -27.67 -22.26
CA ARG E 184 11.46 -28.51 -23.26
C ARG E 184 11.54 -29.98 -22.84
N ARG E 185 10.42 -30.69 -22.98
CA ARG E 185 10.35 -32.08 -22.56
C ARG E 185 11.22 -32.94 -23.47
N ARG E 186 12.15 -33.68 -22.87
CA ARG E 186 13.05 -34.53 -23.64
C ARG E 186 12.32 -35.81 -24.05
N PRO E 187 12.32 -36.15 -25.33
CA PRO E 187 11.63 -37.37 -25.77
C PRO E 187 12.23 -38.62 -25.13
N LEU E 188 11.38 -39.60 -24.87
CA LEU E 188 11.82 -40.83 -24.21
C LEU E 188 12.81 -41.59 -25.07
N ASP E 189 12.55 -41.68 -26.37
CA ASP E 189 13.43 -42.45 -27.26
C ASP E 189 14.81 -41.82 -27.42
N SER E 190 14.96 -40.54 -27.03
CA SER E 190 16.28 -39.90 -27.10
C SER E 190 17.28 -40.57 -26.16
N VAL E 191 16.80 -41.14 -25.06
CA VAL E 191 17.64 -41.83 -24.09
C VAL E 191 17.32 -43.32 -24.14
N VAL E 192 18.34 -44.14 -24.32
CA VAL E 192 18.21 -45.59 -24.35
C VAL E 192 19.07 -46.18 -23.25
N LEU E 193 18.50 -47.10 -22.49
CA LEU E 193 19.20 -47.74 -21.37
C LEU E 193 19.34 -49.25 -21.56
N GLN E 194 18.24 -49.94 -21.84
CA GLN E 194 18.26 -51.38 -22.02
C GLN E 194 17.08 -51.77 -22.90
N GLN E 195 16.91 -53.08 -23.11
CA GLN E 195 15.83 -53.56 -23.96
C GLN E 195 14.46 -53.20 -23.40
N GLY E 196 14.27 -53.40 -22.09
CA GLY E 196 12.97 -53.14 -21.50
C GLY E 196 13.02 -52.59 -20.09
N LEU E 197 14.21 -52.26 -19.60
CA LEU E 197 14.33 -51.73 -18.24
C LEU E 197 13.58 -50.42 -18.10
N ALA E 198 13.75 -49.51 -19.06
CA ALA E 198 13.00 -48.26 -19.04
C ALA E 198 11.51 -48.52 -19.16
N ASP E 199 11.13 -49.49 -20.00
CA ASP E 199 9.71 -49.83 -20.13
C ASP E 199 9.15 -50.35 -18.81
N ARG E 200 9.91 -51.20 -18.11
CA ARG E 200 9.45 -51.70 -16.82
C ARG E 200 9.31 -50.58 -15.81
N ILE E 201 10.28 -49.66 -15.78
CA ILE E 201 10.23 -48.53 -14.84
C ILE E 201 9.01 -47.67 -15.14
N VAL E 202 8.76 -47.37 -16.41
CA VAL E 202 7.62 -46.55 -16.79
C VAL E 202 6.31 -47.25 -16.41
N LYS E 203 6.21 -48.55 -16.67
CA LYS E 203 5.01 -49.29 -16.34
C LYS E 203 4.76 -49.29 -14.84
N ASP E 204 5.81 -49.51 -14.04
CA ASP E 204 5.65 -49.51 -12.59
C ASP E 204 5.24 -48.14 -12.08
N ILE E 205 5.85 -47.08 -12.63
CA ILE E 205 5.50 -45.72 -12.21
C ILE E 205 4.05 -45.41 -12.53
N ARG E 206 3.61 -45.77 -13.75
CA ARG E 206 2.22 -45.55 -14.13
C ARG E 206 1.26 -46.33 -13.23
N GLU E 207 1.61 -47.59 -12.94
CA GLU E 207 0.75 -48.41 -12.10
C GLU E 207 0.63 -47.83 -10.70
N PHE E 208 1.73 -47.32 -10.15
CA PHE E 208 1.66 -46.66 -8.84
C PHE E 208 0.85 -45.37 -8.91
N ILE E 209 1.00 -44.61 -10.00
CA ILE E 209 0.36 -43.30 -10.07
C ILE E 209 -1.15 -43.43 -10.22
N ASP E 210 -1.60 -44.34 -11.10
CA ASP E 210 -3.02 -44.38 -11.43
C ASP E 210 -3.85 -45.20 -10.46
N ASN E 211 -3.26 -45.71 -9.38
CA ASN E 211 -3.97 -46.53 -8.39
C ASN E 211 -3.72 -45.97 -6.99
N PRO E 212 -4.35 -44.83 -6.65
CA PRO E 212 -4.25 -44.33 -5.27
C PRO E 212 -5.27 -44.99 -4.35
N LYS E 213 -6.38 -45.46 -4.94
CA LYS E 213 -7.41 -46.12 -4.17
C LYS E 213 -6.89 -47.40 -3.52
N TRP E 214 -6.08 -48.17 -4.25
CA TRP E 214 -5.51 -49.39 -3.70
C TRP E 214 -4.66 -49.09 -2.47
N TYR E 215 -3.89 -48.01 -2.51
CA TYR E 215 -3.03 -47.66 -1.39
C TYR E 215 -3.83 -47.13 -0.21
N ILE E 216 -4.81 -46.26 -0.47
CA ILE E 216 -5.55 -45.65 0.63
C ILE E 216 -6.48 -46.66 1.29
N ASP E 217 -6.99 -47.64 0.54
CA ASP E 217 -7.88 -48.64 1.14
C ASP E 217 -7.14 -49.49 2.16
N ARG E 218 -5.90 -49.84 1.89
CA ARG E 218 -5.10 -50.66 2.80
C ARG E 218 -4.39 -49.85 3.88
N GLY E 219 -4.55 -48.53 3.88
CA GLY E 219 -3.93 -47.69 4.88
C GLY E 219 -2.41 -47.67 4.84
N ILE E 220 -1.84 -47.58 3.64
CA ILE E 220 -0.39 -47.53 3.46
C ILE E 220 -0.03 -46.16 2.90
N PRO E 221 1.08 -45.55 3.33
CA PRO E 221 1.47 -44.26 2.76
C PRO E 221 1.69 -44.34 1.26
N TYR E 222 1.31 -43.27 0.57
CA TYR E 222 1.40 -43.20 -0.89
C TYR E 222 2.73 -42.60 -1.30
N ARG E 223 3.80 -43.36 -1.05
CA ARG E 223 5.15 -42.94 -1.36
C ARG E 223 5.89 -44.08 -2.07
N ARG E 224 6.85 -43.71 -2.90
CA ARG E 224 7.68 -44.68 -3.61
C ARG E 224 9.10 -44.16 -3.73
N GLY E 225 10.04 -45.10 -3.77
CA GLY E 225 11.44 -44.77 -3.96
C GLY E 225 12.09 -45.70 -4.96
N TYR E 226 13.01 -45.13 -5.73
CA TYR E 226 13.73 -45.86 -6.77
C TYR E 226 15.21 -45.57 -6.65
N LEU E 227 16.03 -46.55 -7.03
CA LEU E 227 17.48 -46.45 -6.92
C LEU E 227 18.10 -46.78 -8.26
N LEU E 228 18.99 -45.91 -8.73
CA LEU E 228 19.74 -46.11 -9.98
C LEU E 228 21.22 -45.91 -9.65
N TYR E 229 21.95 -47.02 -9.52
CA TYR E 229 23.39 -46.98 -9.30
C TYR E 229 24.09 -47.49 -10.55
N GLY E 230 25.12 -46.79 -10.98
CA GLY E 230 25.84 -47.16 -12.18
C GLY E 230 27.05 -46.30 -12.47
N PRO E 231 27.83 -46.71 -13.46
CA PRO E 231 29.04 -45.96 -13.79
C PRO E 231 28.70 -44.56 -14.25
N PRO E 232 29.57 -43.59 -13.97
CA PRO E 232 29.31 -42.22 -14.43
C PRO E 232 29.33 -42.12 -15.95
N GLY E 233 28.58 -41.15 -16.46
CA GLY E 233 28.42 -40.99 -17.89
C GLY E 233 27.33 -41.82 -18.52
N CYS E 234 26.50 -42.47 -17.71
CA CYS E 234 25.39 -43.27 -18.22
C CYS E 234 24.15 -42.44 -18.50
N GLY E 235 24.19 -41.14 -18.23
CA GLY E 235 23.04 -40.28 -18.46
C GLY E 235 21.85 -40.59 -17.57
N LYS E 236 22.09 -40.92 -16.31
CA LYS E 236 20.99 -41.21 -15.40
C LYS E 236 20.12 -39.99 -15.17
N SER E 237 20.74 -38.82 -14.96
CA SER E 237 19.97 -37.59 -14.76
C SER E 237 19.18 -37.23 -16.01
N SER E 238 19.78 -37.40 -17.19
CA SER E 238 19.06 -37.13 -18.43
C SER E 238 17.86 -38.06 -18.57
N PHE E 239 18.04 -39.34 -18.23
CA PHE E 239 16.93 -40.29 -18.29
C PHE E 239 15.84 -39.92 -17.29
N ILE E 240 16.23 -39.44 -16.11
CA ILE E 240 15.25 -39.01 -15.11
C ILE E 240 14.44 -37.83 -15.65
N THR E 241 15.12 -36.85 -16.24
CA THR E 241 14.42 -35.70 -16.81
C THR E 241 13.51 -36.14 -17.96
N ALA E 242 13.96 -37.07 -18.79
CA ALA E 242 13.16 -37.54 -19.90
C ALA E 242 11.89 -38.26 -19.41
N LEU E 243 12.02 -39.11 -18.39
CA LEU E 243 10.85 -39.81 -17.88
C LEU E 243 9.92 -38.84 -17.16
N ALA E 244 10.47 -37.82 -16.50
CA ALA E 244 9.63 -36.80 -15.90
C ALA E 244 8.84 -36.04 -16.97
N GLY E 245 9.48 -35.73 -18.09
CA GLY E 245 8.78 -35.07 -19.18
C GLY E 245 7.70 -35.95 -19.80
N GLU E 246 8.01 -37.23 -20.02
CA GLU E 246 7.02 -38.14 -20.57
C GLU E 246 5.84 -38.30 -19.64
N LEU E 247 6.10 -38.47 -18.34
CA LEU E 247 5.04 -38.48 -17.34
C LEU E 247 4.45 -37.10 -17.11
N GLU E 248 5.07 -36.06 -17.67
CA GLU E 248 4.67 -34.66 -17.54
C GLU E 248 4.79 -34.15 -16.10
N HIS E 249 5.30 -34.98 -15.20
CA HIS E 249 5.48 -34.58 -13.81
C HIS E 249 6.66 -33.63 -13.67
N SER E 250 6.63 -32.83 -12.61
CA SER E 250 7.72 -31.92 -12.31
C SER E 250 8.84 -32.65 -11.59
N ILE E 251 10.05 -32.10 -11.71
CA ILE E 251 11.25 -32.67 -11.11
C ILE E 251 11.87 -31.64 -10.18
N CYS E 252 12.35 -32.09 -9.03
CA CYS E 252 13.07 -31.23 -8.08
C CYS E 252 14.37 -31.93 -7.71
N LEU E 253 15.49 -31.37 -8.15
CA LEU E 253 16.80 -31.96 -7.89
C LEU E 253 17.38 -31.40 -6.59
N LEU E 254 18.16 -32.24 -5.91
CA LEU E 254 18.90 -31.82 -4.73
C LEU E 254 20.21 -32.59 -4.65
N SER E 255 21.25 -31.90 -4.21
CA SER E 255 22.57 -32.50 -3.99
C SER E 255 22.74 -32.67 -2.48
N LEU E 256 22.44 -33.88 -1.98
CA LEU E 256 22.61 -34.15 -0.56
C LEU E 256 24.07 -34.25 -0.14
N THR E 257 24.99 -34.44 -1.09
CA THR E 257 26.40 -34.53 -0.73
C THR E 257 26.95 -33.22 -0.19
N ASP E 258 26.27 -32.10 -0.44
CA ASP E 258 26.68 -30.84 0.15
C ASP E 258 26.34 -30.80 1.63
N SER E 259 27.14 -30.05 2.38
CA SER E 259 26.95 -29.91 3.82
C SER E 259 26.10 -28.69 4.18
N SER E 260 25.61 -27.95 3.20
CA SER E 260 24.79 -26.78 3.49
C SER E 260 23.50 -27.16 4.20
N LEU E 261 22.85 -28.23 3.75
CA LEU E 261 21.60 -28.68 4.35
C LEU E 261 21.87 -29.68 5.46
N SER E 262 20.94 -29.75 6.41
CA SER E 262 21.03 -30.67 7.54
C SER E 262 19.98 -31.76 7.40
N ASP E 263 19.98 -32.67 8.37
CA ASP E 263 18.99 -33.75 8.39
C ASP E 263 17.58 -33.20 8.52
N ASP E 264 17.39 -32.26 9.46
CA ASP E 264 16.08 -31.66 9.66
C ASP E 264 15.66 -30.82 8.46
N ARG E 265 16.60 -30.09 7.86
CA ARG E 265 16.31 -29.34 6.64
C ARG E 265 15.90 -30.28 5.52
N LEU E 266 16.59 -31.41 5.40
CA LEU E 266 16.22 -32.42 4.40
C LEU E 266 14.81 -32.94 4.66
N ASN E 267 14.48 -33.18 5.93
CA ASN E 267 13.14 -33.66 6.27
C ASN E 267 12.08 -32.63 5.88
N HIS E 268 12.32 -31.35 6.20
CA HIS E 268 11.36 -30.32 5.83
C HIS E 268 11.17 -30.25 4.32
N LEU E 269 12.28 -30.19 3.57
CA LEU E 269 12.18 -30.02 2.13
C LEU E 269 11.56 -31.24 1.47
N LEU E 270 11.82 -32.44 1.99
CA LEU E 270 11.15 -33.63 1.50
C LEU E 270 9.65 -33.56 1.78
N SER E 271 9.28 -33.08 2.95
CA SER E 271 7.87 -32.99 3.32
C SER E 271 7.14 -31.85 2.63
N VAL E 272 7.83 -30.76 2.32
CA VAL E 272 7.20 -29.59 1.70
C VAL E 272 7.29 -29.64 0.18
N ALA E 273 7.66 -30.79 -0.38
CA ALA E 273 7.77 -30.90 -1.84
C ALA E 273 6.40 -30.71 -2.47
N PRO E 274 6.33 -30.03 -3.61
CA PRO E 274 5.02 -29.75 -4.23
C PRO E 274 4.35 -31.01 -4.74
N GLN E 275 3.10 -30.85 -5.17
CA GLN E 275 2.34 -31.96 -5.71
C GLN E 275 2.97 -32.46 -7.00
N GLN E 276 2.76 -33.76 -7.25
CA GLN E 276 3.26 -34.48 -8.44
C GLN E 276 4.69 -34.09 -8.80
N SER E 277 5.52 -33.87 -7.78
CA SER E 277 6.90 -33.43 -7.96
C SER E 277 7.83 -34.56 -7.54
N LEU E 278 8.38 -35.26 -8.53
CA LEU E 278 9.39 -36.27 -8.25
C LEU E 278 10.66 -35.59 -7.74
N VAL E 279 11.19 -36.09 -6.63
CA VAL E 279 12.37 -35.50 -6.00
C VAL E 279 13.56 -36.41 -6.28
N LEU E 280 14.63 -35.82 -6.82
CA LEU E 280 15.82 -36.55 -7.23
C LEU E 280 16.99 -36.16 -6.33
N LEU E 281 17.75 -37.17 -5.90
CA LEU E 281 18.91 -36.97 -5.06
C LEU E 281 20.09 -37.75 -5.65
N GLU E 282 21.30 -37.26 -5.39
CA GLU E 282 22.51 -37.83 -5.97
C GLU E 282 23.60 -37.96 -4.91
N ASP E 283 24.53 -38.86 -5.19
CA ASP E 283 25.74 -39.05 -4.37
C ASP E 283 25.40 -39.47 -2.94
N VAL E 284 24.74 -40.62 -2.83
CA VAL E 284 24.47 -41.19 -1.52
C VAL E 284 25.75 -41.71 -0.86
N ASP E 285 26.75 -42.05 -1.67
CA ASP E 285 27.98 -42.66 -1.12
C ASP E 285 28.70 -41.70 -0.18
N ALA E 286 28.82 -40.43 -0.57
CA ALA E 286 29.58 -39.47 0.23
C ALA E 286 28.92 -39.23 1.58
N ALA E 287 27.60 -38.98 1.58
CA ALA E 287 26.91 -38.70 2.83
C ALA E 287 26.80 -39.95 3.70
N PHE E 288 26.51 -41.10 3.10
CA PHE E 288 26.38 -42.33 3.87
C PHE E 288 27.72 -42.76 4.46
N LEU E 289 28.82 -42.48 3.77
CA LEU E 289 30.14 -42.76 4.33
C LEU E 289 30.40 -41.92 5.57
N SER E 290 29.97 -40.67 5.56
CA SER E 290 30.14 -39.78 6.71
C SER E 290 29.07 -40.04 7.77
N ARG E 306 24.42 -31.91 9.78
CA ARG E 306 24.47 -31.85 8.31
C ARG E 306 24.63 -33.24 7.71
N LEU E 307 25.87 -33.72 7.65
CA LEU E 307 26.14 -35.03 7.10
C LEU E 307 25.55 -36.12 7.98
N THR E 308 24.91 -37.10 7.35
CA THR E 308 24.30 -38.21 8.08
C THR E 308 24.15 -39.39 7.13
N PHE E 309 24.00 -40.57 7.72
CA PHE E 309 23.78 -41.81 6.96
C PHE E 309 22.43 -42.46 7.28
N SER E 310 22.02 -42.46 8.55
CA SER E 310 20.70 -42.94 8.93
C SER E 310 19.68 -41.82 9.03
N GLY E 311 20.14 -40.57 9.11
CA GLY E 311 19.20 -39.46 9.15
C GLY E 311 18.39 -39.32 7.88
N LEU E 312 19.02 -39.56 6.73
CA LEU E 312 18.30 -39.48 5.47
C LEU E 312 17.20 -40.53 5.38
N LEU E 313 17.48 -41.76 5.80
CA LEU E 313 16.46 -42.80 5.77
C LEU E 313 15.38 -42.56 6.82
N ASN E 314 15.75 -42.00 7.98
CA ASN E 314 14.73 -41.63 8.96
C ASN E 314 13.80 -40.56 8.41
N ALA E 315 14.37 -39.56 7.74
CA ALA E 315 13.54 -38.53 7.12
C ALA E 315 12.66 -39.11 6.01
N LEU E 316 13.21 -40.03 5.23
CA LEU E 316 12.41 -40.68 4.19
C LEU E 316 11.26 -41.48 4.79
N ASP E 317 11.48 -42.14 5.93
CA ASP E 317 10.44 -42.91 6.58
C ASP E 317 9.45 -42.05 7.36
N GLY E 318 9.66 -40.74 7.41
CA GLY E 318 8.75 -39.88 8.15
C GLY E 318 7.34 -39.93 7.59
N VAL E 319 6.36 -39.81 8.48
CA VAL E 319 4.96 -39.86 8.06
C VAL E 319 4.61 -38.66 7.21
N ALA E 320 5.13 -37.48 7.55
CA ALA E 320 4.86 -36.26 6.81
C ALA E 320 5.31 -36.40 5.35
N SER E 321 4.35 -36.38 4.43
CA SER E 321 4.63 -36.59 3.02
C SER E 321 3.67 -35.72 2.21
N THR E 322 3.61 -35.98 0.91
CA THR E 322 2.72 -35.29 -0.01
C THR E 322 2.05 -36.31 -0.93
N GLU E 323 1.07 -35.83 -1.68
CA GLU E 323 0.38 -36.69 -2.63
C GLU E 323 1.34 -37.10 -3.75
N ALA E 324 1.45 -38.40 -3.98
CA ALA E 324 2.36 -38.97 -4.98
C ALA E 324 3.80 -38.53 -4.73
N ARG E 325 4.32 -38.97 -3.58
CA ARG E 325 5.70 -38.67 -3.18
C ARG E 325 6.62 -39.74 -3.77
N ILE E 326 7.24 -39.42 -4.90
CA ILE E 326 8.18 -40.31 -5.56
C ILE E 326 9.58 -39.72 -5.44
N VAL E 327 10.51 -40.52 -4.92
CA VAL E 327 11.90 -40.13 -4.75
C VAL E 327 12.78 -41.06 -5.59
N PHE E 328 13.74 -40.48 -6.30
CA PHE E 328 14.72 -41.22 -7.07
C PHE E 328 16.10 -40.89 -6.54
N MET E 329 16.96 -41.91 -6.46
CA MET E 329 18.30 -41.77 -5.93
C MET E 329 19.29 -42.30 -6.94
N THR E 330 20.12 -41.42 -7.50
CA THR E 330 21.10 -41.79 -8.50
C THR E 330 22.49 -41.73 -7.88
N THR E 331 23.30 -42.75 -8.16
CA THR E 331 24.62 -42.82 -7.55
C THR E 331 25.55 -43.68 -8.42
N ASN E 332 26.84 -43.60 -8.10
CA ASN E 332 27.84 -44.33 -8.88
C ASN E 332 27.86 -45.82 -8.52
N TYR E 333 27.69 -46.16 -7.25
CA TYR E 333 27.81 -47.54 -6.82
C TYR E 333 26.96 -47.78 -5.59
N ILE E 334 26.76 -49.06 -5.27
CA ILE E 334 25.93 -49.50 -4.15
C ILE E 334 26.75 -50.10 -3.02
N ASP E 335 28.08 -50.15 -3.16
CA ASP E 335 28.91 -50.84 -2.18
C ASP E 335 28.82 -50.18 -0.80
N ARG E 336 28.84 -48.84 -0.75
CA ARG E 336 28.83 -48.14 0.52
C ARG E 336 27.49 -48.22 1.23
N LEU E 337 26.44 -48.67 0.55
CA LEU E 337 25.10 -48.64 1.12
C LEU E 337 24.78 -49.93 1.87
N ASP E 338 23.57 -50.01 2.40
CA ASP E 338 23.11 -51.12 3.22
C ASP E 338 21.78 -51.64 2.71
N PRO E 339 21.49 -52.92 2.94
CA PRO E 339 20.18 -53.45 2.52
C PRO E 339 19.00 -52.82 3.24
N ALA E 340 19.22 -52.16 4.38
CA ALA E 340 18.13 -51.53 5.09
C ALA E 340 17.50 -50.41 4.26
N LEU E 341 18.31 -49.72 3.45
CA LEU E 341 17.78 -48.66 2.60
C LEU E 341 16.86 -49.21 1.53
N ILE E 342 17.14 -50.40 1.00
CA ILE E 342 16.28 -51.04 0.00
C ILE E 342 15.29 -51.90 0.77
N ARG E 343 14.12 -51.32 1.04
CA ARG E 343 13.12 -51.96 1.88
C ARG E 343 11.75 -51.37 1.53
N PRO E 344 10.67 -52.07 1.86
CA PRO E 344 9.34 -51.45 1.74
C PRO E 344 9.23 -50.19 2.59
N GLY E 345 8.47 -49.23 2.09
CA GLY E 345 8.50 -47.89 2.65
C GLY E 345 9.70 -47.07 2.23
N ARG E 346 10.50 -47.60 1.31
CA ARG E 346 11.75 -47.01 0.85
C ARG E 346 11.89 -47.40 -0.62
N VAL E 347 13.13 -47.36 -1.14
CA VAL E 347 13.41 -47.85 -2.48
C VAL E 347 12.81 -49.24 -2.64
N ASP E 348 11.92 -49.40 -3.62
CA ASP E 348 11.14 -50.62 -3.75
C ASP E 348 11.90 -51.70 -4.53
N LEU E 349 12.29 -51.42 -5.77
CA LEU E 349 13.10 -52.34 -6.55
C LEU E 349 14.36 -51.62 -7.03
N LYS E 350 15.46 -52.37 -7.09
CA LYS E 350 16.74 -51.82 -7.50
C LYS E 350 16.99 -52.10 -8.97
N GLU E 351 17.39 -51.07 -9.70
CA GLU E 351 17.73 -51.19 -11.11
C GLU E 351 19.14 -50.65 -11.34
N TYR E 352 19.91 -51.39 -12.13
CA TYR E 352 21.30 -51.03 -12.43
C TYR E 352 21.42 -50.66 -13.90
N VAL E 353 22.03 -49.52 -14.17
CA VAL E 353 22.29 -49.09 -15.54
C VAL E 353 23.66 -49.63 -15.96
N GLY E 354 23.70 -50.27 -17.13
CA GLY E 354 24.92 -50.87 -17.63
C GLY E 354 25.56 -50.05 -18.73
N TYR E 355 26.61 -50.63 -19.31
CA TYR E 355 27.33 -50.00 -20.40
C TYR E 355 26.59 -50.22 -21.73
N CYS E 356 27.17 -49.72 -22.81
CA CYS E 356 26.54 -49.85 -24.12
C CYS E 356 26.55 -51.30 -24.58
N SER E 357 25.41 -51.77 -25.06
CA SER E 357 25.28 -53.08 -25.66
C SER E 357 25.16 -52.96 -27.17
N HIS E 358 25.23 -54.11 -27.84
CA HIS E 358 25.12 -54.11 -29.30
C HIS E 358 23.77 -53.54 -29.74
N TRP E 359 22.69 -53.96 -29.08
CA TRP E 359 21.38 -53.38 -29.35
C TRP E 359 21.36 -51.90 -29.00
N GLN E 360 21.94 -51.53 -27.86
CA GLN E 360 22.02 -50.12 -27.48
C GLN E 360 22.84 -49.33 -28.49
N LEU E 361 23.98 -49.88 -28.91
CA LEU E 361 24.84 -49.17 -29.85
C LEU E 361 24.14 -48.97 -31.19
N THR E 362 23.48 -50.00 -31.71
CA THR E 362 22.80 -49.83 -32.99
C THR E 362 21.59 -48.90 -32.87
N GLN E 363 20.89 -48.93 -31.72
CA GLN E 363 19.77 -48.00 -31.54
C GLN E 363 20.25 -46.56 -31.49
N MET E 364 21.33 -46.28 -30.77
CA MET E 364 21.83 -44.91 -30.72
C MET E 364 22.43 -44.47 -32.05
N PHE E 365 23.04 -45.40 -32.79
CA PHE E 365 23.52 -45.08 -34.13
C PHE E 365 22.37 -44.72 -35.05
N GLN E 366 21.28 -45.49 -34.99
CA GLN E 366 20.10 -45.19 -35.79
C GLN E 366 19.48 -43.86 -35.39
N ARG E 367 19.44 -43.57 -34.08
CA ARG E 367 18.89 -42.30 -33.62
C ARG E 367 19.73 -41.13 -34.10
N PHE E 368 21.05 -41.25 -34.04
CA PHE E 368 21.92 -40.18 -34.51
C PHE E 368 21.82 -40.01 -36.02
N TYR E 369 21.89 -41.11 -36.77
CA TYR E 369 21.93 -41.06 -38.22
C TYR E 369 20.59 -41.49 -38.78
N PRO E 370 19.80 -40.57 -39.35
CA PRO E 370 18.42 -40.89 -39.80
C PRO E 370 18.33 -41.67 -41.10
N GLY E 371 18.61 -42.97 -41.02
CA GLY E 371 18.36 -43.87 -42.14
C GLY E 371 19.59 -44.23 -42.94
N GLN E 372 20.15 -45.41 -42.68
CA GLN E 372 21.31 -45.92 -43.39
C GLN E 372 21.18 -47.44 -43.47
N ALA E 373 22.27 -48.11 -43.80
CA ALA E 373 22.27 -49.56 -43.86
C ALA E 373 22.32 -50.13 -42.45
N PRO E 374 21.36 -50.99 -42.05
CA PRO E 374 21.45 -51.61 -40.73
C PRO E 374 22.68 -52.46 -40.52
N SER E 375 23.20 -53.07 -41.60
CA SER E 375 24.44 -53.82 -41.49
C SER E 375 25.61 -52.93 -41.10
N LEU E 376 25.62 -51.69 -41.58
CA LEU E 376 26.65 -50.74 -41.18
C LEU E 376 26.58 -50.46 -39.69
N ALA E 377 25.37 -50.28 -39.15
CA ALA E 377 25.22 -50.08 -37.71
C ALA E 377 25.65 -51.31 -36.93
N GLU E 378 25.31 -52.50 -37.43
CA GLU E 378 25.74 -53.73 -36.76
C GLU E 378 27.25 -53.85 -36.73
N ASN E 379 27.91 -53.54 -37.85
CA ASN E 379 29.37 -53.58 -37.89
C ASN E 379 29.97 -52.53 -36.96
N PHE E 380 29.36 -51.34 -36.89
CA PHE E 380 29.82 -50.30 -35.97
C PHE E 380 29.74 -50.79 -34.53
N ALA E 381 28.62 -51.40 -34.15
CA ALA E 381 28.46 -51.92 -32.80
C ALA E 381 29.45 -53.03 -32.50
N GLU E 382 29.67 -53.93 -33.46
CA GLU E 382 30.62 -55.01 -33.26
C GLU E 382 32.04 -54.48 -33.09
N HIS E 383 32.42 -53.49 -33.91
CA HIS E 383 33.74 -52.90 -33.78
C HIS E 383 33.90 -52.18 -32.44
N VAL E 384 32.87 -51.47 -32.00
CA VAL E 384 32.94 -50.79 -30.70
C VAL E 384 33.10 -51.81 -29.58
N LEU E 385 32.34 -52.89 -29.63
CA LEU E 385 32.44 -53.92 -28.60
C LEU E 385 33.82 -54.58 -28.61
N LYS E 386 34.36 -54.83 -29.80
CA LYS E 386 35.70 -55.42 -29.89
C LYS E 386 36.75 -54.47 -29.33
N ALA E 387 36.66 -53.18 -29.63
CA ALA E 387 37.65 -52.22 -29.16
C ALA E 387 37.55 -52.03 -27.66
N THR E 388 36.34 -51.78 -27.15
CA THR E 388 36.13 -51.52 -25.73
C THR E 388 34.93 -52.31 -25.24
N SER E 389 34.98 -52.72 -23.97
CA SER E 389 33.89 -53.43 -23.33
C SER E 389 33.15 -52.60 -22.29
N GLU E 390 33.84 -51.67 -21.63
CA GLU E 390 33.24 -50.78 -20.63
C GLU E 390 32.87 -49.42 -21.23
N ILE E 391 32.54 -49.38 -22.52
CA ILE E 391 32.24 -48.12 -23.18
C ILE E 391 30.95 -47.54 -22.63
N SER E 392 30.97 -46.22 -22.33
CA SER E 392 29.82 -45.53 -21.77
C SER E 392 29.09 -44.73 -22.85
N PRO E 393 27.78 -44.52 -22.70
CA PRO E 393 27.04 -43.75 -23.71
C PRO E 393 27.55 -42.32 -23.90
N ALA E 394 28.09 -41.71 -22.84
CA ALA E 394 28.63 -40.36 -22.97
C ALA E 394 29.82 -40.33 -23.92
N GLN E 395 30.70 -41.32 -23.83
CA GLN E 395 31.84 -41.38 -24.74
C GLN E 395 31.39 -41.57 -26.17
N VAL E 396 30.39 -42.42 -26.39
CA VAL E 396 29.87 -42.62 -27.75
C VAL E 396 29.24 -41.34 -28.27
N GLN E 397 28.50 -40.63 -27.42
CA GLN E 397 27.89 -39.37 -27.83
C GLN E 397 28.95 -38.34 -28.20
N GLY E 398 30.02 -38.25 -27.41
CA GLY E 398 31.11 -37.35 -27.75
C GLY E 398 31.80 -37.73 -29.04
N TYR E 399 32.00 -39.03 -29.26
CA TYR E 399 32.60 -39.51 -30.49
C TYR E 399 31.73 -39.15 -31.70
N PHE E 400 30.41 -39.29 -31.56
CA PHE E 400 29.51 -38.92 -32.64
C PHE E 400 29.50 -37.41 -32.88
N MET E 401 29.65 -36.63 -31.81
CA MET E 401 29.84 -35.20 -31.96
C MET E 401 31.12 -34.88 -32.73
N LEU E 402 32.20 -35.63 -32.48
CA LEU E 402 33.45 -35.40 -33.19
C LEU E 402 33.29 -35.65 -34.68
N TYR E 403 32.41 -36.57 -35.06
CA TYR E 403 32.18 -36.93 -36.46
C TYR E 403 30.75 -36.60 -36.89
N LYS E 404 30.29 -35.40 -36.55
CA LYS E 404 28.95 -34.96 -36.93
C LYS E 404 28.77 -35.00 -38.44
N ASN E 405 27.65 -35.61 -38.87
CA ASN E 405 27.33 -35.77 -40.29
C ASN E 405 28.42 -36.52 -41.05
N ASP E 406 29.18 -37.36 -40.35
CA ASP E 406 30.27 -38.14 -40.95
C ASP E 406 30.12 -39.59 -40.52
N PRO E 407 29.17 -40.32 -41.10
CA PRO E 407 28.96 -41.73 -40.71
C PRO E 407 30.11 -42.63 -41.11
N MET E 408 30.54 -42.55 -42.38
CA MET E 408 31.63 -43.40 -42.84
C MET E 408 32.92 -43.11 -42.11
N GLY E 409 33.23 -41.82 -41.88
CA GLY E 409 34.43 -41.47 -41.15
C GLY E 409 34.41 -41.99 -39.72
N ALA E 410 33.26 -41.90 -39.06
CA ALA E 410 33.12 -42.44 -37.72
C ALA E 410 33.29 -43.95 -37.72
N VAL E 411 32.74 -44.62 -38.73
CA VAL E 411 32.87 -46.08 -38.82
C VAL E 411 34.34 -46.47 -38.99
N HIS E 412 35.05 -45.77 -39.87
CA HIS E 412 36.45 -46.11 -40.12
C HIS E 412 37.38 -45.68 -38.99
N ASN E 413 36.92 -44.81 -38.09
CA ASN E 413 37.75 -44.31 -37.01
C ASN E 413 37.49 -45.00 -35.68
N ILE E 414 36.77 -46.11 -35.68
CA ILE E 414 36.57 -46.88 -34.45
C ILE E 414 37.91 -47.41 -33.94
N GLU E 415 38.73 -47.93 -34.84
CA GLU E 415 40.06 -48.38 -34.45
C GLU E 415 40.91 -47.25 -33.89
N SER E 416 40.68 -46.02 -34.36
CA SER E 416 41.36 -44.86 -33.78
C SER E 416 40.96 -44.66 -32.33
N LEU E 417 39.68 -44.84 -32.02
CA LEU E 417 39.24 -44.76 -30.63
C LEU E 417 39.89 -45.85 -29.79
N ARG E 418 39.96 -47.07 -30.31
CA ARG E 418 40.55 -48.21 -29.62
C ARG E 418 39.93 -48.44 -28.25
N ALA F 30 -45.27 -1.27 -42.06
CA ALA F 30 -44.46 -2.30 -41.41
C ALA F 30 -43.79 -3.18 -42.45
N MET F 31 -44.50 -3.43 -43.56
CA MET F 31 -43.93 -4.26 -44.63
C MET F 31 -42.73 -3.57 -45.28
N ALA F 32 -42.80 -2.26 -45.45
CA ALA F 32 -41.68 -1.53 -46.04
C ALA F 32 -40.44 -1.61 -45.17
N ARG F 33 -40.61 -1.47 -43.84
CA ARG F 33 -39.47 -1.55 -42.94
C ARG F 33 -38.84 -2.94 -42.97
N LYS F 34 -39.66 -3.99 -42.97
CA LYS F 34 -39.15 -5.36 -43.03
C LYS F 34 -38.41 -5.60 -44.34
N GLY F 35 -38.99 -5.16 -45.46
CA GLY F 35 -38.31 -5.31 -46.73
C GLY F 35 -36.99 -4.58 -46.79
N ALA F 36 -36.96 -3.35 -46.28
CA ALA F 36 -35.72 -2.59 -46.26
C ALA F 36 -34.67 -3.26 -45.38
N GLN F 37 -35.09 -3.79 -44.22
CA GLN F 37 -34.14 -4.47 -43.33
C GLN F 37 -33.56 -5.71 -44.00
N LEU F 38 -34.42 -6.51 -44.64
CA LEU F 38 -33.94 -7.71 -45.32
C LEU F 38 -33.00 -7.35 -46.47
N GLY F 39 -33.37 -6.33 -47.25
CA GLY F 39 -32.49 -5.91 -48.34
C GLY F 39 -31.14 -5.42 -47.85
N LEU F 40 -31.15 -4.63 -46.76
CA LEU F 40 -29.89 -4.11 -46.22
C LEU F 40 -29.02 -5.24 -45.68
N VAL F 41 -29.60 -6.18 -44.95
CA VAL F 41 -28.78 -7.25 -44.37
C VAL F 41 -28.24 -8.15 -45.47
N ALA F 42 -29.04 -8.42 -46.51
CA ALA F 42 -28.55 -9.19 -47.64
C ALA F 42 -27.42 -8.46 -48.36
N PHE F 43 -27.57 -7.15 -48.56
CA PHE F 43 -26.54 -6.36 -49.21
C PHE F 43 -25.24 -6.41 -48.43
N ARG F 44 -25.30 -6.20 -47.11
CA ARG F 44 -24.10 -6.24 -46.29
C ARG F 44 -23.47 -7.62 -46.30
N ARG F 45 -24.29 -8.68 -46.23
CA ARG F 45 -23.73 -10.02 -46.11
C ARG F 45 -23.13 -10.51 -47.42
N HIS F 46 -23.66 -10.07 -48.57
CA HIS F 46 -23.26 -10.65 -49.84
C HIS F 46 -22.36 -9.75 -50.70
N TYR F 47 -22.48 -8.43 -50.60
CA TYR F 47 -21.79 -7.54 -51.52
C TYR F 47 -20.83 -6.57 -50.88
N MET F 48 -20.65 -6.59 -49.56
CA MET F 48 -20.04 -5.47 -48.86
C MET F 48 -18.96 -6.02 -47.93
N ILE F 49 -17.85 -5.29 -47.79
CA ILE F 49 -16.77 -5.72 -46.91
C ILE F 49 -16.42 -4.60 -45.95
N THR F 50 -15.96 -4.98 -44.75
CA THR F 50 -15.62 -4.00 -43.74
C THR F 50 -14.58 -4.58 -42.79
N LEU F 51 -13.91 -3.69 -42.07
CA LEU F 51 -12.91 -4.04 -41.07
C LEU F 51 -12.98 -3.03 -39.94
N GLU F 52 -12.76 -3.50 -38.71
CA GLU F 52 -12.86 -2.66 -37.53
C GLU F 52 -11.59 -2.77 -36.69
N VAL F 53 -11.12 -1.65 -36.16
CA VAL F 53 -9.98 -1.60 -35.27
C VAL F 53 -10.36 -0.81 -34.04
N PRO F 54 -10.34 -1.39 -32.84
CA PRO F 54 -10.64 -0.63 -31.63
C PRO F 54 -9.46 0.25 -31.23
N ALA F 55 -9.78 1.24 -30.39
CA ALA F 55 -8.76 2.17 -29.92
C ALA F 55 -7.75 1.49 -29.00
N ARG F 56 -8.17 0.45 -28.28
CA ARG F 56 -7.25 -0.25 -27.38
C ARG F 56 -6.13 -0.93 -28.15
N ASP F 57 -6.44 -1.49 -29.32
CA ASP F 57 -5.43 -2.19 -30.12
C ASP F 57 -4.37 -1.22 -30.63
N ARG F 58 -3.12 -1.68 -30.63
CA ARG F 58 -2.02 -0.84 -31.08
C ARG F 58 -2.09 -0.55 -32.58
N SER F 59 -2.82 -1.35 -33.34
CA SER F 59 -2.97 -1.11 -34.77
C SER F 59 -3.77 0.16 -35.07
N TYR F 60 -4.48 0.70 -34.08
CA TYR F 60 -5.25 1.93 -34.29
C TYR F 60 -4.34 3.09 -34.70
N ALA F 61 -3.29 3.33 -33.91
CA ALA F 61 -2.36 4.41 -34.22
C ALA F 61 -1.62 4.16 -35.53
N TRP F 62 -1.23 2.90 -35.77
CA TRP F 62 -0.53 2.58 -37.01
C TRP F 62 -1.41 2.88 -38.22
N LEU F 63 -2.66 2.46 -38.19
CA LEU F 63 -3.57 2.71 -39.31
C LEU F 63 -3.86 4.19 -39.48
N LEU F 64 -4.01 4.91 -38.36
CA LEU F 64 -4.23 6.35 -38.45
C LEU F 64 -3.05 7.05 -39.11
N SER F 65 -1.84 6.71 -38.68
CA SER F 65 -0.64 7.31 -39.27
C SER F 65 -0.51 6.95 -40.75
N TRP F 66 -0.79 5.69 -41.10
CA TRP F 66 -0.71 5.28 -42.49
C TRP F 66 -1.71 6.03 -43.36
N LEU F 67 -2.94 6.20 -42.87
CA LEU F 67 -3.93 6.93 -43.65
C LEU F 67 -3.59 8.40 -43.75
N THR F 68 -2.98 8.97 -42.70
CA THR F 68 -2.50 10.35 -42.78
C THR F 68 -1.42 10.49 -43.85
N ARG F 69 -0.48 9.55 -43.87
CA ARG F 69 0.62 9.63 -44.83
C ARG F 69 0.13 9.41 -46.26
N HIS F 70 -0.77 8.44 -46.46
CA HIS F 70 -1.23 8.12 -47.81
C HIS F 70 -1.98 9.27 -48.44
N SER F 71 -2.86 9.91 -47.68
CA SER F 71 -3.67 11.03 -48.18
C SER F 71 -3.06 12.33 -47.68
N THR F 72 -2.43 13.08 -48.59
CA THR F 72 -1.81 14.34 -48.20
C THR F 72 -2.87 15.41 -47.95
N ARG F 73 -3.95 15.41 -48.73
CA ARG F 73 -4.97 16.46 -48.64
C ARG F 73 -6.12 15.99 -47.76
N THR F 74 -5.81 15.87 -46.46
CA THR F 74 -6.83 15.57 -45.44
C THR F 74 -7.28 16.89 -44.85
N GLN F 75 -8.40 17.41 -45.35
CA GLN F 75 -8.86 18.73 -44.93
C GLN F 75 -9.29 18.73 -43.47
N HIS F 76 -10.00 17.69 -43.03
CA HIS F 76 -10.42 17.57 -41.64
C HIS F 76 -9.41 16.73 -40.88
N LEU F 77 -8.87 17.29 -39.80
CA LEU F 77 -7.82 16.62 -39.05
C LEU F 77 -7.73 17.21 -37.66
N SER F 78 -7.08 16.46 -36.76
CA SER F 78 -6.77 16.87 -35.41
C SER F 78 -5.27 16.68 -35.19
N VAL F 79 -4.77 17.28 -34.11
CA VAL F 79 -3.33 17.28 -33.84
C VAL F 79 -3.07 16.63 -32.48
N GLU F 80 -1.94 15.92 -32.41
CA GLU F 80 -1.46 15.35 -31.16
C GLU F 80 0.04 15.62 -31.07
N THR F 81 0.49 16.06 -29.90
CA THR F 81 1.90 16.35 -29.69
C THR F 81 2.52 15.34 -28.73
N SER F 82 3.74 14.94 -29.04
CA SER F 82 4.56 14.13 -28.14
C SER F 82 5.53 15.07 -27.44
N TYR F 83 5.35 15.24 -26.14
CA TYR F 83 6.16 16.14 -25.34
C TYR F 83 7.07 15.31 -24.43
N LEU F 84 8.37 15.58 -24.51
CA LEU F 84 9.35 14.89 -23.67
C LEU F 84 10.17 15.93 -22.92
N GLN F 85 10.30 15.71 -21.62
CA GLN F 85 11.10 16.55 -20.71
C GLN F 85 12.43 15.83 -20.51
N HIS F 86 13.38 16.12 -21.39
CA HIS F 86 14.72 15.58 -21.22
C HIS F 86 15.49 16.38 -20.18
N GLU F 87 16.52 15.75 -19.63
CA GLU F 87 17.23 16.30 -18.48
C GLU F 87 17.76 17.70 -18.77
N SER F 88 17.92 18.49 -17.71
CA SER F 88 18.39 19.87 -17.77
C SER F 88 17.39 20.78 -18.49
N GLY F 89 16.10 20.47 -18.37
CA GLY F 89 15.07 21.30 -18.96
C GLY F 89 15.04 21.32 -20.47
N ARG F 90 15.17 20.16 -21.12
CA ARG F 90 15.05 20.08 -22.57
C ARG F 90 13.60 19.78 -22.92
N ILE F 91 12.98 20.70 -23.65
CA ILE F 91 11.61 20.52 -24.15
C ILE F 91 11.72 19.98 -25.57
N SER F 92 11.25 18.75 -25.78
CA SER F 92 11.22 18.17 -27.12
C SER F 92 9.78 17.83 -27.46
N THR F 93 9.17 18.66 -28.30
CA THR F 93 7.78 18.50 -28.71
C THR F 93 7.73 18.20 -30.19
N LYS F 94 7.05 17.11 -30.55
CA LYS F 94 6.87 16.70 -31.93
C LYS F 94 5.39 16.71 -32.26
N PHE F 95 5.02 17.34 -33.36
CA PHE F 95 3.63 17.48 -33.78
C PHE F 95 3.29 16.38 -34.78
N GLU F 96 2.13 15.74 -34.58
CA GLU F 96 1.62 14.75 -35.52
C GLU F 96 0.15 15.01 -35.76
N PHE F 97 -0.33 14.59 -36.93
CA PHE F 97 -1.68 14.89 -37.37
C PHE F 97 -2.43 13.61 -37.67
N ILE F 98 -3.69 13.57 -37.24
CA ILE F 98 -4.55 12.39 -37.34
C ILE F 98 -5.82 12.82 -38.04
N PRO F 99 -6.48 11.97 -38.82
CA PRO F 99 -7.78 12.36 -39.38
C PRO F 99 -8.78 12.67 -38.28
N SER F 100 -9.57 13.72 -38.51
CA SER F 100 -10.57 14.12 -37.54
C SER F 100 -11.68 13.08 -37.45
N PRO F 101 -12.31 12.94 -36.28
CA PRO F 101 -13.42 11.98 -36.16
C PRO F 101 -14.54 12.32 -37.12
N GLY F 102 -15.13 11.29 -37.71
CA GLY F 102 -16.17 11.48 -38.70
C GLY F 102 -16.02 10.57 -39.91
N ASN F 103 -16.40 11.06 -41.08
CA ASN F 103 -16.39 10.28 -42.31
C ASN F 103 -15.35 10.84 -43.28
N HIS F 104 -14.59 9.94 -43.90
CA HIS F 104 -13.62 10.30 -44.92
C HIS F 104 -13.73 9.32 -46.08
N PHE F 105 -13.29 9.77 -47.26
CA PHE F 105 -13.28 8.94 -48.45
C PHE F 105 -11.86 8.87 -48.99
N ILE F 106 -11.37 7.65 -49.25
CA ILE F 106 -10.02 7.45 -49.75
C ILE F 106 -10.08 6.66 -51.05
N TRP F 107 -9.27 7.07 -52.02
CA TRP F 107 -9.19 6.38 -53.31
C TRP F 107 -7.95 5.49 -53.29
N TYR F 108 -8.16 4.18 -53.15
CA TYR F 108 -7.04 3.24 -53.10
C TYR F 108 -7.33 2.09 -54.05
N GLN F 109 -6.31 1.68 -54.79
CA GLN F 109 -6.44 0.64 -55.82
C GLN F 109 -7.48 1.13 -56.81
N GLY F 110 -8.47 0.32 -57.18
CA GLY F 110 -9.55 0.79 -58.03
C GLY F 110 -10.82 1.07 -57.23
N LYS F 111 -10.67 1.20 -55.92
CA LYS F 111 -11.80 1.28 -55.00
C LYS F 111 -11.83 2.62 -54.28
N TRP F 112 -13.05 3.03 -53.91
CA TRP F 112 -13.29 4.17 -53.03
C TRP F 112 -13.76 3.61 -51.69
N ILE F 113 -12.97 3.83 -50.65
CA ILE F 113 -13.20 3.25 -49.33
C ILE F 113 -13.64 4.34 -48.38
N ARG F 114 -14.72 4.08 -47.65
CA ARG F 114 -15.18 4.97 -46.58
C ARG F 114 -14.46 4.63 -45.29
N VAL F 115 -13.99 5.66 -44.59
CA VAL F 115 -13.32 5.51 -43.31
C VAL F 115 -14.14 6.26 -42.27
N GLU F 116 -14.58 5.55 -41.23
CA GLU F 116 -15.41 6.13 -40.18
C GLU F 116 -14.64 6.07 -38.86
N ARG F 117 -14.30 7.24 -38.33
CA ARG F 117 -13.62 7.34 -37.04
C ARG F 117 -14.66 7.85 -36.03
N ASN F 118 -15.30 6.92 -35.33
CA ASN F 118 -16.36 7.24 -34.39
C ASN F 118 -15.78 7.25 -32.97
N ARG F 119 -15.83 8.41 -32.33
CA ARG F 119 -15.42 8.57 -30.94
C ARG F 119 -16.69 8.60 -30.10
N ASP F 120 -17.01 7.47 -29.47
CA ASP F 120 -18.30 7.30 -28.82
C ASP F 120 -18.40 8.15 -27.57
N MET F 121 -19.43 8.98 -27.50
CA MET F 121 -19.69 9.85 -26.35
C MET F 121 -20.65 9.18 -25.37
N GLN F 122 -20.29 7.97 -24.94
CA GLN F 122 -21.08 7.26 -23.94
C GLN F 122 -20.27 6.90 -22.71
N MET F 123 -19.07 6.32 -22.87
CA MET F 123 -18.30 5.84 -21.73
C MET F 123 -16.82 6.04 -21.98
N VAL F 124 -16.05 5.92 -20.89
CA VAL F 124 -14.61 6.14 -20.90
C VAL F 124 -13.91 4.83 -20.60
N ASP F 125 -12.83 4.56 -21.34
CA ASP F 125 -12.03 3.36 -21.09
C ASP F 125 -11.41 3.41 -19.70
N LEU F 126 -11.54 2.31 -18.96
CA LEU F 126 -10.99 2.25 -17.61
C LEU F 126 -9.47 2.17 -17.63
N GLN F 127 -8.90 1.38 -18.53
CA GLN F 127 -7.47 1.15 -18.55
C GLN F 127 -6.70 2.41 -18.87
N THR F 128 -7.16 3.18 -19.86
CA THR F 128 -6.45 4.35 -20.34
C THR F 128 -7.00 5.66 -19.77
N GLY F 129 -8.32 5.80 -19.71
CA GLY F 129 -8.92 7.04 -19.28
C GLY F 129 -9.34 7.91 -20.45
N THR F 130 -9.78 7.28 -21.53
CA THR F 130 -10.23 7.97 -22.74
C THR F 130 -11.60 7.45 -23.13
N PRO F 131 -12.43 8.28 -23.76
CA PRO F 131 -13.73 7.81 -24.24
C PRO F 131 -13.55 6.71 -25.29
N TRP F 132 -14.54 5.83 -25.35
CA TRP F 132 -14.45 4.69 -26.26
C TRP F 132 -14.35 5.16 -27.72
N GLU F 133 -13.38 4.61 -28.44
CA GLU F 133 -13.14 4.97 -29.83
C GLU F 133 -12.91 3.72 -30.66
N SER F 134 -13.15 3.85 -31.96
CA SER F 134 -12.89 2.78 -32.91
C SER F 134 -12.82 3.38 -34.30
N VAL F 135 -12.21 2.63 -35.23
CA VAL F 135 -12.11 3.05 -36.61
C VAL F 135 -12.61 1.92 -37.50
N THR F 136 -13.23 2.27 -38.62
CA THR F 136 -13.83 1.29 -39.53
C THR F 136 -13.46 1.62 -40.97
N PHE F 137 -13.03 0.61 -41.70
CA PHE F 137 -12.79 0.69 -43.13
C PHE F 137 -13.90 -0.06 -43.85
N THR F 138 -14.53 0.61 -44.81
CA THR F 138 -15.77 0.14 -45.41
C THR F 138 -15.63 0.20 -46.92
N ALA F 139 -15.74 -0.95 -47.59
CA ALA F 139 -15.41 -1.06 -49.00
C ALA F 139 -16.40 -1.96 -49.73
N LEU F 140 -16.53 -1.71 -51.03
CA LEU F 140 -17.45 -2.46 -51.89
C LEU F 140 -16.69 -3.57 -52.59
N GLY F 141 -17.24 -4.79 -52.54
CA GLY F 141 -16.63 -5.92 -53.20
C GLY F 141 -16.50 -7.14 -52.30
N THR F 142 -15.86 -8.20 -52.81
CA THR F 142 -15.62 -9.41 -52.03
C THR F 142 -14.13 -9.75 -52.03
N ASP F 143 -13.29 -8.73 -52.02
CA ASP F 143 -11.84 -8.88 -52.06
C ASP F 143 -11.24 -8.41 -50.73
N ARG F 144 -11.15 -9.34 -49.77
CA ARG F 144 -10.58 -9.02 -48.47
C ARG F 144 -9.08 -8.77 -48.52
N LYS F 145 -8.42 -9.12 -49.63
CA LYS F 145 -6.98 -8.94 -49.72
C LYS F 145 -6.55 -7.48 -49.65
N VAL F 146 -7.42 -6.54 -50.02
CA VAL F 146 -7.07 -5.13 -49.94
C VAL F 146 -6.84 -4.73 -48.49
N PHE F 147 -7.72 -5.16 -47.59
CA PHE F 147 -7.54 -4.87 -46.17
C PHE F 147 -6.26 -5.50 -45.64
N PHE F 148 -5.96 -6.73 -46.06
CA PHE F 148 -4.74 -7.39 -45.61
C PHE F 148 -3.50 -6.62 -46.05
N ASN F 149 -3.49 -6.18 -47.31
CA ASN F 149 -2.35 -5.41 -47.82
C ASN F 149 -2.21 -4.08 -47.09
N ILE F 150 -3.33 -3.38 -46.84
CA ILE F 150 -3.28 -2.12 -46.12
C ILE F 150 -2.74 -2.34 -44.71
N LEU F 151 -3.20 -3.38 -44.04
CA LEU F 151 -2.75 -3.66 -42.68
C LEU F 151 -1.26 -4.02 -42.65
N GLU F 152 -0.80 -4.82 -43.61
CA GLU F 152 0.62 -5.15 -43.67
C GLU F 152 1.47 -3.91 -43.94
N GLU F 153 1.01 -3.04 -44.84
CA GLU F 153 1.74 -1.81 -45.10
C GLU F 153 1.79 -0.92 -43.86
N ALA F 154 0.68 -0.85 -43.13
CA ALA F 154 0.66 -0.07 -41.88
C ALA F 154 1.63 -0.64 -40.86
N ARG F 155 1.67 -1.98 -40.74
CA ARG F 155 2.62 -2.59 -39.82
C ARG F 155 4.06 -2.27 -40.23
N ALA F 156 4.37 -2.37 -41.52
CA ALA F 156 5.72 -2.07 -41.97
C ALA F 156 6.09 -0.62 -41.72
N LEU F 157 5.17 0.30 -41.97
CA LEU F 157 5.43 1.72 -41.73
C LEU F 157 5.64 1.99 -40.25
N ALA F 158 4.83 1.35 -39.39
CA ALA F 158 5.00 1.54 -37.96
C ALA F 158 6.32 0.97 -37.47
N LEU F 159 6.75 -0.17 -38.04
CA LEU F 159 7.96 -0.82 -37.57
C LEU F 159 9.23 -0.13 -38.08
N GLN F 160 9.16 0.52 -39.25
CA GLN F 160 10.38 1.04 -39.87
C GLN F 160 11.00 2.20 -39.08
N GLN F 161 10.22 2.88 -38.23
CA GLN F 161 10.78 4.01 -37.48
C GLN F 161 11.76 3.55 -36.40
N GLU F 162 11.49 2.43 -35.75
CA GLU F 162 12.31 1.97 -34.64
C GLU F 162 13.69 1.55 -35.12
N GLU F 163 14.69 1.81 -34.29
CA GLU F 163 16.08 1.43 -34.56
C GLU F 163 16.51 0.39 -33.54
N GLY F 164 17.08 -0.72 -34.03
CA GLY F 164 17.50 -1.78 -33.14
C GLY F 164 18.63 -1.34 -32.22
N LYS F 165 18.60 -1.87 -31.00
CA LYS F 165 19.59 -1.54 -29.97
C LYS F 165 20.06 -2.83 -29.30
N THR F 166 21.28 -2.78 -28.77
CA THR F 166 21.86 -3.89 -28.03
C THR F 166 21.97 -3.51 -26.56
N VAL F 167 21.49 -4.38 -25.68
CA VAL F 167 21.45 -4.13 -24.25
C VAL F 167 22.60 -4.85 -23.57
N MET F 168 23.41 -4.11 -22.83
CA MET F 168 24.56 -4.66 -22.13
C MET F 168 24.10 -5.27 -20.81
N TYR F 169 24.73 -6.38 -20.43
CA TYR F 169 24.42 -7.08 -19.20
C TYR F 169 25.68 -7.39 -18.41
N THR F 170 25.62 -7.16 -17.10
CA THR F 170 26.71 -7.46 -16.20
C THR F 170 26.28 -8.54 -15.21
N ALA F 171 27.24 -9.04 -14.43
CA ALA F 171 26.99 -10.07 -13.44
C ALA F 171 27.48 -9.58 -12.09
N VAL F 172 26.58 -9.55 -11.10
CA VAL F 172 26.93 -9.22 -9.73
C VAL F 172 26.42 -10.33 -8.83
N GLY F 173 27.28 -10.80 -7.92
CA GLY F 173 26.95 -11.95 -7.11
C GLY F 173 26.64 -13.16 -7.95
N SER F 174 25.36 -13.54 -8.01
CA SER F 174 24.88 -14.61 -8.86
C SER F 174 23.67 -14.14 -9.66
N GLU F 175 23.70 -12.89 -10.12
CA GLU F 175 22.57 -12.30 -10.81
C GLU F 175 23.04 -11.48 -12.01
N TRP F 176 22.33 -11.64 -13.12
CA TRP F 176 22.56 -10.82 -14.30
C TRP F 176 21.72 -9.54 -14.21
N ARG F 177 22.35 -8.40 -14.50
CA ARG F 177 21.71 -7.10 -14.39
C ARG F 177 21.87 -6.31 -15.69
N THR F 178 20.84 -5.54 -16.03
CA THR F 178 20.90 -4.63 -17.17
C THR F 178 21.79 -3.47 -16.80
N PHE F 179 23.05 -3.51 -17.23
CA PHE F 179 24.05 -2.53 -16.86
C PHE F 179 24.19 -1.50 -17.97
N GLY F 180 24.07 -0.22 -17.61
CA GLY F 180 24.20 0.85 -18.57
C GLY F 180 22.93 1.14 -19.33
N TYR F 181 23.05 1.45 -20.61
CA TYR F 181 21.95 1.80 -21.49
C TYR F 181 22.08 1.03 -22.79
N PRO F 182 20.99 0.87 -23.54
CA PRO F 182 21.07 0.16 -24.82
C PRO F 182 22.10 0.81 -25.74
N ARG F 183 22.88 -0.05 -26.41
CA ARG F 183 23.98 0.40 -27.25
C ARG F 183 23.60 0.27 -28.72
N ARG F 184 23.99 1.29 -29.51
CA ARG F 184 23.79 1.23 -30.95
C ARG F 184 24.54 0.04 -31.53
N ARG F 185 23.87 -0.69 -32.44
CA ARG F 185 24.45 -1.88 -33.03
C ARG F 185 25.62 -1.49 -33.93
N ARG F 186 26.78 -2.07 -33.69
CA ARG F 186 27.96 -1.76 -34.48
C ARG F 186 27.91 -2.53 -35.80
N PRO F 187 28.05 -1.84 -36.94
CA PRO F 187 28.00 -2.55 -38.23
C PRO F 187 29.13 -3.57 -38.36
N LEU F 188 28.82 -4.67 -39.05
CA LEU F 188 29.78 -5.75 -39.20
C LEU F 188 31.00 -5.30 -39.98
N ASP F 189 30.81 -4.53 -41.06
CA ASP F 189 31.93 -4.09 -41.88
C ASP F 189 32.85 -3.12 -41.17
N SER F 190 32.41 -2.54 -40.05
CA SER F 190 33.28 -1.65 -39.28
C SER F 190 34.48 -2.38 -38.71
N VAL F 191 34.34 -3.68 -38.43
CA VAL F 191 35.41 -4.51 -37.91
C VAL F 191 35.81 -5.51 -38.97
N VAL F 192 37.09 -5.56 -39.29
CA VAL F 192 37.64 -6.51 -40.26
C VAL F 192 38.69 -7.34 -39.57
N LEU F 193 38.62 -8.66 -39.77
CA LEU F 193 39.55 -9.60 -39.16
C LEU F 193 40.36 -10.37 -40.18
N GLN F 194 39.72 -10.99 -41.17
CA GLN F 194 40.39 -11.77 -42.18
C GLN F 194 39.52 -11.79 -43.43
N GLN F 195 39.96 -12.53 -44.45
CA GLN F 195 39.22 -12.59 -45.70
C GLN F 195 37.85 -13.23 -45.50
N GLY F 196 37.78 -14.34 -44.76
CA GLY F 196 36.51 -15.02 -44.58
C GLY F 196 36.31 -15.64 -43.21
N LEU F 197 37.23 -15.37 -42.28
CA LEU F 197 37.11 -15.96 -40.94
C LEU F 197 35.84 -15.47 -40.26
N ALA F 198 35.56 -14.17 -40.33
CA ALA F 198 34.32 -13.65 -39.77
C ALA F 198 33.11 -14.23 -40.49
N ASP F 199 33.21 -14.39 -41.81
CA ASP F 199 32.12 -14.99 -42.56
C ASP F 199 31.87 -16.43 -42.12
N ARG F 200 32.94 -17.20 -41.92
CA ARG F 200 32.79 -18.57 -41.45
C ARG F 200 32.16 -18.61 -40.06
N ILE F 201 32.59 -17.72 -39.17
CA ILE F 201 32.03 -17.69 -37.82
C ILE F 201 30.54 -17.35 -37.87
N VAL F 202 30.18 -16.36 -38.68
CA VAL F 202 28.78 -15.97 -38.79
C VAL F 202 27.94 -17.11 -39.37
N LYS F 203 28.46 -17.78 -40.40
CA LYS F 203 27.73 -18.88 -41.00
C LYS F 203 27.53 -20.02 -40.01
N ASP F 204 28.57 -20.36 -39.24
CA ASP F 204 28.44 -21.43 -38.26
C ASP F 204 27.46 -21.06 -37.17
N ILE F 205 27.50 -19.80 -36.70
CA ILE F 205 26.57 -19.36 -35.66
C ILE F 205 25.14 -19.42 -36.17
N ARG F 206 24.90 -18.95 -37.39
CA ARG F 206 23.55 -19.01 -37.97
C ARG F 206 23.08 -20.45 -38.12
N GLU F 207 23.97 -21.33 -38.59
CA GLU F 207 23.60 -22.74 -38.77
C GLU F 207 23.24 -23.38 -37.44
N PHE F 208 23.98 -23.07 -36.38
CA PHE F 208 23.64 -23.59 -35.06
C PHE F 208 22.33 -23.01 -34.57
N ILE F 209 22.09 -21.72 -34.81
CA ILE F 209 20.92 -21.06 -34.25
C ILE F 209 19.64 -21.55 -34.92
N ASP F 210 19.64 -21.66 -36.25
CA ASP F 210 18.40 -21.92 -36.97
C ASP F 210 18.06 -23.41 -37.05
N ASN F 211 18.83 -24.27 -36.40
CA ASN F 211 18.58 -25.72 -36.43
C ASN F 211 18.56 -26.27 -35.01
N PRO F 212 17.49 -26.00 -34.25
CA PRO F 212 17.36 -26.61 -32.92
C PRO F 212 16.77 -28.02 -33.00
N LYS F 213 16.01 -28.28 -34.06
CA LYS F 213 15.40 -29.58 -34.24
C LYS F 213 16.45 -30.66 -34.42
N TRP F 214 17.52 -30.37 -35.16
CA TRP F 214 18.59 -31.33 -35.35
C TRP F 214 19.22 -31.72 -34.01
N TYR F 215 19.41 -30.74 -33.13
CA TYR F 215 20.02 -31.02 -31.83
C TYR F 215 19.08 -31.77 -30.92
N ILE F 216 17.81 -31.37 -30.86
CA ILE F 216 16.88 -32.01 -29.93
C ILE F 216 16.53 -33.42 -30.39
N ASP F 217 16.51 -33.69 -31.69
CA ASP F 217 16.20 -35.04 -32.17
C ASP F 217 17.25 -36.04 -31.73
N ARG F 218 18.52 -35.65 -31.75
CA ARG F 218 19.62 -36.54 -31.36
C ARG F 218 19.88 -36.54 -29.86
N GLY F 219 19.13 -35.76 -29.09
CA GLY F 219 19.31 -35.72 -27.65
C GLY F 219 20.64 -35.16 -27.20
N ILE F 220 21.09 -34.08 -27.82
CA ILE F 220 22.36 -33.44 -27.45
C ILE F 220 22.04 -32.05 -26.88
N PRO F 221 22.74 -31.61 -25.85
CA PRO F 221 22.49 -30.26 -25.33
C PRO F 221 22.70 -29.19 -26.38
N TYR F 222 21.87 -28.15 -26.33
CA TYR F 222 21.89 -27.06 -27.31
C TYR F 222 22.80 -25.93 -26.80
N ARG F 223 24.10 -26.24 -26.76
CA ARG F 223 25.10 -25.30 -26.30
C ARG F 223 26.27 -25.28 -27.27
N ARG F 224 26.94 -24.13 -27.33
CA ARG F 224 28.12 -23.97 -28.18
C ARG F 224 29.14 -23.09 -27.49
N GLY F 225 30.40 -23.33 -27.82
CA GLY F 225 31.49 -22.53 -27.30
C GLY F 225 32.48 -22.18 -28.39
N TYR F 226 33.02 -20.98 -28.30
CA TYR F 226 33.99 -20.48 -29.27
C TYR F 226 35.17 -19.87 -28.54
N LEU F 227 36.35 -19.96 -29.15
CA LEU F 227 37.59 -19.47 -28.56
C LEU F 227 38.28 -18.53 -29.54
N LEU F 228 38.66 -17.35 -29.05
CA LEU F 228 39.40 -16.35 -29.82
C LEU F 228 40.63 -15.97 -29.00
N TYR F 229 41.79 -16.51 -29.37
CA TYR F 229 43.04 -16.16 -28.73
C TYR F 229 43.89 -15.37 -29.72
N GLY F 230 44.48 -14.28 -29.26
CA GLY F 230 45.27 -13.43 -30.13
C GLY F 230 45.94 -12.28 -29.42
N PRO F 231 46.81 -11.58 -30.13
CA PRO F 231 47.54 -10.47 -29.52
C PRO F 231 46.59 -9.37 -29.08
N PRO F 232 46.92 -8.66 -28.01
CA PRO F 232 46.05 -7.57 -27.55
C PRO F 232 46.00 -6.44 -28.58
N GLY F 233 44.88 -5.72 -28.57
CA GLY F 233 44.66 -4.67 -29.54
C GLY F 233 44.07 -5.12 -30.85
N CYS F 234 43.64 -6.39 -30.95
CA CYS F 234 43.02 -6.90 -32.16
C CYS F 234 41.52 -6.60 -32.23
N GLY F 235 40.96 -5.96 -31.21
CA GLY F 235 39.54 -5.64 -31.20
C GLY F 235 38.63 -6.85 -31.14
N LYS F 236 39.03 -7.88 -30.37
CA LYS F 236 38.19 -9.06 -30.25
C LYS F 236 36.86 -8.74 -29.59
N SER F 237 36.87 -7.94 -28.52
CA SER F 237 35.63 -7.57 -27.85
C SER F 237 34.74 -6.74 -28.77
N SER F 238 35.33 -5.82 -29.53
CA SER F 238 34.56 -5.02 -30.47
C SER F 238 33.92 -5.91 -31.54
N PHE F 239 34.67 -6.90 -32.04
CA PHE F 239 34.12 -7.82 -33.02
C PHE F 239 33.00 -8.66 -32.42
N ILE F 240 33.14 -9.05 -31.15
CA ILE F 240 32.08 -9.80 -30.48
C ILE F 240 30.82 -8.96 -30.38
N THR F 241 30.96 -7.70 -29.98
CA THR F 241 29.80 -6.81 -29.90
C THR F 241 29.18 -6.60 -31.27
N ALA F 242 30.01 -6.45 -32.31
CA ALA F 242 29.50 -6.24 -33.65
C ALA F 242 28.72 -7.45 -34.14
N LEU F 243 29.24 -8.66 -33.90
CA LEU F 243 28.51 -9.85 -34.35
C LEU F 243 27.25 -10.07 -33.53
N ALA F 244 27.28 -9.70 -32.24
CA ALA F 244 26.07 -9.76 -31.44
C ALA F 244 25.01 -8.80 -31.97
N GLY F 245 25.42 -7.60 -32.38
CA GLY F 245 24.48 -6.66 -32.97
C GLY F 245 23.93 -7.14 -34.30
N GLU F 246 24.78 -7.70 -35.16
CA GLU F 246 24.33 -8.21 -36.44
C GLU F 246 23.36 -9.37 -36.25
N LEU F 247 23.68 -10.29 -35.34
CA LEU F 247 22.76 -11.35 -34.97
C LEU F 247 21.60 -10.84 -34.12
N GLU F 248 21.67 -9.59 -33.68
CA GLU F 248 20.66 -8.93 -32.84
C GLU F 248 20.56 -9.57 -31.46
N HIS F 249 21.40 -10.55 -31.16
CA HIS F 249 21.39 -11.21 -29.87
C HIS F 249 22.00 -10.32 -28.80
N SER F 250 21.61 -10.56 -27.55
CA SER F 250 22.16 -9.83 -26.42
C SER F 250 23.51 -10.42 -26.01
N ILE F 251 24.32 -9.58 -25.38
CA ILE F 251 25.66 -9.96 -24.93
C ILE F 251 25.74 -9.74 -23.42
N CYS F 252 26.39 -10.67 -22.72
CA CYS F 252 26.63 -10.56 -21.29
C CYS F 252 28.12 -10.82 -21.04
N LEU F 253 28.85 -9.77 -20.67
CA LEU F 253 30.28 -9.90 -20.43
C LEU F 253 30.56 -10.24 -18.97
N LEU F 254 31.64 -10.98 -18.76
CA LEU F 254 32.12 -11.30 -17.42
C LEU F 254 33.63 -11.41 -17.42
N SER F 255 34.25 -10.92 -16.35
CA SER F 255 35.69 -11.01 -16.16
C SER F 255 35.95 -12.12 -15.13
N LEU F 256 36.24 -13.32 -15.62
CA LEU F 256 36.53 -14.44 -14.72
C LEU F 256 37.88 -14.30 -14.02
N THR F 257 38.78 -13.45 -14.53
CA THR F 257 40.07 -13.27 -13.88
C THR F 257 39.96 -12.65 -12.50
N ASP F 258 38.84 -12.00 -12.20
CA ASP F 258 38.62 -11.47 -10.87
C ASP F 258 38.31 -12.59 -9.88
N SER F 259 38.70 -12.38 -8.63
CA SER F 259 38.47 -13.36 -7.57
C SER F 259 37.17 -13.13 -6.82
N SER F 260 36.37 -12.14 -7.22
CA SER F 260 35.11 -11.88 -6.54
C SER F 260 34.15 -13.05 -6.68
N LEU F 261 34.06 -13.62 -7.87
CA LEU F 261 33.16 -14.76 -8.12
C LEU F 261 33.89 -16.07 -7.85
N SER F 262 33.10 -17.10 -7.52
CA SER F 262 33.62 -18.43 -7.26
C SER F 262 33.18 -19.39 -8.37
N ASP F 263 33.62 -20.63 -8.25
CA ASP F 263 33.24 -21.66 -9.21
C ASP F 263 31.74 -21.88 -9.22
N ASP F 264 31.15 -22.01 -8.03
CA ASP F 264 29.70 -22.22 -7.93
C ASP F 264 28.93 -20.99 -8.38
N ARG F 265 29.43 -19.78 -8.06
CA ARG F 265 28.81 -18.56 -8.55
C ARG F 265 28.86 -18.50 -10.08
N LEU F 266 30.00 -18.90 -10.66
CA LEU F 266 30.12 -18.96 -12.11
C LEU F 266 29.12 -19.94 -12.69
N ASN F 267 28.95 -21.10 -12.04
CA ASN F 267 27.98 -22.08 -12.52
C ASN F 267 26.56 -21.52 -12.49
N HIS F 268 26.19 -20.86 -11.39
CA HIS F 268 24.85 -20.28 -11.31
C HIS F 268 24.64 -19.23 -12.41
N LEU F 269 25.59 -18.30 -12.56
CA LEU F 269 25.40 -17.22 -13.51
C LEU F 269 25.41 -17.74 -14.95
N LEU F 270 26.20 -18.77 -15.23
CA LEU F 270 26.14 -19.41 -16.54
C LEU F 270 24.80 -20.06 -16.78
N SER F 271 24.25 -20.71 -15.75
CA SER F 271 22.97 -21.39 -15.88
C SER F 271 21.79 -20.44 -15.88
N VAL F 272 21.90 -19.29 -15.21
CA VAL F 272 20.78 -18.34 -15.12
C VAL F 272 20.87 -17.27 -16.22
N ALA F 273 21.73 -17.47 -17.22
CA ALA F 273 21.86 -16.50 -18.29
C ALA F 273 20.54 -16.39 -19.05
N PRO F 274 20.14 -15.19 -19.47
CA PRO F 274 18.85 -15.03 -20.15
C PRO F 274 18.84 -15.69 -21.51
N GLN F 275 17.65 -15.71 -22.11
CA GLN F 275 17.49 -16.29 -23.43
C GLN F 275 18.27 -15.50 -24.47
N GLN F 276 18.67 -16.20 -25.53
CA GLN F 276 19.42 -15.66 -26.67
C GLN F 276 20.51 -14.68 -26.23
N SER F 277 21.16 -14.97 -25.11
CA SER F 277 22.18 -14.10 -24.52
C SER F 277 23.53 -14.79 -24.63
N LEU F 278 24.33 -14.36 -25.60
CA LEU F 278 25.69 -14.85 -25.72
C LEU F 278 26.52 -14.36 -24.53
N VAL F 279 27.23 -15.26 -23.88
CA VAL F 279 28.02 -14.93 -22.69
C VAL F 279 29.48 -14.91 -23.08
N LEU F 280 30.16 -13.80 -22.77
CA LEU F 280 31.54 -13.57 -23.12
C LEU F 280 32.41 -13.57 -21.88
N LEU F 281 33.55 -14.25 -21.96
CA LEU F 281 34.50 -14.31 -20.86
C LEU F 281 35.90 -14.00 -21.40
N GLU F 282 36.75 -13.46 -20.52
CA GLU F 282 38.08 -13.01 -20.92
C GLU F 282 39.12 -13.46 -19.90
N ASP F 283 40.37 -13.53 -20.36
CA ASP F 283 41.54 -13.80 -19.52
C ASP F 283 41.43 -15.18 -18.85
N VAL F 284 41.38 -16.21 -19.70
CA VAL F 284 41.43 -17.58 -19.21
C VAL F 284 42.81 -17.93 -18.66
N ASP F 285 43.85 -17.25 -19.14
CA ASP F 285 45.21 -17.60 -18.73
C ASP F 285 45.42 -17.41 -17.23
N ALA F 286 44.94 -16.29 -16.68
CA ALA F 286 45.17 -15.99 -15.27
C ALA F 286 44.50 -17.01 -14.37
N ALA F 287 43.22 -17.30 -14.63
CA ALA F 287 42.48 -18.23 -13.78
C ALA F 287 42.97 -19.66 -13.96
N PHE F 288 43.24 -20.06 -15.21
CA PHE F 288 43.70 -21.42 -15.47
C PHE F 288 45.10 -21.66 -14.90
N LEU F 289 45.93 -20.62 -14.85
CA LEU F 289 47.24 -20.75 -14.23
C LEU F 289 47.10 -21.00 -12.73
N SER F 290 46.14 -20.34 -12.08
CA SER F 290 45.90 -20.53 -10.66
C SER F 290 45.08 -21.79 -10.40
N ARG F 306 37.22 -19.64 -5.37
CA ARG F 306 37.22 -18.56 -6.35
C ARG F 306 37.99 -18.97 -7.60
N LEU F 307 39.32 -18.80 -7.55
CA LEU F 307 40.15 -19.15 -8.69
C LEU F 307 40.15 -20.66 -8.92
N THR F 308 40.02 -21.05 -10.18
CA THR F 308 40.02 -22.46 -10.54
C THR F 308 40.41 -22.60 -12.01
N PHE F 309 40.83 -23.81 -12.37
CA PHE F 309 41.18 -24.13 -13.75
C PHE F 309 40.31 -25.21 -14.35
N SER F 310 39.95 -26.24 -13.58
CA SER F 310 39.01 -27.25 -14.02
C SER F 310 37.59 -26.96 -13.58
N GLY F 311 37.41 -26.08 -12.59
CA GLY F 311 36.06 -25.73 -12.16
C GLY F 311 35.27 -25.02 -13.24
N LEU F 312 35.93 -24.16 -14.02
CA LEU F 312 35.24 -23.46 -15.10
C LEU F 312 34.74 -24.43 -16.16
N LEU F 313 35.58 -25.41 -16.54
CA LEU F 313 35.15 -26.39 -17.53
C LEU F 313 34.09 -27.33 -16.97
N ASN F 314 34.17 -27.66 -15.68
CA ASN F 314 33.11 -28.47 -15.07
C ASN F 314 31.78 -27.72 -15.08
N ALA F 315 31.81 -26.42 -14.77
CA ALA F 315 30.59 -25.61 -14.82
C ALA F 315 30.07 -25.51 -16.25
N LEU F 316 30.98 -25.37 -17.22
CA LEU F 316 30.56 -25.31 -18.62
C LEU F 316 29.90 -26.62 -19.05
N ASP F 317 30.42 -27.75 -18.58
CA ASP F 317 29.87 -29.05 -18.92
C ASP F 317 28.60 -29.39 -18.14
N GLY F 318 28.17 -28.52 -17.22
CA GLY F 318 26.98 -28.82 -16.44
C GLY F 318 25.75 -28.92 -17.32
N VAL F 319 24.83 -29.80 -16.93
CA VAL F 319 23.61 -30.02 -17.69
C VAL F 319 22.73 -28.77 -17.67
N ALA F 320 22.66 -28.10 -16.51
CA ALA F 320 21.85 -26.90 -16.38
C ALA F 320 22.30 -25.82 -17.36
N SER F 321 21.42 -25.49 -18.31
CA SER F 321 21.75 -24.53 -19.36
C SER F 321 20.50 -23.74 -19.70
N THR F 322 20.55 -23.02 -20.82
CA THR F 322 19.43 -22.24 -21.31
C THR F 322 19.29 -22.46 -22.81
N GLU F 323 18.19 -21.98 -23.37
CA GLU F 323 17.97 -22.08 -24.81
C GLU F 323 19.00 -21.23 -25.55
N ALA F 324 19.69 -21.86 -26.51
CA ALA F 324 20.75 -21.20 -27.28
C ALA F 324 21.83 -20.62 -26.37
N ARG F 325 22.51 -21.53 -25.66
CA ARG F 325 23.59 -21.15 -24.75
C ARG F 325 24.89 -21.10 -25.54
N ILE F 326 25.29 -19.90 -25.96
CA ILE F 326 26.53 -19.69 -26.70
C ILE F 326 27.49 -18.93 -25.79
N VAL F 327 28.69 -19.48 -25.63
CA VAL F 327 29.75 -18.88 -24.83
C VAL F 327 30.94 -18.59 -25.73
N PHE F 328 31.52 -17.41 -25.57
CA PHE F 328 32.72 -17.00 -26.27
C PHE F 328 33.81 -16.70 -25.25
N MET F 329 35.03 -17.11 -25.57
CA MET F 329 36.17 -16.94 -24.67
C MET F 329 37.28 -16.24 -25.42
N THR F 330 37.60 -15.01 -25.00
CA THR F 330 38.64 -14.21 -25.64
C THR F 330 39.85 -14.14 -24.71
N THR F 331 41.03 -14.32 -25.30
CA THR F 331 42.25 -14.33 -24.50
C THR F 331 43.44 -13.96 -25.36
N ASN F 332 44.57 -13.70 -24.68
CA ASN F 332 45.78 -13.28 -25.37
C ASN F 332 46.48 -14.46 -26.04
N TYR F 333 46.51 -15.62 -25.39
CA TYR F 333 47.26 -16.75 -25.90
C TYR F 333 46.63 -18.05 -25.44
N ILE F 334 47.04 -19.15 -26.09
CA ILE F 334 46.52 -20.49 -25.81
C ILE F 334 47.54 -21.37 -25.12
N ASP F 335 48.74 -20.86 -24.83
CA ASP F 335 49.81 -21.70 -24.30
C ASP F 335 49.44 -22.28 -22.93
N ARG F 336 48.84 -21.47 -22.06
CA ARG F 336 48.52 -21.92 -20.71
C ARG F 336 47.37 -22.91 -20.68
N LEU F 337 46.65 -23.09 -21.78
CA LEU F 337 45.45 -23.91 -21.78
C LEU F 337 45.77 -25.35 -22.14
N ASP F 338 44.74 -26.18 -22.19
CA ASP F 338 44.86 -27.61 -22.44
C ASP F 338 43.91 -28.02 -23.55
N PRO F 339 44.24 -29.10 -24.29
CA PRO F 339 43.33 -29.58 -25.33
C PRO F 339 42.00 -30.08 -24.79
N ALA F 340 41.90 -30.39 -23.50
CA ALA F 340 40.63 -30.86 -22.93
C ALA F 340 39.57 -29.78 -23.03
N LEU F 341 39.96 -28.51 -22.93
CA LEU F 341 38.99 -27.42 -23.04
C LEU F 341 38.40 -27.33 -24.44
N ILE F 342 39.20 -27.61 -25.46
CA ILE F 342 38.72 -27.60 -26.85
C ILE F 342 38.24 -29.02 -27.15
N ARG F 343 36.94 -29.24 -26.98
CA ARG F 343 36.36 -30.56 -27.09
C ARG F 343 34.88 -30.42 -27.39
N PRO F 344 34.24 -31.46 -27.94
CA PRO F 344 32.78 -31.43 -28.07
C PRO F 344 32.12 -31.27 -26.70
N GLY F 345 30.99 -30.56 -26.69
CA GLY F 345 30.39 -30.10 -25.45
C GLY F 345 31.08 -28.88 -24.87
N ARG F 346 32.02 -28.30 -25.59
CA ARG F 346 32.85 -27.18 -25.17
C ARG F 346 33.15 -26.36 -26.41
N VAL F 347 34.21 -25.56 -26.37
CA VAL F 347 34.67 -24.83 -27.55
C VAL F 347 34.79 -25.80 -28.72
N ASP F 348 34.05 -25.52 -29.79
CA ASP F 348 33.93 -26.45 -30.90
C ASP F 348 35.09 -26.34 -31.89
N LEU F 349 35.29 -25.16 -32.47
CA LEU F 349 36.43 -24.92 -33.36
C LEU F 349 37.21 -23.71 -32.86
N LYS F 350 38.52 -23.77 -33.01
CA LYS F 350 39.40 -22.71 -32.56
C LYS F 350 39.74 -21.77 -33.71
N GLU F 351 39.61 -20.47 -33.46
CA GLU F 351 39.96 -19.45 -34.43
C GLU F 351 40.95 -18.47 -33.82
N TYR F 352 41.98 -18.12 -34.59
CA TYR F 352 43.03 -17.23 -34.15
C TYR F 352 42.96 -15.92 -34.94
N VAL F 353 42.96 -14.81 -34.22
CA VAL F 353 42.98 -13.49 -34.85
C VAL F 353 44.43 -13.07 -35.05
N GLY F 354 44.76 -12.65 -36.27
CA GLY F 354 46.10 -12.26 -36.63
C GLY F 354 46.28 -10.76 -36.69
N TYR F 355 47.48 -10.37 -37.14
CA TYR F 355 47.81 -8.97 -37.31
C TYR F 355 47.25 -8.44 -38.61
N CYS F 356 47.52 -7.17 -38.90
CA CYS F 356 47.00 -6.55 -40.11
C CYS F 356 47.67 -7.12 -41.34
N SER F 357 46.88 -7.47 -42.34
CA SER F 357 47.36 -7.94 -43.63
C SER F 357 47.18 -6.84 -44.67
N HIS F 358 47.76 -7.06 -45.85
CA HIS F 358 47.65 -6.08 -46.93
C HIS F 358 46.20 -5.87 -47.32
N TRP F 359 45.43 -6.97 -47.45
CA TRP F 359 44.00 -6.85 -47.68
C TRP F 359 43.30 -6.16 -46.52
N GLN F 360 43.66 -6.54 -45.29
CA GLN F 360 43.08 -5.88 -44.13
C GLN F 360 43.43 -4.40 -44.08
N LEU F 361 44.70 -4.08 -44.36
CA LEU F 361 45.12 -2.68 -44.33
C LEU F 361 44.39 -1.84 -45.38
N THR F 362 44.27 -2.36 -46.61
CA THR F 362 43.58 -1.59 -47.63
C THR F 362 42.08 -1.49 -47.35
N GLN F 363 41.48 -2.54 -46.77
CA GLN F 363 40.07 -2.48 -46.40
C GLN F 363 39.82 -1.43 -45.32
N MET F 364 40.66 -1.40 -44.29
CA MET F 364 40.46 -0.41 -43.24
C MET F 364 40.79 1.00 -43.73
N PHE F 365 41.75 1.14 -44.64
CA PHE F 365 42.02 2.45 -45.25
C PHE F 365 40.81 2.92 -46.05
N GLN F 366 40.20 2.03 -46.83
CA GLN F 366 39.00 2.39 -47.59
C GLN F 366 37.84 2.74 -46.67
N ARG F 367 37.69 1.99 -45.56
CA ARG F 367 36.63 2.28 -44.61
C ARG F 367 36.82 3.64 -43.96
N PHE F 368 38.05 3.96 -43.58
CA PHE F 368 38.32 5.26 -42.97
C PHE F 368 38.14 6.39 -43.98
N TYR F 369 38.71 6.24 -45.16
CA TYR F 369 38.71 7.31 -46.16
C TYR F 369 37.70 6.98 -47.26
N PRO F 370 36.58 7.69 -47.36
CA PRO F 370 35.49 7.33 -48.30
C PRO F 370 35.75 7.72 -49.76
N GLY F 371 36.60 6.94 -50.42
CA GLY F 371 36.78 7.07 -51.85
C GLY F 371 38.03 7.82 -52.26
N GLN F 372 39.08 7.08 -52.63
CA GLN F 372 40.34 7.64 -53.10
C GLN F 372 40.92 6.70 -54.14
N ALA F 373 42.19 6.88 -54.46
CA ALA F 373 42.87 6.00 -55.40
C ALA F 373 43.19 4.67 -54.73
N PRO F 374 42.73 3.54 -55.29
CA PRO F 374 43.10 2.24 -54.70
C PRO F 374 44.60 1.99 -54.70
N SER F 375 45.33 2.53 -55.67
CA SER F 375 46.78 2.39 -55.68
C SER F 375 47.40 3.08 -54.48
N LEU F 376 46.84 4.20 -54.04
CA LEU F 376 47.32 4.86 -52.83
C LEU F 376 47.15 3.97 -51.61
N ALA F 377 46.00 3.30 -51.51
CA ALA F 377 45.79 2.37 -50.39
C ALA F 377 46.74 1.19 -50.47
N GLU F 378 46.99 0.67 -51.68
CA GLU F 378 47.94 -0.43 -51.83
C GLU F 378 49.33 -0.01 -51.40
N ASN F 379 49.76 1.19 -51.79
CA ASN F 379 51.07 1.69 -51.39
C ASN F 379 51.14 1.91 -49.88
N PHE F 380 50.05 2.40 -49.29
CA PHE F 380 49.99 2.56 -47.85
C PHE F 380 50.16 1.22 -47.14
N ALA F 381 49.45 0.19 -47.60
CA ALA F 381 49.56 -1.13 -47.00
C ALA F 381 50.96 -1.70 -47.17
N GLU F 382 51.56 -1.53 -48.35
CA GLU F 382 52.91 -2.04 -48.59
C GLU F 382 53.91 -1.34 -47.69
N HIS F 383 53.79 -0.01 -47.52
CA HIS F 383 54.69 0.72 -46.65
C HIS F 383 54.52 0.29 -45.20
N VAL F 384 53.27 0.07 -44.77
CA VAL F 384 53.04 -0.38 -43.39
C VAL F 384 53.66 -1.75 -43.17
N LEU F 385 53.48 -2.66 -44.12
CA LEU F 385 54.07 -4.00 -43.99
C LEU F 385 55.58 -3.92 -43.98
N LYS F 386 56.18 -3.07 -44.82
CA LYS F 386 57.63 -2.93 -44.83
C LYS F 386 58.14 -2.38 -43.50
N ALA F 387 57.45 -1.38 -42.95
CA ALA F 387 57.90 -0.77 -41.70
C ALA F 387 57.73 -1.73 -40.53
N THR F 388 56.55 -2.34 -40.40
CA THR F 388 56.27 -3.24 -39.29
C THR F 388 55.57 -4.48 -39.81
N SER F 389 55.82 -5.60 -39.13
CA SER F 389 55.18 -6.88 -39.46
C SER F 389 54.16 -7.32 -38.44
N GLU F 390 54.35 -6.96 -37.17
CA GLU F 390 53.41 -7.31 -36.09
C GLU F 390 52.45 -6.16 -35.78
N ILE F 391 52.12 -5.34 -36.78
CA ILE F 391 51.28 -4.19 -36.57
C ILE F 391 49.86 -4.64 -36.22
N SER F 392 49.27 -4.01 -35.17
CA SER F 392 47.94 -4.35 -34.70
C SER F 392 46.92 -3.34 -35.22
N PRO F 393 45.66 -3.75 -35.39
CA PRO F 393 44.63 -2.81 -35.86
C PRO F 393 44.42 -1.61 -34.94
N ALA F 394 44.63 -1.79 -33.63
CA ALA F 394 44.49 -0.66 -32.71
C ALA F 394 45.51 0.42 -33.00
N GLN F 395 46.76 0.03 -33.27
CA GLN F 395 47.79 1.01 -33.60
C GLN F 395 47.45 1.76 -34.89
N VAL F 396 46.96 1.03 -35.90
CA VAL F 396 46.58 1.67 -37.15
C VAL F 396 45.42 2.64 -36.92
N GLN F 397 44.44 2.24 -36.11
CA GLN F 397 43.32 3.12 -35.80
C GLN F 397 43.78 4.38 -35.10
N GLY F 398 44.70 4.25 -34.14
CA GLY F 398 45.24 5.41 -33.47
C GLY F 398 46.03 6.31 -34.42
N TYR F 399 46.79 5.71 -35.32
CA TYR F 399 47.53 6.49 -36.31
C TYR F 399 46.59 7.25 -37.22
N PHE F 400 45.48 6.62 -37.63
CA PHE F 400 44.50 7.31 -38.46
C PHE F 400 43.79 8.41 -37.68
N MET F 401 43.57 8.20 -36.38
CA MET F 401 43.09 9.29 -35.53
C MET F 401 44.06 10.46 -35.50
N LEU F 402 45.37 10.18 -35.44
CA LEU F 402 46.36 11.24 -35.41
C LEU F 402 46.31 12.08 -36.67
N TYR F 403 45.96 11.46 -37.81
CA TYR F 403 45.90 12.14 -39.10
C TYR F 403 44.49 12.17 -39.65
N LYS F 404 43.52 12.52 -38.81
CA LYS F 404 42.12 12.61 -39.23
C LYS F 404 41.96 13.59 -40.40
N ASN F 405 41.26 13.13 -41.43
CA ASN F 405 41.02 13.91 -42.65
C ASN F 405 42.33 14.34 -43.31
N ASP F 406 43.39 13.57 -43.11
CA ASP F 406 44.71 13.86 -43.66
C ASP F 406 45.26 12.59 -44.31
N PRO F 407 44.74 12.23 -45.48
CA PRO F 407 45.22 11.00 -46.15
C PRO F 407 46.65 11.10 -46.63
N MET F 408 46.98 12.18 -47.35
CA MET F 408 48.33 12.33 -47.88
C MET F 408 49.36 12.45 -46.75
N GLY F 409 49.03 13.20 -45.71
CA GLY F 409 49.95 13.31 -44.59
C GLY F 409 50.18 11.98 -43.89
N ALA F 410 49.12 11.18 -43.73
CA ALA F 410 49.28 9.86 -43.14
C ALA F 410 50.12 8.96 -44.03
N VAL F 411 49.93 9.06 -45.34
CA VAL F 411 50.71 8.25 -46.27
C VAL F 411 52.19 8.61 -46.19
N HIS F 412 52.50 9.91 -46.15
CA HIS F 412 53.89 10.34 -46.10
C HIS F 412 54.53 10.14 -44.73
N ASN F 413 53.73 9.90 -43.69
CA ASN F 413 54.24 9.75 -42.33
C ASN F 413 54.35 8.29 -41.90
N ILE F 414 54.23 7.34 -42.83
CA ILE F 414 54.41 5.94 -42.48
C ILE F 414 55.85 5.69 -42.03
N GLU F 415 56.82 6.28 -42.73
CA GLU F 415 58.21 6.16 -42.32
C GLU F 415 58.43 6.77 -40.95
N SER F 416 57.66 7.80 -40.59
CA SER F 416 57.74 8.36 -39.24
C SER F 416 57.31 7.33 -38.20
N LEU F 417 56.26 6.56 -38.50
CA LEU F 417 55.84 5.50 -37.59
C LEU F 417 56.93 4.43 -37.46
N ARG F 418 57.55 4.06 -38.58
CA ARG F 418 58.61 3.06 -38.61
C ARG F 418 58.18 1.74 -37.97
N ALA G 30 -38.47 14.15 -47.74
CA ALA G 30 -37.30 13.29 -47.63
C ALA G 30 -36.25 13.68 -48.66
N MET G 31 -36.69 14.10 -49.85
CA MET G 31 -35.77 14.52 -50.89
C MET G 31 -35.01 15.78 -50.48
N ALA G 32 -35.68 16.71 -49.81
CA ALA G 32 -35.02 17.93 -49.36
C ALA G 32 -33.91 17.63 -48.36
N ARG G 33 -34.19 16.72 -47.41
CA ARG G 33 -33.18 16.37 -46.42
C ARG G 33 -31.98 15.71 -47.07
N LYS G 34 -32.21 14.79 -48.02
CA LYS G 34 -31.10 14.14 -48.71
C LYS G 34 -30.28 15.15 -49.51
N GLY G 35 -30.95 16.06 -50.22
CA GLY G 35 -30.23 17.07 -50.97
C GLY G 35 -29.41 17.97 -50.07
N ALA G 36 -29.99 18.40 -48.94
CA ALA G 36 -29.25 19.24 -48.00
C ALA G 36 -28.05 18.50 -47.42
N GLN G 37 -28.22 17.22 -47.10
CA GLN G 37 -27.11 16.44 -46.55
C GLN G 37 -25.98 16.31 -47.57
N LEU G 38 -26.33 16.00 -48.83
CA LEU G 38 -25.31 15.88 -49.87
C LEU G 38 -24.61 17.21 -50.10
N GLY G 39 -25.37 18.31 -50.16
CA GLY G 39 -24.76 19.62 -50.33
C GLY G 39 -23.83 19.97 -49.19
N LEU G 40 -24.25 19.70 -47.95
CA LEU G 40 -23.42 20.01 -46.79
C LEU G 40 -22.14 19.19 -46.79
N VAL G 41 -22.23 17.89 -47.08
CA VAL G 41 -21.04 17.05 -47.04
C VAL G 41 -20.08 17.44 -48.16
N ALA G 42 -20.61 17.77 -49.34
CA ALA G 42 -19.77 18.25 -50.43
C ALA G 42 -19.09 19.56 -50.07
N PHE G 43 -19.84 20.48 -49.46
CA PHE G 43 -19.28 21.77 -49.04
C PHE G 43 -18.14 21.56 -48.06
N ARG G 44 -18.35 20.74 -47.03
CA ARG G 44 -17.30 20.49 -46.05
C ARG G 44 -16.10 19.82 -46.68
N ARG G 45 -16.32 18.86 -47.57
CA ARG G 45 -15.20 18.10 -48.12
C ARG G 45 -14.39 18.91 -49.12
N HIS G 46 -15.02 19.85 -49.84
CA HIS G 46 -14.33 20.52 -50.94
C HIS G 46 -13.93 21.96 -50.66
N TYR G 47 -14.66 22.69 -49.82
CA TYR G 47 -14.44 24.12 -49.67
C TYR G 47 -14.07 24.57 -48.26
N MET G 48 -13.97 23.66 -47.29
CA MET G 48 -13.98 24.04 -45.89
C MET G 48 -12.82 23.36 -45.17
N ILE G 49 -12.18 24.05 -44.23
CA ILE G 49 -11.07 23.48 -43.49
C ILE G 49 -11.33 23.62 -42.00
N THR G 50 -10.81 22.66 -41.23
CA THR G 50 -11.01 22.65 -39.79
C THR G 50 -9.86 21.92 -39.11
N LEU G 51 -9.72 22.17 -37.81
CA LEU G 51 -8.71 21.53 -36.97
C LEU G 51 -9.30 21.34 -35.59
N GLU G 52 -8.94 20.24 -34.93
CA GLU G 52 -9.47 19.89 -33.63
C GLU G 52 -8.33 19.60 -32.66
N VAL G 53 -8.47 20.08 -31.42
CA VAL G 53 -7.52 19.81 -30.36
C VAL G 53 -8.29 19.31 -29.14
N PRO G 54 -8.04 18.09 -28.67
CA PRO G 54 -8.71 17.61 -27.45
C PRO G 54 -8.12 18.24 -26.20
N ALA G 55 -8.90 18.16 -25.12
CA ALA G 55 -8.46 18.73 -23.84
C ALA G 55 -7.28 17.95 -23.26
N ARG G 56 -7.19 16.65 -23.56
CA ARG G 56 -6.09 15.85 -23.03
C ARG G 56 -4.75 16.32 -23.57
N ASP G 57 -4.70 16.71 -24.84
CA ASP G 57 -3.47 17.14 -25.46
C ASP G 57 -2.96 18.43 -24.83
N ARG G 58 -1.65 18.53 -24.66
CA ARG G 58 -1.05 19.73 -24.06
C ARG G 58 -1.19 20.95 -24.94
N SER G 59 -1.43 20.77 -26.25
CA SER G 59 -1.61 21.90 -27.14
C SER G 59 -2.90 22.67 -26.86
N TYR G 60 -3.82 22.08 -26.10
CA TYR G 60 -5.07 22.77 -25.77
C TYR G 60 -4.80 24.06 -25.01
N ALA G 61 -4.02 23.98 -23.92
CA ALA G 61 -3.71 25.16 -23.13
C ALA G 61 -2.88 26.16 -23.93
N TRP G 62 -1.94 25.66 -24.74
CA TRP G 62 -1.12 26.56 -25.55
C TRP G 62 -1.98 27.35 -26.51
N LEU G 63 -2.89 26.68 -27.21
CA LEU G 63 -3.75 27.37 -28.17
C LEU G 63 -4.69 28.32 -27.47
N LEU G 64 -5.23 27.94 -26.31
CA LEU G 64 -6.10 28.84 -25.57
C LEU G 64 -5.36 30.11 -25.15
N SER G 65 -4.14 29.95 -24.63
CA SER G 65 -3.35 31.12 -24.24
C SER G 65 -3.00 31.99 -25.44
N TRP G 66 -2.64 31.36 -26.57
CA TRP G 66 -2.32 32.12 -27.77
C TRP G 66 -3.52 32.91 -28.27
N LEU G 67 -4.71 32.30 -28.27
CA LEU G 67 -5.88 33.01 -28.73
C LEU G 67 -6.28 34.12 -27.76
N THR G 68 -6.05 33.90 -26.46
CA THR G 68 -6.28 34.97 -25.49
C THR G 68 -5.36 36.15 -25.74
N ARG G 69 -4.07 35.87 -26.00
CA ARG G 69 -3.11 36.94 -26.23
C ARG G 69 -3.37 37.67 -27.53
N HIS G 70 -3.71 36.93 -28.60
CA HIS G 70 -3.89 37.55 -29.91
C HIS G 70 -5.08 38.51 -29.92
N SER G 71 -6.19 38.10 -29.30
CA SER G 71 -7.41 38.91 -29.26
C SER G 71 -7.51 39.55 -27.89
N THR G 72 -7.27 40.87 -27.83
CA THR G 72 -7.34 41.58 -26.55
C THR G 72 -8.78 41.75 -26.09
N ARG G 73 -9.70 41.98 -27.03
CA ARG G 73 -11.09 42.26 -26.71
C ARG G 73 -11.92 40.98 -26.79
N THR G 74 -11.65 40.07 -25.85
CA THR G 74 -12.45 38.85 -25.70
C THR G 74 -13.49 39.11 -24.63
N GLN G 75 -14.71 39.47 -25.07
CA GLN G 75 -15.75 39.85 -24.13
C GLN G 75 -16.20 38.67 -23.26
N HIS G 76 -16.34 37.49 -23.86
CA HIS G 76 -16.70 36.30 -23.12
C HIS G 76 -15.45 35.52 -22.74
N LEU G 77 -15.29 35.26 -21.45
CA LEU G 77 -14.08 34.63 -20.96
C LEU G 77 -14.34 34.03 -19.58
N SER G 78 -13.45 33.11 -19.20
CA SER G 78 -13.42 32.51 -17.87
C SER G 78 -12.03 32.69 -17.29
N VAL G 79 -11.91 32.44 -15.99
CA VAL G 79 -10.66 32.68 -15.27
C VAL G 79 -10.18 31.39 -14.63
N GLU G 80 -8.86 31.22 -14.60
CA GLU G 80 -8.20 30.12 -13.92
C GLU G 80 -7.03 30.67 -13.15
N THR G 81 -6.88 30.26 -11.89
CA THR G 81 -5.79 30.72 -11.06
C THR G 81 -4.81 29.58 -10.79
N SER G 82 -3.53 29.91 -10.80
CA SER G 82 -2.47 29.01 -10.38
C SER G 82 -2.09 29.41 -8.96
N TYR G 83 -2.38 28.52 -8.00
CA TYR G 83 -2.12 28.76 -6.59
C TYR G 83 -0.97 27.87 -6.14
N LEU G 84 0.06 28.50 -5.56
CA LEU G 84 1.20 27.75 -5.04
C LEU G 84 1.42 28.13 -3.58
N GLN G 85 1.58 27.09 -2.75
CA GLN G 85 1.84 27.21 -1.32
C GLN G 85 3.35 27.03 -1.13
N HIS G 86 4.09 28.13 -1.22
CA HIS G 86 5.51 28.07 -0.95
C HIS G 86 5.77 28.05 0.55
N GLU G 87 6.95 27.59 0.93
CA GLU G 87 7.26 27.33 2.32
C GLU G 87 7.08 28.58 3.17
N SER G 88 6.81 28.35 4.46
CA SER G 88 6.56 29.42 5.45
C SER G 88 5.29 30.20 5.14
N GLY G 89 4.30 29.53 4.56
CA GLY G 89 3.02 30.15 4.29
C GLY G 89 3.04 31.25 3.24
N ARG G 90 3.73 31.02 2.12
CA ARG G 90 3.73 31.96 1.00
C ARG G 90 2.60 31.59 0.06
N ILE G 91 1.65 32.50 -0.11
CA ILE G 91 0.57 32.33 -1.07
C ILE G 91 0.97 33.03 -2.36
N SER G 92 1.15 32.27 -3.44
CA SER G 92 1.45 32.86 -4.74
C SER G 92 0.35 32.45 -5.70
N THR G 93 -0.54 33.39 -6.01
CA THR G 93 -1.67 33.16 -6.89
C THR G 93 -1.52 34.02 -8.14
N LYS G 94 -1.58 33.37 -9.30
CA LYS G 94 -1.49 34.06 -10.59
C LYS G 94 -2.79 33.84 -11.34
N PHE G 95 -3.36 34.93 -11.86
CA PHE G 95 -4.62 34.88 -12.58
C PHE G 95 -4.37 34.81 -14.07
N GLU G 96 -5.09 33.92 -14.75
CA GLU G 96 -5.03 33.80 -16.20
C GLU G 96 -6.45 33.70 -16.75
N PHE G 97 -6.61 34.12 -18.00
CA PHE G 97 -7.93 34.21 -18.61
C PHE G 97 -7.98 33.38 -19.88
N ILE G 98 -9.08 32.67 -20.07
CA ILE G 98 -9.27 31.73 -21.17
C ILE G 98 -10.57 32.14 -21.87
N PRO G 99 -10.72 31.95 -23.18
CA PRO G 99 -12.02 32.20 -23.80
C PRO G 99 -13.10 31.31 -23.21
N SER G 100 -14.28 31.90 -23.01
CA SER G 100 -15.38 31.15 -22.44
C SER G 100 -15.87 30.08 -23.43
N PRO G 101 -16.41 28.97 -22.94
CA PRO G 101 -16.95 27.95 -23.84
C PRO G 101 -18.05 28.51 -24.71
N GLY G 102 -18.06 28.11 -25.98
CA GLY G 102 -19.02 28.61 -26.93
C GLY G 102 -18.41 28.95 -28.27
N ASN G 103 -18.92 29.98 -28.92
CA ASN G 103 -18.49 30.37 -30.26
C ASN G 103 -17.81 31.73 -30.22
N HIS G 104 -16.69 31.84 -30.94
CA HIS G 104 -15.96 33.10 -31.06
C HIS G 104 -15.55 33.28 -32.52
N PHE G 105 -15.32 34.53 -32.90
CA PHE G 105 -14.87 34.87 -34.24
C PHE G 105 -13.56 35.65 -34.14
N ILE G 106 -12.55 35.21 -34.89
CA ILE G 106 -11.24 35.85 -34.88
C ILE G 106 -10.87 36.27 -36.29
N TRP G 107 -10.31 37.46 -36.42
CA TRP G 107 -9.85 37.98 -37.72
C TRP G 107 -8.34 37.79 -37.80
N TYR G 108 -7.91 36.79 -38.58
CA TYR G 108 -6.49 36.51 -38.72
C TYR G 108 -6.16 36.37 -40.20
N GLN G 109 -5.03 36.96 -40.60
CA GLN G 109 -4.61 37.00 -42.01
C GLN G 109 -5.72 37.70 -42.78
N GLY G 110 -6.20 37.16 -43.89
CA GLY G 110 -7.34 37.73 -44.58
C GLY G 110 -8.60 36.95 -44.33
N LYS G 111 -8.60 36.13 -43.27
CA LYS G 111 -9.67 35.19 -42.99
C LYS G 111 -10.36 35.51 -41.68
N TRP G 112 -11.64 35.13 -41.61
CA TRP G 112 -12.43 35.15 -40.38
C TRP G 112 -12.63 33.69 -39.96
N ILE G 113 -12.09 33.32 -38.81
CA ILE G 113 -12.07 31.94 -38.34
C ILE G 113 -13.01 31.82 -37.15
N ARG G 114 -13.88 30.80 -37.20
CA ARG G 114 -14.75 30.46 -36.08
C ARG G 114 -13.99 29.53 -35.12
N VAL G 115 -14.09 29.83 -33.83
CA VAL G 115 -13.49 29.02 -32.78
C VAL G 115 -14.62 28.50 -31.89
N GLU G 116 -14.71 27.19 -31.77
CA GLU G 116 -15.75 26.54 -30.99
C GLU G 116 -15.11 25.79 -29.83
N ARG G 117 -15.38 26.25 -28.60
CA ARG G 117 -14.89 25.58 -27.40
C ARG G 117 -16.07 24.87 -26.76
N ASN G 118 -16.23 23.60 -27.08
CA ASN G 118 -17.36 22.80 -26.60
C ASN G 118 -16.92 21.98 -25.40
N ARG G 119 -17.53 22.22 -24.25
CA ARG G 119 -17.30 21.45 -23.04
C ARG G 119 -18.48 20.49 -22.90
N ASP G 120 -18.24 19.23 -23.27
CA ASP G 120 -19.32 18.27 -23.39
C ASP G 120 -19.87 17.87 -22.03
N MET G 121 -21.17 18.04 -21.85
CA MET G 121 -21.85 17.67 -20.60
C MET G 121 -22.42 16.27 -20.68
N GLN G 122 -21.55 15.31 -21.01
CA GLN G 122 -21.95 13.90 -21.02
C GLN G 122 -21.12 13.03 -20.10
N MET G 123 -19.80 13.15 -20.13
CA MET G 123 -18.94 12.27 -19.35
C MET G 123 -17.72 13.03 -18.86
N VAL G 124 -17.02 12.42 -17.89
CA VAL G 124 -15.86 12.99 -17.24
C VAL G 124 -14.64 12.16 -17.60
N ASP G 125 -13.52 12.84 -17.87
CA ASP G 125 -12.27 12.16 -18.15
C ASP G 125 -11.80 11.38 -16.93
N LEU G 126 -11.43 10.12 -17.14
CA LEU G 126 -10.97 9.29 -16.02
C LEU G 126 -9.59 9.72 -15.53
N GLN G 127 -8.69 10.03 -16.47
CA GLN G 127 -7.31 10.33 -16.09
C GLN G 127 -7.22 11.60 -15.24
N THR G 128 -7.95 12.65 -15.64
CA THR G 128 -7.85 13.94 -14.98
C THR G 128 -8.99 14.19 -13.99
N GLY G 129 -10.21 13.84 -14.34
CA GLY G 129 -11.35 14.13 -13.49
C GLY G 129 -12.07 15.39 -13.91
N THR G 130 -12.12 15.63 -15.21
CA THR G 130 -12.79 16.78 -15.79
C THR G 130 -13.73 16.33 -16.90
N PRO G 131 -14.84 17.05 -17.12
CA PRO G 131 -15.73 16.71 -18.22
C PRO G 131 -15.02 16.81 -19.56
N TRP G 132 -15.46 16.01 -20.51
CA TRP G 132 -14.81 15.97 -21.83
C TRP G 132 -14.89 17.33 -22.50
N GLU G 133 -13.74 17.79 -23.00
CA GLU G 133 -13.64 19.10 -23.65
C GLU G 133 -12.82 18.96 -24.92
N SER G 134 -13.04 19.90 -25.84
CA SER G 134 -12.26 19.99 -27.06
C SER G 134 -12.42 21.39 -27.63
N VAL G 135 -11.49 21.77 -28.52
CA VAL G 135 -11.55 23.05 -29.19
C VAL G 135 -11.41 22.82 -30.70
N THR G 136 -12.08 23.65 -31.49
CA THR G 136 -12.10 23.50 -32.93
C THR G 136 -11.87 24.86 -33.60
N PHE G 137 -10.98 24.87 -34.59
CA PHE G 137 -10.75 26.02 -35.45
C PHE G 137 -11.36 25.73 -36.81
N THR G 138 -12.19 26.65 -37.30
CA THR G 138 -13.02 26.41 -38.46
C THR G 138 -12.86 27.57 -39.43
N ALA G 139 -12.39 27.28 -40.64
CA ALA G 139 -12.00 28.33 -41.56
C ALA G 139 -12.42 27.99 -43.00
N LEU G 140 -12.58 29.03 -43.79
CA LEU G 140 -13.01 28.89 -45.19
C LEU G 140 -11.77 28.92 -46.09
N GLY G 141 -11.69 27.96 -47.00
CA GLY G 141 -10.59 27.91 -47.94
C GLY G 141 -9.94 26.54 -48.02
N THR G 142 -8.86 26.42 -48.80
CA THR G 142 -8.10 25.19 -48.92
C THR G 142 -6.63 25.41 -48.58
N ASP G 143 -6.38 26.31 -47.64
CA ASP G 143 -5.03 26.68 -47.23
C ASP G 143 -4.77 26.21 -45.79
N ARG G 144 -4.30 24.96 -45.66
CA ARG G 144 -4.00 24.41 -44.35
C ARG G 144 -2.80 25.06 -43.69
N LYS G 145 -2.01 25.83 -44.43
CA LYS G 145 -0.81 26.45 -43.86
C LYS G 145 -1.13 27.44 -42.76
N VAL G 146 -2.32 28.04 -42.75
CA VAL G 146 -2.69 28.98 -41.70
C VAL G 146 -2.74 28.26 -40.35
N PHE G 147 -3.33 27.08 -40.32
CA PHE G 147 -3.38 26.31 -39.08
C PHE G 147 -1.98 25.91 -38.63
N PHE G 148 -1.12 25.53 -39.57
CA PHE G 148 0.26 25.15 -39.22
C PHE G 148 1.00 26.34 -38.61
N ASN G 149 0.85 27.53 -39.21
CA ASN G 149 1.51 28.72 -38.67
C ASN G 149 0.97 29.07 -37.29
N ILE G 150 -0.35 28.98 -37.10
CA ILE G 150 -0.93 29.29 -35.79
C ILE G 150 -0.41 28.31 -34.75
N LEU G 151 -0.35 27.03 -35.09
CA LEU G 151 0.12 26.02 -34.15
C LEU G 151 1.59 26.22 -33.81
N GLU G 152 2.42 26.55 -34.81
CA GLU G 152 3.83 26.82 -34.54
C GLU G 152 4.01 28.04 -33.65
N GLU G 153 3.22 29.09 -33.90
CA GLU G 153 3.30 30.28 -33.06
C GLU G 153 2.87 29.96 -31.63
N ALA G 154 1.82 29.15 -31.48
CA ALA G 154 1.39 28.74 -30.14
C ALA G 154 2.47 27.94 -29.43
N ARG G 155 3.13 27.03 -30.14
CA ARG G 155 4.23 26.28 -29.54
C ARG G 155 5.35 27.20 -29.10
N ALA G 156 5.73 28.16 -29.96
CA ALA G 156 6.80 29.09 -29.60
C ALA G 156 6.42 29.93 -28.38
N LEU G 157 5.18 30.41 -28.33
CA LEU G 157 4.74 31.20 -27.19
C LEU G 157 4.73 30.38 -25.92
N ALA G 158 4.29 29.12 -26.01
CA ALA G 158 4.28 28.26 -24.83
C ALA G 158 5.70 27.96 -24.36
N LEU G 159 6.63 27.78 -25.30
CA LEU G 159 8.00 27.41 -24.93
C LEU G 159 8.80 28.59 -24.40
N GLN G 160 8.49 29.81 -24.85
CA GLN G 160 9.34 30.96 -24.50
C GLN G 160 9.30 31.30 -23.01
N GLN G 161 8.26 30.90 -22.29
CA GLN G 161 8.20 31.23 -20.87
C GLN G 161 9.23 30.47 -20.04
N GLU G 162 9.49 29.21 -20.38
CA GLU G 162 10.38 28.39 -19.59
C GLU G 162 11.82 28.88 -19.68
N GLU G 163 12.54 28.75 -18.57
CA GLU G 163 13.94 29.13 -18.49
C GLU G 163 14.79 27.88 -18.27
N GLY G 164 15.82 27.70 -19.08
CA GLY G 164 16.67 26.53 -18.96
C GLY G 164 17.41 26.49 -17.65
N LYS G 165 17.58 25.27 -17.12
CA LYS G 165 18.25 25.05 -15.85
C LYS G 165 19.25 23.90 -16.00
N THR G 166 20.27 23.91 -15.15
CA THR G 166 21.29 22.87 -15.12
C THR G 166 21.14 22.09 -13.81
N VAL G 167 21.09 20.76 -13.92
CA VAL G 167 20.87 19.89 -12.78
C VAL G 167 22.20 19.30 -12.33
N MET G 168 22.53 19.48 -11.06
CA MET G 168 23.77 18.98 -10.49
C MET G 168 23.61 17.51 -10.12
N TYR G 169 24.67 16.74 -10.30
CA TYR G 169 24.67 15.31 -10.00
C TYR G 169 25.90 14.94 -9.17
N THR G 170 25.67 14.14 -8.14
CA THR G 170 26.75 13.63 -7.29
C THR G 170 26.83 12.11 -7.43
N ALA G 171 27.89 11.54 -6.85
CA ALA G 171 28.11 10.09 -6.89
C ALA G 171 28.25 9.59 -5.46
N VAL G 172 27.40 8.63 -5.09
CA VAL G 172 27.50 7.96 -3.79
C VAL G 172 27.55 6.46 -4.03
N GLY G 173 28.49 5.78 -3.38
CA GLY G 173 28.70 4.38 -3.65
C GLY G 173 29.04 4.12 -5.10
N SER G 174 28.09 3.53 -5.83
CA SER G 174 28.21 3.32 -7.27
C SER G 174 26.95 3.83 -7.98
N GLU G 175 26.41 4.95 -7.51
CA GLU G 175 25.16 5.48 -8.04
C GLU G 175 25.24 6.99 -8.20
N TRP G 176 24.73 7.48 -9.33
CA TRP G 176 24.59 8.91 -9.56
C TRP G 176 23.25 9.39 -9.02
N ARG G 177 23.27 10.49 -8.29
CA ARG G 177 22.10 11.04 -7.65
C ARG G 177 21.92 12.51 -8.00
N THR G 178 20.67 12.93 -8.13
CA THR G 178 20.34 14.34 -8.36
C THR G 178 20.55 15.08 -7.04
N PHE G 179 21.70 15.74 -6.92
CA PHE G 179 22.11 16.39 -5.68
C PHE G 179 21.78 17.88 -5.77
N GLY G 180 21.06 18.39 -4.78
CA GLY G 180 20.70 19.80 -4.74
C GLY G 180 19.48 20.12 -5.56
N TYR G 181 19.50 21.27 -6.21
CA TYR G 181 18.40 21.80 -7.00
C TYR G 181 18.93 22.28 -8.34
N PRO G 182 18.08 22.38 -9.36
CA PRO G 182 18.54 22.88 -10.66
C PRO G 182 19.18 24.26 -10.54
N ARG G 183 20.28 24.44 -11.24
CA ARG G 183 21.09 25.65 -11.15
C ARG G 183 20.88 26.51 -12.39
N ARG G 184 20.77 27.82 -12.17
CA ARG G 184 20.68 28.76 -13.28
C ARG G 184 21.93 28.66 -14.15
N ARG G 185 21.72 28.65 -15.47
CA ARG G 185 22.82 28.50 -16.41
C ARG G 185 23.70 29.75 -16.38
N ARG G 186 24.99 29.56 -16.14
CA ARG G 186 25.91 30.68 -16.07
C ARG G 186 26.28 31.12 -17.48
N PRO G 187 26.13 32.41 -17.81
CA PRO G 187 26.47 32.87 -19.16
C PRO G 187 27.95 32.67 -19.47
N LEU G 188 28.23 32.38 -20.74
CA LEU G 188 29.60 32.10 -21.17
C LEU G 188 30.50 33.31 -20.98
N ASP G 189 30.00 34.51 -21.33
CA ASP G 189 30.82 35.71 -21.24
C ASP G 189 31.14 36.09 -19.79
N SER G 190 30.43 35.52 -18.81
CA SER G 190 30.73 35.80 -17.42
C SER G 190 32.12 35.29 -17.03
N VAL G 191 32.59 34.24 -17.69
CA VAL G 191 33.91 33.67 -17.44
C VAL G 191 34.78 33.91 -18.66
N VAL G 192 35.95 34.51 -18.45
CA VAL G 192 36.92 34.77 -19.50
C VAL G 192 38.21 34.07 -19.16
N LEU G 193 38.78 33.35 -20.13
CA LEU G 193 40.02 32.62 -19.95
C LEU G 193 41.14 33.11 -20.84
N GLN G 194 40.90 33.23 -22.14
CA GLN G 194 41.91 33.67 -23.09
C GLN G 194 41.20 34.28 -24.29
N GLN G 195 41.98 34.69 -25.29
CA GLN G 195 41.41 35.31 -26.48
C GLN G 195 40.49 34.35 -27.23
N GLY G 196 40.93 33.12 -27.43
CA GLY G 196 40.13 32.17 -28.18
C GLY G 196 40.20 30.73 -27.69
N LEU G 197 40.83 30.51 -26.54
CA LEU G 197 40.95 29.16 -26.00
C LEU G 197 39.58 28.58 -25.70
N ALA G 198 38.71 29.36 -25.04
CA ALA G 198 37.35 28.91 -24.78
C ALA G 198 36.58 28.70 -26.08
N ASP G 199 36.80 29.57 -27.06
CA ASP G 199 36.16 29.40 -28.35
C ASP G 199 36.61 28.11 -29.03
N ARG G 200 37.91 27.81 -28.97
CA ARG G 200 38.39 26.55 -29.56
C ARG G 200 37.81 25.35 -28.84
N ILE G 201 37.73 25.40 -27.51
CA ILE G 201 37.17 24.28 -26.75
C ILE G 201 35.70 24.08 -27.12
N VAL G 202 34.94 25.18 -27.20
CA VAL G 202 33.52 25.08 -27.55
C VAL G 202 33.36 24.52 -28.95
N LYS G 203 34.17 25.00 -29.90
CA LYS G 203 34.08 24.51 -31.28
C LYS G 203 34.39 23.02 -31.35
N ASP G 204 35.44 22.58 -30.66
CA ASP G 204 35.79 21.16 -30.68
C ASP G 204 34.70 20.31 -30.04
N ILE G 205 34.12 20.78 -28.93
CA ILE G 205 33.06 20.04 -28.27
C ILE G 205 31.84 19.92 -29.19
N ARG G 206 31.46 21.03 -29.84
CA ARG G 206 30.33 20.98 -30.76
C ARG G 206 30.60 20.05 -31.92
N GLU G 207 31.82 20.10 -32.47
CA GLU G 207 32.17 19.23 -33.59
C GLU G 207 32.10 17.76 -33.21
N PHE G 208 32.57 17.43 -32.00
CA PHE G 208 32.46 16.05 -31.53
C PHE G 208 31.00 15.65 -31.30
N ILE G 209 30.19 16.58 -30.76
CA ILE G 209 28.82 16.24 -30.39
C ILE G 209 27.96 16.02 -31.63
N ASP G 210 28.06 16.90 -32.62
CA ASP G 210 27.13 16.87 -33.74
C ASP G 210 27.53 15.89 -34.83
N ASN G 211 28.60 15.12 -34.64
CA ASN G 211 29.06 14.15 -35.64
C ASN G 211 29.24 12.78 -34.99
N PRO G 212 28.15 12.08 -34.69
CA PRO G 212 28.27 10.71 -34.19
C PRO G 212 28.41 9.71 -35.32
N LYS G 213 27.90 10.07 -36.50
CA LYS G 213 27.99 9.19 -37.66
C LYS G 213 29.44 8.95 -38.07
N TRP G 214 30.27 10.00 -38.01
CA TRP G 214 31.68 9.86 -38.35
C TRP G 214 32.36 8.85 -37.42
N TYR G 215 32.03 8.89 -36.13
CA TYR G 215 32.66 7.97 -35.19
C TYR G 215 32.13 6.55 -35.36
N ILE G 216 30.82 6.39 -35.53
CA ILE G 216 30.27 5.03 -35.62
C ILE G 216 30.65 4.36 -36.93
N ASP G 217 30.82 5.13 -38.01
CA ASP G 217 31.19 4.53 -39.28
C ASP G 217 32.58 3.90 -39.22
N ARG G 218 33.51 4.55 -38.53
CA ARG G 218 34.88 4.05 -38.41
C ARG G 218 35.05 3.05 -37.27
N GLY G 219 33.98 2.75 -36.52
CA GLY G 219 34.07 1.80 -35.42
C GLY G 219 34.96 2.23 -34.29
N ILE G 220 34.86 3.50 -33.88
CA ILE G 220 35.66 4.02 -32.76
C ILE G 220 34.70 4.39 -31.64
N PRO G 221 35.07 4.14 -30.38
CA PRO G 221 34.18 4.54 -29.27
C PRO G 221 33.91 6.04 -29.27
N TYR G 222 32.68 6.39 -28.90
CA TYR G 222 32.23 7.79 -28.91
C TYR G 222 32.48 8.41 -27.53
N ARG G 223 33.75 8.58 -27.21
CA ARG G 223 34.18 9.14 -25.94
C ARG G 223 35.24 10.21 -26.18
N ARG G 224 35.30 11.18 -25.27
CA ARG G 224 36.28 12.25 -25.34
C ARG G 224 36.74 12.62 -23.94
N GLY G 225 37.99 13.08 -23.85
CA GLY G 225 38.54 13.56 -22.60
C GLY G 225 39.30 14.85 -22.79
N TYR G 226 39.19 15.72 -21.78
CA TYR G 226 39.84 17.01 -21.79
C TYR G 226 40.57 17.23 -20.48
N LEU G 227 41.67 17.98 -20.54
CA LEU G 227 42.51 18.23 -19.37
C LEU G 227 42.72 19.73 -19.22
N LEU G 228 42.48 20.23 -18.01
CA LEU G 228 42.69 21.64 -17.66
C LEU G 228 43.55 21.68 -16.40
N TYR G 229 44.84 21.94 -16.57
CA TYR G 229 45.76 22.10 -15.45
C TYR G 229 46.17 23.55 -15.36
N GLY G 230 46.15 24.09 -14.14
CA GLY G 230 46.48 25.48 -13.93
C GLY G 230 46.50 25.90 -12.48
N PRO G 231 46.97 27.13 -12.23
CA PRO G 231 47.06 27.60 -10.85
C PRO G 231 45.69 27.69 -10.22
N PRO G 232 45.59 27.46 -8.91
CA PRO G 232 44.29 27.56 -8.24
C PRO G 232 43.76 28.99 -8.27
N GLY G 233 42.43 29.10 -8.24
CA GLY G 233 41.77 30.38 -8.34
C GLY G 233 41.52 30.86 -9.75
N CYS G 234 41.75 30.01 -10.75
CA CYS G 234 41.50 30.36 -12.14
C CYS G 234 40.05 30.15 -12.55
N GLY G 235 39.20 29.65 -11.65
CA GLY G 235 37.80 29.41 -11.96
C GLY G 235 37.58 28.33 -13.00
N LYS G 236 38.37 27.25 -12.94
CA LYS G 236 38.19 26.16 -13.90
C LYS G 236 36.84 25.49 -13.73
N SER G 237 36.43 25.23 -12.49
CA SER G 237 35.12 24.62 -12.25
C SER G 237 33.98 25.52 -12.69
N SER G 238 34.11 26.83 -12.44
CA SER G 238 33.09 27.77 -12.90
C SER G 238 33.01 27.79 -14.41
N PHE G 239 34.15 27.73 -15.10
CA PHE G 239 34.14 27.70 -16.56
C PHE G 239 33.53 26.39 -17.06
N ILE G 240 33.78 25.28 -16.37
CA ILE G 240 33.18 24.01 -16.75
C ILE G 240 31.67 24.08 -16.63
N THR G 241 31.18 24.64 -15.51
CA THR G 241 29.73 24.78 -15.32
C THR G 241 29.14 25.71 -16.37
N ALA G 242 29.85 26.79 -16.71
CA ALA G 242 29.36 27.73 -17.71
C ALA G 242 29.26 27.08 -19.08
N LEU G 243 30.27 26.31 -19.47
CA LEU G 243 30.23 25.66 -20.77
C LEU G 243 29.17 24.55 -20.79
N ALA G 244 28.97 23.87 -19.66
CA ALA G 244 27.89 22.89 -19.57
C ALA G 244 26.53 23.56 -19.74
N GLY G 245 26.35 24.74 -19.14
CA GLY G 245 25.11 25.46 -19.31
C GLY G 245 24.90 25.94 -20.73
N GLU G 246 25.95 26.47 -21.36
CA GLU G 246 25.85 26.92 -22.75
C GLU G 246 25.53 25.75 -23.68
N LEU G 247 26.22 24.63 -23.50
CA LEU G 247 25.89 23.41 -24.23
C LEU G 247 24.59 22.78 -23.75
N GLU G 248 24.04 23.27 -22.64
CA GLU G 248 22.81 22.78 -22.02
C GLU G 248 22.97 21.36 -21.49
N HIS G 249 24.16 20.78 -21.58
CA HIS G 249 24.40 19.43 -21.09
C HIS G 249 24.48 19.42 -19.57
N SER G 250 24.20 18.25 -18.99
CA SER G 250 24.29 18.08 -17.55
C SER G 250 25.73 17.82 -17.14
N ILE G 251 26.03 18.13 -15.88
CA ILE G 251 27.36 17.98 -15.31
C ILE G 251 27.27 17.07 -14.10
N CYS G 252 28.25 16.18 -13.95
CA CYS G 252 28.36 15.30 -12.79
C CYS G 252 29.77 15.41 -12.23
N LEU G 253 29.91 16.01 -11.06
CA LEU G 253 31.22 16.21 -10.46
C LEU G 253 31.57 15.03 -9.56
N LEU G 254 32.86 14.75 -9.47
CA LEU G 254 33.37 13.74 -8.55
C LEU G 254 34.76 14.13 -8.07
N SER G 255 35.03 13.85 -6.80
CA SER G 255 36.34 14.09 -6.19
C SER G 255 37.03 12.74 -6.06
N LEU G 256 37.89 12.43 -7.04
CA LEU G 256 38.63 11.18 -7.00
C LEU G 256 39.73 11.16 -5.94
N THR G 257 40.13 12.33 -5.43
CA THR G 257 41.16 12.38 -4.41
C THR G 257 40.70 11.75 -3.10
N ASP G 258 39.40 11.59 -2.90
CA ASP G 258 38.89 10.92 -1.71
C ASP G 258 39.12 9.41 -1.84
N SER G 259 39.31 8.76 -0.69
CA SER G 259 39.52 7.32 -0.64
C SER G 259 38.25 6.53 -0.45
N SER G 260 37.09 7.20 -0.41
CA SER G 260 35.83 6.49 -0.23
C SER G 260 35.54 5.56 -1.41
N LEU G 261 35.78 6.02 -2.63
CA LEU G 261 35.54 5.22 -3.82
C LEU G 261 36.78 4.42 -4.18
N SER G 262 36.56 3.30 -4.86
CA SER G 262 37.63 2.43 -5.32
C SER G 262 37.76 2.51 -6.84
N ASP G 263 38.72 1.75 -7.37
CA ASP G 263 38.91 1.69 -8.82
C ASP G 263 37.69 1.09 -9.50
N ASP G 264 37.19 -0.02 -8.96
CA ASP G 264 36.01 -0.66 -9.55
C ASP G 264 34.76 0.21 -9.39
N ARG G 265 34.62 0.88 -8.25
CA ARG G 265 33.52 1.82 -8.06
C ARG G 265 33.61 2.96 -9.06
N LEU G 266 34.82 3.47 -9.30
CA LEU G 266 35.01 4.50 -10.30
C LEU G 266 34.63 4.00 -11.69
N ASN G 267 34.99 2.75 -12.01
CA ASN G 267 34.62 2.19 -13.30
C ASN G 267 33.11 2.08 -13.46
N HIS G 268 32.42 1.60 -12.42
CA HIS G 268 30.97 1.51 -12.49
C HIS G 268 30.34 2.88 -12.68
N LEU G 269 30.73 3.87 -11.87
CA LEU G 269 30.10 5.17 -11.94
C LEU G 269 30.41 5.87 -13.26
N LEU G 270 31.61 5.67 -13.79
CA LEU G 270 31.91 6.20 -15.12
C LEU G 270 31.04 5.54 -16.18
N SER G 271 30.83 4.23 -16.07
CA SER G 271 30.02 3.51 -17.04
C SER G 271 28.54 3.76 -16.89
N VAL G 272 28.05 4.02 -15.67
CA VAL G 272 26.63 4.22 -15.42
C VAL G 272 26.24 5.70 -15.50
N ALA G 273 27.13 6.54 -16.01
CA ALA G 273 26.83 7.96 -16.11
C ALA G 273 25.65 8.18 -17.05
N PRO G 274 24.76 9.12 -16.74
CA PRO G 274 23.57 9.31 -17.58
C PRO G 274 23.93 9.86 -18.95
N GLN G 275 22.91 9.92 -19.82
CA GLN G 275 23.10 10.45 -21.15
C GLN G 275 23.45 11.93 -21.11
N GLN G 276 24.20 12.37 -22.13
CA GLN G 276 24.64 13.76 -22.32
C GLN G 276 25.12 14.38 -21.01
N SER G 277 25.79 13.60 -20.17
CA SER G 277 26.24 14.04 -18.85
C SER G 277 27.77 14.10 -18.86
N LEU G 278 28.30 15.30 -18.98
CA LEU G 278 29.75 15.48 -18.86
C LEU G 278 30.18 15.20 -17.44
N VAL G 279 31.21 14.38 -17.29
CA VAL G 279 31.69 13.98 -15.97
C VAL G 279 32.99 14.71 -15.68
N LEU G 280 33.05 15.39 -14.54
CA LEU G 280 34.18 16.22 -14.14
C LEU G 280 34.88 15.59 -12.95
N LEU G 281 36.21 15.56 -13.01
CA LEU G 281 37.03 15.03 -11.94
C LEU G 281 38.14 16.03 -11.61
N GLU G 282 38.60 16.00 -10.37
CA GLU G 282 39.57 16.97 -9.87
C GLU G 282 40.66 16.27 -9.07
N ASP G 283 41.80 16.95 -8.97
CA ASP G 283 42.93 16.52 -8.13
C ASP G 283 43.46 15.15 -8.55
N VAL G 284 43.95 15.10 -9.80
CA VAL G 284 44.60 13.89 -10.28
C VAL G 284 45.96 13.70 -9.61
N ASP G 285 46.58 14.78 -9.15
CA ASP G 285 47.92 14.70 -8.58
C ASP G 285 47.96 13.80 -7.34
N ALA G 286 46.98 13.97 -6.45
CA ALA G 286 47.00 13.21 -5.19
C ALA G 286 46.84 11.72 -5.44
N ALA G 287 45.86 11.33 -6.27
CA ALA G 287 45.62 9.92 -6.52
C ALA G 287 46.73 9.30 -7.35
N PHE G 288 47.22 10.03 -8.36
CA PHE G 288 48.27 9.49 -9.21
C PHE G 288 49.59 9.36 -8.45
N LEU G 289 49.83 10.23 -7.48
CA LEU G 289 51.01 10.10 -6.64
C LEU G 289 50.95 8.83 -5.81
N SER G 290 49.77 8.49 -5.31
CA SER G 290 49.59 7.28 -4.51
C SER G 290 49.44 6.06 -5.41
N ARG G 306 41.31 1.41 -3.43
CA ARG G 306 40.84 2.79 -3.46
C ARG G 306 41.76 3.67 -4.30
N LEU G 307 42.85 4.14 -3.68
CA LEU G 307 43.79 4.99 -4.38
C LEU G 307 44.51 4.20 -5.47
N THR G 308 44.63 4.82 -6.64
CA THR G 308 45.31 4.18 -7.77
C THR G 308 45.78 5.27 -8.74
N PHE G 309 46.74 4.91 -9.58
CA PHE G 309 47.26 5.80 -10.61
C PHE G 309 47.02 5.28 -12.02
N SER G 310 47.17 3.97 -12.24
CA SER G 310 46.83 3.36 -13.52
C SER G 310 45.43 2.80 -13.54
N GLY G 311 44.81 2.59 -12.37
CA GLY G 311 43.45 2.09 -12.35
C GLY G 311 42.45 3.07 -12.96
N LEU G 312 42.66 4.37 -12.73
CA LEU G 312 41.77 5.37 -13.30
C LEU G 312 41.85 5.37 -14.82
N LEU G 313 43.05 5.28 -15.39
CA LEU G 313 43.17 5.24 -16.84
C LEU G 313 42.67 3.92 -17.42
N ASN G 314 42.85 2.81 -16.70
CA ASN G 314 42.26 1.56 -17.14
C ASN G 314 40.74 1.63 -17.18
N ALA G 315 40.14 2.23 -16.15
CA ALA G 315 38.69 2.40 -16.13
C ALA G 315 38.23 3.33 -17.26
N LEU G 316 39.00 4.40 -17.52
CA LEU G 316 38.67 5.30 -18.60
C LEU G 316 38.73 4.60 -19.96
N ASP G 317 39.71 3.70 -20.14
CA ASP G 317 39.84 2.96 -21.38
C ASP G 317 38.86 1.81 -21.50
N GLY G 318 38.04 1.56 -20.48
CA GLY G 318 37.09 0.45 -20.56
C GLY G 318 36.09 0.64 -21.68
N VAL G 319 35.68 -0.48 -22.29
CA VAL G 319 34.74 -0.43 -23.40
C VAL G 319 33.38 0.07 -22.93
N ALA G 320 32.96 -0.35 -21.74
CA ALA G 320 31.67 0.06 -21.19
C ALA G 320 31.59 1.57 -21.06
N SER G 321 30.70 2.20 -21.82
CA SER G 321 30.58 3.64 -21.85
C SER G 321 29.12 4.01 -22.06
N THR G 322 28.87 5.28 -22.37
CA THR G 322 27.53 5.78 -22.64
C THR G 322 27.59 6.67 -23.88
N GLU G 323 26.40 7.04 -24.36
CA GLU G 323 26.32 7.94 -25.51
C GLU G 323 26.85 9.31 -25.14
N ALA G 324 27.80 9.83 -25.93
CA ALA G 324 28.46 11.11 -25.69
C ALA G 324 29.10 11.14 -24.29
N ARG G 325 30.09 10.28 -24.11
CA ARG G 325 30.83 10.20 -22.86
C ARG G 325 31.99 11.18 -22.90
N ILE G 326 31.79 12.36 -22.31
CA ILE G 326 32.80 13.40 -22.23
C ILE G 326 33.26 13.52 -20.79
N VAL G 327 34.57 13.42 -20.58
CA VAL G 327 35.18 13.55 -19.26
C VAL G 327 36.13 14.74 -19.27
N PHE G 328 36.07 15.54 -18.22
CA PHE G 328 36.97 16.67 -18.03
C PHE G 328 37.74 16.46 -16.73
N MET G 329 39.02 16.80 -16.76
CA MET G 329 39.90 16.61 -15.62
C MET G 329 40.58 17.92 -15.29
N THR G 330 40.26 18.49 -14.13
CA THR G 330 40.83 19.76 -13.70
C THR G 330 41.82 19.52 -12.57
N THR G 331 42.97 20.19 -12.65
CA THR G 331 44.02 19.96 -11.66
C THR G 331 44.93 21.18 -11.60
N ASN G 332 45.76 21.20 -10.55
CA ASN G 332 46.67 22.33 -10.35
C ASN G 332 47.87 22.28 -11.27
N TYR G 333 48.41 21.09 -11.53
CA TYR G 333 49.63 20.98 -12.32
C TYR G 333 49.67 19.63 -13.02
N ILE G 334 50.58 19.53 -13.99
CA ILE G 334 50.74 18.35 -14.83
C ILE G 334 52.03 17.59 -14.52
N ASP G 335 52.83 18.08 -13.56
CA ASP G 335 54.14 17.49 -13.32
C ASP G 335 54.04 16.04 -12.86
N ARG G 336 53.09 15.74 -11.96
CA ARG G 336 52.97 14.40 -11.42
C ARG G 336 52.43 13.39 -12.44
N LEU G 337 51.91 13.86 -13.57
CA LEU G 337 51.24 12.98 -14.52
C LEU G 337 52.23 12.42 -15.54
N ASP G 338 51.71 11.63 -16.47
CA ASP G 338 52.51 10.95 -17.48
C ASP G 338 51.91 11.19 -18.86
N PRO G 339 52.75 11.14 -19.90
CA PRO G 339 52.21 11.30 -21.27
C PRO G 339 51.25 10.20 -21.68
N ALA G 340 51.26 9.05 -21.00
CA ALA G 340 50.35 7.98 -21.36
C ALA G 340 48.89 8.39 -21.15
N LEU G 341 48.63 9.24 -20.15
CA LEU G 341 47.28 9.70 -19.92
C LEU G 341 46.77 10.59 -21.06
N ILE G 342 47.65 11.38 -21.66
CA ILE G 342 47.29 12.23 -22.78
C ILE G 342 47.55 11.41 -24.04
N ARG G 343 46.50 10.76 -24.53
CA ARG G 343 46.62 9.82 -25.64
C ARG G 343 45.25 9.69 -26.30
N PRO G 344 45.20 9.23 -27.55
CA PRO G 344 43.91 8.89 -28.15
C PRO G 344 43.19 7.82 -27.35
N GLY G 345 41.86 7.92 -27.32
CA GLY G 345 41.07 7.14 -26.38
C GLY G 345 41.07 7.68 -24.98
N ARG G 346 41.67 8.86 -24.78
CA ARG G 346 41.84 9.51 -23.49
C ARG G 346 41.77 11.02 -23.75
N VAL G 347 42.33 11.80 -22.83
CA VAL G 347 42.44 13.25 -23.04
C VAL G 347 43.05 13.52 -24.40
N ASP G 348 42.31 14.23 -25.25
CA ASP G 348 42.69 14.40 -26.64
C ASP G 348 43.70 15.53 -26.84
N LEU G 349 43.34 16.76 -26.45
CA LEU G 349 44.28 17.88 -26.50
C LEU G 349 44.36 18.52 -25.13
N LYS G 350 45.55 18.99 -24.79
CA LYS G 350 45.81 19.60 -23.50
C LYS G 350 45.71 21.12 -23.60
N GLU G 351 44.97 21.72 -22.66
CA GLU G 351 44.83 23.17 -22.58
C GLU G 351 45.22 23.64 -21.19
N TYR G 352 45.99 24.72 -21.15
CA TYR G 352 46.48 25.29 -19.90
C TYR G 352 45.83 26.66 -19.68
N VAL G 353 45.28 26.85 -18.49
CA VAL G 353 44.70 28.13 -18.10
C VAL G 353 45.79 28.98 -17.45
N GLY G 354 45.92 30.21 -17.93
CA GLY G 354 46.94 31.13 -17.45
C GLY G 354 46.39 32.18 -16.50
N TYR G 355 47.27 33.10 -16.13
CA TYR G 355 46.91 34.20 -15.26
C TYR G 355 46.21 35.30 -16.05
N CYS G 356 45.87 36.38 -15.36
CA CYS G 356 45.17 37.48 -16.01
C CYS G 356 46.09 38.21 -16.98
N SER G 357 45.58 38.46 -18.19
CA SER G 357 46.29 39.23 -19.19
C SER G 357 45.66 40.61 -19.31
N HIS G 358 46.33 41.51 -20.05
CA HIS G 358 45.81 42.85 -20.25
C HIS G 358 44.44 42.81 -20.91
N TRP G 359 44.29 42.00 -21.95
CA TRP G 359 42.98 41.81 -22.57
C TRP G 359 42.00 41.19 -21.60
N GLN G 360 42.44 40.18 -20.84
CA GLN G 360 41.57 39.57 -19.83
C GLN G 360 41.18 40.58 -18.77
N LEU G 361 42.15 41.38 -18.29
CA LEU G 361 41.86 42.37 -17.25
C LEU G 361 40.87 43.41 -17.74
N THR G 362 41.06 43.93 -18.95
CA THR G 362 40.12 44.94 -19.44
C THR G 362 38.75 44.34 -19.73
N GLN G 363 38.69 43.09 -20.20
CA GLN G 363 37.40 42.44 -20.43
C GLN G 363 36.64 42.25 -19.11
N MET G 364 37.33 41.79 -18.06
CA MET G 364 36.64 41.60 -16.79
C MET G 364 36.28 42.93 -16.14
N PHE G 365 37.11 43.96 -16.34
CA PHE G 365 36.75 45.30 -15.86
C PHE G 365 35.49 45.82 -16.57
N GLN G 366 35.41 45.62 -17.88
CA GLN G 366 34.22 46.03 -18.62
C GLN G 366 32.99 45.23 -18.19
N ARG G 367 33.16 43.93 -17.95
CA ARG G 367 32.05 43.11 -17.49
C ARG G 367 31.55 43.56 -16.12
N PHE G 368 32.46 43.86 -15.20
CA PHE G 368 32.07 44.32 -13.88
C PHE G 368 31.41 45.69 -13.95
N TYR G 369 32.04 46.63 -14.67
CA TYR G 369 31.57 48.01 -14.70
C TYR G 369 30.89 48.28 -16.04
N PRO G 370 29.56 48.45 -16.08
CA PRO G 370 28.82 48.57 -17.35
C PRO G 370 28.92 49.94 -18.02
N GLY G 371 30.06 50.18 -18.67
CA GLY G 371 30.23 51.34 -19.51
C GLY G 371 30.99 52.49 -18.89
N GLN G 372 32.27 52.60 -19.22
CA GLN G 372 33.14 53.68 -18.74
C GLN G 372 34.14 54.00 -19.84
N ALA G 373 35.19 54.73 -19.48
CA ALA G 373 36.24 55.06 -20.43
C ALA G 373 37.12 53.84 -20.67
N PRO G 374 37.28 53.39 -21.93
CA PRO G 374 38.19 52.27 -22.17
C PRO G 374 39.63 52.56 -21.79
N SER G 375 40.05 53.82 -21.87
CA SER G 375 41.39 54.18 -21.43
C SER G 375 41.58 53.94 -19.94
N LEU G 376 40.52 54.16 -19.15
CA LEU G 376 40.59 53.86 -17.72
C LEU G 376 40.81 52.37 -17.49
N ALA G 377 40.11 51.52 -18.25
CA ALA G 377 40.31 50.08 -18.13
C ALA G 377 41.72 49.68 -18.55
N GLU G 378 42.23 50.30 -19.62
CA GLU G 378 43.59 50.00 -20.06
C GLU G 378 44.61 50.39 -19.00
N ASN G 379 44.43 51.55 -18.38
CA ASN G 379 45.33 51.97 -17.31
C ASN G 379 45.23 51.05 -16.11
N PHE G 380 44.01 50.60 -15.78
CA PHE G 380 43.81 49.65 -14.70
C PHE G 380 44.58 48.36 -14.97
N ALA G 381 44.44 47.83 -16.19
CA ALA G 381 45.14 46.60 -16.54
C ALA G 381 46.65 46.79 -16.50
N GLU G 382 47.15 47.92 -17.01
CA GLU G 382 48.58 48.19 -16.99
C GLU G 382 49.10 48.28 -15.56
N HIS G 383 48.36 48.96 -14.67
CA HIS G 383 48.77 49.07 -13.28
C HIS G 383 48.77 47.71 -12.60
N VAL G 384 47.75 46.89 -12.88
CA VAL G 384 47.70 45.55 -12.29
C VAL G 384 48.89 44.72 -12.75
N LEU G 385 49.21 44.77 -14.05
CA LEU G 385 50.34 44.02 -14.57
C LEU G 385 51.65 44.51 -13.96
N LYS G 386 51.80 45.82 -13.80
CA LYS G 386 53.00 46.36 -13.19
C LYS G 386 53.14 45.92 -11.74
N ALA G 387 52.04 45.95 -10.99
CA ALA G 387 52.10 45.56 -9.58
C ALA G 387 52.36 44.08 -9.42
N THR G 388 51.61 43.24 -10.13
CA THR G 388 51.72 41.79 -10.02
C THR G 388 51.72 41.17 -11.42
N SER G 389 52.45 40.06 -11.54
CA SER G 389 52.49 39.30 -12.79
C SER G 389 51.77 37.97 -12.72
N GLU G 390 51.71 37.35 -11.54
CA GLU G 390 51.00 36.08 -11.35
C GLU G 390 49.61 36.29 -10.77
N ILE G 391 48.97 37.41 -11.08
CA ILE G 391 47.66 37.73 -10.53
C ILE G 391 46.62 36.76 -11.08
N SER G 392 45.77 36.24 -10.19
CA SER G 392 44.73 35.28 -10.55
C SER G 392 43.37 35.98 -10.65
N PRO G 393 42.46 35.45 -11.49
CA PRO G 393 41.14 36.07 -11.61
C PRO G 393 40.36 36.10 -10.30
N ALA G 394 40.56 35.12 -9.42
CA ALA G 394 39.87 35.13 -8.14
C ALA G 394 40.27 36.33 -7.30
N GLN G 395 41.56 36.66 -7.27
CA GLN G 395 42.02 37.82 -6.51
C GLN G 395 41.43 39.10 -7.09
N VAL G 396 41.38 39.22 -8.42
CA VAL G 396 40.79 40.41 -9.03
C VAL G 396 39.31 40.50 -8.70
N GLN G 397 38.60 39.36 -8.73
CA GLN G 397 37.18 39.36 -8.39
C GLN G 397 36.96 39.79 -6.95
N GLY G 398 37.79 39.29 -6.02
CA GLY G 398 37.69 39.72 -4.64
C GLY G 398 37.99 41.20 -4.46
N TYR G 399 38.99 41.70 -5.19
CA TYR G 399 39.32 43.12 -5.13
C TYR G 399 38.16 43.97 -5.63
N PHE G 400 37.50 43.53 -6.71
CA PHE G 400 36.35 44.26 -7.22
C PHE G 400 35.16 44.19 -6.25
N MET G 401 35.02 43.05 -5.55
CA MET G 401 34.04 42.98 -4.47
C MET G 401 34.35 43.98 -3.37
N LEU G 402 35.63 44.15 -3.03
CA LEU G 402 35.99 45.11 -1.98
C LEU G 402 35.62 46.53 -2.38
N TYR G 403 35.64 46.84 -3.67
CA TYR G 403 35.34 48.17 -4.18
C TYR G 403 34.09 48.16 -5.07
N LYS G 404 33.03 47.49 -4.61
CA LYS G 404 31.78 47.42 -5.34
C LYS G 404 31.24 48.81 -5.62
N ASN G 405 30.86 49.06 -6.89
CA ASN G 405 30.34 50.34 -7.34
C ASN G 405 31.31 51.48 -7.05
N ASP G 406 32.61 51.18 -7.00
CA ASP G 406 33.65 52.16 -6.72
C ASP G 406 34.76 52.00 -7.76
N PRO G 407 34.53 52.46 -9.00
CA PRO G 407 35.56 52.30 -10.04
C PRO G 407 36.79 53.14 -9.79
N MET G 408 36.60 54.44 -9.51
CA MET G 408 37.74 55.32 -9.29
C MET G 408 38.55 54.90 -8.06
N GLY G 409 37.86 54.52 -6.98
CA GLY G 409 38.56 54.06 -5.80
C GLY G 409 39.37 52.80 -6.06
N ALA G 410 38.80 51.86 -6.81
CA ALA G 410 39.55 50.66 -7.17
C ALA G 410 40.74 50.98 -8.04
N VAL G 411 40.59 51.93 -8.97
CA VAL G 411 41.70 52.33 -9.82
C VAL G 411 42.83 52.94 -8.99
N HIS G 412 42.48 53.83 -8.06
CA HIS G 412 43.49 54.48 -7.25
C HIS G 412 44.10 53.57 -6.18
N ASN G 413 43.46 52.43 -5.91
CA ASN G 413 43.94 51.52 -4.87
C ASN G 413 44.70 50.33 -5.42
N ILE G 414 45.07 50.36 -6.71
CA ILE G 414 45.89 49.28 -7.25
C ILE G 414 47.25 49.24 -6.57
N GLU G 415 47.85 50.41 -6.35
CA GLU G 415 49.12 50.46 -5.62
C GLU G 415 48.97 49.93 -4.21
N SER G 416 47.78 50.09 -3.61
CA SER G 416 47.54 49.49 -2.29
C SER G 416 47.61 47.97 -2.36
N LEU G 417 47.05 47.39 -3.43
CA LEU G 417 47.16 45.93 -3.60
C LEU G 417 48.60 45.51 -3.76
N ARG G 418 49.37 46.26 -4.55
CA ARG G 418 50.79 45.98 -4.81
C ARG G 418 51.00 44.56 -5.33
#